data_2KID
#
_entry.id   2KID
#
loop_
_entity.id
_entity.type
_entity.pdbx_description
1 polymer Sortase
2 polymer '(PHQ)LPA(B27) peptide'
3 non-polymer 'CALCIUM ION'
#
loop_
_entity_poly.entity_id
_entity_poly.type
_entity_poly.pdbx_seq_one_letter_code
_entity_poly.pdbx_strand_id
1 'polypeptide(L)'
;MQAKPQIPKDKSKVAGYIEIPDADIKEPVYPGPATPEQLNRGVSFAEENESLDDQNISIAGHTFIDRPNYQFTNLKAAKK
GSMVYFKVGNETRKYKMTSIRDVKPTDVGVLDEQKGKDKQLTLITCDDYNEKTGVWEKRKIFVATEVK
;
A
2 'polypeptide(L)' (PHQ)LPA(B27) C
#
# COMPACT_ATOMS: atom_id res chain seq x y z
N MET A 1 23.45 -17.04 -0.63
CA MET A 1 22.77 -18.33 -0.37
C MET A 1 21.31 -18.07 0.02
N GLN A 2 21.08 -17.28 1.03
CA GLN A 2 19.69 -17.00 1.46
C GLN A 2 18.91 -16.35 0.30
N ALA A 3 17.64 -16.16 0.46
CA ALA A 3 16.83 -15.55 -0.64
C ALA A 3 17.32 -14.11 -0.87
N LYS A 4 17.07 -13.58 -2.05
CA LYS A 4 17.52 -12.20 -2.34
C LYS A 4 16.53 -11.55 -3.30
N PRO A 5 15.36 -11.25 -2.82
CA PRO A 5 14.29 -10.61 -3.65
C PRO A 5 14.67 -9.18 -4.03
N GLN A 6 14.39 -8.79 -5.24
CA GLN A 6 14.72 -7.40 -5.65
C GLN A 6 13.80 -6.99 -6.81
N ILE A 7 13.13 -5.89 -6.70
CA ILE A 7 12.25 -5.44 -7.81
C ILE A 7 13.04 -5.59 -9.12
N PRO A 8 12.73 -6.58 -9.93
CA PRO A 8 13.48 -6.83 -11.20
C PRO A 8 12.98 -5.97 -12.36
N LYS A 9 13.31 -6.34 -13.56
CA LYS A 9 12.86 -5.55 -14.73
C LYS A 9 11.48 -6.03 -15.17
N ASP A 10 11.00 -7.11 -14.61
CA ASP A 10 9.65 -7.61 -15.00
C ASP A 10 8.58 -6.72 -14.36
N LYS A 11 8.61 -5.49 -14.77
CA LYS A 11 7.56 -4.55 -14.21
C LYS A 11 6.20 -5.30 -14.28
N SER A 12 6.22 -6.35 -15.04
CA SER A 12 4.96 -7.15 -15.18
C SER A 12 4.82 -8.22 -14.06
N LYS A 13 5.83 -8.40 -13.24
CA LYS A 13 5.72 -9.44 -12.17
C LYS A 13 5.29 -8.86 -10.82
N VAL A 14 4.49 -9.57 -10.09
CA VAL A 14 4.13 -9.11 -8.72
C VAL A 14 5.41 -9.22 -7.92
N ALA A 15 5.80 -8.21 -7.19
CA ALA A 15 7.07 -8.37 -6.43
C ALA A 15 6.73 -9.17 -5.18
N GLY A 16 5.48 -9.30 -4.90
CA GLY A 16 5.07 -10.08 -3.71
C GLY A 16 3.56 -9.94 -3.51
N TYR A 17 3.11 -10.16 -2.31
CA TYR A 17 1.66 -10.11 -2.05
C TYR A 17 1.38 -9.48 -0.69
N ILE A 18 0.15 -9.19 -0.43
CA ILE A 18 -0.18 -8.52 0.85
C ILE A 18 -1.56 -8.97 1.32
N GLU A 19 -1.73 -9.15 2.60
CA GLU A 19 -3.06 -9.59 3.11
C GLU A 19 -3.27 -9.07 4.54
N ILE A 20 -4.48 -9.07 4.99
CA ILE A 20 -4.77 -8.59 6.37
C ILE A 20 -5.94 -9.43 6.91
N PRO A 21 -5.77 -10.09 8.04
CA PRO A 21 -6.84 -10.94 8.62
C PRO A 21 -8.01 -10.13 9.20
N ASP A 22 -7.72 -9.08 9.92
CA ASP A 22 -8.81 -8.23 10.48
C ASP A 22 -9.59 -7.53 9.35
N ALA A 23 -8.99 -7.38 8.20
CA ALA A 23 -9.68 -6.71 7.06
C ALA A 23 -10.11 -7.77 6.05
N ASP A 24 -9.57 -8.96 6.15
CA ASP A 24 -9.94 -10.05 5.20
C ASP A 24 -9.57 -9.69 3.76
N ILE A 25 -8.34 -9.31 3.52
CA ILE A 25 -7.94 -8.93 2.14
C ILE A 25 -6.69 -9.71 1.74
N LYS A 26 -6.50 -9.95 0.46
CA LYS A 26 -5.31 -10.70 -0.03
C LYS A 26 -5.09 -10.34 -1.50
N GLU A 27 -4.08 -9.56 -1.78
CA GLU A 27 -3.84 -9.14 -3.20
C GLU A 27 -2.33 -9.12 -3.51
N PRO A 28 -2.00 -9.06 -4.77
CA PRO A 28 -0.58 -9.04 -5.25
C PRO A 28 0.13 -7.70 -5.01
N VAL A 29 1.43 -7.69 -5.18
CA VAL A 29 2.23 -6.45 -4.97
C VAL A 29 3.07 -6.17 -6.23
N TYR A 30 2.68 -5.21 -7.05
CA TYR A 30 3.47 -4.91 -8.29
C TYR A 30 4.45 -3.76 -8.01
N PRO A 31 5.51 -3.66 -8.78
CA PRO A 31 6.54 -2.58 -8.62
C PRO A 31 5.97 -1.16 -8.84
N GLY A 32 6.47 -0.21 -8.10
CA GLY A 32 6.01 1.21 -8.25
C GLY A 32 6.29 1.68 -9.68
N PRO A 33 5.75 2.82 -10.05
CA PRO A 33 4.90 3.66 -9.17
C PRO A 33 3.41 3.34 -9.35
N ALA A 34 2.57 3.85 -8.49
CA ALA A 34 1.11 3.58 -8.62
C ALA A 34 0.54 4.34 -9.82
N THR A 35 1.31 4.54 -10.85
CA THR A 35 0.78 5.28 -12.03
C THR A 35 -0.21 4.35 -12.75
N PRO A 36 -1.19 4.91 -13.40
CA PRO A 36 -2.24 4.14 -14.11
C PRO A 36 -1.70 2.84 -14.70
N GLU A 37 -0.65 2.90 -15.48
CA GLU A 37 -0.10 1.65 -16.08
C GLU A 37 0.08 0.57 -15.01
N GLN A 38 0.66 0.91 -13.89
CA GLN A 38 0.87 -0.09 -12.82
C GLN A 38 -0.47 -0.42 -12.13
N LEU A 39 -1.16 0.58 -11.66
CA LEU A 39 -2.46 0.32 -10.97
C LEU A 39 -3.32 -0.60 -11.84
N ASN A 40 -2.88 -0.90 -13.03
CA ASN A 40 -3.67 -1.79 -13.92
C ASN A 40 -3.55 -3.22 -13.43
N ARG A 41 -2.54 -3.50 -12.66
CA ARG A 41 -2.36 -4.89 -12.14
C ARG A 41 -2.80 -4.98 -10.68
N GLY A 42 -2.21 -4.19 -9.81
CA GLY A 42 -2.62 -4.27 -8.38
C GLY A 42 -1.92 -3.17 -7.57
N VAL A 43 -2.07 -3.21 -6.27
CA VAL A 43 -1.42 -2.18 -5.40
C VAL A 43 0.07 -2.06 -5.73
N SER A 44 0.45 -1.03 -6.43
CA SER A 44 1.89 -0.86 -6.79
C SER A 44 2.60 -0.03 -5.72
N PHE A 45 3.90 -0.09 -5.65
CA PHE A 45 4.63 0.72 -4.64
C PHE A 45 4.40 2.21 -4.97
N ALA A 46 3.85 2.93 -4.05
CA ALA A 46 3.57 4.37 -4.30
C ALA A 46 4.78 5.05 -4.96
N GLU A 47 5.92 4.40 -4.97
CA GLU A 47 7.11 5.04 -5.60
C GLU A 47 7.87 4.02 -6.45
N GLU A 48 8.38 4.47 -7.57
CA GLU A 48 9.11 3.56 -8.49
C GLU A 48 10.31 2.90 -7.80
N ASN A 49 11.28 3.67 -7.38
CA ASN A 49 12.51 3.04 -6.78
C ASN A 49 12.31 2.60 -5.33
N GLU A 50 11.15 2.12 -4.96
CA GLU A 50 10.95 1.69 -3.56
C GLU A 50 11.98 0.59 -3.26
N SER A 51 12.41 0.47 -2.04
CA SER A 51 13.43 -0.56 -1.70
C SER A 51 12.80 -1.78 -1.03
N LEU A 52 13.34 -2.93 -1.28
CA LEU A 52 12.81 -4.17 -0.65
C LEU A 52 12.98 -4.03 0.85
N ASP A 53 13.88 -3.17 1.26
CA ASP A 53 14.12 -2.96 2.71
C ASP A 53 14.12 -1.47 2.98
N ASP A 54 13.19 -0.74 2.40
CA ASP A 54 13.10 0.73 2.60
C ASP A 54 12.65 1.06 4.02
N GLN A 55 13.02 2.22 4.49
CA GLN A 55 12.59 2.67 5.83
C GLN A 55 11.07 2.89 5.81
N ASN A 56 10.53 3.03 4.63
CA ASN A 56 9.08 3.23 4.49
C ASN A 56 8.65 2.66 3.15
N ILE A 57 7.98 1.53 3.15
CA ILE A 57 7.55 0.94 1.86
C ILE A 57 6.11 1.37 1.60
N SER A 58 5.91 2.28 0.70
CA SER A 58 4.53 2.78 0.43
C SER A 58 3.87 1.98 -0.70
N ILE A 59 2.56 1.93 -0.67
CA ILE A 59 1.82 1.20 -1.72
C ILE A 59 0.48 1.90 -1.94
N ALA A 60 -0.07 1.89 -3.14
CA ALA A 60 -1.36 2.60 -3.35
C ALA A 60 -2.27 1.83 -4.30
N GLY A 61 -3.55 2.12 -4.26
CA GLY A 61 -4.52 1.43 -5.15
C GLY A 61 -5.90 2.11 -5.05
N HIS A 62 -6.65 2.06 -6.13
CA HIS A 62 -8.01 2.67 -6.15
C HIS A 62 -8.96 1.85 -5.27
N THR A 63 -10.12 2.39 -4.99
CA THR A 63 -11.12 1.65 -4.14
C THR A 63 -12.37 1.34 -4.98
N PHE A 64 -13.16 0.39 -4.56
CA PHE A 64 -14.38 0.02 -5.34
C PHE A 64 -15.58 -0.10 -4.39
N ILE A 65 -16.60 0.64 -4.65
CA ILE A 65 -17.80 0.59 -3.78
C ILE A 65 -18.44 -0.78 -3.91
N ASP A 66 -18.51 -1.28 -5.10
CA ASP A 66 -19.17 -2.62 -5.32
C ASP A 66 -18.17 -3.76 -5.29
N ARG A 67 -17.06 -3.61 -4.63
CA ARG A 67 -16.07 -4.73 -4.61
C ARG A 67 -15.14 -4.61 -3.39
N PRO A 68 -15.34 -5.41 -2.36
CA PRO A 68 -14.49 -5.36 -1.15
C PRO A 68 -13.17 -6.10 -1.36
N ASN A 69 -13.10 -6.93 -2.37
CA ASN A 69 -11.84 -7.69 -2.63
C ASN A 69 -10.96 -6.89 -3.59
N TYR A 70 -11.30 -5.65 -3.85
CA TYR A 70 -10.49 -4.82 -4.77
C TYR A 70 -9.12 -4.54 -4.14
N GLN A 71 -8.50 -3.45 -4.51
CA GLN A 71 -7.17 -3.12 -3.93
C GLN A 71 -7.31 -2.77 -2.45
N PHE A 72 -7.96 -1.68 -2.14
CA PHE A 72 -8.13 -1.31 -0.69
C PHE A 72 -9.56 -0.86 -0.43
N THR A 73 -10.52 -1.65 -0.78
CA THR A 73 -11.94 -1.26 -0.54
C THR A 73 -12.33 -1.72 0.88
N ASN A 74 -11.90 -2.90 1.25
CA ASN A 74 -12.26 -3.43 2.61
C ASN A 74 -11.31 -2.91 3.69
N LEU A 75 -10.43 -2.01 3.35
CA LEU A 75 -9.49 -1.50 4.38
C LEU A 75 -10.25 -0.62 5.40
N LYS A 76 -11.14 0.22 4.93
CA LYS A 76 -11.91 1.10 5.87
C LYS A 76 -12.41 0.28 7.07
N ALA A 77 -12.45 -1.01 6.95
CA ALA A 77 -12.93 -1.84 8.10
C ALA A 77 -11.78 -2.09 9.06
N ALA A 78 -10.59 -2.19 8.55
CA ALA A 78 -9.42 -2.46 9.42
C ALA A 78 -8.92 -1.18 10.11
N LYS A 79 -8.31 -1.35 11.24
CA LYS A 79 -7.84 -0.14 11.98
C LYS A 79 -6.64 -0.49 12.86
N LYS A 80 -6.30 0.38 13.77
CA LYS A 80 -5.13 0.14 14.66
C LYS A 80 -5.11 -1.31 15.14
N GLY A 81 -4.10 -1.64 15.89
CA GLY A 81 -3.97 -3.02 16.42
C GLY A 81 -4.22 -4.04 15.29
N SER A 82 -4.33 -3.59 14.06
CA SER A 82 -4.56 -4.56 12.95
C SER A 82 -3.24 -5.20 12.55
N MET A 83 -3.18 -6.50 12.61
CA MET A 83 -1.92 -7.21 12.22
C MET A 83 -1.85 -7.25 10.69
N VAL A 84 -0.80 -6.71 10.11
CA VAL A 84 -0.70 -6.70 8.62
C VAL A 84 0.46 -7.61 8.18
N TYR A 85 0.24 -8.42 7.17
CA TYR A 85 1.33 -9.34 6.70
C TYR A 85 1.78 -8.98 5.29
N PHE A 86 3.07 -9.01 5.05
CA PHE A 86 3.59 -8.65 3.69
C PHE A 86 4.40 -9.83 3.13
N LYS A 87 3.87 -10.50 2.15
CA LYS A 87 4.59 -11.68 1.56
C LYS A 87 5.37 -11.29 0.31
N VAL A 88 6.62 -11.68 0.23
CA VAL A 88 7.46 -11.38 -0.98
C VAL A 88 8.36 -12.58 -1.23
N GLY A 89 8.64 -12.92 -2.47
CA GLY A 89 9.51 -14.09 -2.74
C GLY A 89 9.12 -15.22 -1.80
N ASN A 90 10.08 -15.78 -1.12
CA ASN A 90 9.78 -16.87 -0.15
C ASN A 90 9.82 -16.31 1.26
N GLU A 91 9.73 -15.00 1.38
CA GLU A 91 9.80 -14.37 2.72
C GLU A 91 8.48 -13.71 3.11
N THR A 92 8.14 -13.78 4.37
CA THR A 92 6.88 -13.16 4.85
C THR A 92 7.18 -12.19 6.00
N ARG A 93 7.13 -10.91 5.72
CA ARG A 93 7.40 -9.91 6.79
C ARG A 93 6.11 -9.63 7.54
N LYS A 94 6.12 -8.68 8.43
CA LYS A 94 4.88 -8.39 9.20
C LYS A 94 4.84 -6.93 9.64
N TYR A 95 3.67 -6.36 9.72
CA TYR A 95 3.53 -4.96 10.17
C TYR A 95 2.25 -4.83 10.98
N LYS A 96 2.13 -3.79 11.77
CA LYS A 96 0.89 -3.62 12.57
C LYS A 96 0.47 -2.15 12.50
N MET A 97 -0.71 -1.87 12.01
CA MET A 97 -1.16 -0.46 11.88
C MET A 97 -0.90 0.34 13.15
N THR A 98 0.04 1.23 13.07
CA THR A 98 0.41 2.04 14.25
C THR A 98 -0.18 3.44 14.13
N SER A 99 -0.36 3.92 12.94
CA SER A 99 -0.91 5.31 12.80
C SER A 99 -1.79 5.41 11.56
N ILE A 100 -2.73 6.34 11.57
CA ILE A 100 -3.67 6.49 10.42
C ILE A 100 -4.06 7.96 10.27
N ARG A 101 -4.10 8.45 9.05
CA ARG A 101 -4.47 9.88 8.83
C ARG A 101 -5.03 10.10 7.42
N ASP A 102 -5.34 11.32 7.09
CA ASP A 102 -5.88 11.65 5.74
C ASP A 102 -5.40 13.03 5.35
N VAL A 103 -5.50 13.40 4.09
CA VAL A 103 -5.03 14.75 3.68
C VAL A 103 -5.63 15.15 2.32
N LYS A 104 -5.66 16.44 2.06
CA LYS A 104 -6.19 16.95 0.77
C LYS A 104 -5.68 16.10 -0.40
N PRO A 105 -6.21 16.32 -1.58
CA PRO A 105 -5.81 15.56 -2.81
C PRO A 105 -4.48 16.03 -3.41
N THR A 106 -3.56 16.48 -2.61
CA THR A 106 -2.25 16.94 -3.17
C THR A 106 -1.12 16.78 -2.14
N ASP A 107 -1.42 16.35 -0.95
CA ASP A 107 -0.35 16.19 0.08
C ASP A 107 0.52 14.98 -0.24
N VAL A 108 1.17 14.98 -1.37
CA VAL A 108 2.01 13.81 -1.74
C VAL A 108 2.86 13.39 -0.53
N GLY A 109 3.24 14.31 0.30
CA GLY A 109 4.08 13.93 1.49
C GLY A 109 3.54 12.67 2.18
N VAL A 110 2.35 12.23 1.83
CA VAL A 110 1.82 11.00 2.49
C VAL A 110 2.85 9.88 2.36
N LEU A 111 3.62 9.91 1.30
CA LEU A 111 4.62 8.82 1.11
C LEU A 111 5.40 8.69 2.41
N ASP A 112 5.26 9.66 3.28
CA ASP A 112 5.92 9.63 4.63
C ASP A 112 7.09 8.64 4.66
N GLU A 113 8.29 9.08 4.37
CA GLU A 113 9.44 8.14 4.38
C GLU A 113 10.60 8.69 5.22
N GLN A 114 10.46 8.69 6.53
CA GLN A 114 11.54 9.25 7.39
C GLN A 114 11.94 8.26 8.50
N LYS A 115 10.99 7.76 9.26
CA LYS A 115 11.35 6.81 10.36
C LYS A 115 12.06 5.61 9.78
N GLY A 116 13.17 5.24 10.36
CA GLY A 116 13.94 4.08 9.87
C GLY A 116 14.10 3.10 11.01
N LYS A 117 14.42 3.59 12.19
CA LYS A 117 14.57 2.68 13.36
C LYS A 117 13.50 1.60 13.25
N ASP A 118 12.28 2.01 13.30
CA ASP A 118 11.15 1.06 13.12
C ASP A 118 10.60 1.28 11.72
N LYS A 119 11.09 0.56 10.73
CA LYS A 119 10.61 0.75 9.33
C LYS A 119 9.08 0.84 9.32
N GLN A 120 8.48 0.92 8.17
CA GLN A 120 6.99 0.98 8.15
C GLN A 120 6.44 0.60 6.78
N LEU A 121 5.13 0.57 6.69
CA LEU A 121 4.48 0.26 5.39
C LEU A 121 3.42 1.32 5.15
N THR A 122 3.72 2.34 4.40
CA THR A 122 2.71 3.41 4.16
C THR A 122 1.61 2.87 3.25
N LEU A 123 0.42 2.75 3.77
CA LEU A 123 -0.72 2.28 2.97
C LEU A 123 -1.39 3.49 2.32
N ILE A 124 -1.82 3.37 1.11
CA ILE A 124 -2.49 4.51 0.44
C ILE A 124 -3.73 3.97 -0.27
N THR A 125 -4.87 4.43 0.12
CA THR A 125 -6.12 3.97 -0.51
C THR A 125 -7.02 5.16 -0.71
N CYS A 126 -7.24 5.52 -1.93
CA CYS A 126 -8.08 6.73 -2.20
C CYS A 126 -9.58 6.39 -2.06
N ASP A 127 -10.38 7.39 -1.81
CA ASP A 127 -11.85 7.15 -1.65
C ASP A 127 -12.60 8.49 -1.72
N ASP A 128 -13.73 8.59 -1.09
CA ASP A 128 -14.51 9.87 -1.12
C ASP A 128 -14.60 10.36 -2.57
N TYR A 129 -15.10 9.54 -3.44
CA TYR A 129 -15.20 9.93 -4.88
C TYR A 129 -16.21 11.05 -5.08
N ASN A 130 -15.86 12.01 -5.86
CA ASN A 130 -16.78 13.13 -6.14
C ASN A 130 -17.45 12.87 -7.48
N GLU A 131 -18.66 13.30 -7.61
CA GLU A 131 -19.39 13.09 -8.89
C GLU A 131 -19.61 14.44 -9.54
N LYS A 132 -19.40 15.49 -8.79
CA LYS A 132 -19.57 16.86 -9.36
C LYS A 132 -18.27 17.25 -10.06
N THR A 133 -17.16 17.12 -9.38
CA THR A 133 -15.86 17.50 -10.00
C THR A 133 -15.27 16.26 -10.71
N GLY A 134 -15.86 15.11 -10.48
CA GLY A 134 -15.37 13.87 -11.16
C GLY A 134 -13.99 13.47 -10.64
N VAL A 135 -13.69 13.75 -9.39
CA VAL A 135 -12.35 13.35 -8.87
C VAL A 135 -12.47 12.98 -7.39
N TRP A 136 -11.42 12.42 -6.88
CA TRP A 136 -11.41 12.01 -5.44
C TRP A 136 -10.98 13.19 -4.58
N GLU A 137 -11.80 13.61 -3.66
CA GLU A 137 -11.44 14.79 -2.81
C GLU A 137 -10.57 14.39 -1.61
N LYS A 138 -11.08 13.56 -0.74
CA LYS A 138 -10.27 13.16 0.46
C LYS A 138 -9.33 12.01 0.12
N ARG A 139 -8.22 11.93 0.81
CA ARG A 139 -7.24 10.83 0.55
C ARG A 139 -7.05 10.03 1.84
N LYS A 140 -7.02 8.72 1.74
CA LYS A 140 -6.85 7.88 2.96
C LYS A 140 -5.52 7.13 2.90
N ILE A 141 -4.65 7.34 3.86
CA ILE A 141 -3.35 6.60 3.85
C ILE A 141 -2.93 6.19 5.27
N PHE A 142 -2.78 4.91 5.48
CA PHE A 142 -2.41 4.40 6.83
C PHE A 142 -0.94 3.98 6.89
N VAL A 143 -0.28 4.23 7.99
CA VAL A 143 1.14 3.78 8.13
C VAL A 143 1.14 2.55 9.03
N ALA A 144 2.06 1.65 8.82
CA ALA A 144 2.09 0.42 9.68
C ALA A 144 3.51 0.19 10.17
N THR A 145 3.68 -0.21 11.40
CA THR A 145 5.05 -0.41 11.94
C THR A 145 5.55 -1.84 11.71
N GLU A 146 6.74 -1.92 11.18
CA GLU A 146 7.32 -3.27 10.94
C GLU A 146 7.46 -4.01 12.28
N VAL A 147 7.09 -5.26 12.33
CA VAL A 147 7.20 -6.03 13.60
C VAL A 147 8.06 -7.27 13.39
N LYS A 148 7.85 -7.96 12.31
CA LYS A 148 8.64 -9.20 12.02
C LYS A 148 10.05 -9.08 12.60
N LEU B 2 -0.35 12.65 -4.27
CA LEU B 2 -0.49 11.27 -3.73
C LEU B 2 -1.01 10.32 -4.83
N PRO B 3 -0.26 9.30 -5.19
CA PRO B 3 -0.70 8.33 -6.23
C PRO B 3 -2.10 7.78 -5.95
N ALA B 4 -2.46 6.66 -6.53
CA ALA B 4 -3.80 6.10 -6.29
C ALA B 4 -4.85 7.19 -6.51
N MET A 1 22.09 -16.89 4.54
CA MET A 1 21.56 -16.86 3.13
C MET A 1 20.13 -16.33 3.15
N GLN A 2 19.91 -15.20 3.75
CA GLN A 2 18.53 -14.63 3.80
C GLN A 2 18.03 -14.39 2.37
N ALA A 3 16.80 -13.98 2.23
CA ALA A 3 16.24 -13.72 0.87
C ALA A 3 16.99 -12.54 0.24
N LYS A 4 17.14 -12.56 -1.06
CA LYS A 4 17.83 -11.44 -1.74
C LYS A 4 17.13 -11.14 -3.07
N PRO A 5 15.95 -10.59 -2.99
CA PRO A 5 15.12 -10.25 -4.18
C PRO A 5 15.46 -8.85 -4.69
N GLN A 6 15.19 -8.58 -5.94
CA GLN A 6 15.49 -7.23 -6.49
C GLN A 6 14.54 -6.94 -7.66
N ILE A 7 13.75 -5.89 -7.56
CA ILE A 7 12.82 -5.55 -8.67
C ILE A 7 13.57 -5.72 -10.01
N PRO A 8 13.32 -6.79 -10.73
CA PRO A 8 14.01 -7.04 -12.02
C PRO A 8 13.30 -6.38 -13.20
N LYS A 9 13.55 -6.84 -14.40
CA LYS A 9 12.89 -6.24 -15.58
C LYS A 9 11.48 -6.80 -15.69
N ASP A 10 11.15 -7.73 -14.84
CA ASP A 10 9.79 -8.33 -14.88
C ASP A 10 8.79 -7.35 -14.25
N LYS A 11 8.86 -6.12 -14.66
CA LYS A 11 7.85 -5.15 -14.10
C LYS A 11 6.46 -5.83 -14.23
N SER A 12 6.48 -6.87 -15.02
CA SER A 12 5.22 -7.63 -15.23
C SER A 12 5.01 -8.64 -14.09
N LYS A 13 5.99 -8.82 -13.25
CA LYS A 13 5.83 -9.79 -12.11
C LYS A 13 5.45 -9.05 -10.83
N VAL A 14 4.61 -9.63 -10.03
CA VAL A 14 4.30 -9.00 -8.73
C VAL A 14 5.61 -9.07 -7.94
N ALA A 15 5.96 -8.08 -7.18
CA ALA A 15 7.24 -8.19 -6.42
C ALA A 15 6.94 -9.00 -5.17
N GLY A 16 5.68 -9.10 -4.87
CA GLY A 16 5.26 -9.87 -3.68
C GLY A 16 3.76 -9.74 -3.50
N TYR A 17 3.29 -9.96 -2.31
CA TYR A 17 1.83 -9.92 -2.06
C TYR A 17 1.53 -9.31 -0.70
N ILE A 18 0.30 -9.01 -0.46
CA ILE A 18 -0.05 -8.36 0.83
C ILE A 18 -1.46 -8.77 1.26
N GLU A 19 -1.69 -8.91 2.54
CA GLU A 19 -3.05 -9.30 3.01
C GLU A 19 -3.28 -8.70 4.41
N ILE A 20 -4.50 -8.71 4.86
CA ILE A 20 -4.81 -8.15 6.19
C ILE A 20 -5.98 -8.94 6.80
N PRO A 21 -5.69 -9.93 7.60
CA PRO A 21 -6.74 -10.80 8.23
C PRO A 21 -7.89 -10.02 8.87
N ASP A 22 -7.60 -9.00 9.65
CA ASP A 22 -8.69 -8.20 10.26
C ASP A 22 -9.47 -7.44 9.19
N ALA A 23 -8.89 -7.30 8.02
CA ALA A 23 -9.59 -6.58 6.91
C ALA A 23 -10.09 -7.60 5.89
N ASP A 24 -9.62 -8.81 5.97
CA ASP A 24 -10.06 -9.87 5.02
C ASP A 24 -9.65 -9.52 3.59
N ILE A 25 -8.41 -9.15 3.38
CA ILE A 25 -7.97 -8.77 2.00
C ILE A 25 -6.67 -9.48 1.63
N LYS A 26 -6.46 -9.71 0.36
CA LYS A 26 -5.21 -10.39 -0.11
C LYS A 26 -5.01 -10.05 -1.58
N GLU A 27 -3.99 -9.28 -1.89
CA GLU A 27 -3.74 -8.89 -3.31
C GLU A 27 -2.23 -8.86 -3.60
N PRO A 28 -1.88 -8.88 -4.86
CA PRO A 28 -0.46 -8.88 -5.32
C PRO A 28 0.25 -7.53 -5.09
N VAL A 29 1.54 -7.53 -5.23
CA VAL A 29 2.33 -6.27 -5.04
C VAL A 29 3.16 -6.00 -6.30
N TYR A 30 2.71 -5.13 -7.17
CA TYR A 30 3.50 -4.86 -8.43
C TYR A 30 4.44 -3.66 -8.20
N PRO A 31 5.53 -3.62 -8.91
CA PRO A 31 6.53 -2.51 -8.79
C PRO A 31 5.94 -1.11 -9.04
N GLY A 32 6.42 -0.15 -8.31
CA GLY A 32 5.93 1.25 -8.48
C GLY A 32 6.13 1.68 -9.93
N PRO A 33 5.53 2.79 -10.32
CA PRO A 33 4.69 3.62 -9.43
C PRO A 33 3.20 3.25 -9.54
N ALA A 34 2.39 3.79 -8.67
CA ALA A 34 0.94 3.45 -8.72
C ALA A 34 0.27 4.14 -9.91
N THR A 35 0.98 4.35 -10.99
CA THR A 35 0.36 5.01 -12.16
C THR A 35 -0.56 4.02 -12.88
N PRO A 36 -1.57 4.51 -13.55
CA PRO A 36 -2.54 3.66 -14.27
C PRO A 36 -1.90 2.39 -14.84
N GLU A 37 -0.83 2.54 -15.58
CA GLU A 37 -0.15 1.34 -16.14
C GLU A 37 -0.02 0.27 -15.06
N GLN A 38 0.55 0.60 -13.94
CA GLN A 38 0.70 -0.40 -12.86
C GLN A 38 -0.66 -0.72 -12.24
N LEU A 39 -1.39 0.29 -11.84
CA LEU A 39 -2.73 0.05 -11.22
C LEU A 39 -3.54 -0.91 -12.11
N ASN A 40 -3.05 -1.22 -13.27
CA ASN A 40 -3.78 -2.14 -14.19
C ASN A 40 -3.69 -3.57 -13.67
N ARG A 41 -2.67 -3.86 -12.90
CA ARG A 41 -2.51 -5.23 -12.36
C ARG A 41 -2.93 -5.29 -10.88
N GLY A 42 -2.30 -4.53 -10.02
CA GLY A 42 -2.69 -4.57 -8.58
C GLY A 42 -2.12 -3.36 -7.84
N VAL A 43 -2.24 -3.36 -6.52
CA VAL A 43 -1.70 -2.22 -5.72
C VAL A 43 -0.20 -2.11 -5.96
N SER A 44 0.21 -1.10 -6.67
CA SER A 44 1.67 -0.92 -6.96
C SER A 44 2.33 -0.03 -5.92
N PHE A 45 3.64 -0.02 -5.88
CA PHE A 45 4.35 0.87 -4.91
C PHE A 45 4.08 2.31 -5.32
N ALA A 46 4.27 3.24 -4.43
CA ALA A 46 3.99 4.66 -4.76
C ALA A 46 5.03 5.24 -5.71
N GLU A 47 6.22 4.68 -5.76
CA GLU A 47 7.26 5.26 -6.67
C GLU A 47 8.03 4.14 -7.38
N GLU A 48 8.49 4.43 -8.57
CA GLU A 48 9.26 3.40 -9.33
C GLU A 48 10.41 2.85 -8.50
N ASN A 49 11.31 3.68 -8.05
CA ASN A 49 12.50 3.15 -7.31
C ASN A 49 12.16 2.76 -5.87
N GLU A 50 10.97 2.30 -5.60
CA GLU A 50 10.64 1.92 -4.20
C GLU A 50 11.62 0.83 -3.79
N SER A 51 12.04 0.79 -2.57
CA SER A 51 13.03 -0.24 -2.16
C SER A 51 12.34 -1.42 -1.48
N LEU A 52 12.53 -2.58 -2.02
CA LEU A 52 11.91 -3.79 -1.42
C LEU A 52 12.42 -3.93 0.02
N ASP A 53 13.31 -3.05 0.41
CA ASP A 53 13.86 -3.09 1.79
C ASP A 53 13.83 -1.69 2.40
N ASP A 54 13.05 -0.80 1.86
CA ASP A 54 12.99 0.58 2.41
C ASP A 54 12.42 0.55 3.83
N GLN A 55 13.01 1.26 4.74
CA GLN A 55 12.46 1.27 6.13
C GLN A 55 11.07 1.90 6.11
N ASN A 56 10.66 2.37 4.97
CA ASN A 56 9.31 2.96 4.82
C ASN A 56 8.81 2.60 3.42
N ILE A 57 8.11 1.52 3.29
CA ILE A 57 7.63 1.07 1.97
C ILE A 57 6.13 1.41 1.78
N SER A 58 5.82 2.25 0.82
CA SER A 58 4.39 2.64 0.61
C SER A 58 3.75 1.84 -0.53
N ILE A 59 2.48 1.56 -0.41
CA ILE A 59 1.74 0.81 -1.47
C ILE A 59 0.40 1.53 -1.71
N ALA A 60 -0.13 1.52 -2.90
CA ALA A 60 -1.41 2.24 -3.13
C ALA A 60 -2.30 1.50 -4.13
N GLY A 61 -3.58 1.82 -4.10
CA GLY A 61 -4.54 1.18 -5.03
C GLY A 61 -5.89 1.92 -4.96
N HIS A 62 -6.68 1.81 -6.01
CA HIS A 62 -8.00 2.48 -6.02
C HIS A 62 -8.96 1.76 -5.06
N THR A 63 -10.04 2.40 -4.70
CA THR A 63 -11.04 1.76 -3.80
C THR A 63 -12.36 1.65 -4.57
N PHE A 64 -13.26 0.80 -4.14
CA PHE A 64 -14.54 0.64 -4.87
C PHE A 64 -15.72 0.78 -3.91
N ILE A 65 -16.70 1.54 -4.30
CA ILE A 65 -17.88 1.77 -3.43
C ILE A 65 -18.95 0.74 -3.73
N ASP A 66 -18.95 0.24 -4.93
CA ASP A 66 -19.99 -0.75 -5.33
C ASP A 66 -19.55 -2.18 -5.00
N ARG A 67 -18.36 -2.37 -4.47
CA ARG A 67 -17.92 -3.75 -4.14
C ARG A 67 -16.87 -3.70 -3.00
N PRO A 68 -17.10 -4.40 -1.91
CA PRO A 68 -16.15 -4.43 -0.75
C PRO A 68 -14.98 -5.39 -0.96
N ASN A 69 -15.09 -6.30 -1.89
CA ASN A 69 -13.98 -7.27 -2.12
C ASN A 69 -13.00 -6.72 -3.16
N TYR A 70 -12.96 -5.42 -3.34
CA TYR A 70 -12.02 -4.84 -4.35
C TYR A 70 -10.60 -4.86 -3.80
N GLN A 71 -9.78 -3.93 -4.20
CA GLN A 71 -8.37 -3.90 -3.71
C GLN A 71 -8.36 -3.55 -2.21
N PHE A 72 -8.32 -2.29 -1.89
CA PHE A 72 -8.28 -1.89 -0.45
C PHE A 72 -9.63 -1.26 -0.06
N THR A 73 -10.71 -1.73 -0.61
CA THR A 73 -12.03 -1.16 -0.25
C THR A 73 -12.43 -1.67 1.14
N ASN A 74 -12.05 -2.88 1.47
CA ASN A 74 -12.43 -3.44 2.80
C ASN A 74 -11.49 -2.94 3.88
N LEU A 75 -10.58 -2.05 3.55
CA LEU A 75 -9.64 -1.53 4.57
C LEU A 75 -10.41 -0.65 5.56
N LYS A 76 -11.20 0.25 5.07
CA LYS A 76 -11.98 1.13 5.98
C LYS A 76 -12.57 0.29 7.12
N ALA A 77 -12.63 -1.00 6.94
CA ALA A 77 -13.16 -1.88 8.02
C ALA A 77 -12.04 -2.19 9.02
N ALA A 78 -10.85 -2.39 8.54
CA ALA A 78 -9.71 -2.71 9.45
C ALA A 78 -9.15 -1.45 10.11
N LYS A 79 -8.49 -1.63 11.22
CA LYS A 79 -7.96 -0.43 11.93
C LYS A 79 -6.75 -0.80 12.79
N LYS A 80 -6.41 0.05 13.71
CA LYS A 80 -5.23 -0.21 14.59
C LYS A 80 -5.21 -1.66 15.06
N GLY A 81 -4.19 -1.99 15.80
CA GLY A 81 -4.07 -3.39 16.32
C GLY A 81 -4.30 -4.41 15.20
N SER A 82 -4.43 -3.97 13.97
CA SER A 82 -4.64 -4.94 12.85
C SER A 82 -3.29 -5.45 12.34
N MET A 83 -3.11 -6.74 12.27
CA MET A 83 -1.81 -7.28 11.77
C MET A 83 -1.78 -7.17 10.24
N VAL A 84 -0.74 -6.60 9.70
CA VAL A 84 -0.63 -6.47 8.22
C VAL A 84 0.51 -7.38 7.73
N TYR A 85 0.29 -8.14 6.68
CA TYR A 85 1.35 -9.08 6.20
C TYR A 85 1.98 -8.61 4.87
N PHE A 86 3.28 -8.66 4.81
CA PHE A 86 3.99 -8.24 3.57
C PHE A 86 4.81 -9.42 3.01
N LYS A 87 4.30 -10.09 2.02
CA LYS A 87 5.04 -11.27 1.45
C LYS A 87 5.85 -10.85 0.22
N VAL A 88 7.08 -11.28 0.15
CA VAL A 88 7.96 -10.96 -1.01
C VAL A 88 8.82 -12.18 -1.28
N GLY A 89 9.09 -12.53 -2.52
CA GLY A 89 9.95 -13.71 -2.81
C GLY A 89 9.64 -14.83 -1.81
N ASN A 90 10.61 -15.19 -1.03
CA ASN A 90 10.39 -16.26 -0.02
C ASN A 90 10.39 -15.62 1.37
N GLU A 91 10.31 -14.31 1.43
CA GLU A 91 10.33 -13.62 2.74
C GLU A 91 8.93 -13.08 3.11
N THR A 92 8.61 -13.16 4.37
CA THR A 92 7.28 -12.69 4.83
C THR A 92 7.43 -11.86 6.10
N ARG A 93 7.44 -10.55 5.96
CA ARG A 93 7.59 -9.67 7.15
C ARG A 93 6.21 -9.40 7.73
N LYS A 94 6.13 -8.50 8.67
CA LYS A 94 4.80 -8.19 9.27
C LYS A 94 4.77 -6.75 9.77
N TYR A 95 3.61 -6.17 9.77
CA TYR A 95 3.46 -4.77 10.27
C TYR A 95 2.09 -4.67 10.93
N LYS A 96 1.91 -3.72 11.79
CA LYS A 96 0.60 -3.56 12.47
C LYS A 96 0.17 -2.11 12.36
N MET A 97 -1.01 -1.84 11.85
CA MET A 97 -1.48 -0.43 11.70
C MET A 97 -1.22 0.36 12.98
N THR A 98 -0.26 1.23 12.91
CA THR A 98 0.12 2.04 14.09
C THR A 98 -0.40 3.46 13.95
N SER A 99 -0.56 3.92 12.75
CA SER A 99 -1.04 5.33 12.58
C SER A 99 -1.83 5.49 11.28
N ILE A 100 -2.76 6.40 11.29
CA ILE A 100 -3.61 6.62 10.08
C ILE A 100 -4.11 8.05 10.06
N ARG A 101 -4.13 8.63 8.91
CA ARG A 101 -4.59 10.04 8.78
C ARG A 101 -5.12 10.29 7.38
N ASP A 102 -5.81 11.37 7.21
CA ASP A 102 -6.36 11.73 5.88
C ASP A 102 -5.71 13.03 5.42
N VAL A 103 -5.64 13.27 4.14
CA VAL A 103 -4.98 14.52 3.66
C VAL A 103 -5.53 14.92 2.29
N LYS A 104 -5.53 16.20 1.99
CA LYS A 104 -6.04 16.66 0.67
C LYS A 104 -5.41 15.81 -0.44
N PRO A 105 -5.90 15.95 -1.65
CA PRO A 105 -5.39 15.18 -2.81
C PRO A 105 -4.07 15.72 -3.36
N THR A 106 -3.20 16.17 -2.49
CA THR A 106 -1.89 16.71 -2.97
C THR A 106 -0.80 16.54 -1.91
N ASP A 107 -1.15 16.13 -0.71
CA ASP A 107 -0.12 15.96 0.35
C ASP A 107 0.75 14.72 0.06
N VAL A 108 1.44 14.73 -1.04
CA VAL A 108 2.29 13.56 -1.41
C VAL A 108 2.98 13.01 -0.16
N GLY A 109 3.26 13.83 0.81
CA GLY A 109 3.95 13.35 2.05
C GLY A 109 3.36 12.02 2.53
N VAL A 110 2.28 11.58 1.95
CA VAL A 110 1.68 10.27 2.37
C VAL A 110 2.80 9.23 2.43
N LEU A 111 3.67 9.25 1.47
CA LEU A 111 4.77 8.23 1.42
C LEU A 111 5.41 8.12 2.82
N ASP A 112 5.05 9.01 3.70
CA ASP A 112 5.58 8.98 5.09
C ASP A 112 7.04 8.50 5.12
N GLU A 113 7.79 8.72 4.08
CA GLU A 113 9.21 8.30 4.10
C GLU A 113 9.93 9.21 5.09
N GLN A 114 10.07 8.78 6.32
CA GLN A 114 10.74 9.63 7.35
C GLN A 114 11.32 8.76 8.46
N LYS A 115 10.48 8.23 9.30
CA LYS A 115 10.98 7.37 10.41
C LYS A 115 11.71 6.18 9.82
N GLY A 116 12.82 5.82 10.38
CA GLY A 116 13.59 4.67 9.89
C GLY A 116 13.76 3.69 11.04
N LYS A 117 14.10 4.21 12.20
CA LYS A 117 14.28 3.33 13.39
C LYS A 117 13.25 2.19 13.34
N ASP A 118 12.04 2.49 13.67
CA ASP A 118 10.98 1.44 13.60
C ASP A 118 10.35 1.54 12.20
N LYS A 119 10.92 0.88 11.25
CA LYS A 119 10.42 0.91 9.85
C LYS A 119 8.90 0.87 9.82
N GLN A 120 8.31 0.93 8.64
CA GLN A 120 6.83 0.90 8.58
C GLN A 120 6.36 0.51 7.19
N LEU A 121 5.07 0.32 7.04
CA LEU A 121 4.50 -0.01 5.72
C LEU A 121 3.36 0.98 5.47
N THR A 122 3.61 1.98 4.68
CA THR A 122 2.54 3.00 4.45
C THR A 122 1.49 2.43 3.50
N LEU A 123 0.28 2.33 3.96
CA LEU A 123 -0.81 1.83 3.09
C LEU A 123 -1.51 3.04 2.48
N ILE A 124 -2.00 2.92 1.27
CA ILE A 124 -2.70 4.08 0.65
C ILE A 124 -3.91 3.59 -0.13
N THR A 125 -5.05 4.13 0.18
CA THR A 125 -6.28 3.75 -0.55
C THR A 125 -7.12 4.99 -0.68
N CYS A 126 -7.29 5.48 -1.86
CA CYS A 126 -8.07 6.75 -2.03
C CYS A 126 -9.56 6.48 -1.94
N ASP A 127 -10.34 7.52 -1.73
CA ASP A 127 -11.82 7.35 -1.63
C ASP A 127 -12.51 8.71 -1.72
N ASP A 128 -13.68 8.83 -1.16
CA ASP A 128 -14.41 10.14 -1.23
C ASP A 128 -14.45 10.61 -2.67
N TYR A 129 -14.92 9.78 -3.56
CA TYR A 129 -14.98 10.16 -5.00
C TYR A 129 -15.95 11.31 -5.19
N ASN A 130 -15.57 12.29 -5.95
CA ASN A 130 -16.47 13.43 -6.23
C ASN A 130 -17.07 13.22 -7.61
N GLU A 131 -18.28 13.67 -7.79
CA GLU A 131 -18.93 13.50 -9.11
C GLU A 131 -19.10 14.88 -9.74
N LYS A 132 -18.93 15.91 -8.95
CA LYS A 132 -19.05 17.29 -9.48
C LYS A 132 -17.72 17.69 -10.12
N THR A 133 -16.65 17.55 -9.40
CA THR A 133 -15.32 17.92 -9.97
C THR A 133 -14.70 16.68 -10.64
N GLY A 134 -15.30 15.54 -10.46
CA GLY A 134 -14.79 14.29 -11.10
C GLY A 134 -13.39 13.95 -10.57
N VAL A 135 -13.16 14.12 -9.30
CA VAL A 135 -11.82 13.79 -8.74
C VAL A 135 -11.98 13.26 -7.32
N TRP A 136 -11.01 12.56 -6.83
CA TRP A 136 -11.10 12.04 -5.43
C TRP A 136 -10.60 13.14 -4.50
N GLU A 137 -11.41 13.58 -3.60
CA GLU A 137 -10.99 14.70 -2.70
C GLU A 137 -10.29 14.18 -1.43
N LYS A 138 -10.98 13.40 -0.64
CA LYS A 138 -10.34 12.90 0.61
C LYS A 138 -9.40 11.73 0.31
N ARG A 139 -8.31 11.65 1.03
CA ARG A 139 -7.34 10.53 0.80
C ARG A 139 -7.19 9.74 2.09
N LYS A 140 -7.16 8.44 1.98
CA LYS A 140 -7.03 7.58 3.20
C LYS A 140 -5.72 6.80 3.16
N ILE A 141 -4.88 6.96 4.16
CA ILE A 141 -3.58 6.23 4.14
C ILE A 141 -3.23 5.75 5.56
N PHE A 142 -3.13 4.46 5.74
CA PHE A 142 -2.80 3.89 7.09
C PHE A 142 -1.31 3.52 7.16
N VAL A 143 -0.67 3.81 8.26
CA VAL A 143 0.76 3.44 8.41
C VAL A 143 0.85 2.25 9.37
N ALA A 144 1.79 1.39 9.20
CA ALA A 144 1.89 0.21 10.11
C ALA A 144 3.34 0.05 10.56
N THR A 145 3.57 -0.26 11.82
CA THR A 145 4.97 -0.40 12.30
C THR A 145 5.47 -1.84 12.14
N GLU A 146 6.65 -1.95 11.63
CA GLU A 146 7.23 -3.30 11.43
C GLU A 146 7.24 -4.06 12.76
N VAL A 147 6.82 -5.30 12.76
CA VAL A 147 6.78 -6.08 14.04
C VAL A 147 7.51 -7.41 13.86
N LYS A 148 7.30 -8.08 12.75
CA LYS A 148 7.98 -9.39 12.51
C LYS A 148 9.33 -9.46 13.25
N LEU B 2 0.45 12.35 -3.85
CA LEU B 2 0.14 10.97 -3.38
C LEU B 2 -0.17 10.10 -4.60
N PRO B 3 0.11 8.83 -4.51
CA PRO B 3 -0.12 7.86 -5.64
C PRO B 3 -1.60 7.60 -5.91
N ALA B 4 -1.88 6.76 -6.87
CA ALA B 4 -3.30 6.45 -7.21
C ALA B 4 -4.10 7.74 -7.25
N MET A 1 22.13 -14.55 6.40
CA MET A 1 22.05 -14.51 4.92
C MET A 1 20.59 -14.66 4.48
N GLN A 2 19.77 -13.71 4.82
CA GLN A 2 18.33 -13.79 4.44
C GLN A 2 18.20 -13.81 2.91
N ALA A 3 16.99 -13.83 2.41
CA ALA A 3 16.78 -13.85 0.92
C ALA A 3 17.32 -12.55 0.31
N LYS A 4 17.25 -12.44 -1.00
CA LYS A 4 17.77 -11.21 -1.65
C LYS A 4 16.91 -10.86 -2.87
N PRO A 5 15.77 -10.29 -2.65
CA PRO A 5 14.85 -9.87 -3.73
C PRO A 5 15.25 -8.51 -4.32
N GLN A 6 15.02 -8.31 -5.59
CA GLN A 6 15.39 -7.00 -6.22
C GLN A 6 14.48 -6.72 -7.41
N ILE A 7 13.52 -5.86 -7.25
CA ILE A 7 12.59 -5.54 -8.39
C ILE A 7 13.40 -5.52 -9.69
N PRO A 8 13.37 -6.59 -10.46
CA PRO A 8 14.14 -6.68 -11.72
C PRO A 8 13.40 -6.07 -12.91
N LYS A 9 13.80 -6.40 -14.10
CA LYS A 9 13.12 -5.84 -15.29
C LYS A 9 11.76 -6.52 -15.43
N ASP A 10 11.49 -7.50 -14.62
CA ASP A 10 10.16 -8.18 -14.70
C ASP A 10 9.12 -7.23 -14.08
N LYS A 11 9.21 -6.00 -14.48
CA LYS A 11 8.19 -5.04 -13.96
C LYS A 11 6.80 -5.70 -14.14
N SER A 12 6.82 -6.73 -14.93
CA SER A 12 5.55 -7.48 -15.17
C SER A 12 5.31 -8.54 -14.07
N LYS A 13 6.25 -8.73 -13.20
CA LYS A 13 6.06 -9.75 -12.12
C LYS A 13 5.58 -9.12 -10.82
N VAL A 14 4.68 -9.76 -10.13
CA VAL A 14 4.26 -9.25 -8.82
C VAL A 14 5.50 -9.34 -7.93
N ALA A 15 5.79 -8.36 -7.14
CA ALA A 15 7.01 -8.46 -6.30
C ALA A 15 6.66 -9.24 -5.04
N GLY A 16 5.40 -9.35 -4.77
CA GLY A 16 4.97 -10.08 -3.56
C GLY A 16 3.47 -9.91 -3.36
N TYR A 17 3.02 -10.09 -2.17
CA TYR A 17 1.55 -9.99 -1.92
C TYR A 17 1.29 -9.30 -0.59
N ILE A 18 0.06 -8.99 -0.35
CA ILE A 18 -0.27 -8.26 0.91
C ILE A 18 -1.64 -8.73 1.41
N GLU A 19 -1.79 -8.90 2.70
CA GLU A 19 -3.10 -9.36 3.24
C GLU A 19 -3.32 -8.73 4.61
N ILE A 20 -4.55 -8.68 5.05
CA ILE A 20 -4.86 -8.09 6.38
C ILE A 20 -6.06 -8.83 6.98
N PRO A 21 -5.81 -9.83 7.80
CA PRO A 21 -6.89 -10.64 8.42
C PRO A 21 -8.03 -9.82 9.04
N ASP A 22 -7.73 -8.78 9.78
CA ASP A 22 -8.82 -7.95 10.36
C ASP A 22 -9.62 -7.26 9.25
N ALA A 23 -9.05 -7.15 8.08
CA ALA A 23 -9.76 -6.51 6.94
C ALA A 23 -10.22 -7.60 5.97
N ASP A 24 -9.67 -8.77 6.10
CA ASP A 24 -10.07 -9.88 5.20
C ASP A 24 -9.64 -9.58 3.76
N ILE A 25 -8.40 -9.22 3.56
CA ILE A 25 -7.94 -8.89 2.18
C ILE A 25 -6.68 -9.68 1.84
N LYS A 26 -6.46 -9.95 0.58
CA LYS A 26 -5.26 -10.71 0.14
C LYS A 26 -5.04 -10.38 -1.34
N GLU A 27 -4.01 -9.62 -1.64
CA GLU A 27 -3.79 -9.24 -3.07
C GLU A 27 -2.29 -9.22 -3.40
N PRO A 28 -1.97 -9.11 -4.67
CA PRO A 28 -0.57 -9.09 -5.16
C PRO A 28 0.13 -7.74 -4.98
N VAL A 29 1.42 -7.72 -5.13
CA VAL A 29 2.20 -6.46 -4.99
C VAL A 29 3.05 -6.24 -6.26
N TYR A 30 2.63 -5.37 -7.14
CA TYR A 30 3.42 -5.14 -8.40
C TYR A 30 4.33 -3.91 -8.23
N PRO A 31 5.41 -3.88 -8.96
CA PRO A 31 6.39 -2.75 -8.90
C PRO A 31 5.77 -1.37 -9.16
N GLY A 32 6.27 -0.38 -8.47
CA GLY A 32 5.76 1.02 -8.67
C GLY A 32 5.94 1.41 -10.13
N PRO A 33 5.38 2.51 -10.54
CA PRO A 33 4.56 3.40 -9.68
C PRO A 33 3.06 3.09 -9.77
N ALA A 34 2.26 3.66 -8.91
CA ALA A 34 0.80 3.37 -8.97
C ALA A 34 0.15 4.06 -10.16
N THR A 35 0.85 4.24 -11.24
CA THR A 35 0.22 4.91 -12.42
C THR A 35 -0.78 3.93 -13.06
N PRO A 36 -1.81 4.44 -13.66
CA PRO A 36 -2.87 3.61 -14.30
C PRO A 36 -2.30 2.33 -14.91
N GLU A 37 -1.22 2.43 -15.64
CA GLU A 37 -0.62 1.22 -16.27
C GLU A 37 -0.37 0.15 -15.18
N GLN A 38 0.29 0.53 -14.13
CA GLN A 38 0.58 -0.47 -13.05
C GLN A 38 -0.71 -0.77 -12.28
N LEU A 39 -1.47 0.23 -11.93
CA LEU A 39 -2.73 -0.02 -11.18
C LEU A 39 -3.59 -1.00 -11.99
N ASN A 40 -3.15 -1.36 -13.16
CA ASN A 40 -3.91 -2.30 -14.01
C ASN A 40 -3.81 -3.71 -13.41
N ARG A 41 -2.76 -3.97 -12.70
CA ARG A 41 -2.58 -5.32 -12.10
C ARG A 41 -3.00 -5.32 -10.63
N GLY A 42 -2.38 -4.52 -9.81
CA GLY A 42 -2.78 -4.51 -8.37
C GLY A 42 -2.10 -3.36 -7.64
N VAL A 43 -2.19 -3.36 -6.33
CA VAL A 43 -1.57 -2.26 -5.53
C VAL A 43 -0.09 -2.14 -5.90
N SER A 44 0.26 -1.11 -6.63
CA SER A 44 1.70 -0.94 -7.02
C SER A 44 2.43 -0.06 -6.01
N PHE A 45 3.74 -0.14 -5.95
CA PHE A 45 4.49 0.72 -5.00
C PHE A 45 4.24 2.18 -5.38
N ALA A 46 3.71 2.95 -4.46
CA ALA A 46 3.40 4.38 -4.76
C ALA A 46 4.49 5.03 -5.62
N GLU A 47 5.69 4.48 -5.64
CA GLU A 47 6.76 5.12 -6.46
C GLU A 47 7.58 4.05 -7.19
N GLU A 48 8.11 4.42 -8.32
CA GLU A 48 8.91 3.48 -9.14
C GLU A 48 10.10 2.92 -8.33
N ASN A 49 11.03 3.75 -7.94
CA ASN A 49 12.25 3.22 -7.25
C ASN A 49 12.00 2.86 -5.80
N GLU A 50 10.82 2.41 -5.45
CA GLU A 50 10.58 2.05 -4.02
C GLU A 50 11.59 0.96 -3.64
N SER A 51 12.01 0.92 -2.41
CA SER A 51 13.01 -0.11 -2.01
C SER A 51 12.32 -1.26 -1.29
N LEU A 52 12.53 -2.45 -1.79
CA LEU A 52 11.91 -3.64 -1.16
C LEU A 52 12.41 -3.74 0.28
N ASP A 53 13.31 -2.87 0.65
CA ASP A 53 13.85 -2.88 2.04
C ASP A 53 13.82 -1.46 2.59
N ASP A 54 13.00 -0.61 2.01
CA ASP A 54 12.90 0.79 2.49
C ASP A 54 12.32 0.84 3.90
N GLN A 55 12.84 1.69 4.74
CA GLN A 55 12.28 1.80 6.11
C GLN A 55 10.85 2.32 5.99
N ASN A 56 10.46 2.69 4.81
CA ASN A 56 9.09 3.20 4.58
C ASN A 56 8.65 2.75 3.19
N ILE A 57 7.96 1.65 3.12
CA ILE A 57 7.50 1.14 1.80
C ILE A 57 6.04 1.55 1.57
N SER A 58 5.82 2.43 0.62
CA SER A 58 4.43 2.90 0.35
C SER A 58 3.81 2.13 -0.81
N ILE A 59 2.51 2.00 -0.79
CA ILE A 59 1.79 1.28 -1.88
C ILE A 59 0.42 1.96 -2.07
N ALA A 60 -0.18 1.84 -3.24
CA ALA A 60 -1.49 2.51 -3.43
C ALA A 60 -2.41 1.71 -4.35
N GLY A 61 -3.68 2.03 -4.32
CA GLY A 61 -4.68 1.31 -5.17
C GLY A 61 -6.04 2.03 -5.13
N HIS A 62 -6.77 1.95 -6.22
CA HIS A 62 -8.10 2.59 -6.31
C HIS A 62 -9.11 1.88 -5.40
N THR A 63 -10.25 2.48 -5.18
CA THR A 63 -11.30 1.84 -4.33
C THR A 63 -12.58 1.73 -5.17
N PHE A 64 -13.45 0.80 -4.84
CA PHE A 64 -14.70 0.65 -5.63
C PHE A 64 -15.85 0.25 -4.72
N ILE A 65 -16.89 1.03 -4.72
CA ILE A 65 -18.06 0.72 -3.86
C ILE A 65 -18.54 -0.68 -4.17
N ASP A 66 -18.57 -1.03 -5.42
CA ASP A 66 -19.08 -2.37 -5.83
C ASP A 66 -17.97 -3.42 -5.83
N ARG A 67 -16.93 -3.22 -5.08
CA ARG A 67 -15.84 -4.25 -5.06
C ARG A 67 -15.10 -4.16 -3.72
N PRO A 68 -15.43 -5.02 -2.78
CA PRO A 68 -14.77 -5.04 -1.45
C PRO A 68 -13.43 -5.79 -1.48
N ASN A 69 -13.31 -6.75 -2.35
CA ASN A 69 -12.04 -7.52 -2.43
C ASN A 69 -11.09 -6.84 -3.42
N TYR A 70 -11.47 -5.69 -3.90
CA TYR A 70 -10.60 -4.96 -4.87
C TYR A 70 -9.24 -4.67 -4.22
N GLN A 71 -8.62 -3.59 -4.58
CA GLN A 71 -7.29 -3.25 -4.00
C GLN A 71 -7.43 -2.98 -2.50
N PHE A 72 -7.99 -1.86 -2.13
CA PHE A 72 -8.15 -1.54 -0.69
C PHE A 72 -9.55 -1.00 -0.41
N THR A 73 -10.55 -1.59 -1.01
CA THR A 73 -11.95 -1.09 -0.78
C THR A 73 -12.44 -1.58 0.59
N ASN A 74 -12.06 -2.76 0.97
CA ASN A 74 -12.51 -3.32 2.29
C ASN A 74 -11.61 -2.82 3.42
N LEU A 75 -10.70 -1.96 3.12
CA LEU A 75 -9.78 -1.45 4.18
C LEU A 75 -10.55 -0.56 5.18
N LYS A 76 -11.38 0.32 4.70
CA LYS A 76 -12.13 1.20 5.64
C LYS A 76 -12.67 0.39 6.82
N ALA A 77 -12.72 -0.90 6.69
CA ALA A 77 -13.24 -1.74 7.82
C ALA A 77 -12.13 -2.00 8.84
N ALA A 78 -10.94 -2.21 8.38
CA ALA A 78 -9.82 -2.51 9.31
C ALA A 78 -9.25 -1.24 9.95
N LYS A 79 -8.61 -1.41 11.07
CA LYS A 79 -8.07 -0.22 11.79
C LYS A 79 -6.88 -0.62 12.65
N LYS A 80 -6.52 0.22 13.58
CA LYS A 80 -5.37 -0.06 14.47
C LYS A 80 -5.40 -1.51 14.97
N GLY A 81 -4.45 -1.86 15.77
CA GLY A 81 -4.38 -3.24 16.33
C GLY A 81 -4.64 -4.28 15.23
N SER A 82 -4.71 -3.87 13.99
CA SER A 82 -4.94 -4.85 12.89
C SER A 82 -3.60 -5.44 12.44
N MET A 83 -3.47 -6.73 12.48
CA MET A 83 -2.18 -7.35 12.05
C MET A 83 -2.06 -7.24 10.52
N VAL A 84 -0.90 -6.88 10.05
CA VAL A 84 -0.69 -6.75 8.58
C VAL A 84 0.45 -7.68 8.15
N TYR A 85 0.23 -8.50 7.15
CA TYR A 85 1.29 -9.46 6.70
C TYR A 85 1.81 -9.11 5.31
N PHE A 86 3.10 -9.15 5.13
CA PHE A 86 3.70 -8.80 3.81
C PHE A 86 4.52 -9.98 3.27
N LYS A 87 3.99 -10.68 2.29
CA LYS A 87 4.72 -11.84 1.70
C LYS A 87 5.45 -11.40 0.42
N VAL A 88 6.73 -11.60 0.36
CA VAL A 88 7.49 -11.20 -0.87
C VAL A 88 8.59 -12.23 -1.10
N GLY A 89 8.61 -12.87 -2.25
CA GLY A 89 9.67 -13.88 -2.49
C GLY A 89 9.38 -15.11 -1.63
N ASN A 90 10.37 -15.59 -0.92
CA ASN A 90 10.14 -16.77 -0.04
C ASN A 90 10.14 -16.29 1.41
N GLU A 91 10.08 -15.00 1.61
CA GLU A 91 10.10 -14.46 3.00
C GLU A 91 8.77 -13.77 3.34
N THR A 92 8.40 -13.81 4.59
CA THR A 92 7.12 -13.18 5.03
C THR A 92 7.38 -12.27 6.23
N ARG A 93 7.37 -10.98 6.03
CA ARG A 93 7.61 -10.05 7.16
C ARG A 93 6.27 -9.76 7.83
N LYS A 94 6.24 -8.88 8.79
CA LYS A 94 4.95 -8.60 9.46
C LYS A 94 4.91 -7.16 9.96
N TYR A 95 3.75 -6.57 9.93
CA TYR A 95 3.58 -5.17 10.41
C TYR A 95 2.28 -5.11 11.21
N LYS A 96 2.04 -4.02 11.88
CA LYS A 96 0.77 -3.89 12.65
C LYS A 96 0.33 -2.43 12.58
N MET A 97 -0.86 -2.16 12.10
CA MET A 97 -1.32 -0.75 11.98
C MET A 97 -1.04 0.05 13.24
N THR A 98 -0.06 0.89 13.17
CA THR A 98 0.30 1.71 14.34
C THR A 98 -0.15 3.15 14.15
N SER A 99 -0.28 3.58 12.92
CA SER A 99 -0.70 5.00 12.71
C SER A 99 -1.41 5.18 11.38
N ILE A 100 -2.28 6.16 11.32
CA ILE A 100 -3.03 6.43 10.06
C ILE A 100 -3.49 7.88 10.01
N ARG A 101 -3.54 8.43 8.84
CA ARG A 101 -3.97 9.85 8.70
C ARG A 101 -4.63 10.10 7.35
N ASP A 102 -4.96 11.33 7.08
CA ASP A 102 -5.62 11.68 5.79
C ASP A 102 -5.09 13.05 5.35
N VAL A 103 -5.15 13.36 4.09
CA VAL A 103 -4.62 14.68 3.65
C VAL A 103 -5.21 15.09 2.29
N LYS A 104 -5.20 16.37 2.00
CA LYS A 104 -5.75 16.86 0.70
C LYS A 104 -5.27 15.96 -0.44
N PRO A 105 -5.84 16.11 -1.60
CA PRO A 105 -5.46 15.31 -2.80
C PRO A 105 -4.14 15.79 -3.44
N THR A 106 -3.21 16.24 -2.63
CA THR A 106 -1.91 16.71 -3.20
C THR A 106 -0.77 16.52 -2.20
N ASP A 107 -1.06 16.10 -1.00
CA ASP A 107 0.02 15.90 -0.01
C ASP A 107 0.81 14.65 -0.37
N VAL A 108 1.42 14.63 -1.53
CA VAL A 108 2.17 13.42 -1.95
C VAL A 108 3.00 12.90 -0.78
N GLY A 109 3.43 13.77 0.11
CA GLY A 109 4.25 13.31 1.27
C GLY A 109 3.64 12.05 1.90
N VAL A 110 2.48 11.63 1.47
CA VAL A 110 1.87 10.41 2.04
C VAL A 110 2.93 9.31 2.07
N LEU A 111 3.80 9.30 1.09
CA LEU A 111 4.85 8.24 1.01
C LEU A 111 5.49 8.11 2.40
N ASP A 112 5.21 9.04 3.28
CA ASP A 112 5.74 8.98 4.67
C ASP A 112 7.18 8.47 4.69
N GLU A 113 8.08 9.20 4.12
CA GLU A 113 9.52 8.79 4.15
C GLU A 113 10.19 9.63 5.23
N GLN A 114 10.26 9.11 6.44
CA GLN A 114 10.87 9.87 7.55
C GLN A 114 11.37 8.91 8.64
N LYS A 115 10.48 8.42 9.47
CA LYS A 115 10.91 7.49 10.55
C LYS A 115 11.57 6.28 9.93
N GLY A 116 12.74 5.94 10.39
CA GLY A 116 13.44 4.77 9.84
C GLY A 116 13.67 3.79 10.99
N LYS A 117 14.03 4.29 12.13
CA LYS A 117 14.28 3.40 13.31
C LYS A 117 13.29 2.25 13.26
N ASP A 118 12.04 2.56 13.34
CA ASP A 118 10.98 1.51 13.27
C ASP A 118 10.37 1.58 11.87
N LYS A 119 10.92 0.86 10.93
CA LYS A 119 10.40 0.87 9.52
C LYS A 119 8.87 0.90 9.50
N GLN A 120 8.30 0.94 8.34
CA GLN A 120 6.81 0.96 8.27
C GLN A 120 6.33 0.57 6.88
N LEU A 121 5.05 0.38 6.74
CA LEU A 121 4.47 0.06 5.41
C LEU A 121 3.36 1.07 5.16
N THR A 122 3.65 2.13 4.46
CA THR A 122 2.59 3.15 4.24
C THR A 122 1.55 2.60 3.29
N LEU A 123 0.34 2.52 3.74
CA LEU A 123 -0.75 2.01 2.87
C LEU A 123 -1.47 3.21 2.28
N ILE A 124 -1.96 3.11 1.08
CA ILE A 124 -2.69 4.26 0.49
C ILE A 124 -3.90 3.76 -0.27
N THR A 125 -5.05 4.20 0.14
CA THR A 125 -6.29 3.80 -0.55
C THR A 125 -7.14 5.04 -0.70
N CYS A 126 -7.36 5.44 -1.90
CA CYS A 126 -8.16 6.69 -2.11
C CYS A 126 -9.65 6.42 -1.92
N ASP A 127 -10.41 7.44 -1.63
CA ASP A 127 -11.87 7.28 -1.41
C ASP A 127 -12.54 8.66 -1.43
N ASP A 128 -13.70 8.78 -0.85
CA ASP A 128 -14.39 10.11 -0.85
C ASP A 128 -14.48 10.64 -2.28
N TYR A 129 -15.03 9.86 -3.18
CA TYR A 129 -15.14 10.32 -4.59
C TYR A 129 -16.12 11.48 -4.71
N ASN A 130 -15.74 12.47 -5.44
CA ASN A 130 -16.63 13.63 -5.64
C ASN A 130 -17.26 13.50 -7.02
N GLU A 131 -18.47 13.94 -7.15
CA GLU A 131 -19.15 13.85 -8.46
C GLU A 131 -19.30 15.25 -9.01
N LYS A 132 -19.08 16.23 -8.18
CA LYS A 132 -19.18 17.64 -8.65
C LYS A 132 -17.84 18.04 -9.28
N THR A 133 -16.77 17.90 -8.55
CA THR A 133 -15.44 18.28 -9.09
C THR A 133 -14.82 17.09 -9.84
N GLY A 134 -15.54 16.00 -9.94
CA GLY A 134 -15.02 14.81 -10.68
C GLY A 134 -13.67 14.33 -10.13
N VAL A 135 -13.44 14.46 -8.86
CA VAL A 135 -12.13 13.98 -8.31
C VAL A 135 -12.29 13.54 -6.86
N TRP A 136 -11.30 12.88 -6.35
CA TRP A 136 -11.38 12.39 -4.94
C TRP A 136 -10.95 13.52 -4.01
N GLU A 137 -11.82 13.93 -3.13
CA GLU A 137 -11.49 15.06 -2.22
C GLU A 137 -10.53 14.62 -1.10
N LYS A 138 -10.95 13.69 -0.28
CA LYS A 138 -10.07 13.24 0.84
C LYS A 138 -9.23 12.04 0.43
N ARG A 139 -8.08 11.88 1.05
CA ARG A 139 -7.20 10.71 0.73
C ARG A 139 -7.04 9.89 2.01
N LYS A 140 -7.04 8.58 1.88
CA LYS A 140 -6.93 7.69 3.07
C LYS A 140 -5.63 6.90 3.03
N ILE A 141 -4.79 7.03 4.05
CA ILE A 141 -3.51 6.26 4.03
C ILE A 141 -3.16 5.76 5.45
N PHE A 142 -3.06 4.48 5.60
CA PHE A 142 -2.75 3.89 6.95
C PHE A 142 -1.25 3.57 7.03
N VAL A 143 -0.61 3.90 8.12
CA VAL A 143 0.84 3.56 8.27
C VAL A 143 0.95 2.31 9.12
N ALA A 144 1.70 1.33 8.69
CA ALA A 144 1.86 0.09 9.49
C ALA A 144 3.32 -0.02 9.94
N THR A 145 3.55 -0.27 11.21
CA THR A 145 4.94 -0.37 11.69
C THR A 145 5.47 -1.80 11.56
N GLU A 146 6.62 -1.91 10.98
CA GLU A 146 7.22 -3.27 10.81
C GLU A 146 7.22 -3.98 12.16
N VAL A 147 6.80 -5.22 12.19
CA VAL A 147 6.73 -5.95 13.48
C VAL A 147 7.38 -7.32 13.34
N LYS A 148 7.62 -7.95 14.44
CA LYS A 148 8.25 -9.30 14.43
C LYS A 148 7.59 -10.18 15.49
N LEU B 2 -0.04 12.20 -4.05
CA LEU B 2 -0.37 10.84 -3.52
C LEU B 2 -1.00 9.99 -4.63
N PRO B 3 -0.30 8.98 -5.12
CA PRO B 3 -0.83 8.11 -6.21
C PRO B 3 -2.26 7.60 -5.95
N ALA B 4 -2.66 6.60 -6.68
CA ALA B 4 -4.03 6.05 -6.51
C ALA B 4 -5.06 7.18 -6.48
N MET A 1 18.44 -20.84 3.96
CA MET A 1 19.27 -20.01 3.04
C MET A 1 18.53 -18.69 2.75
N GLN A 2 19.07 -17.60 3.23
CA GLN A 2 18.42 -16.28 3.00
C GLN A 2 18.34 -16.01 1.49
N ALA A 3 17.15 -15.99 0.94
CA ALA A 3 17.02 -15.72 -0.52
C ALA A 3 17.51 -14.31 -0.82
N LYS A 4 17.27 -13.84 -2.01
CA LYS A 4 17.74 -12.47 -2.37
C LYS A 4 16.76 -11.83 -3.36
N PRO A 5 15.70 -11.25 -2.85
CA PRO A 5 14.67 -10.59 -3.69
C PRO A 5 15.10 -9.17 -4.07
N GLN A 6 14.83 -8.77 -5.28
CA GLN A 6 15.23 -7.40 -5.71
C GLN A 6 14.32 -6.93 -6.84
N ILE A 7 13.92 -5.68 -6.82
CA ILE A 7 13.04 -5.16 -7.91
C ILE A 7 13.66 -5.59 -9.26
N PRO A 8 13.07 -6.53 -9.95
CA PRO A 8 13.60 -7.01 -11.25
C PRO A 8 13.14 -6.17 -12.43
N LYS A 9 13.39 -6.61 -13.63
CA LYS A 9 12.96 -5.85 -14.82
C LYS A 9 11.56 -6.31 -15.23
N ASP A 10 11.06 -7.35 -14.64
CA ASP A 10 9.70 -7.83 -14.99
C ASP A 10 8.66 -6.90 -14.36
N LYS A 11 8.71 -5.68 -14.81
CA LYS A 11 7.67 -4.71 -14.27
C LYS A 11 6.30 -5.44 -14.31
N SER A 12 6.30 -6.52 -15.03
CA SER A 12 5.05 -7.34 -15.15
C SER A 12 4.91 -8.35 -13.98
N LYS A 13 5.92 -8.52 -13.17
CA LYS A 13 5.81 -9.53 -12.05
C LYS A 13 5.39 -8.89 -10.73
N VAL A 14 4.58 -9.58 -9.97
CA VAL A 14 4.23 -9.07 -8.63
C VAL A 14 5.51 -9.19 -7.81
N ALA A 15 5.90 -8.20 -7.07
CA ALA A 15 7.16 -8.37 -6.29
C ALA A 15 6.82 -9.16 -5.04
N GLY A 16 5.55 -9.26 -4.76
CA GLY A 16 5.12 -10.02 -3.57
C GLY A 16 3.61 -9.85 -3.38
N TYR A 17 3.14 -10.02 -2.20
CA TYR A 17 1.68 -9.92 -1.95
C TYR A 17 1.39 -9.24 -0.62
N ILE A 18 0.15 -8.93 -0.40
CA ILE A 18 -0.22 -8.20 0.85
C ILE A 18 -1.60 -8.66 1.31
N GLU A 19 -1.80 -8.80 2.59
CA GLU A 19 -3.14 -9.23 3.09
C GLU A 19 -3.36 -8.71 4.51
N ILE A 20 -4.58 -8.74 4.96
CA ILE A 20 -4.87 -8.27 6.33
C ILE A 20 -6.05 -9.12 6.87
N PRO A 21 -5.87 -9.84 7.95
CA PRO A 21 -6.94 -10.70 8.51
C PRO A 21 -8.08 -9.90 9.14
N ASP A 22 -7.78 -8.87 9.87
CA ASP A 22 -8.85 -8.02 10.47
C ASP A 22 -9.63 -7.30 9.36
N ALA A 23 -9.04 -7.18 8.19
CA ALA A 23 -9.73 -6.48 7.06
C ALA A 23 -10.18 -7.53 6.04
N ASP A 24 -9.61 -8.70 6.09
CA ASP A 24 -10.03 -9.78 5.14
C ASP A 24 -9.66 -9.42 3.69
N ILE A 25 -8.43 -9.06 3.43
CA ILE A 25 -8.05 -8.70 2.03
C ILE A 25 -6.76 -9.42 1.64
N LYS A 26 -6.56 -9.68 0.37
CA LYS A 26 -5.33 -10.38 -0.10
C LYS A 26 -5.11 -10.03 -1.58
N GLU A 27 -4.09 -9.28 -1.87
CA GLU A 27 -3.83 -8.89 -3.29
C GLU A 27 -2.33 -8.90 -3.57
N PRO A 28 -1.95 -8.88 -4.82
CA PRO A 28 -0.51 -8.89 -5.24
C PRO A 28 0.18 -7.54 -5.05
N VAL A 29 1.48 -7.53 -5.18
CA VAL A 29 2.26 -6.26 -5.01
C VAL A 29 3.11 -6.02 -6.27
N TYR A 30 2.65 -5.18 -7.17
CA TYR A 30 3.44 -4.92 -8.42
C TYR A 30 4.39 -3.73 -8.21
N PRO A 31 5.48 -3.69 -8.93
CA PRO A 31 6.48 -2.59 -8.82
C PRO A 31 5.89 -1.19 -9.09
N GLY A 32 6.39 -0.21 -8.40
CA GLY A 32 5.90 1.19 -8.59
C GLY A 32 6.08 1.59 -10.06
N PRO A 33 5.52 2.71 -10.44
CA PRO A 33 4.71 3.60 -9.57
C PRO A 33 3.22 3.31 -9.67
N ALA A 34 2.43 3.87 -8.80
CA ALA A 34 0.96 3.61 -8.83
C ALA A 34 0.30 4.32 -10.03
N THR A 35 1.00 4.50 -11.11
CA THR A 35 0.37 5.19 -12.28
C THR A 35 -0.57 4.20 -12.97
N PRO A 36 -1.60 4.70 -13.60
CA PRO A 36 -2.59 3.85 -14.31
C PRO A 36 -1.94 2.63 -14.97
N GLU A 37 -0.80 2.81 -15.58
CA GLU A 37 -0.12 1.66 -16.22
C GLU A 37 -0.02 0.51 -15.22
N GLN A 38 0.56 0.74 -14.08
CA GLN A 38 0.67 -0.33 -13.06
C GLN A 38 -0.68 -0.57 -12.39
N LEU A 39 -1.35 0.48 -11.97
CA LEU A 39 -2.66 0.32 -11.30
C LEU A 39 -3.53 -0.68 -12.07
N ASN A 40 -3.13 -1.04 -13.27
CA ASN A 40 -3.91 -2.03 -14.06
C ASN A 40 -3.71 -3.42 -13.47
N ARG A 41 -2.55 -3.64 -12.93
CA ARG A 41 -2.23 -4.97 -12.34
C ARG A 41 -2.76 -5.04 -10.90
N GLY A 42 -2.32 -4.15 -10.05
CA GLY A 42 -2.80 -4.18 -8.63
C GLY A 42 -2.15 -3.04 -7.84
N VAL A 43 -2.15 -3.16 -6.53
CA VAL A 43 -1.54 -2.09 -5.69
C VAL A 43 -0.05 -1.97 -6.02
N SER A 44 0.33 -0.91 -6.69
CA SER A 44 1.77 -0.73 -7.04
C SER A 44 2.48 0.10 -5.97
N PHE A 45 3.79 0.04 -5.93
CA PHE A 45 4.53 0.85 -4.92
C PHE A 45 4.28 2.32 -5.23
N ALA A 46 3.79 3.04 -4.28
CA ALA A 46 3.50 4.49 -4.50
C ALA A 46 4.62 5.15 -5.31
N GLU A 47 5.77 4.55 -5.38
CA GLU A 47 6.87 5.18 -6.18
C GLU A 47 7.65 4.12 -6.95
N GLU A 48 8.15 4.48 -8.10
CA GLU A 48 8.90 3.52 -8.94
C GLU A 48 10.10 2.95 -8.18
N ASN A 49 11.06 3.75 -7.81
CA ASN A 49 12.28 3.19 -7.16
C ASN A 49 12.09 2.85 -5.69
N GLU A 50 10.93 2.40 -5.29
CA GLU A 50 10.74 2.07 -3.85
C GLU A 50 11.75 0.97 -3.48
N SER A 51 12.19 0.93 -2.25
CA SER A 51 13.19 -0.10 -1.86
C SER A 51 12.52 -1.24 -1.11
N LEU A 52 12.73 -2.43 -1.57
CA LEU A 52 12.12 -3.62 -0.92
C LEU A 52 12.62 -3.68 0.53
N ASP A 53 13.48 -2.78 0.91
CA ASP A 53 14.01 -2.79 2.31
C ASP A 53 13.96 -1.36 2.87
N ASP A 54 13.15 -0.51 2.32
CA ASP A 54 13.05 0.90 2.81
C ASP A 54 12.42 0.93 4.21
N GLN A 55 12.92 1.77 5.07
CA GLN A 55 12.31 1.88 6.42
C GLN A 55 10.90 2.43 6.24
N ASN A 56 10.57 2.81 5.05
CA ASN A 56 9.23 3.36 4.75
C ASN A 56 8.82 2.91 3.36
N ILE A 57 8.13 1.80 3.28
CA ILE A 57 7.71 1.28 1.95
C ILE A 57 6.25 1.67 1.71
N SER A 58 6.01 2.52 0.74
CA SER A 58 4.61 2.96 0.48
C SER A 58 3.98 2.17 -0.66
N ILE A 59 2.69 1.94 -0.56
CA ILE A 59 1.95 1.20 -1.61
C ILE A 59 0.62 1.92 -1.83
N ALA A 60 0.02 1.81 -3.00
CA ALA A 60 -1.27 2.52 -3.21
C ALA A 60 -2.23 1.70 -4.07
N GLY A 61 -3.49 2.01 -4.00
CA GLY A 61 -4.50 1.27 -4.79
C GLY A 61 -5.85 2.00 -4.79
N HIS A 62 -6.56 1.94 -5.87
CA HIS A 62 -7.90 2.59 -5.96
C HIS A 62 -8.90 1.84 -5.08
N THR A 63 -10.02 2.44 -4.79
CA THR A 63 -11.04 1.77 -3.94
C THR A 63 -12.33 1.59 -4.76
N PHE A 64 -13.14 0.63 -4.41
CA PHE A 64 -14.40 0.42 -5.17
C PHE A 64 -15.59 0.75 -4.29
N ILE A 65 -16.46 1.58 -4.76
CA ILE A 65 -17.66 1.94 -3.97
C ILE A 65 -18.65 0.78 -4.06
N ASP A 66 -18.73 0.19 -5.22
CA ASP A 66 -19.68 -0.94 -5.41
C ASP A 66 -18.93 -2.28 -5.35
N ARG A 67 -17.82 -2.35 -4.68
CA ARG A 67 -17.07 -3.64 -4.63
C ARG A 67 -16.13 -3.68 -3.42
N PRO A 68 -16.52 -4.33 -2.34
CA PRO A 68 -15.68 -4.43 -1.13
C PRO A 68 -14.58 -5.48 -1.25
N ASN A 69 -14.73 -6.40 -2.17
CA ASN A 69 -13.68 -7.45 -2.36
C ASN A 69 -12.65 -6.97 -3.37
N TYR A 70 -12.49 -5.68 -3.50
CA TYR A 70 -11.51 -5.13 -4.47
C TYR A 70 -10.12 -5.04 -3.82
N GLN A 71 -9.32 -4.08 -4.23
CA GLN A 71 -7.96 -3.94 -3.65
C GLN A 71 -8.04 -3.53 -2.17
N PHE A 72 -8.06 -2.25 -1.90
CA PHE A 72 -8.13 -1.79 -0.49
C PHE A 72 -9.49 -1.16 -0.19
N THR A 73 -10.55 -1.73 -0.70
CA THR A 73 -11.90 -1.17 -0.43
C THR A 73 -12.36 -1.61 0.97
N ASN A 74 -11.97 -2.79 1.36
CA ASN A 74 -12.38 -3.31 2.71
C ASN A 74 -11.44 -2.78 3.79
N LEU A 75 -10.56 -1.89 3.44
CA LEU A 75 -9.60 -1.35 4.45
C LEU A 75 -10.32 -0.46 5.47
N LYS A 76 -11.16 0.44 5.01
CA LYS A 76 -11.87 1.34 5.96
C LYS A 76 -12.35 0.56 7.18
N ALA A 77 -12.41 -0.75 7.07
CA ALA A 77 -12.87 -1.55 8.24
C ALA A 77 -11.69 -1.83 9.16
N ALA A 78 -10.51 -1.98 8.61
CA ALA A 78 -9.32 -2.29 9.46
C ALA A 78 -8.75 -1.03 10.11
N LYS A 79 -8.11 -1.20 11.23
CA LYS A 79 -7.54 -0.03 11.95
C LYS A 79 -6.40 -0.45 12.86
N LYS A 80 -6.03 0.40 13.78
CA LYS A 80 -4.94 0.07 14.72
C LYS A 80 -5.11 -1.35 15.29
N GLY A 81 -4.23 -1.74 16.15
CA GLY A 81 -4.32 -3.11 16.76
C GLY A 81 -4.60 -4.16 15.69
N SER A 82 -4.57 -3.81 14.42
CA SER A 82 -4.82 -4.82 13.36
C SER A 82 -3.48 -5.34 12.85
N MET A 83 -3.36 -6.64 12.71
CA MET A 83 -2.07 -7.21 12.22
C MET A 83 -2.03 -7.14 10.69
N VAL A 84 -0.87 -6.91 10.12
CA VAL A 84 -0.75 -6.83 8.64
C VAL A 84 0.40 -7.75 8.18
N TYR A 85 0.17 -8.57 7.17
CA TYR A 85 1.24 -9.51 6.71
C TYR A 85 1.72 -9.17 5.30
N PHE A 86 3.01 -9.22 5.09
CA PHE A 86 3.57 -8.89 3.74
C PHE A 86 4.38 -10.07 3.19
N LYS A 87 3.84 -10.76 2.20
CA LYS A 87 4.57 -11.92 1.62
C LYS A 87 5.33 -11.50 0.35
N VAL A 88 6.59 -11.82 0.28
CA VAL A 88 7.41 -11.48 -0.92
C VAL A 88 8.38 -12.65 -1.16
N GLY A 89 8.66 -13.01 -2.38
CA GLY A 89 9.61 -14.13 -2.63
C GLY A 89 9.22 -15.30 -1.71
N ASN A 90 10.17 -15.90 -1.07
CA ASN A 90 9.85 -17.03 -0.16
C ASN A 90 9.89 -16.51 1.28
N GLU A 91 9.84 -15.21 1.45
CA GLU A 91 9.90 -14.63 2.81
C GLU A 91 8.58 -13.94 3.18
N THR A 92 8.25 -13.97 4.43
CA THR A 92 6.98 -13.33 4.90
C THR A 92 7.28 -12.42 6.09
N ARG A 93 7.26 -11.13 5.86
CA ARG A 93 7.53 -10.19 6.98
C ARG A 93 6.22 -9.91 7.70
N LYS A 94 6.20 -9.03 8.65
CA LYS A 94 4.92 -8.74 9.36
C LYS A 94 4.88 -7.29 9.80
N TYR A 95 3.71 -6.71 9.79
CA TYR A 95 3.55 -5.30 10.23
C TYR A 95 2.28 -5.22 11.07
N LYS A 96 2.09 -4.14 11.76
CA LYS A 96 0.85 -3.99 12.58
C LYS A 96 0.40 -2.54 12.51
N MET A 97 -0.79 -2.27 12.06
CA MET A 97 -1.26 -0.86 11.94
C MET A 97 -0.98 -0.08 13.21
N THR A 98 0.01 0.76 13.13
CA THR A 98 0.39 1.57 14.31
C THR A 98 -0.01 3.03 14.10
N SER A 99 -0.16 3.45 12.88
CA SER A 99 -0.52 4.89 12.66
C SER A 99 -1.25 5.08 11.33
N ILE A 100 -2.11 6.07 11.29
CA ILE A 100 -2.88 6.34 10.05
C ILE A 100 -3.31 7.81 10.00
N ARG A 101 -3.37 8.35 8.82
CA ARG A 101 -3.76 9.78 8.68
C ARG A 101 -4.47 9.99 7.34
N ASP A 102 -4.93 11.17 7.09
CA ASP A 102 -5.64 11.46 5.82
C ASP A 102 -5.31 12.88 5.37
N VAL A 103 -5.52 13.18 4.13
CA VAL A 103 -5.21 14.56 3.64
C VAL A 103 -5.78 14.75 2.23
N LYS A 104 -5.84 15.97 1.77
CA LYS A 104 -6.38 16.25 0.42
C LYS A 104 -5.59 15.40 -0.61
N PRO A 105 -5.95 15.47 -1.87
CA PRO A 105 -5.26 14.69 -2.94
C PRO A 105 -4.02 15.41 -3.46
N THR A 106 -3.23 15.96 -2.58
CA THR A 106 -2.00 16.69 -3.02
C THR A 106 -0.92 16.64 -1.93
N ASP A 107 -1.29 16.27 -0.73
CA ASP A 107 -0.29 16.22 0.38
C ASP A 107 0.63 15.01 0.18
N VAL A 108 1.35 14.99 -0.91
CA VAL A 108 2.24 13.84 -1.21
C VAL A 108 2.92 13.37 0.09
N GLY A 109 3.18 14.27 0.99
CA GLY A 109 3.84 13.87 2.27
C GLY A 109 3.21 12.58 2.81
N VAL A 110 2.07 12.18 2.31
CA VAL A 110 1.45 10.92 2.81
C VAL A 110 2.49 9.80 2.71
N LEU A 111 3.29 9.80 1.68
CA LEU A 111 4.32 8.72 1.53
C LEU A 111 5.11 8.63 2.83
N ASP A 112 4.85 9.53 3.76
CA ASP A 112 5.53 9.51 5.08
C ASP A 112 6.98 9.05 4.96
N GLU A 113 7.63 9.29 3.85
CA GLU A 113 9.05 8.86 3.74
C GLU A 113 9.88 9.72 4.68
N GLN A 114 10.12 9.23 5.88
CA GLN A 114 10.92 9.99 6.87
C GLN A 114 11.11 9.13 8.13
N LYS A 115 10.04 8.70 8.73
CA LYS A 115 10.17 7.83 9.93
C LYS A 115 10.84 6.53 9.53
N GLY A 116 11.83 6.12 10.24
CA GLY A 116 12.52 4.86 9.89
C GLY A 116 12.74 4.06 11.17
N LYS A 117 13.09 4.75 12.25
CA LYS A 117 13.32 4.05 13.56
C LYS A 117 12.51 2.76 13.59
N ASP A 118 11.22 2.89 13.57
CA ASP A 118 10.34 1.69 13.56
C ASP A 118 9.84 1.53 12.12
N LYS A 119 10.66 0.98 11.25
CA LYS A 119 10.30 0.79 9.80
C LYS A 119 8.79 0.67 9.63
N GLN A 120 8.30 0.88 8.44
CA GLN A 120 6.82 0.77 8.28
C GLN A 120 6.42 0.54 6.83
N LEU A 121 5.16 0.32 6.62
CA LEU A 121 4.63 0.12 5.25
C LEU A 121 3.49 1.11 5.05
N THR A 122 3.74 2.22 4.41
CA THR A 122 2.65 3.22 4.22
C THR A 122 1.62 2.70 3.23
N LEU A 123 0.40 2.61 3.67
CA LEU A 123 -0.69 2.13 2.78
C LEU A 123 -1.40 3.35 2.20
N ILE A 124 -1.87 3.28 0.98
CA ILE A 124 -2.59 4.45 0.41
C ILE A 124 -3.80 3.95 -0.36
N THR A 125 -4.96 4.22 0.15
CA THR A 125 -6.20 3.80 -0.54
C THR A 125 -7.09 5.03 -0.63
N CYS A 126 -7.31 5.51 -1.81
CA CYS A 126 -8.13 6.76 -1.94
C CYS A 126 -9.62 6.46 -1.79
N ASP A 127 -10.41 7.48 -1.57
CA ASP A 127 -11.88 7.28 -1.40
C ASP A 127 -12.59 8.63 -1.52
N ASP A 128 -13.71 8.79 -0.87
CA ASP A 128 -14.45 10.09 -0.95
C ASP A 128 -14.56 10.50 -2.42
N TYR A 129 -15.12 9.65 -3.24
CA TYR A 129 -15.25 9.99 -4.69
C TYR A 129 -16.22 11.14 -4.87
N ASN A 130 -15.85 12.09 -5.68
CA ASN A 130 -16.74 13.23 -5.95
C ASN A 130 -17.39 13.00 -7.30
N GLU A 131 -18.60 13.43 -7.46
CA GLU A 131 -19.30 13.23 -8.75
C GLU A 131 -19.48 14.59 -9.42
N LYS A 132 -19.23 15.64 -8.69
CA LYS A 132 -19.35 17.00 -9.27
C LYS A 132 -18.06 17.35 -10.01
N THR A 133 -16.94 17.21 -9.34
CA THR A 133 -15.63 17.52 -9.99
C THR A 133 -15.10 16.26 -10.66
N GLY A 134 -15.68 15.12 -10.38
CA GLY A 134 -15.23 13.85 -11.02
C GLY A 134 -13.86 13.40 -10.48
N VAL A 135 -13.57 13.66 -9.23
CA VAL A 135 -12.26 13.22 -8.69
C VAL A 135 -12.40 12.87 -7.20
N TRP A 136 -11.37 12.30 -6.65
CA TRP A 136 -11.41 11.91 -5.21
C TRP A 136 -11.03 13.12 -4.34
N GLU A 137 -11.88 13.53 -3.46
CA GLU A 137 -11.57 14.71 -2.60
C GLU A 137 -10.66 14.32 -1.44
N LYS A 138 -11.09 13.43 -0.58
CA LYS A 138 -10.24 13.04 0.58
C LYS A 138 -9.40 11.81 0.25
N ARG A 139 -8.32 11.63 0.96
CA ARG A 139 -7.43 10.45 0.71
C ARG A 139 -7.23 9.69 2.02
N LYS A 140 -7.20 8.39 1.95
CA LYS A 140 -7.02 7.56 3.18
C LYS A 140 -5.69 6.80 3.10
N ILE A 141 -4.81 6.99 4.05
CA ILE A 141 -3.50 6.26 4.02
C ILE A 141 -3.14 5.76 5.42
N PHE A 142 -3.03 4.47 5.56
CA PHE A 142 -2.72 3.86 6.89
C PHE A 142 -1.22 3.51 6.96
N VAL A 143 -0.57 3.81 8.05
CA VAL A 143 0.87 3.43 8.18
C VAL A 143 0.98 2.18 9.04
N ALA A 144 1.72 1.21 8.60
CA ALA A 144 1.88 -0.05 9.40
C ALA A 144 3.35 -0.17 9.81
N THR A 145 3.62 -0.43 11.06
CA THR A 145 5.04 -0.54 11.49
C THR A 145 5.54 -1.98 11.31
N GLU A 146 6.69 -2.10 10.70
CA GLU A 146 7.25 -3.46 10.51
C GLU A 146 7.28 -4.17 11.85
N VAL A 147 6.87 -5.41 11.88
CA VAL A 147 6.85 -6.15 13.17
C VAL A 147 7.50 -7.52 13.01
N LYS A 148 7.74 -8.17 14.10
CA LYS A 148 8.38 -9.52 14.07
C LYS A 148 7.58 -10.48 14.95
N LEU B 2 0.71 13.00 -4.43
CA LEU B 2 0.57 11.57 -4.03
C LEU B 2 0.24 10.74 -5.27
N PRO B 3 0.73 9.52 -5.34
CA PRO B 3 0.48 8.63 -6.52
C PRO B 3 -0.96 8.10 -6.55
N ALA B 4 -1.32 7.39 -7.58
CA ALA B 4 -2.70 6.85 -7.67
C ALA B 4 -3.71 7.99 -7.52
N MET A 1 22.78 -14.09 4.26
CA MET A 1 22.13 -15.41 3.97
C MET A 1 20.62 -15.23 3.92
N GLN A 2 20.11 -14.15 4.46
CA GLN A 2 18.64 -13.93 4.44
C GLN A 2 18.16 -13.89 2.98
N ALA A 3 16.89 -13.69 2.77
CA ALA A 3 16.38 -13.65 1.37
C ALA A 3 17.00 -12.45 0.64
N LYS A 4 17.05 -12.49 -0.65
CA LYS A 4 17.66 -11.36 -1.41
C LYS A 4 16.87 -11.11 -2.69
N PRO A 5 15.68 -10.59 -2.55
CA PRO A 5 14.79 -10.26 -3.70
C PRO A 5 15.12 -8.90 -4.28
N GLN A 6 14.85 -8.67 -5.53
CA GLN A 6 15.16 -7.34 -6.13
C GLN A 6 14.23 -7.06 -7.31
N ILE A 7 13.35 -6.10 -7.16
CA ILE A 7 12.44 -5.75 -8.28
C ILE A 7 13.25 -5.74 -9.58
N PRO A 8 13.13 -6.76 -10.41
CA PRO A 8 13.89 -6.86 -11.67
C PRO A 8 13.22 -6.14 -12.85
N LYS A 9 13.51 -6.57 -14.06
CA LYS A 9 12.89 -5.91 -15.23
C LYS A 9 11.49 -6.49 -15.45
N ASP A 10 11.14 -7.49 -14.69
CA ASP A 10 9.79 -8.09 -14.84
C ASP A 10 8.77 -7.14 -14.21
N LYS A 11 8.85 -5.91 -14.61
CA LYS A 11 7.84 -4.95 -14.05
C LYS A 11 6.45 -5.61 -14.21
N SER A 12 6.45 -6.63 -15.02
CA SER A 12 5.18 -7.37 -15.26
C SER A 12 4.95 -8.44 -14.17
N LYS A 13 5.92 -8.65 -13.32
CA LYS A 13 5.76 -9.69 -12.24
C LYS A 13 5.34 -9.05 -10.93
N VAL A 14 4.47 -9.67 -10.20
CA VAL A 14 4.13 -9.15 -8.86
C VAL A 14 5.40 -9.29 -8.03
N ALA A 15 5.72 -8.37 -7.17
CA ALA A 15 6.95 -8.57 -6.39
C ALA A 15 6.56 -9.46 -5.22
N GLY A 16 5.29 -9.58 -5.01
CA GLY A 16 4.78 -10.43 -3.92
C GLY A 16 3.31 -10.15 -3.69
N TYR A 17 2.85 -10.32 -2.49
CA TYR A 17 1.42 -10.10 -2.19
C TYR A 17 1.27 -9.50 -0.80
N ILE A 18 0.07 -9.16 -0.44
CA ILE A 18 -0.16 -8.55 0.87
C ILE A 18 -1.56 -8.91 1.36
N GLU A 19 -1.75 -9.05 2.64
CA GLU A 19 -3.09 -9.41 3.16
C GLU A 19 -3.29 -8.79 4.53
N ILE A 20 -4.51 -8.69 4.96
CA ILE A 20 -4.80 -8.08 6.30
C ILE A 20 -5.98 -8.84 6.93
N PRO A 21 -5.70 -9.84 7.73
CA PRO A 21 -6.75 -10.68 8.39
C PRO A 21 -7.87 -9.86 9.05
N ASP A 22 -7.55 -8.86 9.80
CA ASP A 22 -8.61 -8.02 10.44
C ASP A 22 -9.43 -7.28 9.39
N ALA A 23 -8.91 -7.14 8.19
CA ALA A 23 -9.66 -6.44 7.12
C ALA A 23 -10.16 -7.47 6.10
N ASP A 24 -9.58 -8.64 6.12
CA ASP A 24 -10.02 -9.72 5.18
C ASP A 24 -9.63 -9.37 3.75
N ILE A 25 -8.39 -9.01 3.50
CA ILE A 25 -7.98 -8.65 2.12
C ILE A 25 -6.74 -9.45 1.71
N LYS A 26 -6.56 -9.69 0.44
CA LYS A 26 -5.38 -10.45 -0.06
C LYS A 26 -5.20 -10.11 -1.54
N GLU A 27 -4.17 -9.38 -1.86
CA GLU A 27 -3.94 -8.98 -3.29
C GLU A 27 -2.44 -9.04 -3.63
N PRO A 28 -2.11 -8.90 -4.90
CA PRO A 28 -0.70 -8.95 -5.37
C PRO A 28 0.06 -7.62 -5.20
N VAL A 29 1.36 -7.68 -5.20
CA VAL A 29 2.18 -6.45 -5.04
C VAL A 29 2.98 -6.18 -6.32
N TYR A 30 2.54 -5.28 -7.17
CA TYR A 30 3.31 -4.99 -8.42
C TYR A 30 4.28 -3.83 -8.17
N PRO A 31 5.35 -3.77 -8.92
CA PRO A 31 6.37 -2.69 -8.77
C PRO A 31 5.82 -1.28 -9.04
N GLY A 32 6.33 -0.31 -8.33
CA GLY A 32 5.89 1.10 -8.53
C GLY A 32 6.06 1.48 -10.00
N PRO A 33 5.47 2.56 -10.43
CA PRO A 33 4.66 3.45 -9.58
C PRO A 33 3.16 3.12 -9.66
N ALA A 34 2.38 3.67 -8.78
CA ALA A 34 0.91 3.39 -8.78
C ALA A 34 0.25 4.05 -10.00
N THR A 35 0.94 4.23 -11.07
CA THR A 35 0.32 4.88 -12.26
C THR A 35 -0.63 3.88 -12.93
N PRO A 36 -1.65 4.38 -13.59
CA PRO A 36 -2.66 3.52 -14.28
C PRO A 36 -2.03 2.26 -14.89
N GLU A 37 -0.89 2.39 -15.50
CA GLU A 37 -0.24 1.20 -16.10
C GLU A 37 -0.12 0.11 -15.04
N GLN A 38 0.47 0.41 -13.92
CA GLN A 38 0.61 -0.62 -12.85
C GLN A 38 -0.74 -0.86 -12.19
N LEU A 39 -1.39 0.19 -11.75
CA LEU A 39 -2.71 0.03 -11.07
C LEU A 39 -3.59 -0.93 -11.88
N ASN A 40 -3.18 -1.26 -13.07
CA ASN A 40 -3.97 -2.18 -13.93
C ASN A 40 -3.82 -3.62 -13.43
N ARG A 41 -2.75 -3.90 -12.74
CA ARG A 41 -2.52 -5.29 -12.24
C ARG A 41 -2.84 -5.38 -10.74
N GLY A 42 -2.25 -4.54 -9.94
CA GLY A 42 -2.54 -4.61 -8.47
C GLY A 42 -1.94 -3.41 -7.76
N VAL A 43 -2.13 -3.34 -6.46
CA VAL A 43 -1.58 -2.19 -5.69
C VAL A 43 -0.08 -2.07 -5.97
N SER A 44 0.33 -1.02 -6.63
CA SER A 44 1.77 -0.86 -6.94
C SER A 44 2.49 -0.05 -5.87
N PHE A 45 3.80 -0.04 -5.90
CA PHE A 45 4.55 0.76 -4.91
C PHE A 45 4.33 2.24 -5.22
N ALA A 46 3.80 2.97 -4.27
CA ALA A 46 3.51 4.41 -4.50
C ALA A 46 4.65 5.09 -5.27
N GLU A 47 5.80 4.48 -5.33
CA GLU A 47 6.93 5.13 -6.07
C GLU A 47 7.70 4.09 -6.89
N GLU A 48 8.22 4.51 -8.01
CA GLU A 48 8.98 3.58 -8.89
C GLU A 48 10.16 2.97 -8.14
N ASN A 49 11.12 3.75 -7.73
CA ASN A 49 12.33 3.16 -7.09
C ASN A 49 12.11 2.75 -5.64
N GLU A 50 10.94 2.30 -5.28
CA GLU A 50 10.73 1.88 -3.85
C GLU A 50 11.72 0.77 -3.54
N SER A 51 12.16 0.64 -2.32
CA SER A 51 13.15 -0.42 -1.99
C SER A 51 12.48 -1.62 -1.33
N LEU A 52 12.97 -2.79 -1.62
CA LEU A 52 12.40 -4.02 -1.02
C LEU A 52 12.59 -3.96 0.50
N ASP A 53 13.54 -3.18 0.94
CA ASP A 53 13.80 -3.07 2.39
C ASP A 53 13.93 -1.60 2.77
N ASP A 54 13.11 -0.76 2.21
CA ASP A 54 13.16 0.69 2.52
C ASP A 54 12.72 0.94 3.96
N GLN A 55 13.20 1.99 4.55
CA GLN A 55 12.79 2.33 5.94
C GLN A 55 11.30 2.69 5.91
N ASN A 56 10.78 2.92 4.74
CA ASN A 56 9.34 3.27 4.59
C ASN A 56 8.88 2.79 3.22
N ILE A 57 8.19 1.69 3.16
CA ILE A 57 7.72 1.19 1.83
C ILE A 57 6.26 1.60 1.61
N SER A 58 6.02 2.48 0.67
CA SER A 58 4.62 2.94 0.43
C SER A 58 3.97 2.18 -0.73
N ILE A 59 2.70 1.92 -0.63
CA ILE A 59 1.97 1.22 -1.72
C ILE A 59 0.63 1.93 -1.93
N ALA A 60 0.04 1.83 -3.10
CA ALA A 60 -1.25 2.54 -3.32
C ALA A 60 -2.22 1.71 -4.17
N GLY A 61 -3.49 2.03 -4.09
CA GLY A 61 -4.50 1.29 -4.88
C GLY A 61 -5.86 2.03 -4.86
N HIS A 62 -6.58 1.93 -5.94
CA HIS A 62 -7.92 2.59 -6.05
C HIS A 62 -8.91 1.85 -5.14
N THR A 63 -10.06 2.42 -4.90
CA THR A 63 -11.08 1.76 -4.05
C THR A 63 -12.38 1.60 -4.87
N PHE A 64 -13.23 0.68 -4.51
CA PHE A 64 -14.50 0.50 -5.27
C PHE A 64 -15.69 0.66 -4.34
N ILE A 65 -16.57 1.55 -4.69
CA ILE A 65 -17.77 1.78 -3.84
C ILE A 65 -18.74 0.62 -3.99
N ASP A 66 -18.80 0.07 -5.17
CA ASP A 66 -19.75 -1.06 -5.41
C ASP A 66 -19.08 -2.42 -5.14
N ARG A 67 -17.89 -2.44 -4.60
CA ARG A 67 -17.24 -3.77 -4.34
C ARG A 67 -16.27 -3.66 -3.16
N PRO A 68 -16.54 -4.32 -2.06
CA PRO A 68 -15.65 -4.30 -0.87
C PRO A 68 -14.50 -5.30 -0.99
N ASN A 69 -14.60 -6.25 -1.88
CA ASN A 69 -13.51 -7.25 -2.04
C ASN A 69 -12.49 -6.74 -3.06
N TYR A 70 -12.64 -5.53 -3.50
CA TYR A 70 -11.69 -4.98 -4.51
C TYR A 70 -10.29 -4.93 -3.90
N GLN A 71 -9.48 -3.98 -4.30
CA GLN A 71 -8.09 -3.89 -3.76
C GLN A 71 -8.13 -3.51 -2.28
N PHE A 72 -8.13 -2.23 -1.98
CA PHE A 72 -8.14 -1.80 -0.55
C PHE A 72 -9.49 -1.17 -0.20
N THR A 73 -10.55 -1.67 -0.73
CA THR A 73 -11.88 -1.08 -0.40
C THR A 73 -12.32 -1.54 1.00
N ASN A 74 -11.92 -2.73 1.39
CA ASN A 74 -12.33 -3.25 2.74
C ASN A 74 -11.38 -2.73 3.83
N LEU A 75 -10.49 -1.85 3.50
CA LEU A 75 -9.55 -1.33 4.54
C LEU A 75 -10.30 -0.45 5.55
N LYS A 76 -11.13 0.43 5.08
CA LYS A 76 -11.87 1.33 6.02
C LYS A 76 -12.34 0.55 7.24
N ALA A 77 -12.40 -0.76 7.14
CA ALA A 77 -12.86 -1.57 8.31
C ALA A 77 -11.68 -1.84 9.24
N ALA A 78 -10.49 -1.96 8.70
CA ALA A 78 -9.31 -2.27 9.54
C ALA A 78 -8.77 -1.02 10.24
N LYS A 79 -8.14 -1.22 11.38
CA LYS A 79 -7.62 -0.04 12.13
C LYS A 79 -6.39 -0.42 12.95
N LYS A 80 -6.03 0.43 13.88
CA LYS A 80 -4.83 0.18 14.71
C LYS A 80 -4.84 -1.26 15.23
N GLY A 81 -3.82 -1.61 15.96
CA GLY A 81 -3.72 -2.99 16.52
C GLY A 81 -4.03 -4.02 15.43
N SER A 82 -4.17 -3.61 14.20
CA SER A 82 -4.47 -4.60 13.12
C SER A 82 -3.17 -5.28 12.69
N MET A 83 -3.25 -6.53 12.33
CA MET A 83 -2.02 -7.24 11.88
C MET A 83 -1.91 -7.14 10.36
N VAL A 84 -0.84 -6.59 9.88
CA VAL A 84 -0.66 -6.44 8.40
C VAL A 84 0.48 -7.36 7.93
N TYR A 85 0.25 -8.15 6.91
CA TYR A 85 1.31 -9.10 6.43
C TYR A 85 1.88 -8.67 5.07
N PHE A 86 3.18 -8.74 4.95
CA PHE A 86 3.84 -8.32 3.67
C PHE A 86 4.63 -9.50 3.09
N LYS A 87 4.09 -10.14 2.09
CA LYS A 87 4.81 -11.29 1.46
C LYS A 87 5.61 -10.81 0.25
N VAL A 88 6.90 -11.02 0.25
CA VAL A 88 7.73 -10.57 -0.90
C VAL A 88 8.81 -11.61 -1.18
N GLY A 89 8.82 -12.21 -2.34
CA GLY A 89 9.84 -13.24 -2.64
C GLY A 89 9.44 -14.52 -1.91
N ASN A 90 10.38 -15.17 -1.29
CA ASN A 90 10.06 -16.42 -0.53
C ASN A 90 10.04 -16.07 0.95
N GLU A 91 10.01 -14.79 1.27
CA GLU A 91 10.01 -14.37 2.69
C GLU A 91 8.69 -13.63 3.02
N THR A 92 8.31 -13.69 4.27
CA THR A 92 7.05 -13.02 4.71
C THR A 92 7.32 -12.17 5.94
N ARG A 93 7.33 -10.86 5.78
CA ARG A 93 7.58 -9.98 6.95
C ARG A 93 6.26 -9.71 7.65
N LYS A 94 6.24 -8.80 8.58
CA LYS A 94 4.97 -8.52 9.29
C LYS A 94 4.92 -7.05 9.71
N TYR A 95 3.76 -6.48 9.76
CA TYR A 95 3.63 -5.05 10.15
C TYR A 95 2.40 -4.91 11.05
N LYS A 96 2.28 -3.83 11.75
CA LYS A 96 1.09 -3.64 12.63
C LYS A 96 0.66 -2.17 12.58
N MET A 97 -0.54 -1.89 12.14
CA MET A 97 -1.00 -0.47 12.04
C MET A 97 -0.67 0.34 13.30
N THR A 98 0.29 1.19 13.18
CA THR A 98 0.69 2.03 14.34
C THR A 98 0.27 3.48 14.10
N SER A 99 0.09 3.85 12.87
CA SER A 99 -0.30 5.27 12.59
C SER A 99 -1.25 5.32 11.42
N ILE A 100 -2.24 6.19 11.50
CA ILE A 100 -3.25 6.28 10.41
C ILE A 100 -3.75 7.72 10.31
N ARG A 101 -3.82 8.22 9.10
CA ARG A 101 -4.29 9.62 8.93
C ARG A 101 -4.90 9.81 7.54
N ASP A 102 -5.28 11.02 7.22
CA ASP A 102 -5.87 11.31 5.89
C ASP A 102 -5.45 12.72 5.47
N VAL A 103 -5.61 13.07 4.23
CA VAL A 103 -5.21 14.43 3.78
C VAL A 103 -5.71 14.70 2.37
N LYS A 104 -5.73 15.95 1.98
CA LYS A 104 -6.19 16.30 0.60
C LYS A 104 -5.46 15.43 -0.42
N PRO A 105 -5.87 15.48 -1.66
CA PRO A 105 -5.24 14.67 -2.74
C PRO A 105 -3.93 15.28 -3.24
N THR A 106 -3.13 15.81 -2.36
CA THR A 106 -1.84 16.42 -2.80
C THR A 106 -0.79 16.36 -1.69
N ASP A 107 -1.16 15.97 -0.49
CA ASP A 107 -0.18 15.91 0.63
C ASP A 107 0.77 14.71 0.44
N VAL A 108 1.52 14.71 -0.63
CA VAL A 108 2.44 13.57 -0.91
C VAL A 108 3.10 13.11 0.40
N GLY A 109 3.34 14.00 1.32
CA GLY A 109 3.98 13.60 2.60
C GLY A 109 3.37 12.30 3.14
N VAL A 110 2.24 11.89 2.62
CA VAL A 110 1.63 10.63 3.13
C VAL A 110 2.67 9.50 3.06
N LEU A 111 3.50 9.52 2.04
CA LEU A 111 4.54 8.46 1.91
C LEU A 111 5.31 8.36 3.24
N ASP A 112 4.99 9.24 4.16
CA ASP A 112 5.61 9.22 5.51
C ASP A 112 7.06 8.74 5.48
N GLU A 113 7.76 8.95 4.40
CA GLU A 113 9.19 8.52 4.39
C GLU A 113 9.96 9.38 5.38
N GLN A 114 10.11 8.91 6.60
CA GLN A 114 10.84 9.70 7.63
C GLN A 114 11.33 8.75 8.73
N LYS A 115 10.43 8.27 9.56
CA LYS A 115 10.85 7.34 10.65
C LYS A 115 11.46 6.09 10.04
N GLY A 116 12.64 5.74 10.45
CA GLY A 116 13.29 4.52 9.91
C GLY A 116 13.51 3.54 11.05
N LYS A 117 13.89 4.04 12.21
CA LYS A 117 14.11 3.14 13.38
C LYS A 117 13.15 1.96 13.28
N ASP A 118 11.89 2.24 13.35
CA ASP A 118 10.88 1.16 13.19
C ASP A 118 10.31 1.29 11.78
N LYS A 119 10.95 0.66 10.81
CA LYS A 119 10.50 0.75 9.40
C LYS A 119 8.97 0.75 9.32
N GLN A 120 8.42 0.90 8.14
CA GLN A 120 6.93 0.91 8.07
C GLN A 120 6.44 0.59 6.65
N LEU A 121 5.17 0.41 6.53
CA LEU A 121 4.57 0.13 5.20
C LEU A 121 3.43 1.14 4.98
N THR A 122 3.70 2.23 4.32
CA THR A 122 2.63 3.24 4.12
C THR A 122 1.60 2.73 3.12
N LEU A 123 0.38 2.65 3.55
CA LEU A 123 -0.70 2.19 2.64
C LEU A 123 -1.39 3.42 2.05
N ILE A 124 -1.86 3.35 0.85
CA ILE A 124 -2.57 4.51 0.25
C ILE A 124 -3.79 4.00 -0.51
N THR A 125 -4.95 4.36 -0.05
CA THR A 125 -6.17 3.91 -0.74
C THR A 125 -7.11 5.10 -0.81
N CYS A 126 -7.34 5.60 -1.98
CA CYS A 126 -8.20 6.81 -2.11
C CYS A 126 -9.69 6.47 -2.00
N ASP A 127 -10.51 7.47 -1.77
CA ASP A 127 -11.97 7.24 -1.63
C ASP A 127 -12.70 8.59 -1.72
N ASP A 128 -13.92 8.65 -1.23
CA ASP A 128 -14.67 9.95 -1.28
C ASP A 128 -14.70 10.46 -2.71
N TYR A 129 -15.26 9.69 -3.61
CA TYR A 129 -15.32 10.13 -5.03
C TYR A 129 -16.26 11.31 -5.18
N ASN A 130 -15.87 12.27 -5.96
CA ASN A 130 -16.72 13.46 -6.19
C ASN A 130 -17.34 13.33 -7.58
N GLU A 131 -18.55 13.79 -7.73
CA GLU A 131 -19.22 13.69 -9.03
C GLU A 131 -19.36 15.09 -9.61
N LYS A 132 -19.14 16.10 -8.82
CA LYS A 132 -19.23 17.48 -9.33
C LYS A 132 -17.91 17.85 -10.00
N THR A 133 -16.82 17.68 -9.31
CA THR A 133 -15.49 18.01 -9.90
C THR A 133 -14.94 16.76 -10.60
N GLY A 134 -15.54 15.62 -10.38
CA GLY A 134 -15.08 14.36 -11.03
C GLY A 134 -13.68 13.98 -10.52
N VAL A 135 -13.44 14.12 -9.25
CA VAL A 135 -12.10 13.75 -8.71
C VAL A 135 -12.26 13.23 -7.28
N TRP A 136 -11.28 12.53 -6.78
CA TRP A 136 -11.37 12.03 -5.39
C TRP A 136 -10.91 13.13 -4.45
N GLU A 137 -11.79 13.58 -3.59
CA GLU A 137 -11.41 14.70 -2.68
C GLU A 137 -10.69 14.18 -1.43
N LYS A 138 -11.33 13.36 -0.65
CA LYS A 138 -10.66 12.85 0.58
C LYS A 138 -9.69 11.73 0.21
N ARG A 139 -8.63 11.59 0.97
CA ARG A 139 -7.63 10.51 0.66
C ARG A 139 -7.38 9.70 1.93
N LYS A 140 -7.32 8.41 1.80
CA LYS A 140 -7.11 7.54 3.00
C LYS A 140 -5.77 6.80 2.89
N ILE A 141 -4.90 6.98 3.86
CA ILE A 141 -3.58 6.28 3.81
C ILE A 141 -3.21 5.78 5.21
N PHE A 142 -3.08 4.49 5.34
CA PHE A 142 -2.77 3.87 6.67
C PHE A 142 -1.26 3.56 6.77
N VAL A 143 -0.64 3.87 7.88
CA VAL A 143 0.82 3.54 8.03
C VAL A 143 0.96 2.34 8.96
N ALA A 144 1.86 1.45 8.67
CA ALA A 144 2.04 0.26 9.55
C ALA A 144 3.52 0.11 9.86
N THR A 145 3.86 -0.19 11.08
CA THR A 145 5.30 -0.32 11.44
C THR A 145 5.77 -1.75 11.20
N GLU A 146 6.92 -1.87 10.62
CA GLU A 146 7.45 -3.24 10.38
C GLU A 146 7.45 -4.00 11.71
N VAL A 147 7.02 -5.24 11.69
CA VAL A 147 6.96 -6.01 12.96
C VAL A 147 7.62 -7.36 12.77
N LYS A 148 7.88 -8.03 13.86
CA LYS A 148 8.53 -9.36 13.82
C LYS A 148 8.01 -10.23 14.95
N LEU B 2 0.66 12.86 -4.26
CA LEU B 2 0.64 11.43 -3.85
C LEU B 2 0.01 10.60 -4.98
N PRO B 3 0.44 9.37 -5.15
CA PRO B 3 -0.09 8.48 -6.23
C PRO B 3 -1.55 8.09 -6.02
N ALA B 4 -2.00 7.07 -6.68
CA ALA B 4 -3.42 6.64 -6.53
C ALA B 4 -4.34 7.78 -6.94
N MET A 1 22.60 -17.28 4.35
CA MET A 1 21.93 -17.86 3.16
C MET A 1 20.55 -17.21 3.00
N GLN A 2 20.34 -16.08 3.59
CA GLN A 2 19.02 -15.40 3.47
C GLN A 2 18.74 -15.11 2.00
N ALA A 3 17.49 -15.13 1.61
CA ALA A 3 17.15 -14.86 0.18
C ALA A 3 17.54 -13.42 -0.18
N LYS A 4 17.33 -13.03 -1.40
CA LYS A 4 17.69 -11.64 -1.81
C LYS A 4 16.75 -11.18 -2.93
N PRO A 5 15.60 -10.70 -2.58
CA PRO A 5 14.61 -10.20 -3.57
C PRO A 5 14.96 -8.79 -4.03
N GLN A 6 14.71 -8.48 -5.28
CA GLN A 6 15.02 -7.12 -5.78
C GLN A 6 14.13 -6.80 -6.99
N ILE A 7 13.32 -5.79 -6.89
CA ILE A 7 12.44 -5.43 -8.03
C ILE A 7 13.28 -5.42 -9.32
N PRO A 8 13.11 -6.41 -10.16
CA PRO A 8 13.89 -6.50 -11.43
C PRO A 8 13.23 -5.72 -12.58
N LYS A 9 13.54 -6.07 -13.79
CA LYS A 9 12.94 -5.37 -14.96
C LYS A 9 11.57 -5.97 -15.23
N ASP A 10 11.21 -7.00 -14.51
CA ASP A 10 9.87 -7.62 -14.71
C ASP A 10 8.81 -6.71 -14.08
N LYS A 11 8.86 -5.49 -14.48
CA LYS A 11 7.82 -4.55 -13.93
C LYS A 11 6.45 -5.26 -14.14
N SER A 12 6.51 -6.27 -14.95
CA SER A 12 5.27 -7.05 -15.24
C SER A 12 5.07 -8.13 -14.16
N LYS A 13 6.01 -8.32 -13.27
CA LYS A 13 5.84 -9.38 -12.22
C LYS A 13 5.41 -8.78 -10.89
N VAL A 14 4.60 -9.49 -10.15
CA VAL A 14 4.24 -9.04 -8.79
C VAL A 14 5.53 -9.15 -7.97
N ALA A 15 5.90 -8.16 -7.21
CA ALA A 15 7.17 -8.30 -6.45
C ALA A 15 6.87 -9.06 -5.16
N GLY A 16 5.63 -9.20 -4.83
CA GLY A 16 5.26 -9.93 -3.59
C GLY A 16 3.77 -9.81 -3.34
N TYR A 17 3.34 -10.02 -2.14
CA TYR A 17 1.88 -9.95 -1.87
C TYR A 17 1.59 -9.26 -0.54
N ILE A 18 0.35 -8.97 -0.33
CA ILE A 18 -0.03 -8.23 0.91
C ILE A 18 -1.39 -8.70 1.39
N GLU A 19 -1.56 -8.87 2.66
CA GLU A 19 -2.87 -9.35 3.17
C GLU A 19 -3.12 -8.78 4.57
N ILE A 20 -4.35 -8.81 5.02
CA ILE A 20 -4.67 -8.28 6.36
C ILE A 20 -5.84 -9.10 6.93
N PRO A 21 -5.56 -10.05 7.79
CA PRO A 21 -6.62 -10.93 8.40
C PRO A 21 -7.79 -10.14 8.97
N ASP A 22 -7.53 -9.10 9.73
CA ASP A 22 -8.64 -8.30 10.30
C ASP A 22 -9.44 -7.58 9.20
N ALA A 23 -8.86 -7.43 8.04
CA ALA A 23 -9.57 -6.76 6.91
C ALA A 23 -10.01 -7.84 5.90
N ASP A 24 -9.44 -9.00 6.00
CA ASP A 24 -9.82 -10.12 5.08
C ASP A 24 -9.41 -9.77 3.64
N ILE A 25 -8.18 -9.39 3.43
CA ILE A 25 -7.75 -9.02 2.04
C ILE A 25 -6.46 -9.76 1.67
N LYS A 26 -6.26 -10.00 0.41
CA LYS A 26 -5.04 -10.71 -0.06
C LYS A 26 -4.85 -10.38 -1.55
N GLU A 27 -3.85 -9.61 -1.87
CA GLU A 27 -3.61 -9.24 -3.30
C GLU A 27 -2.10 -9.16 -3.57
N PRO A 28 -1.71 -9.01 -4.82
CA PRO A 28 -0.29 -8.92 -5.23
C PRO A 28 0.23 -7.47 -5.27
N VAL A 29 1.49 -7.28 -5.00
CA VAL A 29 2.06 -5.90 -5.05
C VAL A 29 2.89 -5.76 -6.32
N TYR A 30 2.40 -5.05 -7.30
CA TYR A 30 3.18 -4.91 -8.57
C TYR A 30 4.15 -3.71 -8.48
N PRO A 31 5.38 -3.89 -8.89
CA PRO A 31 6.42 -2.82 -8.87
C PRO A 31 5.85 -1.41 -9.11
N GLY A 32 6.33 -0.46 -8.37
CA GLY A 32 5.85 0.96 -8.53
C GLY A 32 6.14 1.43 -9.95
N PRO A 33 5.56 2.54 -10.35
CA PRO A 33 4.68 3.35 -9.47
C PRO A 33 3.21 2.96 -9.64
N ALA A 34 2.36 3.47 -8.80
CA ALA A 34 0.91 3.12 -8.90
C ALA A 34 0.29 3.75 -10.15
N THR A 35 1.06 3.96 -11.18
CA THR A 35 0.49 4.59 -12.41
C THR A 35 -0.41 3.57 -13.13
N PRO A 36 -1.36 4.04 -13.89
CA PRO A 36 -2.32 3.18 -14.62
C PRO A 36 -1.69 1.84 -15.03
N GLU A 37 -0.68 1.87 -15.84
CA GLU A 37 -0.03 0.59 -16.27
C GLU A 37 0.07 -0.36 -15.07
N GLN A 38 0.55 0.14 -13.96
CA GLN A 38 0.67 -0.72 -12.75
C GLN A 38 -0.70 -0.96 -12.14
N LEU A 39 -1.39 0.10 -11.76
CA LEU A 39 -2.74 -0.08 -11.14
C LEU A 39 -3.55 -1.08 -11.96
N ASN A 40 -3.09 -1.41 -13.13
CA ASN A 40 -3.82 -2.39 -13.99
C ASN A 40 -3.63 -3.80 -13.44
N ARG A 41 -2.55 -4.03 -12.74
CA ARG A 41 -2.30 -5.39 -12.19
C ARG A 41 -2.81 -5.47 -10.74
N GLY A 42 -2.51 -4.49 -9.92
CA GLY A 42 -3.00 -4.54 -8.52
C GLY A 42 -2.33 -3.43 -7.69
N VAL A 43 -2.57 -3.42 -6.40
CA VAL A 43 -1.96 -2.37 -5.52
C VAL A 43 -0.45 -2.30 -5.81
N SER A 44 -0.02 -1.27 -6.48
CA SER A 44 1.44 -1.16 -6.80
C SER A 44 2.16 -0.34 -5.73
N PHE A 45 3.48 -0.33 -5.77
CA PHE A 45 4.24 0.48 -4.78
C PHE A 45 4.01 1.95 -5.10
N ALA A 46 3.48 2.69 -4.18
CA ALA A 46 3.21 4.14 -4.43
C ALA A 46 4.42 4.82 -5.07
N GLU A 47 5.56 4.15 -5.14
CA GLU A 47 6.74 4.80 -5.77
C GLU A 47 7.52 3.81 -6.62
N GLU A 48 8.06 4.27 -7.71
CA GLU A 48 8.82 3.38 -8.63
C GLU A 48 10.03 2.73 -7.93
N ASN A 49 10.99 3.51 -7.50
CA ASN A 49 12.21 2.91 -6.89
C ASN A 49 11.99 2.45 -5.44
N GLU A 50 10.83 1.96 -5.10
CA GLU A 50 10.61 1.52 -3.71
C GLU A 50 11.68 0.47 -3.38
N SER A 51 12.09 0.37 -2.14
CA SER A 51 13.16 -0.60 -1.79
C SER A 51 12.57 -1.84 -1.15
N LEU A 52 13.15 -2.98 -1.42
CA LEU A 52 12.65 -4.25 -0.81
C LEU A 52 12.75 -4.13 0.70
N ASP A 53 13.62 -3.30 1.17
CA ASP A 53 13.78 -3.11 2.63
C ASP A 53 13.82 -1.62 2.96
N ASP A 54 12.93 -0.87 2.37
CA ASP A 54 12.89 0.60 2.63
C ASP A 54 12.45 0.91 4.06
N GLN A 55 12.83 2.04 4.56
CA GLN A 55 12.41 2.45 5.92
C GLN A 55 10.90 2.67 5.91
N ASN A 56 10.36 2.82 4.76
CA ASN A 56 8.90 3.04 4.61
C ASN A 56 8.48 2.48 3.26
N ILE A 57 7.84 1.36 3.22
CA ILE A 57 7.42 0.80 1.91
C ILE A 57 5.99 1.27 1.65
N SER A 58 5.84 2.23 0.77
CA SER A 58 4.49 2.76 0.49
C SER A 58 3.79 1.95 -0.60
N ILE A 59 2.49 1.84 -0.50
CA ILE A 59 1.71 1.07 -1.51
C ILE A 59 0.40 1.82 -1.75
N ALA A 60 -0.17 1.72 -2.92
CA ALA A 60 -1.44 2.46 -3.17
C ALA A 60 -2.40 1.63 -4.02
N GLY A 61 -3.67 1.94 -3.95
CA GLY A 61 -4.68 1.19 -4.75
C GLY A 61 -6.00 1.97 -4.79
N HIS A 62 -6.68 1.91 -5.91
CA HIS A 62 -7.99 2.62 -6.05
C HIS A 62 -9.05 1.92 -5.18
N THR A 63 -10.19 2.54 -5.01
CA THR A 63 -11.28 1.91 -4.20
C THR A 63 -12.52 1.75 -5.08
N PHE A 64 -13.31 0.74 -4.83
CA PHE A 64 -14.54 0.55 -5.65
C PHE A 64 -15.78 0.79 -4.79
N ILE A 65 -16.76 1.42 -5.35
CA ILE A 65 -17.99 1.69 -4.59
C ILE A 65 -18.93 0.51 -4.76
N ASP A 66 -18.94 -0.04 -5.93
CA ASP A 66 -19.85 -1.20 -6.21
C ASP A 66 -19.09 -2.52 -6.00
N ARG A 67 -18.01 -2.51 -5.29
CA ARG A 67 -17.25 -3.79 -5.10
C ARG A 67 -16.39 -3.72 -3.83
N PRO A 68 -16.76 -4.43 -2.79
CA PRO A 68 -15.98 -4.44 -1.52
C PRO A 68 -14.80 -5.40 -1.58
N ASN A 69 -14.85 -6.38 -2.45
CA ASN A 69 -13.73 -7.35 -2.56
C ASN A 69 -12.70 -6.83 -3.56
N TYR A 70 -12.59 -5.53 -3.69
CA TYR A 70 -11.61 -4.96 -4.66
C TYR A 70 -10.24 -4.83 -4.00
N GLN A 71 -9.47 -3.87 -4.40
CA GLN A 71 -8.12 -3.68 -3.81
C GLN A 71 -8.20 -3.26 -2.34
N PHE A 72 -8.65 -2.06 -2.08
CA PHE A 72 -8.74 -1.61 -0.66
C PHE A 72 -10.13 -1.03 -0.35
N THR A 73 -11.15 -1.48 -1.04
CA THR A 73 -12.52 -0.95 -0.76
C THR A 73 -12.96 -1.41 0.64
N ASN A 74 -12.55 -2.58 1.02
CA ASN A 74 -12.94 -3.10 2.37
C ASN A 74 -11.90 -2.72 3.43
N LEU A 75 -11.00 -1.83 3.14
CA LEU A 75 -9.97 -1.48 4.16
C LEU A 75 -10.60 -0.67 5.30
N LYS A 76 -11.45 0.27 4.97
CA LYS A 76 -12.09 1.10 6.03
C LYS A 76 -12.55 0.22 7.20
N ALA A 77 -12.58 -1.08 7.03
CA ALA A 77 -13.03 -1.96 8.13
C ALA A 77 -11.86 -2.22 9.09
N ALA A 78 -10.68 -2.37 8.57
CA ALA A 78 -9.51 -2.65 9.44
C ALA A 78 -9.01 -1.38 10.12
N LYS A 79 -8.39 -1.54 11.27
CA LYS A 79 -7.91 -0.33 12.00
C LYS A 79 -6.69 -0.65 12.85
N LYS A 80 -6.37 0.20 13.77
CA LYS A 80 -5.18 -0.03 14.63
C LYS A 80 -5.15 -1.47 15.13
N GLY A 81 -4.15 -1.79 15.90
CA GLY A 81 -4.02 -3.16 16.44
C GLY A 81 -4.23 -4.21 15.33
N SER A 82 -4.34 -3.78 14.10
CA SER A 82 -4.53 -4.75 12.99
C SER A 82 -3.17 -5.30 12.55
N MET A 83 -3.04 -6.59 12.43
CA MET A 83 -1.74 -7.16 12.00
C MET A 83 -1.68 -7.15 10.47
N VAL A 84 -0.64 -6.59 9.92
CA VAL A 84 -0.51 -6.53 8.44
C VAL A 84 0.64 -7.45 8.00
N TYR A 85 0.43 -8.28 7.00
CA TYR A 85 1.51 -9.21 6.56
C TYR A 85 2.06 -8.82 5.19
N PHE A 86 3.37 -8.84 5.06
CA PHE A 86 3.98 -8.47 3.75
C PHE A 86 4.80 -9.64 3.20
N LYS A 87 4.29 -10.33 2.21
CA LYS A 87 5.03 -11.49 1.64
C LYS A 87 5.76 -11.09 0.35
N VAL A 88 7.02 -11.36 0.27
CA VAL A 88 7.81 -11.03 -0.96
C VAL A 88 8.81 -12.17 -1.18
N GLY A 89 9.12 -12.50 -2.41
CA GLY A 89 10.07 -13.62 -2.63
C GLY A 89 9.68 -14.79 -1.73
N ASN A 90 10.63 -15.34 -1.03
CA ASN A 90 10.31 -16.47 -0.12
C ASN A 90 10.32 -15.94 1.32
N GLU A 91 10.22 -14.65 1.49
CA GLU A 91 10.26 -14.06 2.85
C GLU A 91 8.90 -13.45 3.24
N THR A 92 8.58 -13.51 4.50
CA THR A 92 7.28 -12.95 4.97
C THR A 92 7.52 -12.07 6.20
N ARG A 93 7.48 -10.78 6.02
CA ARG A 93 7.71 -9.85 7.16
C ARG A 93 6.37 -9.57 7.85
N LYS A 94 6.34 -8.64 8.77
CA LYS A 94 5.05 -8.35 9.47
C LYS A 94 5.01 -6.89 9.90
N TYR A 95 3.84 -6.33 9.94
CA TYR A 95 3.68 -4.92 10.37
C TYR A 95 2.42 -4.82 11.23
N LYS A 96 2.24 -3.74 11.93
CA LYS A 96 1.01 -3.60 12.77
C LYS A 96 0.54 -2.15 12.68
N MET A 97 -0.63 -1.90 12.13
CA MET A 97 -1.13 -0.50 12.01
C MET A 97 -0.88 0.30 13.29
N THR A 98 0.07 1.17 13.23
CA THR A 98 0.40 1.99 14.42
C THR A 98 -0.02 3.43 14.18
N SER A 99 -0.15 3.82 12.96
CA SER A 99 -0.53 5.25 12.70
C SER A 99 -1.26 5.40 11.37
N ILE A 100 -2.11 6.38 11.28
CA ILE A 100 -2.88 6.62 10.04
C ILE A 100 -3.27 8.09 9.93
N ARG A 101 -3.28 8.59 8.73
CA ARG A 101 -3.61 10.03 8.54
C ARG A 101 -4.23 10.28 7.17
N ASP A 102 -5.10 11.26 7.08
CA ASP A 102 -5.75 11.60 5.79
C ASP A 102 -5.38 13.03 5.42
N VAL A 103 -5.53 13.40 4.17
CA VAL A 103 -5.19 14.81 3.76
C VAL A 103 -5.62 15.04 2.31
N LYS A 104 -5.68 16.27 1.89
CA LYS A 104 -6.08 16.57 0.49
C LYS A 104 -5.35 15.59 -0.45
N PRO A 105 -5.75 15.53 -1.68
CA PRO A 105 -5.15 14.61 -2.70
C PRO A 105 -3.77 15.06 -3.16
N THR A 106 -3.45 16.31 -3.00
CA THR A 106 -2.11 16.77 -3.47
C THR A 106 -1.09 16.65 -2.33
N ASP A 107 -1.52 16.25 -1.16
CA ASP A 107 -0.57 16.12 -0.01
C ASP A 107 0.35 14.91 -0.24
N VAL A 108 1.07 14.93 -1.32
CA VAL A 108 1.96 13.79 -1.63
C VAL A 108 2.72 13.35 -0.37
N GLY A 109 3.03 14.27 0.50
CA GLY A 109 3.78 13.91 1.74
C GLY A 109 3.23 12.62 2.37
N VAL A 110 2.06 12.19 2.00
CA VAL A 110 1.52 10.94 2.62
C VAL A 110 2.54 9.81 2.45
N LEU A 111 3.31 9.85 1.39
CA LEU A 111 4.30 8.76 1.18
C LEU A 111 5.07 8.57 2.49
N ASP A 112 4.96 9.53 3.38
CA ASP A 112 5.62 9.44 4.72
C ASP A 112 6.78 8.44 4.71
N GLU A 113 7.98 8.87 4.43
CA GLU A 113 9.13 7.92 4.43
C GLU A 113 10.35 8.53 5.10
N GLN A 114 10.36 8.58 6.41
CA GLN A 114 11.53 9.21 7.12
C GLN A 114 11.93 8.35 8.33
N LYS A 115 11.00 7.85 9.09
CA LYS A 115 11.38 7.01 10.27
C LYS A 115 12.09 5.76 9.77
N GLY A 116 13.23 5.46 10.31
CA GLY A 116 13.98 4.25 9.89
C GLY A 116 14.13 3.31 11.08
N LYS A 117 14.40 3.87 12.24
CA LYS A 117 14.52 3.00 13.44
C LYS A 117 13.40 1.98 13.34
N ASP A 118 12.19 2.45 13.35
CA ASP A 118 11.02 1.55 13.18
C ASP A 118 10.50 1.76 11.76
N LYS A 119 11.04 1.06 10.79
CA LYS A 119 10.58 1.22 9.37
C LYS A 119 9.04 1.18 9.34
N GLN A 120 8.45 1.20 8.17
CA GLN A 120 6.96 1.17 8.14
C GLN A 120 6.44 0.76 6.77
N LEU A 121 5.14 0.59 6.67
CA LEU A 121 4.53 0.24 5.36
C LEU A 121 3.38 1.23 5.12
N THR A 122 3.63 2.30 4.42
CA THR A 122 2.56 3.31 4.19
C THR A 122 1.51 2.77 3.22
N LEU A 123 0.30 2.65 3.67
CA LEU A 123 -0.79 2.17 2.78
C LEU A 123 -1.47 3.40 2.18
N ILE A 124 -2.02 3.29 1.00
CA ILE A 124 -2.72 4.46 0.41
C ILE A 124 -3.95 3.96 -0.32
N THR A 125 -5.10 4.30 0.17
CA THR A 125 -6.35 3.88 -0.50
C THR A 125 -7.22 5.11 -0.64
N CYS A 126 -7.41 5.57 -1.83
CA CYS A 126 -8.22 6.82 -2.00
C CYS A 126 -9.71 6.55 -1.89
N ASP A 127 -10.48 7.57 -1.60
CA ASP A 127 -11.95 7.40 -1.47
C ASP A 127 -12.62 8.78 -1.49
N ASP A 128 -13.78 8.91 -0.91
CA ASP A 128 -14.48 10.24 -0.91
C ASP A 128 -14.52 10.78 -2.34
N TYR A 129 -15.01 9.99 -3.25
CA TYR A 129 -15.07 10.44 -4.67
C TYR A 129 -16.07 11.57 -4.83
N ASN A 130 -15.69 12.57 -5.57
CA ASN A 130 -16.61 13.71 -5.82
C ASN A 130 -17.19 13.54 -7.21
N GLU A 131 -18.41 13.94 -7.40
CA GLU A 131 -19.05 13.80 -8.73
C GLU A 131 -19.27 15.18 -9.32
N LYS A 132 -19.08 16.19 -8.52
CA LYS A 132 -19.27 17.58 -9.02
C LYS A 132 -17.96 18.03 -9.70
N THR A 133 -16.87 17.91 -9.00
CA THR A 133 -15.56 18.31 -9.58
C THR A 133 -14.92 17.10 -10.25
N GLY A 134 -15.49 15.94 -10.07
CA GLY A 134 -14.95 14.71 -10.70
C GLY A 134 -13.53 14.41 -10.19
N VAL A 135 -13.31 14.59 -8.92
CA VAL A 135 -11.96 14.32 -8.36
C VAL A 135 -12.07 13.77 -6.94
N TRP A 136 -11.07 13.07 -6.49
CA TRP A 136 -11.11 12.52 -5.11
C TRP A 136 -10.66 13.60 -4.13
N GLU A 137 -11.51 13.96 -3.20
CA GLU A 137 -11.13 15.05 -2.24
C GLU A 137 -10.43 14.48 -1.01
N LYS A 138 -11.06 13.63 -0.27
CA LYS A 138 -10.42 13.08 0.95
C LYS A 138 -9.46 11.95 0.57
N ARG A 139 -8.35 11.85 1.25
CA ARG A 139 -7.38 10.75 0.96
C ARG A 139 -7.20 9.91 2.22
N LYS A 140 -7.15 8.62 2.06
CA LYS A 140 -7.00 7.72 3.23
C LYS A 140 -5.67 6.95 3.12
N ILE A 141 -4.77 7.13 4.06
CA ILE A 141 -3.48 6.38 3.99
C ILE A 141 -3.11 5.90 5.40
N PHE A 142 -2.97 4.61 5.56
CA PHE A 142 -2.64 4.04 6.90
C PHE A 142 -1.14 3.72 6.97
N VAL A 143 -0.51 4.05 8.07
CA VAL A 143 0.93 3.72 8.22
C VAL A 143 1.05 2.47 9.10
N ALA A 144 1.90 1.55 8.74
CA ALA A 144 2.05 0.32 9.57
C ALA A 144 3.50 0.22 10.02
N THR A 145 3.71 -0.10 11.27
CA THR A 145 5.10 -0.19 11.77
C THR A 145 5.65 -1.60 11.57
N GLU A 146 6.82 -1.67 11.01
CA GLU A 146 7.42 -3.01 10.80
C GLU A 146 7.38 -3.77 12.11
N VAL A 147 6.98 -5.01 12.08
CA VAL A 147 6.89 -5.79 13.34
C VAL A 147 7.61 -7.12 13.21
N LYS A 148 7.86 -7.75 14.32
CA LYS A 148 8.57 -9.05 14.30
C LYS A 148 7.82 -10.05 15.19
N LEU B 2 0.25 12.59 -4.60
CA LEU B 2 0.28 11.16 -4.16
C LEU B 2 -0.33 10.28 -5.26
N PRO B 3 0.07 9.03 -5.32
CA PRO B 3 -0.45 8.07 -6.33
C PRO B 3 -1.90 7.66 -6.09
N ALA B 4 -2.42 6.81 -6.93
CA ALA B 4 -3.84 6.35 -6.78
C ALA B 4 -4.78 7.55 -6.76
N MET A 1 21.09 -19.82 4.06
CA MET A 1 21.18 -18.99 2.82
C MET A 1 19.81 -18.41 2.49
N GLN A 2 19.44 -17.33 3.14
CA GLN A 2 18.12 -16.72 2.87
C GLN A 2 18.02 -16.30 1.40
N ALA A 3 16.83 -16.25 0.87
CA ALA A 3 16.65 -15.85 -0.56
C ALA A 3 17.08 -14.39 -0.73
N LYS A 4 16.85 -13.84 -1.90
CA LYS A 4 17.23 -12.42 -2.15
C LYS A 4 16.23 -11.78 -3.12
N PRO A 5 15.09 -11.40 -2.61
CA PRO A 5 14.02 -10.75 -3.42
C PRO A 5 14.42 -9.32 -3.83
N GLN A 6 14.17 -8.94 -5.06
CA GLN A 6 14.53 -7.56 -5.49
C GLN A 6 13.66 -7.12 -6.66
N ILE A 7 13.03 -5.99 -6.56
CA ILE A 7 12.19 -5.51 -7.70
C ILE A 7 13.00 -5.70 -8.99
N PRO A 8 12.66 -6.67 -9.82
CA PRO A 8 13.41 -6.94 -11.07
C PRO A 8 12.97 -6.04 -12.22
N LYS A 9 13.29 -6.40 -13.43
CA LYS A 9 12.91 -5.55 -14.59
C LYS A 9 11.54 -5.99 -15.11
N ASP A 10 11.01 -7.08 -14.61
CA ASP A 10 9.68 -7.54 -15.09
C ASP A 10 8.60 -6.65 -14.47
N LYS A 11 8.64 -5.42 -14.87
CA LYS A 11 7.58 -4.48 -14.34
C LYS A 11 6.22 -5.22 -14.45
N SER A 12 6.25 -6.26 -15.21
CA SER A 12 5.00 -7.07 -15.41
C SER A 12 4.83 -8.14 -14.32
N LYS A 13 5.79 -8.32 -13.44
CA LYS A 13 5.65 -9.39 -12.39
C LYS A 13 5.22 -8.83 -11.03
N VAL A 14 4.38 -9.55 -10.33
CA VAL A 14 4.02 -9.12 -8.96
C VAL A 14 5.30 -9.27 -8.14
N ALA A 15 5.73 -8.27 -7.44
CA ALA A 15 7.00 -8.43 -6.68
C ALA A 15 6.71 -9.17 -5.39
N GLY A 16 5.47 -9.30 -5.04
CA GLY A 16 5.12 -10.01 -3.78
C GLY A 16 3.62 -9.88 -3.53
N TYR A 17 3.20 -10.10 -2.32
CA TYR A 17 1.74 -10.03 -2.03
C TYR A 17 1.49 -9.41 -0.66
N ILE A 18 0.25 -9.11 -0.39
CA ILE A 18 -0.07 -8.44 0.91
C ILE A 18 -1.47 -8.88 1.36
N GLU A 19 -1.67 -9.04 2.63
CA GLU A 19 -3.02 -9.47 3.12
C GLU A 19 -3.24 -8.93 4.54
N ILE A 20 -4.48 -8.87 4.96
CA ILE A 20 -4.78 -8.37 6.33
C ILE A 20 -5.95 -9.20 6.88
N PRO A 21 -5.69 -10.19 7.69
CA PRO A 21 -6.75 -11.08 8.26
C PRO A 21 -7.90 -10.31 8.91
N ASP A 22 -7.62 -9.31 9.70
CA ASP A 22 -8.72 -8.53 10.34
C ASP A 22 -9.53 -7.77 9.28
N ALA A 23 -8.99 -7.60 8.10
CA ALA A 23 -9.73 -6.89 7.03
C ALA A 23 -10.22 -7.91 5.99
N ASP A 24 -9.63 -9.07 5.98
CA ASP A 24 -10.05 -10.13 5.02
C ASP A 24 -9.65 -9.75 3.59
N ILE A 25 -8.42 -9.36 3.37
CA ILE A 25 -8.00 -8.97 2.00
C ILE A 25 -6.70 -9.68 1.62
N LYS A 26 -6.49 -9.90 0.34
CA LYS A 26 -5.24 -10.56 -0.13
C LYS A 26 -5.02 -10.19 -1.61
N GLU A 27 -4.02 -9.39 -1.88
CA GLU A 27 -3.77 -8.96 -3.30
C GLU A 27 -2.26 -9.00 -3.60
N PRO A 28 -1.89 -8.89 -4.86
CA PRO A 28 -0.45 -8.93 -5.29
C PRO A 28 0.26 -7.59 -5.16
N VAL A 29 1.56 -7.61 -5.11
CA VAL A 29 2.36 -6.36 -4.97
C VAL A 29 3.16 -6.13 -6.27
N TYR A 30 2.76 -5.19 -7.10
CA TYR A 30 3.51 -4.92 -8.37
C TYR A 30 4.48 -3.75 -8.16
N PRO A 31 5.55 -3.71 -8.91
CA PRO A 31 6.58 -2.63 -8.82
C PRO A 31 6.00 -1.23 -9.07
N GLY A 32 6.49 -0.26 -8.33
CA GLY A 32 6.01 1.15 -8.50
C GLY A 32 6.29 1.61 -9.94
N PRO A 33 5.75 2.73 -10.33
CA PRO A 33 4.89 3.59 -9.47
C PRO A 33 3.40 3.25 -9.63
N ALA A 34 2.58 3.78 -8.76
CA ALA A 34 1.12 3.49 -8.86
C ALA A 34 0.51 4.18 -10.09
N THR A 35 1.27 4.39 -11.12
CA THR A 35 0.70 5.06 -12.32
C THR A 35 -0.23 4.08 -13.03
N PRO A 36 -1.24 4.59 -13.70
CA PRO A 36 -2.23 3.74 -14.41
C PRO A 36 -1.65 2.43 -14.92
N GLU A 37 -0.62 2.50 -15.72
CA GLU A 37 -0.01 1.25 -16.24
C GLU A 37 0.14 0.22 -15.12
N GLN A 38 0.68 0.62 -14.00
CA GLN A 38 0.85 -0.33 -12.87
C GLN A 38 -0.51 -0.60 -12.22
N LEU A 39 -1.21 0.44 -11.83
CA LEU A 39 -2.54 0.26 -11.17
C LEU A 39 -3.37 -0.77 -11.91
N ASN A 40 -2.98 -1.13 -13.11
CA ASN A 40 -3.75 -2.15 -13.87
C ASN A 40 -3.52 -3.52 -13.22
N ARG A 41 -2.35 -3.73 -12.70
CA ARG A 41 -2.04 -5.02 -12.05
C ARG A 41 -2.64 -5.05 -10.64
N GLY A 42 -2.26 -4.12 -9.80
CA GLY A 42 -2.82 -4.10 -8.41
C GLY A 42 -2.12 -3.03 -7.57
N VAL A 43 -2.12 -3.17 -6.28
CA VAL A 43 -1.46 -2.15 -5.41
C VAL A 43 0.03 -2.04 -5.78
N SER A 44 0.40 -1.01 -6.49
CA SER A 44 1.83 -0.85 -6.87
C SER A 44 2.56 -0.02 -5.81
N PHE A 45 3.87 -0.02 -5.84
CA PHE A 45 4.61 0.81 -4.85
C PHE A 45 4.41 2.27 -5.21
N ALA A 46 3.85 3.03 -4.30
CA ALA A 46 3.58 4.46 -4.58
C ALA A 46 4.78 5.11 -5.30
N GLU A 47 5.93 4.47 -5.32
CA GLU A 47 7.10 5.09 -6.01
C GLU A 47 7.87 4.03 -6.79
N GLU A 48 8.43 4.44 -7.91
CA GLU A 48 9.20 3.50 -8.76
C GLU A 48 10.39 2.88 -8.02
N ASN A 49 11.33 3.66 -7.56
CA ASN A 49 12.53 3.07 -6.91
C ASN A 49 12.28 2.61 -5.48
N GLU A 50 11.10 2.13 -5.18
CA GLU A 50 10.85 1.68 -3.79
C GLU A 50 11.88 0.62 -3.44
N SER A 51 12.29 0.54 -2.21
CA SER A 51 13.33 -0.46 -1.83
C SER A 51 12.71 -1.66 -1.12
N LEU A 52 13.29 -2.81 -1.33
CA LEU A 52 12.77 -4.03 -0.67
C LEU A 52 12.92 -3.85 0.83
N ASP A 53 13.76 -2.93 1.24
CA ASP A 53 13.97 -2.70 2.69
C ASP A 53 13.92 -1.20 2.97
N ASP A 54 12.99 -0.48 2.39
CA ASP A 54 12.87 0.98 2.61
C ASP A 54 12.43 1.29 4.05
N GLN A 55 12.71 2.49 4.50
CA GLN A 55 12.29 2.91 5.87
C GLN A 55 10.77 2.99 5.89
N ASN A 56 10.18 3.02 4.73
CA ASN A 56 8.71 3.05 4.63
C ASN A 56 8.34 2.41 3.29
N ILE A 57 7.70 1.29 3.29
CA ILE A 57 7.32 0.67 2.00
C ILE A 57 5.93 1.17 1.64
N SER A 58 5.86 2.16 0.79
CA SER A 58 4.55 2.76 0.43
C SER A 58 3.90 1.98 -0.72
N ILE A 59 2.60 1.97 -0.74
CA ILE A 59 1.85 1.27 -1.82
C ILE A 59 0.52 2.00 -2.02
N ALA A 60 -0.01 2.00 -3.21
CA ALA A 60 -1.30 2.72 -3.43
C ALA A 60 -2.26 1.89 -4.28
N GLY A 61 -3.54 2.19 -4.21
CA GLY A 61 -4.54 1.42 -5.00
C GLY A 61 -5.92 2.08 -4.90
N HIS A 62 -6.68 2.00 -5.96
CA HIS A 62 -8.06 2.59 -5.98
C HIS A 62 -9.00 1.75 -5.10
N THR A 63 -10.18 2.26 -4.81
CA THR A 63 -11.16 1.50 -3.98
C THR A 63 -12.42 1.25 -4.82
N PHE A 64 -13.23 0.29 -4.46
CA PHE A 64 -14.47 0.02 -5.27
C PHE A 64 -15.61 -0.39 -4.34
N ILE A 65 -16.70 0.33 -4.40
CA ILE A 65 -17.86 0.00 -3.53
C ILE A 65 -18.33 -1.41 -3.82
N ASP A 66 -18.33 -1.80 -5.06
CA ASP A 66 -18.83 -3.16 -5.42
C ASP A 66 -17.71 -4.21 -5.38
N ARG A 67 -16.65 -3.98 -4.66
CA ARG A 67 -15.57 -5.01 -4.63
C ARG A 67 -14.77 -4.90 -3.33
N PRO A 68 -15.05 -5.73 -2.35
CA PRO A 68 -14.31 -5.71 -1.06
C PRO A 68 -12.96 -6.42 -1.18
N ASN A 69 -12.84 -7.37 -2.05
CA ASN A 69 -11.54 -8.08 -2.21
C ASN A 69 -10.68 -7.34 -3.23
N TYR A 70 -11.07 -6.14 -3.59
CA TYR A 70 -10.27 -5.37 -4.58
C TYR A 70 -8.91 -5.01 -3.97
N GLN A 71 -8.35 -3.90 -4.36
CA GLN A 71 -7.02 -3.49 -3.82
C GLN A 71 -7.16 -3.15 -2.33
N PHE A 72 -7.78 -2.04 -2.01
CA PHE A 72 -7.94 -1.66 -0.58
C PHE A 72 -9.38 -1.21 -0.30
N THR A 73 -10.36 -2.00 -0.65
CA THR A 73 -11.76 -1.59 -0.39
C THR A 73 -12.17 -2.04 1.02
N ASN A 74 -11.76 -3.21 1.41
CA ASN A 74 -12.14 -3.74 2.76
C ASN A 74 -11.23 -3.19 3.86
N LEU A 75 -10.36 -2.28 3.56
CA LEU A 75 -9.47 -1.74 4.62
C LEU A 75 -10.26 -0.87 5.59
N LYS A 76 -11.10 0.00 5.09
CA LYS A 76 -11.90 0.89 5.99
C LYS A 76 -12.50 0.05 7.12
N ALA A 77 -12.55 -1.25 6.96
CA ALA A 77 -13.12 -2.11 8.04
C ALA A 77 -12.04 -2.39 9.07
N ALA A 78 -10.83 -2.57 8.62
CA ALA A 78 -9.71 -2.87 9.56
C ALA A 78 -9.21 -1.59 10.24
N LYS A 79 -8.58 -1.76 11.36
CA LYS A 79 -8.11 -0.55 12.09
C LYS A 79 -6.86 -0.85 12.91
N LYS A 80 -6.54 0.01 13.83
CA LYS A 80 -5.33 -0.19 14.66
C LYS A 80 -5.16 -1.65 15.07
N GLY A 81 -4.06 -1.93 15.70
CA GLY A 81 -3.79 -3.32 16.15
C GLY A 81 -4.07 -4.31 15.00
N SER A 82 -4.33 -3.82 13.81
CA SER A 82 -4.60 -4.76 12.68
C SER A 82 -3.27 -5.36 12.21
N MET A 83 -3.09 -6.64 12.40
CA MET A 83 -1.81 -7.27 11.96
C MET A 83 -1.76 -7.27 10.44
N VAL A 84 -0.67 -6.77 9.89
CA VAL A 84 -0.54 -6.72 8.40
C VAL A 84 0.60 -7.66 7.99
N TYR A 85 0.40 -8.48 7.00
CA TYR A 85 1.46 -9.44 6.56
C TYR A 85 1.99 -9.07 5.18
N PHE A 86 3.28 -9.10 5.01
CA PHE A 86 3.88 -8.74 3.68
C PHE A 86 4.69 -9.92 3.14
N LYS A 87 4.17 -10.60 2.15
CA LYS A 87 4.91 -11.77 1.57
C LYS A 87 5.56 -11.36 0.24
N VAL A 88 6.85 -11.51 0.14
CA VAL A 88 7.54 -11.16 -1.14
C VAL A 88 8.66 -12.18 -1.37
N GLY A 89 8.68 -12.83 -2.50
CA GLY A 89 9.75 -13.83 -2.75
C GLY A 89 9.65 -14.94 -1.70
N ASN A 90 10.72 -15.22 -1.01
CA ASN A 90 10.68 -16.28 0.05
C ASN A 90 10.65 -15.62 1.42
N GLU A 91 10.53 -14.31 1.46
CA GLU A 91 10.54 -13.61 2.77
C GLU A 91 9.14 -13.11 3.15
N THR A 92 8.83 -13.20 4.41
CA THR A 92 7.49 -12.76 4.90
C THR A 92 7.66 -11.88 6.13
N ARG A 93 7.63 -10.59 5.95
CA ARG A 93 7.80 -9.67 7.11
C ARG A 93 6.45 -9.45 7.78
N LYS A 94 6.36 -8.52 8.69
CA LYS A 94 5.06 -8.30 9.38
C LYS A 94 4.96 -6.85 9.82
N TYR A 95 3.76 -6.33 9.88
CA TYR A 95 3.57 -4.92 10.33
C TYR A 95 2.28 -4.86 11.13
N LYS A 96 2.05 -3.78 11.80
CA LYS A 96 0.79 -3.62 12.58
C LYS A 96 0.34 -2.16 12.49
N MET A 97 -0.84 -1.90 11.96
CA MET A 97 -1.31 -0.49 11.82
C MET A 97 -1.08 0.31 13.10
N THR A 98 -0.13 1.19 13.05
CA THR A 98 0.19 2.01 14.24
C THR A 98 -0.30 3.43 14.07
N SER A 99 -0.44 3.89 12.86
CA SER A 99 -0.89 5.31 12.67
C SER A 99 -1.59 5.48 11.32
N ILE A 100 -2.47 6.47 11.26
CA ILE A 100 -3.22 6.74 10.00
C ILE A 100 -3.64 8.19 9.93
N ARG A 101 -3.67 8.71 8.74
CA ARG A 101 -4.07 10.12 8.56
C ARG A 101 -4.66 10.32 7.16
N ASP A 102 -5.50 11.29 7.01
CA ASP A 102 -6.12 11.56 5.68
C ASP A 102 -5.67 12.95 5.23
N VAL A 103 -5.75 13.26 3.97
CA VAL A 103 -5.30 14.60 3.51
C VAL A 103 -5.81 14.89 2.10
N LYS A 104 -5.85 16.14 1.74
CA LYS A 104 -6.32 16.53 0.37
C LYS A 104 -5.70 15.60 -0.66
N PRO A 105 -6.14 15.68 -1.89
CA PRO A 105 -5.61 14.84 -3.00
C PRO A 105 -4.30 15.39 -3.58
N THR A 106 -3.45 15.92 -2.73
CA THR A 106 -2.15 16.48 -3.23
C THR A 106 -1.08 16.41 -2.14
N ASP A 107 -1.42 16.01 -0.95
CA ASP A 107 -0.40 15.93 0.14
C ASP A 107 0.54 14.74 -0.09
N VAL A 108 1.27 14.77 -1.16
CA VAL A 108 2.20 13.63 -1.48
C VAL A 108 2.99 13.23 -0.23
N GLY A 109 3.33 14.16 0.62
CA GLY A 109 4.10 13.81 1.85
C GLY A 109 3.56 12.53 2.49
N VAL A 110 2.39 12.08 2.11
CA VAL A 110 1.85 10.83 2.73
C VAL A 110 2.89 9.72 2.62
N LEU A 111 3.67 9.75 1.57
CA LEU A 111 4.68 8.67 1.38
C LEU A 111 5.44 8.50 2.70
N ASP A 112 5.25 9.42 3.61
CA ASP A 112 5.89 9.35 4.96
C ASP A 112 7.10 8.42 4.99
N GLU A 113 8.23 8.83 4.48
CA GLU A 113 9.44 7.95 4.51
C GLU A 113 10.53 8.58 5.36
N GLN A 114 10.28 8.69 6.65
CA GLN A 114 11.29 9.32 7.56
C GLN A 114 11.72 8.35 8.66
N LYS A 115 10.80 7.84 9.42
CA LYS A 115 11.17 6.88 10.51
C LYS A 115 11.87 5.69 9.90
N GLY A 116 13.04 5.36 10.40
CA GLY A 116 13.80 4.20 9.88
C GLY A 116 13.98 3.20 11.00
N LYS A 117 14.31 3.67 12.18
CA LYS A 117 14.49 2.74 13.33
C LYS A 117 13.40 1.68 13.24
N ASP A 118 12.19 2.12 13.29
CA ASP A 118 11.04 1.20 13.14
C ASP A 118 10.50 1.41 11.74
N LYS A 119 10.98 0.66 10.78
CA LYS A 119 10.51 0.82 9.38
C LYS A 119 8.98 0.91 9.37
N GLN A 120 8.37 0.97 8.22
CA GLN A 120 6.89 1.04 8.22
C GLN A 120 6.34 0.66 6.86
N LEU A 121 5.04 0.61 6.74
CA LEU A 121 4.41 0.28 5.43
C LEU A 121 3.29 1.30 5.19
N THR A 122 3.56 2.31 4.41
CA THR A 122 2.52 3.34 4.17
C THR A 122 1.48 2.83 3.18
N LEU A 123 0.26 2.71 3.60
CA LEU A 123 -0.81 2.25 2.68
C LEU A 123 -1.45 3.50 2.08
N ILE A 124 -1.90 3.42 0.86
CA ILE A 124 -2.55 4.60 0.23
C ILE A 124 -3.76 4.12 -0.54
N THR A 125 -4.92 4.42 -0.05
CA THR A 125 -6.15 4.00 -0.76
C THR A 125 -7.07 5.19 -0.85
N CYS A 126 -7.32 5.63 -2.03
CA CYS A 126 -8.20 6.83 -2.19
C CYS A 126 -9.67 6.47 -2.03
N ASP A 127 -10.49 7.45 -1.76
CA ASP A 127 -11.95 7.22 -1.59
C ASP A 127 -12.69 8.56 -1.61
N ASP A 128 -13.92 8.60 -1.15
CA ASP A 128 -14.69 9.88 -1.14
C ASP A 128 -14.73 10.45 -2.56
N TYR A 129 -15.17 9.69 -3.51
CA TYR A 129 -15.24 10.20 -4.91
C TYR A 129 -16.27 11.30 -5.02
N ASN A 130 -15.90 12.39 -5.60
CA ASN A 130 -16.86 13.49 -5.79
C ASN A 130 -17.36 13.42 -7.23
N GLU A 131 -18.55 13.85 -7.45
CA GLU A 131 -19.11 13.80 -8.82
C GLU A 131 -19.27 15.23 -9.31
N LYS A 132 -19.06 16.16 -8.43
CA LYS A 132 -19.18 17.59 -8.83
C LYS A 132 -17.88 18.04 -9.48
N THR A 133 -16.78 17.92 -8.78
CA THR A 133 -15.47 18.35 -9.36
C THR A 133 -14.83 17.20 -10.13
N GLY A 134 -15.54 16.11 -10.30
CA GLY A 134 -14.99 14.95 -11.07
C GLY A 134 -13.62 14.52 -10.50
N VAL A 135 -13.45 14.61 -9.21
CA VAL A 135 -12.15 14.20 -8.61
C VAL A 135 -12.37 13.65 -7.20
N TRP A 136 -11.41 12.96 -6.67
CA TRP A 136 -11.54 12.41 -5.29
C TRP A 136 -11.11 13.50 -4.31
N GLU A 137 -11.99 13.88 -3.43
CA GLU A 137 -11.65 14.98 -2.46
C GLU A 137 -10.79 14.49 -1.30
N LYS A 138 -11.29 13.57 -0.52
CA LYS A 138 -10.47 13.09 0.64
C LYS A 138 -9.67 11.85 0.24
N ARG A 139 -8.48 11.72 0.79
CA ARG A 139 -7.63 10.54 0.47
C ARG A 139 -7.34 9.77 1.76
N LYS A 140 -7.23 8.48 1.66
CA LYS A 140 -6.99 7.66 2.89
C LYS A 140 -5.64 6.94 2.82
N ILE A 141 -4.77 7.18 3.77
CA ILE A 141 -3.45 6.49 3.76
C ILE A 141 -3.08 6.09 5.20
N PHE A 142 -2.94 4.81 5.41
CA PHE A 142 -2.62 4.30 6.78
C PHE A 142 -1.15 3.90 6.87
N VAL A 143 -0.51 4.18 7.98
CA VAL A 143 0.92 3.76 8.14
C VAL A 143 0.95 2.54 9.06
N ALA A 144 1.87 1.66 8.83
CA ALA A 144 1.95 0.44 9.70
C ALA A 144 3.39 0.27 10.13
N THR A 145 3.62 -0.09 11.37
CA THR A 145 5.02 -0.24 11.84
C THR A 145 5.52 -1.65 11.62
N GLU A 146 6.69 -1.74 11.03
CA GLU A 146 7.27 -3.08 10.78
C GLU A 146 7.25 -3.88 12.08
N VAL A 147 6.83 -5.12 12.00
CA VAL A 147 6.72 -5.94 13.23
C VAL A 147 7.52 -7.24 13.06
N LYS A 148 7.77 -7.89 14.15
CA LYS A 148 8.54 -9.17 14.12
C LYS A 148 7.93 -10.16 15.11
N LEU B 2 -0.03 12.82 -4.36
CA LEU B 2 0.06 11.39 -3.96
C LEU B 2 -0.45 10.51 -5.12
N PRO B 3 0.08 9.32 -5.26
CA PRO B 3 -0.31 8.39 -6.37
C PRO B 3 -1.80 8.00 -6.31
N ALA B 4 -2.22 7.11 -7.17
CA ALA B 4 -3.64 6.68 -7.17
C ALA B 4 -4.54 7.90 -7.29
N MET A 1 20.17 -18.89 4.90
CA MET A 1 20.58 -17.52 4.46
C MET A 1 19.35 -16.64 4.29
N GLN A 2 19.47 -15.38 4.61
CA GLN A 2 18.31 -14.46 4.48
C GLN A 2 17.85 -14.40 3.01
N ALA A 3 16.58 -14.18 2.79
CA ALA A 3 16.08 -14.11 1.39
C ALA A 3 16.70 -12.90 0.70
N LYS A 4 16.75 -12.91 -0.60
CA LYS A 4 17.35 -11.74 -1.33
C LYS A 4 16.52 -11.42 -2.56
N PRO A 5 15.39 -10.80 -2.33
CA PRO A 5 14.46 -10.39 -3.39
C PRO A 5 14.74 -8.94 -3.83
N GLN A 6 14.43 -8.60 -5.05
CA GLN A 6 14.68 -7.21 -5.49
C GLN A 6 13.82 -6.90 -6.73
N ILE A 7 13.22 -5.74 -6.78
CA ILE A 7 12.40 -5.39 -7.97
C ILE A 7 13.20 -5.71 -9.24
N PRO A 8 12.83 -6.74 -9.97
CA PRO A 8 13.56 -7.13 -11.22
C PRO A 8 13.14 -6.29 -12.42
N LYS A 9 13.36 -6.78 -13.60
CA LYS A 9 12.99 -6.01 -14.82
C LYS A 9 11.56 -6.39 -15.23
N ASP A 10 11.02 -7.45 -14.66
CA ASP A 10 9.64 -7.84 -15.03
C ASP A 10 8.63 -6.91 -14.33
N LYS A 11 8.70 -5.67 -14.70
CA LYS A 11 7.70 -4.72 -14.11
C LYS A 11 6.30 -5.40 -14.23
N SER A 12 6.31 -6.43 -15.01
CA SER A 12 5.03 -7.19 -15.20
C SER A 12 4.84 -8.24 -14.10
N LYS A 13 5.81 -8.44 -13.25
CA LYS A 13 5.65 -9.49 -12.17
C LYS A 13 5.24 -8.87 -10.83
N VAL A 14 4.44 -9.57 -10.08
CA VAL A 14 4.10 -9.08 -8.73
C VAL A 14 5.39 -9.17 -7.93
N ALA A 15 5.80 -8.15 -7.24
CA ALA A 15 7.08 -8.28 -6.49
C ALA A 15 6.78 -9.05 -5.22
N GLY A 16 5.52 -9.16 -4.89
CA GLY A 16 5.15 -9.90 -3.67
C GLY A 16 3.65 -9.80 -3.45
N TYR A 17 3.22 -10.03 -2.24
CA TYR A 17 1.76 -10.02 -1.97
C TYR A 17 1.47 -9.42 -0.60
N ILE A 18 0.23 -9.10 -0.36
CA ILE A 18 -0.11 -8.49 0.94
C ILE A 18 -1.54 -8.88 1.35
N GLU A 19 -1.78 -9.01 2.61
CA GLU A 19 -3.15 -9.38 3.09
C GLU A 19 -3.35 -8.79 4.48
N ILE A 20 -4.57 -8.75 4.93
CA ILE A 20 -4.85 -8.19 6.29
C ILE A 20 -6.04 -8.95 6.89
N PRO A 21 -5.77 -9.95 7.69
CA PRO A 21 -6.85 -10.79 8.32
C PRO A 21 -7.99 -9.98 8.94
N ASP A 22 -7.69 -8.96 9.70
CA ASP A 22 -8.77 -8.12 10.30
C ASP A 22 -9.55 -7.39 9.20
N ALA A 23 -8.97 -7.26 8.03
CA ALA A 23 -9.67 -6.58 6.91
C ALA A 23 -10.17 -7.61 5.90
N ASP A 24 -9.71 -8.83 6.03
CA ASP A 24 -10.16 -9.90 5.09
C ASP A 24 -9.74 -9.56 3.65
N ILE A 25 -8.50 -9.19 3.46
CA ILE A 25 -8.06 -8.82 2.08
C ILE A 25 -6.78 -9.58 1.70
N LYS A 26 -6.59 -9.82 0.44
CA LYS A 26 -5.38 -10.55 -0.04
C LYS A 26 -5.17 -10.22 -1.53
N GLU A 27 -4.15 -9.45 -1.82
CA GLU A 27 -3.90 -9.07 -3.25
C GLU A 27 -2.39 -9.12 -3.54
N PRO A 28 -1.99 -8.87 -4.78
CA PRO A 28 -0.56 -8.91 -5.20
C PRO A 28 0.18 -7.59 -4.96
N VAL A 29 1.49 -7.60 -5.11
CA VAL A 29 2.29 -6.36 -4.91
C VAL A 29 3.13 -6.09 -6.17
N TYR A 30 2.69 -5.20 -7.04
CA TYR A 30 3.47 -4.90 -8.30
C TYR A 30 4.46 -3.76 -8.03
N PRO A 31 5.52 -3.68 -8.80
CA PRO A 31 6.55 -2.62 -8.63
C PRO A 31 6.05 -1.20 -8.93
N GLY A 32 6.55 -0.24 -8.20
CA GLY A 32 6.15 1.17 -8.41
C GLY A 32 6.34 1.54 -9.88
N PRO A 33 5.80 2.65 -10.30
CA PRO A 33 5.01 3.56 -9.43
C PRO A 33 3.51 3.25 -9.49
N ALA A 34 2.74 3.80 -8.60
CA ALA A 34 1.27 3.52 -8.62
C ALA A 34 0.61 4.26 -9.79
N THR A 35 1.30 4.46 -10.88
CA THR A 35 0.68 5.18 -12.02
C THR A 35 -0.33 4.26 -12.71
N PRO A 36 -1.33 4.83 -13.34
CA PRO A 36 -2.38 4.07 -14.05
C PRO A 36 -1.85 2.76 -14.65
N GLU A 37 -0.85 2.85 -15.49
CA GLU A 37 -0.30 1.60 -16.10
C GLU A 37 -0.10 0.56 -14.99
N GLN A 38 0.51 0.94 -13.91
CA GLN A 38 0.72 -0.03 -12.80
C GLN A 38 -0.61 -0.32 -12.10
N LEU A 39 -1.28 0.70 -11.64
CA LEU A 39 -2.58 0.48 -10.94
C LEU A 39 -3.47 -0.46 -11.76
N ASN A 40 -3.05 -0.78 -12.96
CA ASN A 40 -3.86 -1.70 -13.82
C ASN A 40 -3.71 -3.13 -13.29
N ARG A 41 -2.63 -3.39 -12.62
CA ARG A 41 -2.39 -4.76 -12.10
C ARG A 41 -2.87 -4.86 -10.64
N GLY A 42 -2.42 -3.99 -9.78
CA GLY A 42 -2.87 -4.07 -8.36
C GLY A 42 -2.17 -3.00 -7.52
N VAL A 43 -2.14 -3.18 -6.23
CA VAL A 43 -1.48 -2.18 -5.35
C VAL A 43 0.00 -2.09 -5.71
N SER A 44 0.37 -1.10 -6.46
CA SER A 44 1.81 -0.96 -6.85
C SER A 44 2.54 -0.04 -5.86
N PHE A 45 3.84 -0.13 -5.79
CA PHE A 45 4.57 0.77 -4.85
C PHE A 45 4.27 2.22 -5.25
N ALA A 46 4.49 3.15 -4.36
CA ALA A 46 4.17 4.57 -4.67
C ALA A 46 5.16 5.17 -5.67
N GLU A 47 6.38 4.70 -5.71
CA GLU A 47 7.37 5.30 -6.66
C GLU A 47 8.16 4.23 -7.39
N GLU A 48 8.58 4.53 -8.59
CA GLU A 48 9.35 3.55 -9.40
C GLU A 48 10.57 3.03 -8.65
N ASN A 49 11.53 3.87 -8.31
CA ASN A 49 12.76 3.35 -7.67
C ASN A 49 12.55 2.98 -6.20
N GLU A 50 11.38 2.53 -5.84
CA GLU A 50 11.16 2.17 -4.42
C GLU A 50 12.14 1.07 -4.05
N SER A 51 12.58 1.02 -2.83
CA SER A 51 13.55 -0.02 -2.42
C SER A 51 12.82 -1.20 -1.79
N LEU A 52 12.98 -2.37 -2.35
CA LEU A 52 12.29 -3.56 -1.79
C LEU A 52 12.75 -3.74 -0.34
N ASP A 53 13.63 -2.89 0.11
CA ASP A 53 14.13 -2.98 1.51
C ASP A 53 14.07 -1.59 2.15
N ASP A 54 13.27 -0.71 1.60
CA ASP A 54 13.16 0.66 2.16
C ASP A 54 12.53 0.62 3.55
N GLN A 55 13.10 1.32 4.50
CA GLN A 55 12.51 1.30 5.86
C GLN A 55 11.13 1.96 5.81
N ASN A 56 10.75 2.46 4.67
CA ASN A 56 9.42 3.08 4.51
C ASN A 56 8.91 2.74 3.12
N ILE A 57 8.20 1.66 3.00
CA ILE A 57 7.68 1.23 1.67
C ILE A 57 6.21 1.62 1.54
N SER A 58 5.91 2.51 0.62
CA SER A 58 4.49 2.94 0.46
C SER A 58 3.85 2.26 -0.74
N ILE A 59 2.58 1.97 -0.65
CA ILE A 59 1.85 1.31 -1.76
C ILE A 59 0.51 2.02 -1.94
N ALA A 60 -0.10 1.94 -3.10
CA ALA A 60 -1.40 2.65 -3.27
C ALA A 60 -2.36 1.82 -4.13
N GLY A 61 -3.64 2.14 -4.06
CA GLY A 61 -4.64 1.39 -4.86
C GLY A 61 -6.01 2.10 -4.81
N HIS A 62 -6.73 2.07 -5.91
CA HIS A 62 -8.08 2.69 -5.95
C HIS A 62 -9.06 1.85 -5.14
N THR A 63 -10.25 2.36 -4.88
CA THR A 63 -11.26 1.58 -4.08
C THR A 63 -12.50 1.36 -4.97
N PHE A 64 -13.30 0.39 -4.64
CA PHE A 64 -14.52 0.12 -5.47
C PHE A 64 -15.67 -0.32 -4.57
N ILE A 65 -16.80 0.34 -4.70
CA ILE A 65 -17.95 -0.03 -3.86
C ILE A 65 -18.41 -1.44 -4.21
N ASP A 66 -18.39 -1.76 -5.47
CA ASP A 66 -18.85 -3.11 -5.91
C ASP A 66 -17.73 -4.15 -5.91
N ARG A 67 -16.72 -3.99 -5.11
CA ARG A 67 -15.62 -5.01 -5.10
C ARG A 67 -14.92 -5.00 -3.74
N PRO A 68 -15.23 -5.95 -2.87
CA PRO A 68 -14.60 -6.01 -1.52
C PRO A 68 -13.21 -6.67 -1.56
N ASN A 69 -12.98 -7.54 -2.50
CA ASN A 69 -11.65 -8.21 -2.58
C ASN A 69 -10.73 -7.41 -3.48
N TYR A 70 -11.15 -6.25 -3.91
CA TYR A 70 -10.29 -5.44 -4.81
C TYR A 70 -8.97 -5.09 -4.11
N GLN A 71 -8.38 -3.98 -4.45
CA GLN A 71 -7.10 -3.60 -3.81
C GLN A 71 -7.32 -3.27 -2.33
N PHE A 72 -7.96 -2.16 -2.04
CA PHE A 72 -8.19 -1.78 -0.61
C PHE A 72 -9.62 -1.29 -0.41
N THR A 73 -10.59 -2.04 -0.87
CA THR A 73 -12.02 -1.61 -0.68
C THR A 73 -12.47 -2.01 0.73
N ASN A 74 -12.05 -3.16 1.17
CA ASN A 74 -12.45 -3.63 2.53
C ASN A 74 -11.55 -3.06 3.62
N LEU A 75 -10.66 -2.17 3.28
CA LEU A 75 -9.74 -1.60 4.30
C LEU A 75 -10.51 -0.72 5.29
N LYS A 76 -11.34 0.17 4.80
CA LYS A 76 -12.10 1.06 5.73
C LYS A 76 -12.61 0.27 6.93
N ALA A 77 -12.66 -1.04 6.83
CA ALA A 77 -13.14 -1.85 7.96
C ALA A 77 -12.00 -2.10 8.95
N ALA A 78 -10.80 -2.19 8.46
CA ALA A 78 -9.64 -2.48 9.35
C ALA A 78 -9.14 -1.21 10.08
N LYS A 79 -8.53 -1.42 11.20
CA LYS A 79 -8.06 -0.24 11.99
C LYS A 79 -6.83 -0.59 12.83
N LYS A 80 -6.47 0.26 13.75
CA LYS A 80 -5.28 0.01 14.59
C LYS A 80 -5.24 -1.44 15.08
N GLY A 81 -4.23 -1.77 15.81
CA GLY A 81 -4.09 -3.16 16.34
C GLY A 81 -4.35 -4.19 15.23
N SER A 82 -4.51 -3.76 14.01
CA SER A 82 -4.76 -4.74 12.91
C SER A 82 -3.43 -5.28 12.41
N MET A 83 -3.23 -6.58 12.47
CA MET A 83 -1.95 -7.16 11.99
C MET A 83 -1.90 -7.09 10.47
N VAL A 84 -0.82 -6.62 9.92
CA VAL A 84 -0.70 -6.52 8.44
C VAL A 84 0.43 -7.45 7.96
N TYR A 85 0.21 -8.24 6.94
CA TYR A 85 1.27 -9.18 6.46
C TYR A 85 1.86 -8.74 5.12
N PHE A 86 3.15 -8.79 5.01
CA PHE A 86 3.83 -8.37 3.74
C PHE A 86 4.62 -9.55 3.16
N LYS A 87 4.09 -10.21 2.17
CA LYS A 87 4.80 -11.38 1.57
C LYS A 87 5.59 -10.97 0.32
N VAL A 88 6.83 -11.37 0.25
CA VAL A 88 7.69 -11.06 -0.94
C VAL A 88 8.57 -12.28 -1.21
N GLY A 89 8.85 -12.60 -2.44
CA GLY A 89 9.72 -13.78 -2.73
C GLY A 89 9.28 -14.95 -1.85
N ASN A 90 10.20 -15.58 -1.20
CA ASN A 90 9.84 -16.72 -0.32
C ASN A 90 9.88 -16.24 1.13
N GLU A 91 9.82 -14.95 1.34
CA GLU A 91 9.88 -14.40 2.72
C GLU A 91 8.56 -13.72 3.10
N THR A 92 8.22 -13.78 4.36
CA THR A 92 6.96 -13.15 4.84
C THR A 92 7.25 -12.26 6.04
N ARG A 93 7.24 -10.96 5.84
CA ARG A 93 7.52 -10.03 6.97
C ARG A 93 6.21 -9.75 7.71
N LYS A 94 6.21 -8.82 8.62
CA LYS A 94 4.95 -8.53 9.36
C LYS A 94 4.90 -7.07 9.80
N TYR A 95 3.72 -6.51 9.84
CA TYR A 95 3.56 -5.09 10.27
C TYR A 95 2.28 -4.99 11.10
N LYS A 96 2.10 -3.91 11.80
CA LYS A 96 0.85 -3.76 12.61
C LYS A 96 0.43 -2.29 12.56
N MET A 97 -0.76 -2.01 12.08
CA MET A 97 -1.22 -0.60 11.97
C MET A 97 -0.97 0.19 13.25
N THR A 98 0.00 1.04 13.20
CA THR A 98 0.35 1.86 14.40
C THR A 98 -0.09 3.30 14.18
N SER A 99 -0.22 3.71 12.97
CA SER A 99 -0.62 5.13 12.74
C SER A 99 -1.35 5.29 11.41
N ILE A 100 -2.22 6.27 11.36
CA ILE A 100 -3.01 6.51 10.12
C ILE A 100 -3.45 7.99 10.06
N ARG A 101 -3.49 8.52 8.89
CA ARG A 101 -3.91 9.95 8.72
C ARG A 101 -4.55 10.15 7.35
N ASP A 102 -5.36 11.16 7.23
CA ASP A 102 -6.04 11.43 5.92
C ASP A 102 -5.58 12.80 5.41
N VAL A 103 -5.67 13.03 4.14
CA VAL A 103 -5.24 14.35 3.60
C VAL A 103 -5.80 14.57 2.19
N LYS A 104 -5.85 15.80 1.77
CA LYS A 104 -6.36 16.12 0.40
C LYS A 104 -5.61 15.25 -0.62
N PRO A 105 -5.93 15.34 -1.88
CA PRO A 105 -5.28 14.52 -2.94
C PRO A 105 -4.00 15.18 -3.47
N THR A 106 -3.18 15.71 -2.60
CA THR A 106 -1.92 16.37 -3.05
C THR A 106 -0.85 16.28 -1.95
N ASP A 107 -1.23 15.90 -0.76
CA ASP A 107 -0.24 15.82 0.36
C ASP A 107 0.69 14.60 0.15
N VAL A 108 1.43 14.61 -0.91
CA VAL A 108 2.33 13.44 -1.19
C VAL A 108 3.01 13.00 0.12
N GLY A 109 3.25 13.92 1.02
CA GLY A 109 3.89 13.56 2.31
C GLY A 109 3.30 12.27 2.87
N VAL A 110 2.19 11.82 2.35
CA VAL A 110 1.59 10.56 2.87
C VAL A 110 2.65 9.45 2.83
N LEU A 111 3.49 9.48 1.83
CA LEU A 111 4.54 8.41 1.72
C LEU A 111 5.29 8.35 3.06
N ASP A 112 4.99 9.28 3.94
CA ASP A 112 5.62 9.28 5.29
C ASP A 112 7.07 8.80 5.25
N GLU A 113 7.77 8.97 4.16
CA GLU A 113 9.20 8.53 4.14
C GLU A 113 9.94 9.36 5.19
N GLN A 114 10.08 8.83 6.38
CA GLN A 114 10.77 9.59 7.46
C GLN A 114 11.40 8.63 8.48
N LYS A 115 10.61 8.08 9.35
CA LYS A 115 11.15 7.15 10.39
C LYS A 115 11.89 6.01 9.70
N GLY A 116 13.03 5.67 10.20
CA GLY A 116 13.82 4.56 9.61
C GLY A 116 13.99 3.51 10.70
N LYS A 117 14.33 3.93 11.89
CA LYS A 117 14.51 2.96 13.00
C LYS A 117 13.44 1.88 12.89
N ASP A 118 12.24 2.21 13.23
CA ASP A 118 11.13 1.23 13.10
C ASP A 118 10.54 1.41 11.71
N LYS A 119 10.99 0.64 10.76
CA LYS A 119 10.51 0.75 9.35
C LYS A 119 8.99 0.91 9.31
N GLN A 120 8.43 0.99 8.12
CA GLN A 120 6.95 1.13 8.05
C GLN A 120 6.43 0.75 6.67
N LEU A 121 5.16 0.48 6.59
CA LEU A 121 4.54 0.15 5.28
C LEU A 121 3.40 1.14 5.06
N THR A 122 3.65 2.22 4.37
CA THR A 122 2.57 3.23 4.18
C THR A 122 1.51 2.70 3.21
N LEU A 123 0.30 2.61 3.68
CA LEU A 123 -0.81 2.14 2.80
C LEU A 123 -1.53 3.38 2.23
N ILE A 124 -1.96 3.33 1.01
CA ILE A 124 -2.69 4.49 0.44
C ILE A 124 -3.90 3.99 -0.32
N THR A 125 -5.06 4.25 0.19
CA THR A 125 -6.30 3.81 -0.49
C THR A 125 -7.22 5.01 -0.56
N CYS A 126 -7.47 5.49 -1.72
CA CYS A 126 -8.33 6.71 -1.85
C CYS A 126 -9.81 6.35 -1.72
N ASP A 127 -10.62 7.34 -1.47
CA ASP A 127 -12.10 7.11 -1.32
C ASP A 127 -12.82 8.47 -1.43
N ASP A 128 -13.98 8.58 -0.84
CA ASP A 128 -14.72 9.87 -0.92
C ASP A 128 -14.78 10.33 -2.37
N TYR A 129 -15.34 9.53 -3.23
CA TYR A 129 -15.41 9.89 -4.67
C TYR A 129 -16.34 11.08 -4.88
N ASN A 130 -15.93 11.98 -5.73
CA ASN A 130 -16.78 13.16 -6.04
C ASN A 130 -17.42 12.95 -7.40
N GLU A 131 -18.62 13.40 -7.54
CA GLU A 131 -19.33 13.23 -8.82
C GLU A 131 -19.44 14.58 -9.52
N LYS A 132 -19.24 15.63 -8.77
CA LYS A 132 -19.30 16.98 -9.39
C LYS A 132 -17.97 17.30 -10.04
N THR A 133 -16.90 17.15 -9.31
CA THR A 133 -15.55 17.44 -9.88
C THR A 133 -14.98 16.19 -10.54
N GLY A 134 -15.58 15.04 -10.32
CA GLY A 134 -15.07 13.79 -10.94
C GLY A 134 -13.67 13.45 -10.41
N VAL A 135 -13.44 13.67 -9.15
CA VAL A 135 -12.09 13.37 -8.59
C VAL A 135 -12.22 12.93 -7.14
N TRP A 136 -11.20 12.32 -6.60
CA TRP A 136 -11.26 11.88 -5.18
C TRP A 136 -10.92 13.06 -4.29
N GLU A 137 -11.84 13.46 -3.45
CA GLU A 137 -11.58 14.63 -2.57
C GLU A 137 -10.70 14.24 -1.38
N LYS A 138 -11.16 13.34 -0.55
CA LYS A 138 -10.36 12.94 0.64
C LYS A 138 -9.54 11.70 0.32
N ARG A 139 -8.42 11.54 0.99
CA ARG A 139 -7.57 10.34 0.75
C ARG A 139 -7.36 9.58 2.05
N LYS A 140 -7.34 8.28 1.97
CA LYS A 140 -7.15 7.45 3.19
C LYS A 140 -5.79 6.73 3.12
N ILE A 141 -4.92 6.96 4.07
CA ILE A 141 -3.61 6.26 4.03
C ILE A 141 -3.20 5.81 5.44
N PHE A 142 -3.06 4.54 5.62
CA PHE A 142 -2.70 3.99 6.96
C PHE A 142 -1.20 3.66 7.01
N VAL A 143 -0.56 3.98 8.10
CA VAL A 143 0.89 3.63 8.22
C VAL A 143 1.00 2.38 9.09
N ALA A 144 1.83 1.45 8.71
CA ALA A 144 1.96 0.21 9.53
C ALA A 144 3.41 0.05 9.97
N THR A 145 3.64 -0.25 11.22
CA THR A 145 5.03 -0.39 11.71
C THR A 145 5.55 -1.81 11.52
N GLU A 146 6.73 -1.92 10.99
CA GLU A 146 7.30 -3.27 10.79
C GLU A 146 7.22 -4.06 12.09
N VAL A 147 6.78 -5.28 12.01
CA VAL A 147 6.62 -6.10 13.25
C VAL A 147 7.35 -7.42 13.11
N LYS A 148 7.61 -8.06 14.21
CA LYS A 148 8.30 -9.37 14.19
C LYS A 148 7.61 -10.33 15.16
N LEU B 2 0.60 12.68 -4.50
CA LEU B 2 0.60 11.28 -3.98
C LEU B 2 0.29 10.32 -5.13
N PRO B 3 0.64 9.07 -4.97
CA PRO B 3 0.43 8.00 -6.01
C PRO B 3 -1.03 7.82 -6.42
N ALA B 4 -1.25 7.18 -7.53
CA ALA B 4 -2.64 6.93 -8.01
C ALA B 4 -3.54 8.11 -7.66
N MET A 1 19.72 -17.26 7.11
CA MET A 1 20.17 -16.37 6.01
C MET A 1 18.99 -15.60 5.45
N GLN A 2 18.96 -14.31 5.62
CA GLN A 2 17.83 -13.50 5.09
C GLN A 2 17.75 -13.65 3.57
N ALA A 3 16.56 -13.65 3.02
CA ALA A 3 16.43 -13.78 1.54
C ALA A 3 17.06 -12.57 0.86
N LYS A 4 17.15 -12.59 -0.44
CA LYS A 4 17.76 -11.43 -1.16
C LYS A 4 17.03 -11.21 -2.49
N PRO A 5 15.82 -10.73 -2.42
CA PRO A 5 14.98 -10.46 -3.60
C PRO A 5 15.21 -9.03 -4.12
N GLN A 6 14.92 -8.79 -5.38
CA GLN A 6 15.12 -7.42 -5.94
C GLN A 6 14.21 -7.23 -7.15
N ILE A 7 13.43 -6.18 -7.18
CA ILE A 7 12.55 -5.93 -8.36
C ILE A 7 13.38 -6.02 -9.64
N PRO A 8 13.20 -7.03 -10.44
CA PRO A 8 13.96 -7.18 -11.71
C PRO A 8 13.30 -6.42 -12.86
N LYS A 9 13.53 -6.83 -14.07
CA LYS A 9 12.90 -6.13 -15.23
C LYS A 9 11.49 -6.66 -15.43
N ASP A 10 11.11 -7.65 -14.68
CA ASP A 10 9.73 -8.22 -14.83
C ASP A 10 8.70 -7.29 -14.19
N LYS A 11 8.74 -6.05 -14.58
CA LYS A 11 7.71 -5.12 -14.01
C LYS A 11 6.34 -5.81 -14.20
N SER A 12 6.38 -6.83 -15.00
CA SER A 12 5.12 -7.59 -15.25
C SER A 12 4.88 -8.63 -14.13
N LYS A 13 5.84 -8.81 -13.26
CA LYS A 13 5.64 -9.81 -12.16
C LYS A 13 5.31 -9.10 -10.86
N VAL A 14 4.45 -9.66 -10.05
CA VAL A 14 4.19 -9.05 -8.73
C VAL A 14 5.50 -9.16 -7.98
N ALA A 15 5.87 -8.19 -7.19
CA ALA A 15 7.16 -8.33 -6.46
C ALA A 15 6.88 -9.16 -5.22
N GLY A 16 5.62 -9.29 -4.91
CA GLY A 16 5.22 -10.08 -3.74
C GLY A 16 3.72 -9.94 -3.55
N TYR A 17 3.25 -10.16 -2.37
CA TYR A 17 1.78 -10.09 -2.14
C TYR A 17 1.49 -9.48 -0.78
N ILE A 18 0.24 -9.20 -0.53
CA ILE A 18 -0.10 -8.55 0.76
C ILE A 18 -1.49 -8.99 1.22
N GLU A 19 -1.69 -9.16 2.49
CA GLU A 19 -3.01 -9.58 3.00
C GLU A 19 -3.22 -9.05 4.41
N ILE A 20 -4.43 -9.03 4.88
CA ILE A 20 -4.70 -8.52 6.26
C ILE A 20 -5.84 -9.35 6.87
N PRO A 21 -5.65 -9.91 8.04
CA PRO A 21 -6.69 -10.75 8.70
C PRO A 21 -7.88 -9.95 9.23
N ASP A 22 -7.63 -8.88 9.95
CA ASP A 22 -8.76 -8.05 10.47
C ASP A 22 -9.51 -7.36 9.33
N ALA A 23 -8.88 -7.20 8.18
CA ALA A 23 -9.57 -6.54 7.03
C ALA A 23 -9.98 -7.61 6.02
N ASP A 24 -9.42 -8.79 6.12
CA ASP A 24 -9.80 -9.90 5.19
C ASP A 24 -9.49 -9.54 3.74
N ILE A 25 -8.27 -9.14 3.44
CA ILE A 25 -7.92 -8.78 2.03
C ILE A 25 -6.67 -9.54 1.60
N LYS A 26 -6.51 -9.76 0.33
CA LYS A 26 -5.30 -10.48 -0.17
C LYS A 26 -5.10 -10.12 -1.65
N GLU A 27 -4.10 -9.33 -1.94
CA GLU A 27 -3.87 -8.91 -3.35
C GLU A 27 -2.38 -8.89 -3.66
N PRO A 28 -2.03 -8.94 -4.92
CA PRO A 28 -0.62 -8.94 -5.39
C PRO A 28 0.11 -7.62 -5.12
N VAL A 29 1.41 -7.62 -5.29
CA VAL A 29 2.20 -6.38 -5.06
C VAL A 29 3.07 -6.10 -6.30
N TYR A 30 2.64 -5.22 -7.18
CA TYR A 30 3.45 -4.93 -8.40
C TYR A 30 4.40 -3.74 -8.14
N PRO A 31 5.49 -3.67 -8.85
CA PRO A 31 6.49 -2.57 -8.68
C PRO A 31 5.90 -1.17 -8.90
N GLY A 32 6.36 -0.21 -8.15
CA GLY A 32 5.89 1.20 -8.32
C GLY A 32 6.17 1.65 -9.76
N PRO A 33 5.63 2.77 -10.16
CA PRO A 33 4.76 3.62 -9.31
C PRO A 33 3.28 3.30 -9.49
N ALA A 34 2.43 3.81 -8.64
CA ALA A 34 0.97 3.50 -8.78
C ALA A 34 0.38 4.23 -9.98
N THR A 35 1.14 4.45 -11.02
CA THR A 35 0.58 5.16 -12.20
C THR A 35 -0.37 4.21 -12.94
N PRO A 36 -1.31 4.76 -13.67
CA PRO A 36 -2.30 3.97 -14.43
C PRO A 36 -1.71 2.66 -14.97
N GLU A 37 -0.65 2.75 -15.73
CA GLU A 37 -0.03 1.52 -16.29
C GLU A 37 0.11 0.47 -15.20
N GLN A 38 0.65 0.84 -14.06
CA GLN A 38 0.83 -0.13 -12.96
C GLN A 38 -0.51 -0.49 -12.32
N LEU A 39 -1.24 0.50 -11.86
CA LEU A 39 -2.56 0.21 -11.21
C LEU A 39 -3.37 -0.75 -12.08
N ASN A 40 -2.91 -1.05 -13.26
CA ASN A 40 -3.65 -1.99 -14.15
C ASN A 40 -3.48 -3.41 -13.62
N ARG A 41 -2.41 -3.66 -12.92
CA ARG A 41 -2.18 -5.02 -12.38
C ARG A 41 -2.70 -5.11 -10.94
N GLY A 42 -2.32 -4.20 -10.10
CA GLY A 42 -2.80 -4.25 -8.69
C GLY A 42 -2.15 -3.15 -7.86
N VAL A 43 -2.25 -3.24 -6.56
CA VAL A 43 -1.65 -2.20 -5.68
C VAL A 43 -0.15 -2.10 -5.94
N SER A 44 0.26 -1.06 -6.61
CA SER A 44 1.72 -0.90 -6.93
C SER A 44 2.41 -0.07 -5.84
N PHE A 45 3.73 -0.06 -5.82
CA PHE A 45 4.46 0.76 -4.81
C PHE A 45 4.30 2.23 -5.20
N ALA A 46 3.94 3.04 -4.27
CA ALA A 46 3.73 4.49 -4.56
C ALA A 46 4.95 5.11 -5.27
N GLU A 47 6.05 4.39 -5.40
CA GLU A 47 7.24 5.02 -6.08
C GLU A 47 7.96 4.01 -6.97
N GLU A 48 8.38 4.45 -8.13
CA GLU A 48 9.10 3.56 -9.07
C GLU A 48 10.30 2.92 -8.36
N ASN A 49 11.25 3.70 -7.91
CA ASN A 49 12.46 3.10 -7.28
C ASN A 49 12.17 2.62 -5.86
N GLU A 50 11.00 2.11 -5.61
CA GLU A 50 10.69 1.64 -4.23
C GLU A 50 11.74 0.59 -3.86
N SER A 51 12.14 0.53 -2.62
CA SER A 51 13.18 -0.46 -2.23
C SER A 51 12.54 -1.66 -1.53
N LEU A 52 12.80 -2.83 -2.03
CA LEU A 52 12.24 -4.04 -1.40
C LEU A 52 12.73 -4.08 0.04
N ASP A 53 13.57 -3.15 0.40
CA ASP A 53 14.10 -3.09 1.79
C ASP A 53 13.97 -1.67 2.33
N ASP A 54 13.10 -0.88 1.77
CA ASP A 54 12.91 0.52 2.24
C ASP A 54 12.37 0.50 3.67
N GLN A 55 12.87 1.37 4.52
CA GLN A 55 12.36 1.39 5.93
C GLN A 55 10.89 1.85 5.89
N ASN A 56 10.43 2.23 4.74
CA ASN A 56 9.02 2.65 4.60
C ASN A 56 8.56 2.22 3.22
N ILE A 57 7.90 1.11 3.13
CA ILE A 57 7.44 0.63 1.81
C ILE A 57 5.99 1.08 1.61
N SER A 58 5.79 2.04 0.75
CA SER A 58 4.42 2.57 0.52
C SER A 58 3.73 1.80 -0.61
N ILE A 59 2.43 1.79 -0.60
CA ILE A 59 1.67 1.09 -1.67
C ILE A 59 0.40 1.88 -1.95
N ALA A 60 -0.14 1.78 -3.13
CA ALA A 60 -1.38 2.55 -3.43
C ALA A 60 -2.35 1.72 -4.27
N GLY A 61 -3.62 2.01 -4.18
CA GLY A 61 -4.61 1.24 -4.97
C GLY A 61 -5.98 1.94 -4.98
N HIS A 62 -6.69 1.78 -6.06
CA HIS A 62 -8.05 2.41 -6.18
C HIS A 62 -9.05 1.66 -5.28
N THR A 63 -10.17 2.28 -4.98
CA THR A 63 -11.20 1.62 -4.14
C THR A 63 -12.48 1.42 -4.96
N PHE A 64 -13.32 0.50 -4.56
CA PHE A 64 -14.58 0.26 -5.33
C PHE A 64 -15.79 0.39 -4.41
N ILE A 65 -16.72 1.20 -4.79
CA ILE A 65 -17.94 1.39 -3.96
C ILE A 65 -18.84 0.17 -4.10
N ASP A 66 -18.87 -0.38 -5.28
CA ASP A 66 -19.74 -1.56 -5.53
C ASP A 66 -18.93 -2.86 -5.38
N ARG A 67 -17.85 -2.85 -4.68
CA ARG A 67 -17.05 -4.11 -4.56
C ARG A 67 -16.17 -4.08 -3.30
N PRO A 68 -16.51 -4.83 -2.28
CA PRO A 68 -15.71 -4.88 -1.02
C PRO A 68 -14.47 -5.76 -1.15
N ASN A 69 -14.48 -6.70 -2.06
CA ASN A 69 -13.31 -7.60 -2.23
C ASN A 69 -12.35 -7.00 -3.27
N TYR A 70 -12.32 -5.70 -3.38
CA TYR A 70 -11.43 -5.05 -4.38
C TYR A 70 -10.01 -4.95 -3.82
N GLN A 71 -9.26 -3.96 -4.24
CA GLN A 71 -7.87 -3.82 -3.74
C GLN A 71 -7.88 -3.44 -2.25
N PHE A 72 -8.25 -2.23 -1.93
CA PHE A 72 -8.29 -1.82 -0.48
C PHE A 72 -9.68 -1.28 -0.12
N THR A 73 -10.70 -1.68 -0.80
CA THR A 73 -12.07 -1.17 -0.47
C THR A 73 -12.45 -1.62 0.95
N ASN A 74 -12.04 -2.79 1.33
CA ASN A 74 -12.41 -3.31 2.68
C ASN A 74 -11.45 -2.82 3.77
N LEU A 75 -10.58 -1.90 3.47
CA LEU A 75 -9.64 -1.42 4.51
C LEU A 75 -10.37 -0.56 5.54
N LYS A 76 -11.22 0.34 5.10
CA LYS A 76 -11.95 1.20 6.06
C LYS A 76 -12.43 0.38 7.26
N ALA A 77 -12.45 -0.91 7.14
CA ALA A 77 -12.90 -1.75 8.30
C ALA A 77 -11.73 -2.01 9.24
N ALA A 78 -10.55 -2.19 8.70
CA ALA A 78 -9.37 -2.47 9.55
C ALA A 78 -8.84 -1.19 10.21
N LYS A 79 -8.19 -1.35 11.34
CA LYS A 79 -7.68 -0.14 12.05
C LYS A 79 -6.51 -0.49 12.96
N LYS A 80 -6.20 0.39 13.87
CA LYS A 80 -5.05 0.15 14.80
C LYS A 80 -5.13 -1.27 15.36
N GLY A 81 -4.19 -1.62 16.19
CA GLY A 81 -4.16 -2.98 16.80
C GLY A 81 -4.42 -4.05 15.74
N SER A 82 -4.47 -3.70 14.48
CA SER A 82 -4.70 -4.74 13.43
C SER A 82 -3.36 -5.23 12.89
N MET A 83 -3.21 -6.50 12.71
CA MET A 83 -1.93 -7.04 12.19
C MET A 83 -1.93 -6.98 10.65
N VAL A 84 -0.78 -6.77 10.07
CA VAL A 84 -0.69 -6.68 8.59
C VAL A 84 0.46 -7.58 8.11
N TYR A 85 0.26 -8.36 7.07
CA TYR A 85 1.36 -9.27 6.61
C TYR A 85 1.86 -8.88 5.21
N PHE A 86 3.16 -8.90 5.02
CA PHE A 86 3.74 -8.50 3.70
C PHE A 86 4.60 -9.65 3.15
N LYS A 87 4.11 -10.33 2.15
CA LYS A 87 4.87 -11.48 1.57
C LYS A 87 5.70 -11.05 0.34
N VAL A 88 6.95 -11.45 0.31
CA VAL A 88 7.84 -11.12 -0.84
C VAL A 88 8.74 -12.33 -1.09
N GLY A 89 9.03 -12.67 -2.32
CA GLY A 89 9.91 -13.84 -2.60
C GLY A 89 9.58 -14.97 -1.62
N ASN A 90 10.57 -15.46 -0.94
CA ASN A 90 10.33 -16.56 0.05
C ASN A 90 10.30 -15.95 1.44
N GLU A 91 10.20 -14.65 1.52
CA GLU A 91 10.19 -13.97 2.84
C GLU A 91 8.82 -13.41 3.19
N THR A 92 8.47 -13.49 4.44
CA THR A 92 7.15 -12.97 4.89
C THR A 92 7.34 -12.06 6.10
N ARG A 93 7.29 -10.78 5.88
CA ARG A 93 7.47 -9.83 7.00
C ARG A 93 6.10 -9.57 7.64
N LYS A 94 6.05 -8.76 8.66
CA LYS A 94 4.75 -8.51 9.31
C LYS A 94 4.72 -7.07 9.86
N TYR A 95 3.55 -6.47 9.87
CA TYR A 95 3.43 -5.09 10.40
C TYR A 95 2.12 -4.98 11.18
N LYS A 96 1.96 -3.92 11.91
CA LYS A 96 0.70 -3.73 12.67
C LYS A 96 0.26 -2.27 12.55
N MET A 97 -0.93 -2.02 12.06
CA MET A 97 -1.39 -0.61 11.90
C MET A 97 -1.17 0.19 13.18
N THR A 98 -0.20 1.06 13.14
CA THR A 98 0.11 1.87 14.35
C THR A 98 -0.30 3.32 14.14
N SER A 99 -0.41 3.74 12.92
CA SER A 99 -0.77 5.17 12.69
C SER A 99 -1.52 5.33 11.37
N ILE A 100 -2.43 6.27 11.33
CA ILE A 100 -3.24 6.50 10.10
C ILE A 100 -3.75 7.94 10.08
N ARG A 101 -3.78 8.52 8.92
CA ARG A 101 -4.25 9.92 8.82
C ARG A 101 -4.77 10.20 7.40
N ASP A 102 -5.55 11.23 7.27
CA ASP A 102 -6.10 11.61 5.93
C ASP A 102 -5.56 12.98 5.56
N VAL A 103 -5.60 13.35 4.31
CA VAL A 103 -5.04 14.67 3.92
C VAL A 103 -5.67 15.15 2.59
N LYS A 104 -5.68 16.44 2.38
CA LYS A 104 -6.27 16.99 1.12
C LYS A 104 -5.77 16.18 -0.08
N PRO A 105 -6.34 16.41 -1.23
CA PRO A 105 -5.97 15.70 -2.49
C PRO A 105 -4.68 16.24 -3.13
N THR A 106 -3.74 16.67 -2.33
CA THR A 106 -2.46 17.21 -2.91
C THR A 106 -1.29 17.04 -1.92
N ASP A 107 -1.55 16.53 -0.75
CA ASP A 107 -0.44 16.37 0.26
C ASP A 107 0.41 15.13 -0.07
N VAL A 108 1.09 15.15 -1.19
CA VAL A 108 1.90 13.96 -1.59
C VAL A 108 2.74 13.46 -0.41
N GLY A 109 3.14 14.32 0.49
CA GLY A 109 3.97 13.87 1.65
C GLY A 109 3.41 12.58 2.26
N VAL A 110 2.24 12.15 1.87
CA VAL A 110 1.69 10.89 2.47
C VAL A 110 2.71 9.77 2.31
N LEU A 111 3.49 9.81 1.26
CA LEU A 111 4.49 8.72 1.03
C LEU A 111 5.20 8.45 2.35
N ASP A 112 5.12 9.37 3.27
CA ASP A 112 5.75 9.20 4.63
C ASP A 112 6.87 8.15 4.60
N GLU A 113 8.09 8.55 4.35
CA GLU A 113 9.20 7.57 4.33
C GLU A 113 10.44 8.17 4.99
N GLN A 114 10.48 8.21 6.30
CA GLN A 114 11.65 8.81 6.99
C GLN A 114 12.08 7.95 8.18
N LYS A 115 11.15 7.43 8.93
CA LYS A 115 11.54 6.58 10.10
C LYS A 115 12.35 5.41 9.58
N GLY A 116 13.38 5.04 10.29
CA GLY A 116 14.23 3.90 9.87
C GLY A 116 14.32 2.94 11.03
N LYS A 117 14.56 3.46 12.20
CA LYS A 117 14.64 2.57 13.40
C LYS A 117 13.49 1.57 13.31
N ASP A 118 12.29 2.06 13.31
CA ASP A 118 11.10 1.18 13.19
C ASP A 118 10.56 1.31 11.77
N LYS A 119 10.94 0.44 10.89
CA LYS A 119 10.45 0.52 9.48
C LYS A 119 8.93 0.69 9.48
N GLN A 120 8.32 0.70 8.32
CA GLN A 120 6.84 0.86 8.30
C GLN A 120 6.26 0.42 6.97
N LEU A 121 4.97 0.39 6.85
CA LEU A 121 4.33 0.02 5.57
C LEU A 121 3.22 1.02 5.30
N THR A 122 3.46 1.99 4.44
CA THR A 122 2.41 3.01 4.16
C THR A 122 1.38 2.46 3.18
N LEU A 123 0.17 2.33 3.61
CA LEU A 123 -0.90 1.82 2.71
C LEU A 123 -1.72 3.00 2.16
N ILE A 124 -1.54 3.35 0.93
CA ILE A 124 -2.35 4.47 0.37
C ILE A 124 -3.59 3.90 -0.30
N THR A 125 -4.73 4.40 0.07
CA THR A 125 -5.98 3.92 -0.55
C THR A 125 -6.92 5.10 -0.68
N CYS A 126 -7.19 5.52 -1.87
CA CYS A 126 -8.05 6.72 -2.05
C CYS A 126 -9.54 6.37 -1.90
N ASP A 127 -10.36 7.37 -1.65
CA ASP A 127 -11.83 7.14 -1.50
C ASP A 127 -12.55 8.50 -1.55
N ASP A 128 -13.77 8.56 -1.08
CA ASP A 128 -14.54 9.84 -1.10
C ASP A 128 -14.58 10.38 -2.53
N TYR A 129 -15.08 9.60 -3.45
CA TYR A 129 -15.15 10.04 -4.86
C TYR A 129 -16.13 11.19 -5.02
N ASN A 130 -15.77 12.17 -5.78
CA ASN A 130 -16.67 13.31 -6.02
C ASN A 130 -17.30 13.14 -7.40
N GLU A 131 -18.52 13.56 -7.53
CA GLU A 131 -19.22 13.42 -8.82
C GLU A 131 -19.40 14.80 -9.43
N LYS A 132 -19.22 15.82 -8.64
CA LYS A 132 -19.38 17.20 -9.17
C LYS A 132 -18.07 17.63 -9.84
N THR A 133 -16.98 17.51 -9.15
CA THR A 133 -15.66 17.90 -9.73
C THR A 133 -15.05 16.69 -10.46
N GLY A 134 -15.64 15.54 -10.29
CA GLY A 134 -15.14 14.31 -11.00
C GLY A 134 -13.77 13.89 -10.45
N VAL A 135 -13.52 14.09 -9.17
CA VAL A 135 -12.20 13.67 -8.61
C VAL A 135 -12.38 13.25 -7.16
N TRP A 136 -11.37 12.66 -6.62
CA TRP A 136 -11.44 12.20 -5.20
C TRP A 136 -11.07 13.36 -4.27
N GLU A 137 -11.96 13.73 -3.39
CA GLU A 137 -11.68 14.88 -2.47
C GLU A 137 -10.74 14.48 -1.33
N LYS A 138 -11.12 13.53 -0.52
CA LYS A 138 -10.25 13.14 0.62
C LYS A 138 -9.31 12.00 0.25
N ARG A 139 -8.23 11.87 0.97
CA ARG A 139 -7.26 10.77 0.70
C ARG A 139 -7.07 9.96 1.99
N LYS A 140 -7.00 8.67 1.86
CA LYS A 140 -6.84 7.80 3.07
C LYS A 140 -5.54 6.99 2.97
N ILE A 141 -4.64 7.16 3.93
CA ILE A 141 -3.37 6.39 3.87
C ILE A 141 -3.00 5.93 5.29
N PHE A 142 -2.91 4.63 5.48
CA PHE A 142 -2.59 4.08 6.83
C PHE A 142 -1.10 3.69 6.92
N VAL A 143 -0.47 3.98 8.04
CA VAL A 143 0.95 3.57 8.22
C VAL A 143 0.97 2.35 9.14
N ALA A 144 1.90 1.47 8.98
CA ALA A 144 1.94 0.27 9.87
C ALA A 144 3.37 0.09 10.36
N THR A 145 3.55 -0.25 11.61
CA THR A 145 4.93 -0.39 12.13
C THR A 145 5.46 -1.81 11.96
N GLU A 146 6.64 -1.89 11.45
CA GLU A 146 7.25 -3.24 11.27
C GLU A 146 7.37 -3.91 12.64
N VAL A 147 7.03 -5.17 12.73
CA VAL A 147 7.11 -5.87 14.03
C VAL A 147 7.84 -7.21 13.87
N LYS A 148 7.64 -7.87 12.77
CA LYS A 148 8.32 -9.18 12.54
C LYS A 148 9.73 -9.16 13.15
N LEU B 2 -0.46 12.98 -4.29
CA LEU B 2 -0.46 11.60 -3.73
C LEU B 2 -0.69 10.59 -4.87
N PRO B 3 0.10 9.55 -4.97
CA PRO B 3 -0.03 8.53 -6.05
C PRO B 3 -1.48 8.13 -6.32
N ALA B 4 -1.69 7.30 -7.30
CA ALA B 4 -3.08 6.85 -7.62
C ALA B 4 -4.03 8.04 -7.55
N MET A 1 18.04 -11.32 5.01
CA MET A 1 19.45 -11.62 4.66
C MET A 1 19.53 -12.97 3.95
N GLN A 2 18.53 -13.81 4.13
CA GLN A 2 18.56 -15.14 3.46
C GLN A 2 18.58 -14.95 1.94
N ALA A 3 17.44 -15.04 1.29
CA ALA A 3 17.41 -14.87 -0.19
C ALA A 3 17.80 -13.42 -0.53
N LYS A 4 17.52 -12.98 -1.72
CA LYS A 4 17.89 -11.59 -2.10
C LYS A 4 16.84 -11.04 -3.07
N PRO A 5 15.73 -10.62 -2.55
CA PRO A 5 14.62 -10.04 -3.36
C PRO A 5 14.94 -8.63 -3.85
N GLN A 6 14.63 -8.33 -5.07
CA GLN A 6 14.91 -6.96 -5.60
C GLN A 6 14.02 -6.69 -6.80
N ILE A 7 13.46 -5.51 -6.89
CA ILE A 7 12.59 -5.21 -8.06
C ILE A 7 13.35 -5.57 -9.35
N PRO A 8 12.96 -6.60 -10.05
CA PRO A 8 13.65 -7.01 -11.30
C PRO A 8 13.19 -6.18 -12.50
N LYS A 9 13.45 -6.66 -13.69
CA LYS A 9 13.02 -5.90 -14.90
C LYS A 9 11.61 -6.35 -15.29
N ASP A 10 11.12 -7.42 -14.71
CA ASP A 10 9.74 -7.88 -15.05
C ASP A 10 8.73 -6.96 -14.36
N LYS A 11 8.77 -5.73 -14.78
CA LYS A 11 7.76 -4.77 -14.20
C LYS A 11 6.37 -5.48 -14.26
N SER A 12 6.38 -6.53 -15.02
CA SER A 12 5.11 -7.32 -15.17
C SER A 12 4.96 -8.37 -14.05
N LYS A 13 5.96 -8.55 -13.22
CA LYS A 13 5.84 -9.57 -12.14
C LYS A 13 5.37 -8.98 -10.81
N VAL A 14 4.56 -9.68 -10.09
CA VAL A 14 4.16 -9.20 -8.76
C VAL A 14 5.45 -9.25 -7.94
N ALA A 15 5.79 -8.24 -7.20
CA ALA A 15 7.05 -8.36 -6.44
C ALA A 15 6.75 -9.17 -5.19
N GLY A 16 5.49 -9.30 -4.90
CA GLY A 16 5.09 -10.08 -3.71
C GLY A 16 3.60 -9.92 -3.47
N TYR A 17 3.18 -10.13 -2.26
CA TYR A 17 1.74 -10.04 -1.95
C TYR A 17 1.51 -9.40 -0.58
N ILE A 18 0.28 -9.10 -0.30
CA ILE A 18 -0.04 -8.44 0.98
C ILE A 18 -1.44 -8.84 1.42
N GLU A 19 -1.67 -8.95 2.69
CA GLU A 19 -3.03 -9.35 3.17
C GLU A 19 -3.27 -8.74 4.56
N ILE A 20 -4.50 -8.72 4.99
CA ILE A 20 -4.81 -8.14 6.33
C ILE A 20 -6.00 -8.92 6.93
N PRO A 21 -5.73 -9.94 7.70
CA PRO A 21 -6.80 -10.77 8.32
C PRO A 21 -7.93 -9.97 8.98
N ASP A 22 -7.62 -8.93 9.70
CA ASP A 22 -8.68 -8.09 10.33
C ASP A 22 -9.52 -7.40 9.25
N ALA A 23 -8.97 -7.27 8.07
CA ALA A 23 -9.72 -6.61 6.96
C ALA A 23 -10.17 -7.68 5.97
N ASP A 24 -9.62 -8.86 6.06
CA ASP A 24 -10.03 -9.95 5.13
C ASP A 24 -9.61 -9.60 3.69
N ILE A 25 -8.38 -9.22 3.49
CA ILE A 25 -7.93 -8.85 2.11
C ILE A 25 -6.65 -9.60 1.75
N LYS A 26 -6.46 -9.86 0.47
CA LYS A 26 -5.24 -10.58 0.02
C LYS A 26 -5.03 -10.28 -1.47
N GLU A 27 -4.06 -9.46 -1.79
CA GLU A 27 -3.83 -9.11 -3.22
C GLU A 27 -2.32 -9.05 -3.49
N PRO A 28 -1.95 -9.04 -4.75
CA PRO A 28 -0.51 -9.01 -5.18
C PRO A 28 0.17 -7.66 -4.99
N VAL A 29 1.46 -7.64 -5.08
CA VAL A 29 2.23 -6.38 -4.92
C VAL A 29 3.08 -6.13 -6.18
N TYR A 30 2.63 -5.28 -7.07
CA TYR A 30 3.42 -5.02 -8.33
C TYR A 30 4.36 -3.83 -8.13
N PRO A 31 5.44 -3.77 -8.88
CA PRO A 31 6.42 -2.65 -8.78
C PRO A 31 5.79 -1.26 -9.00
N GLY A 32 6.29 -0.27 -8.32
CA GLY A 32 5.77 1.12 -8.46
C GLY A 32 6.01 1.60 -9.90
N PRO A 33 5.43 2.71 -10.27
CA PRO A 33 4.56 3.53 -9.40
C PRO A 33 3.08 3.17 -9.56
N ALA A 34 2.23 3.69 -8.69
CA ALA A 34 0.78 3.37 -8.78
C ALA A 34 0.13 4.08 -9.97
N THR A 35 0.82 4.27 -11.05
CA THR A 35 0.18 4.95 -12.21
C THR A 35 -0.80 3.99 -12.85
N PRO A 36 -1.83 4.50 -13.48
CA PRO A 36 -2.88 3.66 -14.12
C PRO A 36 -2.32 2.35 -14.68
N GLU A 37 -1.36 2.43 -15.56
CA GLU A 37 -0.78 1.19 -16.14
C GLU A 37 -0.49 0.17 -15.04
N GLN A 38 0.18 0.57 -13.99
CA GLN A 38 0.51 -0.39 -12.89
C GLN A 38 -0.75 -0.75 -12.10
N LEU A 39 -1.55 0.24 -11.76
CA LEU A 39 -2.77 -0.04 -10.96
C LEU A 39 -3.67 -1.04 -11.69
N ASN A 40 -3.34 -1.39 -12.90
CA ASN A 40 -4.19 -2.38 -13.65
C ASN A 40 -3.87 -3.78 -13.15
N ARG A 41 -2.66 -3.99 -12.70
CA ARG A 41 -2.25 -5.34 -12.24
C ARG A 41 -2.53 -5.49 -10.74
N GLY A 42 -2.21 -4.51 -9.94
CA GLY A 42 -2.49 -4.64 -8.49
C GLY A 42 -1.89 -3.44 -7.73
N VAL A 43 -2.12 -3.37 -6.45
CA VAL A 43 -1.57 -2.25 -5.65
C VAL A 43 -0.08 -2.10 -5.93
N SER A 44 0.30 -1.06 -6.62
CA SER A 44 1.74 -0.89 -6.95
C SER A 44 2.44 -0.03 -5.88
N PHE A 45 3.74 -0.12 -5.77
CA PHE A 45 4.45 0.73 -4.77
C PHE A 45 4.19 2.19 -5.10
N ALA A 46 3.67 2.95 -4.18
CA ALA A 46 3.38 4.38 -4.47
C ALA A 46 4.58 5.03 -5.15
N GLU A 47 5.71 4.37 -5.21
CA GLU A 47 6.90 4.99 -5.88
C GLU A 47 7.62 3.96 -6.73
N GLU A 48 8.11 4.39 -7.85
CA GLU A 48 8.83 3.48 -8.77
C GLU A 48 10.02 2.83 -8.07
N ASN A 49 10.99 3.60 -7.65
CA ASN A 49 12.22 3.01 -7.05
C ASN A 49 12.01 2.59 -5.59
N GLU A 50 10.85 2.13 -5.22
CA GLU A 50 10.64 1.72 -3.81
C GLU A 50 11.62 0.59 -3.48
N SER A 51 12.08 0.51 -2.27
CA SER A 51 13.06 -0.55 -1.91
C SER A 51 12.36 -1.74 -1.27
N LEU A 52 12.89 -2.91 -1.51
CA LEU A 52 12.27 -4.12 -0.90
C LEU A 52 12.41 -4.01 0.62
N ASP A 53 13.34 -3.22 1.06
CA ASP A 53 13.55 -3.05 2.53
C ASP A 53 13.67 -1.57 2.88
N ASP A 54 12.85 -0.74 2.32
CA ASP A 54 12.92 0.73 2.63
C ASP A 54 12.52 0.98 4.08
N GLN A 55 13.05 1.99 4.70
CA GLN A 55 12.66 2.30 6.10
C GLN A 55 11.19 2.71 6.11
N ASN A 56 10.66 2.99 4.95
CA ASN A 56 9.24 3.37 4.80
C ASN A 56 8.76 2.85 3.44
N ILE A 57 8.10 1.71 3.41
CA ILE A 57 7.64 1.16 2.11
C ILE A 57 6.17 1.52 1.89
N SER A 58 5.91 2.37 0.92
CA SER A 58 4.50 2.81 0.68
C SER A 58 3.89 2.08 -0.53
N ILE A 59 2.59 1.93 -0.50
CA ILE A 59 1.88 1.26 -1.63
C ILE A 59 0.58 2.00 -1.89
N ALA A 60 0.00 1.85 -3.05
CA ALA A 60 -1.27 2.59 -3.33
C ALA A 60 -2.23 1.74 -4.16
N GLY A 61 -3.50 2.05 -4.05
CA GLY A 61 -4.53 1.30 -4.82
C GLY A 61 -5.87 2.04 -4.80
N HIS A 62 -6.60 1.93 -5.87
CA HIS A 62 -7.94 2.60 -5.96
C HIS A 62 -8.94 1.87 -5.06
N THR A 63 -10.09 2.47 -4.83
CA THR A 63 -11.13 1.81 -3.99
C THR A 63 -12.36 1.56 -4.87
N PHE A 64 -13.10 0.50 -4.62
CA PHE A 64 -14.31 0.21 -5.45
C PHE A 64 -15.56 0.42 -4.63
N ILE A 65 -16.44 1.25 -5.08
CA ILE A 65 -17.69 1.49 -4.34
C ILE A 65 -18.57 0.25 -4.41
N ASP A 66 -18.66 -0.35 -5.56
CA ASP A 66 -19.51 -1.56 -5.71
C ASP A 66 -18.69 -2.84 -5.50
N ARG A 67 -17.59 -2.78 -4.79
CA ARG A 67 -16.80 -4.02 -4.59
C ARG A 67 -15.91 -3.88 -3.33
N PRO A 68 -16.23 -4.57 -2.26
CA PRO A 68 -15.44 -4.51 -1.01
C PRO A 68 -14.23 -5.45 -1.04
N ASN A 69 -14.25 -6.44 -1.90
CA ASN A 69 -13.12 -7.40 -1.98
C ASN A 69 -12.11 -6.90 -3.02
N TYR A 70 -12.09 -5.63 -3.29
CA TYR A 70 -11.13 -5.11 -4.29
C TYR A 70 -9.75 -4.93 -3.64
N GLN A 71 -9.00 -3.98 -4.10
CA GLN A 71 -7.64 -3.77 -3.52
C GLN A 71 -7.73 -3.28 -2.07
N PHE A 72 -8.17 -2.08 -1.85
CA PHE A 72 -8.28 -1.55 -0.46
C PHE A 72 -9.66 -0.98 -0.19
N THR A 73 -10.69 -1.58 -0.73
CA THR A 73 -12.07 -1.05 -0.47
C THR A 73 -12.55 -1.54 0.91
N ASN A 74 -12.14 -2.73 1.26
CA ASN A 74 -12.57 -3.31 2.56
C ASN A 74 -11.63 -2.82 3.68
N LEU A 75 -10.75 -1.93 3.36
CA LEU A 75 -9.81 -1.42 4.39
C LEU A 75 -10.55 -0.57 5.43
N LYS A 76 -11.40 0.33 5.00
CA LYS A 76 -12.13 1.19 5.97
C LYS A 76 -12.61 0.36 7.17
N ALA A 77 -12.65 -0.94 7.03
CA ALA A 77 -13.11 -1.79 8.18
C ALA A 77 -11.94 -2.03 9.14
N ALA A 78 -10.78 -2.24 8.61
CA ALA A 78 -9.61 -2.52 9.48
C ALA A 78 -9.04 -1.24 10.10
N LYS A 79 -8.36 -1.39 11.19
CA LYS A 79 -7.79 -0.19 11.87
C LYS A 79 -6.60 -0.58 12.73
N LYS A 80 -6.21 0.29 13.63
CA LYS A 80 -5.04 0.01 14.50
C LYS A 80 -5.14 -1.42 15.06
N GLY A 81 -4.19 -1.77 15.87
CA GLY A 81 -4.16 -3.13 16.49
C GLY A 81 -4.46 -4.21 15.42
N SER A 82 -4.51 -3.84 14.17
CA SER A 82 -4.79 -4.86 13.11
C SER A 82 -3.47 -5.45 12.61
N MET A 83 -3.40 -6.74 12.44
CA MET A 83 -2.14 -7.36 11.94
C MET A 83 -2.03 -7.14 10.43
N VAL A 84 -0.83 -6.90 9.93
CA VAL A 84 -0.67 -6.67 8.46
C VAL A 84 0.50 -7.54 7.95
N TYR A 85 0.26 -8.31 6.92
CA TYR A 85 1.33 -9.22 6.40
C TYR A 85 1.94 -8.70 5.09
N PHE A 86 3.25 -8.73 5.01
CA PHE A 86 3.94 -8.26 3.78
C PHE A 86 4.76 -9.42 3.19
N LYS A 87 4.21 -10.09 2.20
CA LYS A 87 4.95 -11.24 1.58
C LYS A 87 5.76 -10.78 0.37
N VAL A 88 7.02 -11.11 0.33
CA VAL A 88 7.90 -10.72 -0.82
C VAL A 88 8.85 -11.90 -1.08
N GLY A 89 9.09 -12.25 -2.31
CA GLY A 89 10.01 -13.40 -2.58
C GLY A 89 9.60 -14.57 -1.70
N ASN A 90 10.55 -15.21 -1.06
CA ASN A 90 10.21 -16.34 -0.17
C ASN A 90 10.25 -15.84 1.27
N GLU A 91 10.17 -14.54 1.44
CA GLU A 91 10.22 -13.96 2.80
C GLU A 91 8.88 -13.32 3.19
N THR A 92 8.56 -13.37 4.44
CA THR A 92 7.28 -12.78 4.93
C THR A 92 7.55 -11.85 6.12
N ARG A 93 7.51 -10.57 5.88
CA ARG A 93 7.74 -9.60 7.00
C ARG A 93 6.38 -9.23 7.57
N LYS A 94 6.22 -9.33 8.86
CA LYS A 94 4.90 -8.99 9.44
C LYS A 94 4.87 -7.51 9.85
N TYR A 95 3.70 -6.94 9.91
CA TYR A 95 3.56 -5.51 10.33
C TYR A 95 2.30 -5.40 11.17
N LYS A 96 2.11 -4.29 11.83
CA LYS A 96 0.87 -4.12 12.66
C LYS A 96 0.44 -2.66 12.56
N MET A 97 -0.76 -2.39 12.12
CA MET A 97 -1.20 -0.98 11.98
C MET A 97 -0.87 -0.17 13.23
N THR A 98 0.07 0.70 13.09
CA THR A 98 0.51 1.53 14.25
C THR A 98 -0.06 2.94 14.12
N SER A 99 -0.25 3.40 12.92
CA SER A 99 -0.77 4.79 12.76
C SER A 99 -1.49 4.98 11.42
N ILE A 100 -2.35 5.96 11.38
CA ILE A 100 -3.11 6.24 10.13
C ILE A 100 -3.58 7.69 10.12
N ARG A 101 -3.67 8.26 8.95
CA ARG A 101 -4.10 9.67 8.83
C ARG A 101 -4.73 9.93 7.47
N ASP A 102 -5.04 11.16 7.19
CA ASP A 102 -5.67 11.51 5.89
C ASP A 102 -5.14 12.89 5.46
N VAL A 103 -5.21 13.22 4.19
CA VAL A 103 -4.71 14.55 3.75
C VAL A 103 -5.39 14.99 2.46
N LYS A 104 -5.41 16.27 2.20
CA LYS A 104 -6.06 16.80 0.96
C LYS A 104 -5.63 15.97 -0.26
N PRO A 105 -6.29 16.19 -1.37
CA PRO A 105 -5.99 15.45 -2.65
C PRO A 105 -4.76 16.00 -3.39
N THR A 106 -3.81 16.56 -2.69
CA THR A 106 -2.60 17.09 -3.38
C THR A 106 -1.39 17.02 -2.43
N ASP A 107 -1.59 16.58 -1.23
CA ASP A 107 -0.43 16.50 -0.28
C ASP A 107 0.44 15.29 -0.61
N VAL A 108 1.06 15.28 -1.76
CA VAL A 108 1.90 14.11 -2.13
C VAL A 108 2.75 13.71 -0.93
N GLY A 109 3.13 14.65 -0.10
CA GLY A 109 3.95 14.31 1.08
C GLY A 109 3.40 13.04 1.75
N VAL A 110 2.19 12.66 1.42
CA VAL A 110 1.62 11.43 2.04
C VAL A 110 2.63 10.30 1.88
N LEU A 111 3.37 10.31 0.81
CA LEU A 111 4.36 9.23 0.56
C LEU A 111 5.15 9.00 1.86
N ASP A 112 5.04 9.94 2.78
CA ASP A 112 5.71 9.82 4.11
C ASP A 112 6.87 8.81 4.11
N GLU A 113 8.07 9.26 3.83
CA GLU A 113 9.23 8.32 3.86
C GLU A 113 10.33 8.87 4.76
N GLN A 114 10.08 8.91 6.04
CA GLN A 114 11.10 9.48 6.98
C GLN A 114 11.30 8.57 8.20
N LYS A 115 10.24 8.11 8.81
CA LYS A 115 10.39 7.22 9.99
C LYS A 115 11.06 5.93 9.55
N GLY A 116 12.13 5.56 10.18
CA GLY A 116 12.84 4.33 9.82
C GLY A 116 13.15 3.55 11.08
N LYS A 117 13.51 4.25 12.13
CA LYS A 117 13.83 3.56 13.43
C LYS A 117 12.94 2.33 13.55
N ASP A 118 11.66 2.54 13.61
CA ASP A 118 10.73 1.39 13.64
C ASP A 118 10.12 1.28 12.24
N LYS A 119 10.88 0.73 11.31
CA LYS A 119 10.44 0.59 9.88
C LYS A 119 8.91 0.53 9.75
N GLN A 120 8.40 0.74 8.58
CA GLN A 120 6.92 0.68 8.44
C GLN A 120 6.49 0.42 7.00
N LEU A 121 5.23 0.12 6.83
CA LEU A 121 4.67 -0.12 5.47
C LEU A 121 3.49 0.83 5.30
N THR A 122 3.68 1.90 4.58
CA THR A 122 2.57 2.89 4.42
C THR A 122 1.53 2.36 3.41
N LEU A 123 0.31 2.26 3.85
CA LEU A 123 -0.78 1.78 2.94
C LEU A 123 -1.55 2.99 2.40
N ILE A 124 -1.45 3.28 1.14
CA ILE A 124 -2.22 4.44 0.60
C ILE A 124 -3.47 3.91 -0.09
N THR A 125 -4.61 4.36 0.32
CA THR A 125 -5.87 3.91 -0.33
C THR A 125 -6.79 5.12 -0.47
N CYS A 126 -6.94 5.60 -1.65
CA CYS A 126 -7.78 6.82 -1.84
C CYS A 126 -9.27 6.48 -1.88
N ASP A 127 -10.11 7.45 -1.58
CA ASP A 127 -11.58 7.20 -1.58
C ASP A 127 -12.32 8.55 -1.51
N ASP A 128 -13.63 8.53 -1.57
CA ASP A 128 -14.42 9.80 -1.51
C ASP A 128 -14.44 10.45 -2.90
N TYR A 129 -14.87 9.72 -3.89
CA TYR A 129 -14.91 10.28 -5.27
C TYR A 129 -15.94 11.40 -5.34
N ASN A 130 -15.58 12.50 -5.92
CA ASN A 130 -16.54 13.62 -6.06
C ASN A 130 -17.06 13.58 -7.49
N GLU A 131 -18.26 14.02 -7.67
CA GLU A 131 -18.86 14.00 -9.02
C GLU A 131 -19.04 15.43 -9.50
N LYS A 132 -18.70 16.37 -8.66
CA LYS A 132 -18.81 17.80 -9.07
C LYS A 132 -17.54 18.19 -9.84
N THR A 133 -16.40 18.07 -9.21
CA THR A 133 -15.12 18.41 -9.90
C THR A 133 -14.62 17.16 -10.63
N GLY A 134 -15.17 16.02 -10.35
CA GLY A 134 -14.75 14.76 -11.03
C GLY A 134 -13.38 14.32 -10.52
N VAL A 135 -13.15 14.40 -9.24
CA VAL A 135 -11.83 13.96 -8.69
C VAL A 135 -12.00 13.41 -7.27
N TRP A 136 -11.01 12.71 -6.81
CA TRP A 136 -11.06 12.13 -5.42
C TRP A 136 -10.61 13.22 -4.45
N GLU A 137 -11.46 13.56 -3.50
CA GLU A 137 -11.09 14.65 -2.54
C GLU A 137 -10.38 14.11 -1.31
N LYS A 138 -11.01 13.26 -0.55
CA LYS A 138 -10.37 12.74 0.70
C LYS A 138 -9.28 11.70 0.37
N ARG A 139 -8.26 11.64 1.18
CA ARG A 139 -7.19 10.62 0.96
C ARG A 139 -7.03 9.80 2.23
N LYS A 140 -7.07 8.50 2.11
CA LYS A 140 -6.94 7.64 3.32
C LYS A 140 -5.67 6.79 3.24
N ILE A 141 -4.76 6.96 4.18
CA ILE A 141 -3.51 6.14 4.14
C ILE A 141 -3.15 5.62 5.55
N PHE A 142 -3.06 4.32 5.69
CA PHE A 142 -2.75 3.70 7.02
C PHE A 142 -1.26 3.33 7.09
N VAL A 143 -0.61 3.62 8.20
CA VAL A 143 0.83 3.23 8.34
C VAL A 143 0.93 2.03 9.28
N ALA A 144 1.86 1.14 9.07
CA ALA A 144 1.99 -0.04 9.96
C ALA A 144 3.46 -0.26 10.33
N THR A 145 3.73 -0.63 11.55
CA THR A 145 5.15 -0.82 11.97
C THR A 145 5.61 -2.25 11.69
N GLU A 146 6.74 -2.35 11.07
CA GLU A 146 7.29 -3.70 10.77
C GLU A 146 7.27 -4.54 12.04
N VAL A 147 6.82 -5.76 11.94
CA VAL A 147 6.74 -6.62 13.14
C VAL A 147 7.56 -7.90 12.96
N LYS A 148 7.85 -8.54 14.04
CA LYS A 148 8.65 -9.80 13.99
C LYS A 148 8.45 -10.58 15.29
N LEU B 2 0.07 12.55 -4.35
CA LEU B 2 -0.40 11.29 -3.71
C LEU B 2 -0.94 10.31 -4.77
N PRO B 3 -0.22 9.26 -5.08
CA PRO B 3 -0.66 8.26 -6.10
C PRO B 3 -2.10 7.76 -5.84
N ALA B 4 -2.43 6.59 -6.35
CA ALA B 4 -3.80 6.04 -6.14
C ALA B 4 -4.85 7.07 -6.52
N MET A 1 17.53 -9.71 5.21
CA MET A 1 18.83 -10.41 5.46
C MET A 1 18.73 -11.87 4.98
N GLN A 2 17.74 -12.58 5.43
CA GLN A 2 17.60 -14.01 5.00
C GLN A 2 17.47 -14.06 3.46
N ALA A 3 16.27 -13.93 2.97
CA ALA A 3 16.06 -13.98 1.49
C ALA A 3 16.75 -12.79 0.82
N LYS A 4 16.83 -12.80 -0.49
CA LYS A 4 17.49 -11.68 -1.20
C LYS A 4 16.74 -11.38 -2.50
N PRO A 5 15.58 -10.79 -2.39
CA PRO A 5 14.73 -10.42 -3.55
C PRO A 5 15.05 -9.02 -4.05
N GLN A 6 14.75 -8.74 -5.29
CA GLN A 6 15.04 -7.38 -5.84
C GLN A 6 14.09 -7.09 -7.00
N ILE A 7 13.49 -5.92 -7.02
CA ILE A 7 12.58 -5.60 -8.15
C ILE A 7 13.27 -6.02 -9.45
N PRO A 8 12.83 -7.07 -10.10
CA PRO A 8 13.46 -7.54 -11.36
C PRO A 8 13.05 -6.70 -12.56
N LYS A 9 13.25 -7.19 -13.74
CA LYS A 9 12.88 -6.42 -14.95
C LYS A 9 11.43 -6.73 -15.33
N ASP A 10 10.88 -7.78 -14.78
CA ASP A 10 9.48 -8.13 -15.13
C ASP A 10 8.51 -7.19 -14.39
N LYS A 11 8.60 -5.93 -14.75
CA LYS A 11 7.62 -4.96 -14.12
C LYS A 11 6.21 -5.62 -14.25
N SER A 12 6.20 -6.65 -15.04
CA SER A 12 4.92 -7.38 -15.24
C SER A 12 4.71 -8.42 -14.13
N LYS A 13 5.68 -8.63 -13.27
CA LYS A 13 5.51 -9.65 -12.19
C LYS A 13 5.15 -9.00 -10.85
N VAL A 14 4.32 -9.63 -10.07
CA VAL A 14 4.02 -9.09 -8.72
C VAL A 14 5.35 -9.19 -7.96
N ALA A 15 5.77 -8.19 -7.26
CA ALA A 15 7.07 -8.35 -6.55
C ALA A 15 6.78 -9.12 -5.27
N GLY A 16 5.54 -9.22 -4.93
CA GLY A 16 5.16 -9.97 -3.71
C GLY A 16 3.65 -9.88 -3.49
N TYR A 17 3.22 -10.12 -2.29
CA TYR A 17 1.77 -10.11 -2.02
C TYR A 17 1.49 -9.54 -0.63
N ILE A 18 0.25 -9.21 -0.39
CA ILE A 18 -0.09 -8.61 0.93
C ILE A 18 -1.51 -9.01 1.34
N GLU A 19 -1.75 -9.17 2.61
CA GLU A 19 -3.10 -9.56 3.08
C GLU A 19 -3.33 -8.98 4.48
N ILE A 20 -4.56 -8.91 4.91
CA ILE A 20 -4.86 -8.36 6.25
C ILE A 20 -6.08 -9.07 6.83
N PRO A 21 -5.87 -10.07 7.66
CA PRO A 21 -6.98 -10.86 8.27
C PRO A 21 -8.10 -10.01 8.89
N ASP A 22 -7.78 -9.00 9.66
CA ASP A 22 -8.84 -8.14 10.26
C ASP A 22 -9.62 -7.38 9.19
N ALA A 23 -9.05 -7.23 8.03
CA ALA A 23 -9.74 -6.51 6.93
C ALA A 23 -10.21 -7.53 5.88
N ASP A 24 -9.75 -8.75 6.01
CA ASP A 24 -10.15 -9.82 5.05
C ASP A 24 -9.71 -9.47 3.63
N ILE A 25 -8.46 -9.12 3.44
CA ILE A 25 -8.00 -8.75 2.06
C ILE A 25 -6.75 -9.54 1.70
N LYS A 26 -6.54 -9.77 0.42
CA LYS A 26 -5.34 -10.53 -0.05
C LYS A 26 -5.11 -10.15 -1.52
N GLU A 27 -4.07 -9.40 -1.79
CA GLU A 27 -3.82 -8.97 -3.20
C GLU A 27 -2.32 -8.98 -3.51
N PRO A 28 -1.98 -8.95 -4.78
CA PRO A 28 -0.57 -8.97 -5.25
C PRO A 28 0.16 -7.64 -5.01
N VAL A 29 1.46 -7.64 -5.12
CA VAL A 29 2.25 -6.39 -4.90
C VAL A 29 3.12 -6.13 -6.15
N TYR A 30 2.67 -5.26 -7.04
CA TYR A 30 3.46 -4.98 -8.28
C TYR A 30 4.42 -3.80 -8.04
N PRO A 31 5.49 -3.73 -8.80
CA PRO A 31 6.49 -2.64 -8.67
C PRO A 31 5.92 -1.24 -8.96
N GLY A 32 6.42 -0.26 -8.26
CA GLY A 32 5.96 1.15 -8.46
C GLY A 32 6.20 1.56 -9.90
N PRO A 33 5.64 2.67 -10.30
CA PRO A 33 4.79 3.54 -9.43
C PRO A 33 3.30 3.20 -9.59
N ALA A 34 2.48 3.75 -8.73
CA ALA A 34 1.02 3.46 -8.84
C ALA A 34 0.41 4.16 -10.04
N THR A 35 1.15 4.35 -11.10
CA THR A 35 0.56 5.04 -12.29
C THR A 35 -0.42 4.08 -12.96
N PRO A 36 -1.42 4.60 -13.62
CA PRO A 36 -2.45 3.77 -14.29
C PRO A 36 -1.90 2.44 -14.81
N GLU A 37 -0.91 2.48 -15.65
CA GLU A 37 -0.33 1.21 -16.18
C GLU A 37 -0.16 0.20 -15.04
N GLN A 38 0.43 0.61 -13.95
CA GLN A 38 0.65 -0.31 -12.81
C GLN A 38 -0.67 -0.63 -12.10
N LEU A 39 -1.37 0.37 -11.63
CA LEU A 39 -2.67 0.11 -10.91
C LEU A 39 -3.53 -0.84 -11.74
N ASN A 40 -3.11 -1.18 -12.93
CA ASN A 40 -3.90 -2.11 -13.78
C ASN A 40 -3.76 -3.53 -13.22
N ARG A 41 -2.65 -3.80 -12.58
CA ARG A 41 -2.43 -5.15 -12.02
C ARG A 41 -2.92 -5.18 -10.56
N GLY A 42 -2.44 -4.28 -9.74
CA GLY A 42 -2.88 -4.28 -8.32
C GLY A 42 -2.19 -3.15 -7.55
N VAL A 43 -2.17 -3.24 -6.25
CA VAL A 43 -1.51 -2.19 -5.42
C VAL A 43 -0.03 -2.09 -5.77
N SER A 44 0.34 -1.06 -6.48
CA SER A 44 1.77 -0.89 -6.88
C SER A 44 2.51 -0.02 -5.86
N PHE A 45 3.81 -0.12 -5.78
CA PHE A 45 4.56 0.74 -4.83
C PHE A 45 4.29 2.20 -5.22
N ALA A 46 3.92 3.01 -4.28
CA ALA A 46 3.59 4.43 -4.58
C ALA A 46 4.72 5.10 -5.39
N GLU A 47 5.89 4.52 -5.43
CA GLU A 47 6.99 5.18 -6.21
C GLU A 47 7.79 4.14 -6.98
N GLU A 48 8.28 4.53 -8.12
CA GLU A 48 9.06 3.59 -8.96
C GLU A 48 10.25 2.99 -8.18
N ASN A 49 11.19 3.79 -7.76
CA ASN A 49 12.39 3.21 -7.09
C ASN A 49 12.13 2.83 -5.64
N GLU A 50 10.96 2.39 -5.30
CA GLU A 50 10.72 2.02 -3.89
C GLU A 50 11.71 0.91 -3.55
N SER A 51 12.15 0.85 -2.32
CA SER A 51 13.15 -0.19 -1.96
C SER A 51 12.46 -1.38 -1.27
N LEU A 52 12.75 -2.56 -1.74
CA LEU A 52 12.14 -3.76 -1.13
C LEU A 52 12.53 -3.80 0.35
N ASP A 53 13.46 -2.97 0.74
CA ASP A 53 13.89 -2.91 2.17
C ASP A 53 13.95 -1.45 2.62
N ASP A 54 13.13 -0.61 2.05
CA ASP A 54 13.14 0.84 2.42
C ASP A 54 12.67 1.05 3.86
N GLN A 55 13.16 2.06 4.51
CA GLN A 55 12.72 2.34 5.90
C GLN A 55 11.25 2.77 5.86
N ASN A 56 10.75 3.05 4.68
CA ASN A 56 9.33 3.46 4.51
C ASN A 56 8.87 3.01 3.13
N ILE A 57 8.16 1.90 3.06
CA ILE A 57 7.69 1.39 1.74
C ILE A 57 6.22 1.82 1.53
N SER A 58 5.97 2.69 0.59
CA SER A 58 4.57 3.14 0.36
C SER A 58 3.93 2.38 -0.80
N ILE A 59 2.62 2.27 -0.78
CA ILE A 59 1.90 1.54 -1.86
C ILE A 59 0.56 2.26 -2.11
N ALA A 60 -0.04 2.05 -3.26
CA ALA A 60 -1.34 2.74 -3.51
C ALA A 60 -2.30 1.88 -4.32
N GLY A 61 -3.57 2.22 -4.25
CA GLY A 61 -4.61 1.45 -5.00
C GLY A 61 -5.98 2.14 -4.92
N HIS A 62 -6.75 2.04 -5.97
CA HIS A 62 -8.11 2.67 -6.00
C HIS A 62 -9.07 1.91 -5.08
N THR A 63 -10.22 2.48 -4.81
CA THR A 63 -11.23 1.80 -3.93
C THR A 63 -12.52 1.55 -4.74
N PHE A 64 -13.38 0.67 -4.28
CA PHE A 64 -14.63 0.40 -5.04
C PHE A 64 -15.83 0.39 -4.10
N ILE A 65 -16.78 1.24 -4.37
CA ILE A 65 -18.00 1.30 -3.52
C ILE A 65 -18.76 0.00 -3.64
N ASP A 66 -18.85 -0.52 -4.82
CA ASP A 66 -19.61 -1.79 -5.04
C ASP A 66 -18.69 -3.02 -5.02
N ARG A 67 -17.57 -2.94 -4.37
CA ARG A 67 -16.66 -4.13 -4.37
C ARG A 67 -15.70 -4.06 -3.17
N PRO A 68 -15.91 -4.87 -2.16
CA PRO A 68 -15.04 -4.88 -0.95
C PRO A 68 -13.76 -5.70 -1.16
N ASN A 69 -13.79 -6.62 -2.08
CA ASN A 69 -12.57 -7.46 -2.33
C ASN A 69 -11.71 -6.81 -3.40
N TYR A 70 -11.75 -5.50 -3.51
CA TYR A 70 -10.92 -4.80 -4.53
C TYR A 70 -9.51 -4.60 -3.97
N GLN A 71 -8.84 -3.55 -4.37
CA GLN A 71 -7.46 -3.30 -3.85
C GLN A 71 -7.52 -2.97 -2.36
N PHE A 72 -7.96 -1.79 -2.00
CA PHE A 72 -8.03 -1.43 -0.55
C PHE A 72 -9.42 -0.89 -0.20
N THR A 73 -10.46 -1.54 -0.64
CA THR A 73 -11.83 -1.05 -0.32
C THR A 73 -12.25 -1.52 1.07
N ASN A 74 -11.89 -2.72 1.43
CA ASN A 74 -12.29 -3.24 2.77
C ASN A 74 -11.35 -2.74 3.87
N LEU A 75 -10.44 -1.86 3.56
CA LEU A 75 -9.51 -1.37 4.61
C LEU A 75 -10.27 -0.50 5.60
N LYS A 76 -11.09 0.40 5.11
CA LYS A 76 -11.86 1.30 6.02
C LYS A 76 -12.45 0.47 7.18
N ALA A 77 -12.52 -0.82 7.02
CA ALA A 77 -13.08 -1.66 8.12
C ALA A 77 -11.99 -1.96 9.14
N ALA A 78 -10.79 -2.17 8.67
CA ALA A 78 -9.68 -2.50 9.60
C ALA A 78 -9.13 -1.24 10.28
N LYS A 79 -8.51 -1.46 11.41
CA LYS A 79 -7.99 -0.29 12.17
C LYS A 79 -6.77 -0.71 13.00
N LYS A 80 -6.40 0.09 13.96
CA LYS A 80 -5.23 -0.22 14.82
C LYS A 80 -5.17 -1.70 15.19
N GLY A 81 -4.14 -2.05 15.89
CA GLY A 81 -3.95 -3.46 16.32
C GLY A 81 -4.20 -4.42 15.13
N SER A 82 -4.35 -3.89 13.94
CA SER A 82 -4.57 -4.78 12.77
C SER A 82 -3.24 -5.38 12.31
N MET A 83 -3.14 -6.69 12.30
CA MET A 83 -1.86 -7.33 11.86
C MET A 83 -1.80 -7.29 10.33
N VAL A 84 -0.74 -6.74 9.80
CA VAL A 84 -0.58 -6.65 8.33
C VAL A 84 0.54 -7.60 7.89
N TYR A 85 0.31 -8.42 6.88
CA TYR A 85 1.35 -9.40 6.44
C TYR A 85 1.92 -9.00 5.07
N PHE A 86 3.22 -9.07 4.95
CA PHE A 86 3.88 -8.70 3.66
C PHE A 86 4.67 -9.88 3.12
N LYS A 87 4.13 -10.56 2.13
CA LYS A 87 4.85 -11.73 1.54
C LYS A 87 5.53 -11.33 0.23
N VAL A 88 6.82 -11.50 0.16
CA VAL A 88 7.54 -11.15 -1.10
C VAL A 88 8.64 -12.19 -1.33
N GLY A 89 8.66 -12.82 -2.47
CA GLY A 89 9.69 -13.86 -2.71
C GLY A 89 9.44 -15.03 -1.76
N ASN A 90 10.45 -15.49 -1.10
CA ASN A 90 10.26 -16.62 -0.14
C ASN A 90 10.25 -16.05 1.27
N GLU A 91 10.20 -14.74 1.38
CA GLU A 91 10.22 -14.10 2.73
C GLU A 91 8.84 -13.51 3.10
N THR A 92 8.52 -13.59 4.35
CA THR A 92 7.20 -13.07 4.83
C THR A 92 7.40 -12.23 6.09
N ARG A 93 7.43 -10.93 5.95
CA ARG A 93 7.63 -10.05 7.12
C ARG A 93 6.26 -9.78 7.76
N LYS A 94 6.20 -8.93 8.74
CA LYS A 94 4.88 -8.66 9.39
C LYS A 94 4.84 -7.22 9.90
N TYR A 95 3.69 -6.60 9.80
CA TYR A 95 3.55 -5.19 10.29
C TYR A 95 2.23 -5.11 11.05
N LYS A 96 2.00 -4.04 11.77
CA LYS A 96 0.71 -3.90 12.50
C LYS A 96 0.30 -2.43 12.43
N MET A 97 -0.87 -2.13 11.92
CA MET A 97 -1.31 -0.71 11.82
C MET A 97 -1.04 0.05 13.11
N THR A 98 -0.05 0.89 13.06
CA THR A 98 0.32 1.67 14.26
C THR A 98 -0.10 3.12 14.10
N SER A 99 -0.23 3.58 12.89
CA SER A 99 -0.61 5.01 12.70
C SER A 99 -1.37 5.21 11.39
N ILE A 100 -2.21 6.20 11.36
CA ILE A 100 -3.01 6.47 10.14
C ILE A 100 -3.42 7.94 10.09
N ARG A 101 -3.45 8.47 8.90
CA ARG A 101 -3.81 9.90 8.75
C ARG A 101 -4.39 10.16 7.35
N ASP A 102 -5.18 11.20 7.25
CA ASP A 102 -5.79 11.55 5.93
C ASP A 102 -5.30 12.95 5.52
N VAL A 103 -5.41 13.29 4.26
CA VAL A 103 -4.96 14.64 3.83
C VAL A 103 -5.51 14.96 2.43
N LYS A 104 -5.51 16.22 2.07
CA LYS A 104 -6.02 16.63 0.73
C LYS A 104 -5.44 15.71 -0.34
N PRO A 105 -5.91 15.84 -1.56
CA PRO A 105 -5.42 15.01 -2.70
C PRO A 105 -4.10 15.53 -3.28
N THR A 106 -3.23 16.05 -2.46
CA THR A 106 -1.93 16.57 -2.99
C THR A 106 -0.82 16.46 -1.92
N ASP A 107 -1.14 16.01 -0.73
CA ASP A 107 -0.11 15.90 0.34
C ASP A 107 0.78 14.68 0.10
N VAL A 108 1.50 14.67 -0.99
CA VAL A 108 2.39 13.50 -1.28
C VAL A 108 3.10 13.08 0.00
N GLY A 109 3.39 14.01 0.87
CA GLY A 109 4.09 13.66 2.14
C GLY A 109 3.50 12.39 2.77
N VAL A 110 2.39 11.91 2.28
CA VAL A 110 1.81 10.67 2.89
C VAL A 110 2.87 9.57 2.86
N LEU A 111 3.72 9.58 1.86
CA LEU A 111 4.77 8.50 1.79
C LEU A 111 5.49 8.46 3.13
N ASP A 112 5.17 9.38 4.01
CA ASP A 112 5.78 9.42 5.37
C ASP A 112 7.24 8.95 5.35
N GLU A 113 7.92 9.12 4.26
CA GLU A 113 9.36 8.70 4.25
C GLU A 113 10.11 9.56 5.26
N GLN A 114 10.23 9.08 6.47
CA GLN A 114 10.93 9.85 7.54
C GLN A 114 11.34 8.91 8.66
N LYS A 115 10.40 8.43 9.44
CA LYS A 115 10.74 7.50 10.54
C LYS A 115 11.37 6.25 9.95
N GLY A 116 12.53 5.89 10.41
CA GLY A 116 13.20 4.67 9.90
C GLY A 116 13.43 3.72 11.07
N LYS A 117 13.79 4.27 12.21
CA LYS A 117 14.04 3.42 13.41
C LYS A 117 13.11 2.22 13.34
N ASP A 118 11.85 2.48 13.37
CA ASP A 118 10.85 1.38 13.23
C ASP A 118 10.28 1.43 11.82
N LYS A 119 10.95 0.82 10.87
CA LYS A 119 10.48 0.83 9.44
C LYS A 119 8.95 0.76 9.38
N GLN A 120 8.39 0.89 8.21
CA GLN A 120 6.90 0.84 8.14
C GLN A 120 6.44 0.54 6.71
N LEU A 121 5.16 0.38 6.54
CA LEU A 121 4.59 0.13 5.20
C LEU A 121 3.47 1.14 4.99
N THR A 122 3.73 2.22 4.31
CA THR A 122 2.67 3.24 4.11
C THR A 122 1.62 2.72 3.14
N LEU A 123 0.40 2.64 3.59
CA LEU A 123 -0.70 2.20 2.71
C LEU A 123 -1.37 3.44 2.14
N ILE A 124 -1.86 3.38 0.94
CA ILE A 124 -2.55 4.56 0.37
C ILE A 124 -3.75 4.09 -0.44
N THR A 125 -4.90 4.48 -0.02
CA THR A 125 -6.13 4.09 -0.76
C THR A 125 -7.03 5.29 -0.83
N CYS A 126 -7.32 5.72 -2.00
CA CYS A 126 -8.17 6.93 -2.16
C CYS A 126 -9.66 6.60 -1.99
N ASP A 127 -10.46 7.60 -1.74
CA ASP A 127 -11.92 7.40 -1.57
C ASP A 127 -12.63 8.76 -1.66
N ASP A 128 -13.76 8.90 -1.03
CA ASP A 128 -14.50 10.19 -1.10
C ASP A 128 -14.59 10.65 -2.56
N TYR A 129 -15.19 9.84 -3.38
CA TYR A 129 -15.32 10.18 -4.82
C TYR A 129 -16.25 11.37 -5.01
N ASN A 130 -15.85 12.30 -5.81
CA ASN A 130 -16.72 13.47 -6.08
C ASN A 130 -17.42 13.23 -7.41
N GLU A 131 -18.63 13.69 -7.53
CA GLU A 131 -19.38 13.50 -8.79
C GLU A 131 -19.54 14.86 -9.44
N LYS A 132 -19.38 15.90 -8.68
CA LYS A 132 -19.49 17.27 -9.25
C LYS A 132 -18.14 17.64 -9.88
N THR A 133 -17.08 17.46 -9.15
CA THR A 133 -15.73 17.80 -9.68
C THR A 133 -15.16 16.59 -10.43
N GLY A 134 -15.84 15.47 -10.39
CA GLY A 134 -15.36 14.25 -11.11
C GLY A 134 -13.95 13.88 -10.68
N VAL A 135 -13.62 14.06 -9.42
CA VAL A 135 -12.25 13.70 -8.97
C VAL A 135 -12.31 13.22 -7.52
N TRP A 136 -11.30 12.53 -7.07
CA TRP A 136 -11.29 12.06 -5.65
C TRP A 136 -10.78 13.20 -4.78
N GLU A 137 -11.57 13.69 -3.87
CA GLU A 137 -11.14 14.85 -3.05
C GLU A 137 -10.26 14.42 -1.86
N LYS A 138 -10.77 13.64 -0.96
CA LYS A 138 -9.97 13.23 0.23
C LYS A 138 -9.13 12.00 -0.08
N ARG A 139 -8.05 11.82 0.65
CA ARG A 139 -7.18 10.63 0.42
C ARG A 139 -7.02 9.87 1.74
N LYS A 140 -7.04 8.57 1.68
CA LYS A 140 -6.92 7.74 2.91
C LYS A 140 -5.59 6.99 2.91
N ILE A 141 -4.74 7.18 3.89
CA ILE A 141 -3.45 6.44 3.90
C ILE A 141 -3.06 6.00 5.31
N PHE A 142 -2.94 4.72 5.49
CA PHE A 142 -2.61 4.15 6.84
C PHE A 142 -1.15 3.71 6.88
N VAL A 143 -0.46 3.97 7.97
CA VAL A 143 0.97 3.52 8.08
C VAL A 143 1.01 2.28 8.95
N ALA A 144 1.87 1.34 8.64
CA ALA A 144 1.95 0.11 9.47
C ALA A 144 3.38 -0.07 9.93
N THR A 145 3.59 -0.39 11.17
CA THR A 145 4.98 -0.53 11.68
C THR A 145 5.48 -1.96 11.50
N GLU A 146 6.63 -2.08 10.91
CA GLU A 146 7.20 -3.44 10.72
C GLU A 146 7.19 -4.16 12.07
N VAL A 147 6.77 -5.38 12.08
CA VAL A 147 6.69 -6.12 13.37
C VAL A 147 7.35 -7.50 13.23
N LYS A 148 7.58 -8.13 14.34
CA LYS A 148 8.23 -9.47 14.33
C LYS A 148 7.70 -10.30 15.51
N LEU B 2 0.15 12.45 -4.15
CA LEU B 2 0.01 11.02 -3.73
C LEU B 2 -0.56 10.19 -4.89
N PRO B 3 0.15 9.17 -5.35
CA PRO B 3 -0.35 8.31 -6.46
C PRO B 3 -1.78 7.85 -6.21
N ALA B 4 -2.29 6.98 -7.05
CA ALA B 4 -3.68 6.48 -6.87
C ALA B 4 -4.65 7.66 -6.86
N MET A 1 22.47 -18.82 2.39
CA MET A 1 22.21 -17.36 2.62
C MET A 1 20.75 -17.06 2.34
N GLN A 2 20.21 -16.09 3.03
CA GLN A 2 18.79 -15.74 2.79
C GLN A 2 18.63 -15.30 1.34
N ALA A 3 17.42 -15.25 0.85
CA ALA A 3 17.20 -14.83 -0.56
C ALA A 3 17.63 -13.38 -0.75
N LYS A 4 17.39 -12.84 -1.92
CA LYS A 4 17.77 -11.42 -2.19
C LYS A 4 16.78 -10.81 -3.16
N PRO A 5 15.64 -10.40 -2.68
CA PRO A 5 14.57 -9.78 -3.54
C PRO A 5 15.00 -8.43 -4.09
N GLN A 6 14.78 -8.21 -5.36
CA GLN A 6 15.18 -6.91 -5.96
C GLN A 6 14.27 -6.60 -7.15
N ILE A 7 13.34 -5.70 -6.98
CA ILE A 7 12.44 -5.33 -8.09
C ILE A 7 13.25 -5.27 -9.39
N PRO A 8 13.17 -6.28 -10.22
CA PRO A 8 13.94 -6.34 -11.50
C PRO A 8 13.27 -5.60 -12.65
N LYS A 9 13.57 -5.99 -13.86
CA LYS A 9 12.95 -5.32 -15.03
C LYS A 9 11.58 -5.95 -15.28
N ASP A 10 11.24 -6.97 -14.53
CA ASP A 10 9.91 -7.61 -14.71
C ASP A 10 8.85 -6.70 -14.08
N LYS A 11 8.93 -5.47 -14.45
CA LYS A 11 7.89 -4.52 -13.90
C LYS A 11 6.51 -5.20 -14.07
N SER A 12 6.52 -6.21 -14.88
CA SER A 12 5.25 -6.95 -15.12
C SER A 12 5.06 -8.04 -14.07
N LYS A 13 6.03 -8.26 -13.21
CA LYS A 13 5.88 -9.33 -12.19
C LYS A 13 5.40 -8.78 -10.84
N VAL A 14 4.50 -9.46 -10.20
CA VAL A 14 4.09 -9.06 -8.85
C VAL A 14 5.32 -9.28 -7.97
N ALA A 15 5.71 -8.34 -7.16
CA ALA A 15 6.94 -8.59 -6.34
C ALA A 15 6.55 -9.42 -5.14
N GLY A 16 5.29 -9.53 -4.88
CA GLY A 16 4.84 -10.32 -3.71
C GLY A 16 3.35 -10.10 -3.48
N TYR A 17 2.90 -10.32 -2.29
CA TYR A 17 1.46 -10.15 -2.01
C TYR A 17 1.27 -9.56 -0.62
N ILE A 18 0.06 -9.25 -0.29
CA ILE A 18 -0.21 -8.64 1.03
C ILE A 18 -1.59 -9.09 1.51
N GLU A 19 -1.75 -9.29 2.79
CA GLU A 19 -3.08 -9.75 3.29
C GLU A 19 -3.30 -9.24 4.71
N ILE A 20 -4.53 -9.14 5.12
CA ILE A 20 -4.85 -8.66 6.48
C ILE A 20 -6.04 -9.48 6.98
N PRO A 21 -5.91 -10.18 8.09
CA PRO A 21 -7.02 -11.04 8.62
C PRO A 21 -8.16 -10.23 9.24
N ASP A 22 -7.87 -9.23 10.01
CA ASP A 22 -8.96 -8.41 10.60
C ASP A 22 -9.72 -7.66 9.50
N ALA A 23 -9.12 -7.51 8.34
CA ALA A 23 -9.79 -6.80 7.21
C ALA A 23 -10.24 -7.84 6.19
N ASP A 24 -9.63 -9.00 6.20
CA ASP A 24 -10.04 -10.06 5.24
C ASP A 24 -9.65 -9.68 3.81
N ILE A 25 -8.41 -9.32 3.58
CA ILE A 25 -7.99 -8.94 2.19
C ILE A 25 -6.75 -9.75 1.80
N LYS A 26 -6.57 -9.99 0.53
CA LYS A 26 -5.39 -10.77 0.06
C LYS A 26 -5.17 -10.44 -1.42
N GLU A 27 -4.13 -9.70 -1.71
CA GLU A 27 -3.88 -9.30 -3.13
C GLU A 27 -2.38 -9.29 -3.46
N PRO A 28 -2.05 -9.14 -4.72
CA PRO A 28 -0.63 -9.12 -5.19
C PRO A 28 0.06 -7.76 -4.97
N VAL A 29 1.36 -7.76 -5.01
CA VAL A 29 2.13 -6.50 -4.81
C VAL A 29 2.95 -6.20 -6.09
N TYR A 30 2.49 -5.29 -6.92
CA TYR A 30 3.26 -4.99 -8.18
C TYR A 30 4.24 -3.83 -7.97
N PRO A 31 5.29 -3.78 -8.74
CA PRO A 31 6.32 -2.72 -8.62
C PRO A 31 5.79 -1.31 -8.91
N GLY A 32 6.30 -0.36 -8.17
CA GLY A 32 5.87 1.05 -8.35
C GLY A 32 6.15 1.50 -9.79
N PRO A 33 5.62 2.64 -10.16
CA PRO A 33 4.78 3.49 -9.26
C PRO A 33 3.29 3.17 -9.43
N ALA A 34 2.46 3.69 -8.57
CA ALA A 34 1.01 3.39 -8.70
C ALA A 34 0.42 4.14 -9.89
N THR A 35 1.18 4.33 -10.93
CA THR A 35 0.64 5.05 -12.11
C THR A 35 -0.36 4.13 -12.82
N PRO A 36 -1.32 4.69 -13.50
CA PRO A 36 -2.35 3.91 -14.21
C PRO A 36 -1.81 2.58 -14.75
N GLU A 37 -0.81 2.63 -15.58
CA GLU A 37 -0.23 1.36 -16.13
C GLU A 37 -0.08 0.33 -15.02
N GLN A 38 0.50 0.71 -13.92
CA GLN A 38 0.71 -0.24 -12.79
C GLN A 38 -0.61 -0.56 -12.09
N LEU A 39 -1.31 0.44 -11.62
CA LEU A 39 -2.61 0.18 -10.90
C LEU A 39 -3.48 -0.76 -11.72
N ASN A 40 -3.08 -1.09 -12.91
CA ASN A 40 -3.89 -2.01 -13.76
C ASN A 40 -3.76 -3.42 -13.21
N ARG A 41 -2.68 -3.69 -12.52
CA ARG A 41 -2.46 -5.05 -11.96
C ARG A 41 -3.00 -5.14 -10.53
N GLY A 42 -2.62 -4.23 -9.67
CA GLY A 42 -3.12 -4.28 -8.27
C GLY A 42 -2.39 -3.24 -7.41
N VAL A 43 -2.51 -3.32 -6.12
CA VAL A 43 -1.84 -2.32 -5.23
C VAL A 43 -0.33 -2.28 -5.57
N SER A 44 0.08 -1.30 -6.32
CA SER A 44 1.53 -1.18 -6.68
C SER A 44 2.27 -0.31 -5.67
N PHE A 45 3.58 -0.24 -5.75
CA PHE A 45 4.33 0.64 -4.81
C PHE A 45 4.15 2.10 -5.26
N ALA A 46 4.08 3.00 -4.33
CA ALA A 46 3.85 4.43 -4.69
C ALA A 46 5.04 5.02 -5.47
N GLU A 47 6.16 4.35 -5.50
CA GLU A 47 7.33 4.92 -6.24
C GLU A 47 8.06 3.82 -7.01
N GLU A 48 8.55 4.17 -8.17
CA GLU A 48 9.28 3.17 -9.00
C GLU A 48 10.45 2.57 -8.22
N ASN A 49 11.39 3.37 -7.78
CA ASN A 49 12.57 2.80 -7.09
C ASN A 49 12.29 2.41 -5.63
N GLU A 50 11.11 1.96 -5.33
CA GLU A 50 10.82 1.59 -3.92
C GLU A 50 11.77 0.49 -3.51
N SER A 51 12.17 0.43 -2.27
CA SER A 51 13.14 -0.60 -1.83
C SER A 51 12.43 -1.82 -1.25
N LEU A 52 13.00 -2.98 -1.43
CA LEU A 52 12.38 -4.21 -0.87
C LEU A 52 12.40 -4.07 0.65
N ASP A 53 13.32 -3.27 1.16
CA ASP A 53 13.42 -3.06 2.62
C ASP A 53 13.53 -1.57 2.90
N ASP A 54 12.69 -0.77 2.32
CA ASP A 54 12.72 0.71 2.53
C ASP A 54 12.31 1.08 3.96
N GLN A 55 12.68 2.25 4.40
CA GLN A 55 12.28 2.71 5.76
C GLN A 55 10.76 2.85 5.76
N ASN A 56 10.21 2.94 4.59
CA ASN A 56 8.73 3.03 4.44
C ASN A 56 8.36 2.44 3.08
N ILE A 57 7.70 1.33 3.06
CA ILE A 57 7.31 0.74 1.76
C ILE A 57 5.87 1.17 1.47
N SER A 58 5.70 2.09 0.57
CA SER A 58 4.35 2.60 0.25
C SER A 58 3.65 1.74 -0.79
N ILE A 59 2.34 1.70 -0.73
CA ILE A 59 1.54 0.93 -1.70
C ILE A 59 0.23 1.69 -1.90
N ALA A 60 -0.29 1.73 -3.10
CA ALA A 60 -1.56 2.51 -3.32
C ALA A 60 -2.51 1.73 -4.22
N GLY A 61 -3.77 2.06 -4.15
CA GLY A 61 -4.77 1.37 -5.00
C GLY A 61 -6.12 2.09 -4.92
N HIS A 62 -6.83 2.09 -6.01
CA HIS A 62 -8.17 2.76 -6.04
C HIS A 62 -9.17 1.95 -5.19
N THR A 63 -10.30 2.53 -4.90
CA THR A 63 -11.33 1.79 -4.10
C THR A 63 -12.56 1.57 -4.99
N PHE A 64 -13.37 0.60 -4.67
CA PHE A 64 -14.59 0.34 -5.49
C PHE A 64 -15.74 -0.04 -4.57
N ILE A 65 -16.80 0.69 -4.66
CA ILE A 65 -17.98 0.44 -3.80
C ILE A 65 -18.50 -0.97 -4.08
N ASP A 66 -18.52 -1.35 -5.31
CA ASP A 66 -19.07 -2.69 -5.69
C ASP A 66 -17.99 -3.77 -5.65
N ARG A 67 -16.92 -3.57 -4.94
CA ARG A 67 -15.86 -4.61 -4.89
C ARG A 67 -15.09 -4.51 -3.57
N PRO A 68 -15.38 -5.36 -2.60
CA PRO A 68 -14.70 -5.33 -1.28
C PRO A 68 -13.31 -6.00 -1.31
N ASN A 69 -13.11 -6.96 -2.17
CA ASN A 69 -11.78 -7.63 -2.24
C ASN A 69 -10.91 -6.89 -3.26
N TYR A 70 -11.37 -5.77 -3.74
CA TYR A 70 -10.56 -5.01 -4.73
C TYR A 70 -9.21 -4.64 -4.12
N GLN A 71 -8.65 -3.53 -4.52
CA GLN A 71 -7.33 -3.13 -3.96
C GLN A 71 -7.43 -2.87 -2.46
N PHE A 72 -8.00 -1.76 -2.07
CA PHE A 72 -8.13 -1.45 -0.63
C PHE A 72 -9.53 -0.95 -0.33
N THR A 73 -10.53 -1.63 -0.80
CA THR A 73 -11.92 -1.18 -0.53
C THR A 73 -12.36 -1.68 0.85
N ASN A 74 -11.98 -2.88 1.20
CA ASN A 74 -12.37 -3.45 2.52
C ASN A 74 -11.41 -2.97 3.63
N LEU A 75 -10.48 -2.11 3.31
CA LEU A 75 -9.53 -1.62 4.36
C LEU A 75 -10.27 -0.77 5.40
N LYS A 76 -11.12 0.11 4.96
CA LYS A 76 -11.87 0.98 5.92
C LYS A 76 -12.37 0.18 7.12
N ALA A 77 -12.43 -1.12 7.01
CA ALA A 77 -12.91 -1.94 8.16
C ALA A 77 -11.77 -2.19 9.13
N ALA A 78 -10.57 -2.29 8.62
CA ALA A 78 -9.40 -2.58 9.49
C ALA A 78 -8.92 -1.31 10.21
N LYS A 79 -8.33 -1.50 11.36
CA LYS A 79 -7.88 -0.30 12.14
C LYS A 79 -6.71 -0.65 13.05
N LYS A 80 -6.37 0.26 13.93
CA LYS A 80 -5.22 0.04 14.86
C LYS A 80 -5.16 -1.41 15.32
N GLY A 81 -4.12 -1.74 16.00
CA GLY A 81 -3.97 -3.14 16.51
C GLY A 81 -4.24 -4.13 15.36
N SER A 82 -4.35 -3.65 14.14
CA SER A 82 -4.60 -4.59 13.00
C SER A 82 -3.28 -5.25 12.56
N MET A 83 -3.28 -6.53 12.41
CA MET A 83 -2.04 -7.23 11.96
C MET A 83 -1.94 -7.14 10.43
N VAL A 84 -0.82 -6.70 9.92
CA VAL A 84 -0.66 -6.57 8.44
C VAL A 84 0.47 -7.51 7.98
N TYR A 85 0.25 -8.29 6.94
CA TYR A 85 1.30 -9.24 6.47
C TYR A 85 1.87 -8.81 5.11
N PHE A 86 3.17 -8.86 4.99
CA PHE A 86 3.82 -8.45 3.71
C PHE A 86 4.65 -9.61 3.15
N LYS A 87 4.14 -10.29 2.15
CA LYS A 87 4.87 -11.45 1.55
C LYS A 87 5.66 -11.02 0.31
N VAL A 88 6.92 -11.35 0.26
CA VAL A 88 7.77 -11.01 -0.92
C VAL A 88 8.71 -12.19 -1.17
N GLY A 89 8.98 -12.54 -2.40
CA GLY A 89 9.89 -13.69 -2.66
C GLY A 89 9.54 -14.84 -1.71
N ASN A 90 10.51 -15.38 -1.03
CA ASN A 90 10.22 -16.48 -0.07
C ASN A 90 10.22 -15.91 1.34
N GLU A 91 10.15 -14.62 1.46
CA GLU A 91 10.17 -13.98 2.80
C GLU A 91 8.80 -13.39 3.18
N THR A 92 8.45 -13.48 4.44
CA THR A 92 7.14 -12.94 4.90
C THR A 92 7.36 -12.05 6.13
N ARG A 93 7.35 -10.75 5.93
CA ARG A 93 7.55 -9.83 7.07
C ARG A 93 6.21 -9.57 7.76
N LYS A 94 6.17 -8.66 8.68
CA LYS A 94 4.88 -8.40 9.38
C LYS A 94 4.82 -6.95 9.84
N TYR A 95 3.64 -6.39 9.88
CA TYR A 95 3.48 -4.99 10.34
C TYR A 95 2.20 -4.90 11.16
N LYS A 96 2.01 -3.81 11.84
CA LYS A 96 0.77 -3.62 12.65
C LYS A 96 0.35 -2.15 12.54
N MET A 97 -0.81 -1.87 12.01
CA MET A 97 -1.24 -0.45 11.86
C MET A 97 -1.00 0.36 13.13
N THR A 98 -0.05 1.23 13.07
CA THR A 98 0.29 2.04 14.28
C THR A 98 -0.22 3.46 14.12
N SER A 99 -0.37 3.91 12.91
CA SER A 99 -0.83 5.32 12.74
C SER A 99 -1.73 5.44 11.50
N ILE A 100 -2.70 6.32 11.54
CA ILE A 100 -3.65 6.46 10.41
C ILE A 100 -4.09 7.92 10.27
N ARG A 101 -4.13 8.41 9.08
CA ARG A 101 -4.57 9.84 8.88
C ARG A 101 -5.12 10.03 7.47
N ASP A 102 -5.40 11.26 7.13
CA ASP A 102 -5.92 11.58 5.77
C ASP A 102 -5.46 12.99 5.38
N VAL A 103 -5.56 13.34 4.13
CA VAL A 103 -5.11 14.70 3.72
C VAL A 103 -5.64 15.02 2.32
N LYS A 104 -5.67 16.28 1.96
CA LYS A 104 -6.16 16.66 0.61
C LYS A 104 -5.59 15.72 -0.45
N PRO A 105 -6.07 15.82 -1.66
CA PRO A 105 -5.58 14.96 -2.78
C PRO A 105 -4.27 15.45 -3.41
N THR A 106 -3.38 15.98 -2.62
CA THR A 106 -2.08 16.48 -3.17
C THR A 106 -0.99 16.40 -2.10
N ASP A 107 -1.31 15.99 -0.91
CA ASP A 107 -0.27 15.89 0.16
C ASP A 107 0.61 14.68 -0.10
N VAL A 108 1.30 14.67 -1.21
CA VAL A 108 2.16 13.51 -1.55
C VAL A 108 3.04 13.14 -0.35
N GLY A 109 3.46 14.09 0.43
CA GLY A 109 4.32 13.78 1.60
C GLY A 109 3.78 12.55 2.36
N VAL A 110 2.58 12.14 2.09
CA VAL A 110 2.04 10.94 2.81
C VAL A 110 3.03 9.79 2.65
N LEU A 111 3.79 9.81 1.60
CA LEU A 111 4.76 8.71 1.35
C LEU A 111 5.47 8.42 2.67
N ASP A 112 5.52 9.38 3.54
CA ASP A 112 6.15 9.17 4.87
C ASP A 112 7.39 8.27 4.74
N GLU A 113 8.55 8.83 4.54
CA GLU A 113 9.78 7.98 4.41
C GLU A 113 10.87 8.52 5.34
N GLN A 114 10.60 8.56 6.62
CA GLN A 114 11.62 9.10 7.58
C GLN A 114 11.95 8.06 8.66
N LYS A 115 10.99 7.58 9.39
CA LYS A 115 11.29 6.58 10.44
C LYS A 115 11.98 5.39 9.81
N GLY A 116 13.15 5.06 10.27
CA GLY A 116 13.90 3.91 9.72
C GLY A 116 14.07 2.88 10.84
N LYS A 117 14.42 3.34 12.02
CA LYS A 117 14.59 2.38 13.14
C LYS A 117 13.43 1.39 13.07
N ASP A 118 12.24 1.91 13.15
CA ASP A 118 11.05 1.05 13.02
C ASP A 118 10.49 1.28 11.62
N LYS A 119 10.99 0.58 10.64
CA LYS A 119 10.51 0.76 9.23
C LYS A 119 8.97 0.83 9.23
N GLN A 120 8.37 0.91 8.07
CA GLN A 120 6.88 0.97 8.07
C GLN A 120 6.33 0.59 6.70
N LEU A 121 5.04 0.49 6.62
CA LEU A 121 4.38 0.15 5.32
C LEU A 121 3.28 1.19 5.08
N THR A 122 3.55 2.20 4.30
CA THR A 122 2.52 3.26 4.07
C THR A 122 1.42 2.73 3.16
N LEU A 123 0.23 2.65 3.68
CA LEU A 123 -0.93 2.21 2.87
C LEU A 123 -1.55 3.45 2.23
N ILE A 124 -2.05 3.34 1.02
CA ILE A 124 -2.69 4.52 0.37
C ILE A 124 -3.94 4.03 -0.33
N THR A 125 -5.06 4.46 0.14
CA THR A 125 -6.33 4.02 -0.50
C THR A 125 -7.22 5.25 -0.67
N CYS A 126 -7.55 5.56 -1.87
CA CYS A 126 -8.39 6.77 -2.11
C CYS A 126 -9.87 6.49 -1.83
N ASP A 127 -10.63 7.52 -1.54
CA ASP A 127 -12.09 7.35 -1.26
C ASP A 127 -12.77 8.72 -1.28
N ASP A 128 -14.07 8.75 -1.24
CA ASP A 128 -14.79 10.06 -1.26
C ASP A 128 -14.85 10.60 -2.69
N TYR A 129 -15.31 9.81 -3.61
CA TYR A 129 -15.38 10.30 -5.01
C TYR A 129 -16.39 11.42 -5.11
N ASN A 130 -16.01 12.50 -5.72
CA ASN A 130 -16.93 13.64 -5.89
C ASN A 130 -17.49 13.57 -7.30
N GLU A 131 -18.70 14.02 -7.47
CA GLU A 131 -19.31 13.97 -8.82
C GLU A 131 -19.42 15.40 -9.34
N LYS A 132 -19.17 16.36 -8.50
CA LYS A 132 -19.23 17.78 -8.95
C LYS A 132 -17.88 18.16 -9.58
N THR A 133 -16.82 18.00 -8.85
CA THR A 133 -15.48 18.37 -9.39
C THR A 133 -14.86 17.21 -10.19
N GLY A 134 -15.62 16.17 -10.42
CA GLY A 134 -15.10 15.01 -11.21
C GLY A 134 -13.76 14.50 -10.67
N VAL A 135 -13.51 14.62 -9.39
CA VAL A 135 -12.22 14.11 -8.84
C VAL A 135 -12.41 13.65 -7.41
N TRP A 136 -11.42 13.01 -6.88
CA TRP A 136 -11.51 12.50 -5.47
C TRP A 136 -11.13 13.61 -4.49
N GLU A 137 -12.02 13.94 -3.59
CA GLU A 137 -11.75 15.05 -2.62
C GLU A 137 -10.82 14.58 -1.47
N LYS A 138 -11.24 13.61 -0.72
CA LYS A 138 -10.42 13.16 0.44
C LYS A 138 -9.48 11.99 0.06
N ARG A 139 -8.35 11.90 0.72
CA ARG A 139 -7.40 10.80 0.45
C ARG A 139 -7.19 10.01 1.74
N LYS A 140 -7.13 8.71 1.66
CA LYS A 140 -6.96 7.89 2.88
C LYS A 140 -5.64 7.11 2.83
N ILE A 141 -4.76 7.32 3.78
CA ILE A 141 -3.46 6.60 3.77
C ILE A 141 -3.05 6.18 5.18
N PHE A 142 -2.89 4.90 5.38
CA PHE A 142 -2.54 4.37 6.74
C PHE A 142 -1.08 3.95 6.81
N VAL A 143 -0.42 4.19 7.91
CA VAL A 143 0.99 3.75 8.06
C VAL A 143 1.01 2.53 8.98
N ALA A 144 1.94 1.62 8.78
CA ALA A 144 2.00 0.42 9.65
C ALA A 144 3.44 0.20 10.09
N THR A 145 3.65 -0.18 11.33
CA THR A 145 5.04 -0.37 11.83
C THR A 145 5.52 -1.81 11.61
N GLU A 146 6.67 -1.93 11.02
CA GLU A 146 7.21 -3.29 10.79
C GLU A 146 7.17 -4.07 12.10
N VAL A 147 6.74 -5.30 12.05
CA VAL A 147 6.63 -6.11 13.29
C VAL A 147 7.31 -7.45 13.10
N LYS A 148 7.56 -8.12 14.19
CA LYS A 148 8.22 -9.46 14.13
C LYS A 148 7.42 -10.45 14.98
N LEU B 2 -0.28 12.53 -4.43
CA LEU B 2 -0.17 11.11 -4.01
C LEU B 2 -0.74 10.21 -5.12
N PRO B 3 -0.11 9.10 -5.42
CA PRO B 3 -0.60 8.18 -6.48
C PRO B 3 -2.08 7.80 -6.30
N ALA B 4 -2.51 6.74 -6.91
CA ALA B 4 -3.94 6.31 -6.76
C ALA B 4 -4.86 7.48 -7.12
N MET A 1 21.68 -10.87 3.90
CA MET A 1 20.93 -11.44 5.07
C MET A 1 20.17 -12.69 4.62
N GLN A 2 18.99 -12.89 5.16
CA GLN A 2 18.20 -14.09 4.78
C GLN A 2 17.91 -14.07 3.26
N ALA A 3 16.69 -13.84 2.88
CA ALA A 3 16.36 -13.81 1.43
C ALA A 3 17.13 -12.66 0.76
N LYS A 4 17.29 -12.72 -0.53
CA LYS A 4 18.04 -11.64 -1.23
C LYS A 4 17.38 -11.36 -2.58
N PRO A 5 16.22 -10.76 -2.54
CA PRO A 5 15.43 -10.41 -3.75
C PRO A 5 15.76 -9.01 -4.24
N GLN A 6 15.47 -8.71 -5.48
CA GLN A 6 15.75 -7.35 -6.00
C GLN A 6 14.84 -7.02 -7.17
N ILE A 7 13.95 -6.07 -7.01
CA ILE A 7 13.03 -5.71 -8.14
C ILE A 7 13.84 -5.69 -9.43
N PRO A 8 13.77 -6.75 -10.23
CA PRO A 8 14.54 -6.84 -11.49
C PRO A 8 13.78 -6.27 -12.69
N LYS A 9 14.18 -6.64 -13.87
CA LYS A 9 13.48 -6.13 -15.09
C LYS A 9 12.11 -6.79 -15.19
N ASP A 10 11.82 -7.72 -14.32
CA ASP A 10 10.49 -8.39 -14.37
C ASP A 10 9.45 -7.43 -13.78
N LYS A 11 9.57 -6.19 -14.16
CA LYS A 11 8.54 -5.22 -13.66
C LYS A 11 7.17 -5.86 -13.93
N SER A 12 7.20 -6.84 -14.78
CA SER A 12 5.98 -7.59 -15.13
C SER A 12 5.78 -8.71 -14.13
N LYS A 13 5.82 -8.37 -12.88
CA LYS A 13 5.64 -9.44 -11.86
C LYS A 13 5.30 -8.86 -10.49
N VAL A 14 4.46 -9.51 -9.76
CA VAL A 14 4.18 -9.03 -8.39
C VAL A 14 5.50 -9.16 -7.64
N ALA A 15 5.90 -8.20 -6.87
CA ALA A 15 7.18 -8.39 -6.15
C ALA A 15 6.84 -9.23 -4.92
N GLY A 16 5.56 -9.32 -4.65
CA GLY A 16 5.10 -10.10 -3.50
C GLY A 16 3.60 -9.92 -3.34
N TYR A 17 3.11 -10.14 -2.16
CA TYR A 17 1.64 -10.02 -1.92
C TYR A 17 1.40 -9.39 -0.56
N ILE A 18 0.17 -9.05 -0.30
CA ILE A 18 -0.14 -8.40 1.00
C ILE A 18 -1.54 -8.81 1.45
N GLU A 19 -1.75 -8.98 2.73
CA GLU A 19 -3.11 -9.38 3.20
C GLU A 19 -3.39 -8.77 4.57
N ILE A 20 -4.63 -8.74 4.95
CA ILE A 20 -4.99 -8.15 6.28
C ILE A 20 -6.22 -8.91 6.80
N PRO A 21 -6.01 -9.96 7.55
CA PRO A 21 -7.12 -10.79 8.10
C PRO A 21 -8.26 -9.96 8.71
N ASP A 22 -7.96 -8.96 9.48
CA ASP A 22 -9.04 -8.12 10.07
C ASP A 22 -9.76 -7.32 8.96
N ALA A 23 -9.14 -7.17 7.82
CA ALA A 23 -9.80 -6.41 6.71
C ALA A 23 -10.26 -7.39 5.63
N ASP A 24 -9.77 -8.59 5.69
CA ASP A 24 -10.19 -9.62 4.68
C ASP A 24 -9.64 -9.24 3.29
N ILE A 25 -8.39 -8.89 3.20
CA ILE A 25 -7.82 -8.50 1.87
C ILE A 25 -6.65 -9.41 1.50
N LYS A 26 -6.46 -9.65 0.24
CA LYS A 26 -5.36 -10.52 -0.23
C LYS A 26 -5.11 -10.20 -1.71
N GLU A 27 -4.09 -9.45 -2.01
CA GLU A 27 -3.82 -9.08 -3.44
C GLU A 27 -2.30 -9.09 -3.71
N PRO A 28 -1.91 -8.82 -4.94
CA PRO A 28 -0.48 -8.83 -5.36
C PRO A 28 0.21 -7.47 -5.22
N VAL A 29 1.51 -7.48 -5.14
CA VAL A 29 2.28 -6.23 -4.99
C VAL A 29 3.09 -5.97 -6.29
N TYR A 30 2.61 -5.12 -7.18
CA TYR A 30 3.37 -4.88 -8.46
C TYR A 30 4.35 -3.70 -8.29
N PRO A 31 5.23 -3.46 -9.25
CA PRO A 31 6.24 -2.35 -9.16
C PRO A 31 5.66 -0.94 -9.30
N GLY A 32 6.17 -0.02 -8.53
CA GLY A 32 5.69 1.40 -8.61
C GLY A 32 5.99 1.93 -10.02
N PRO A 33 5.41 3.05 -10.37
CA PRO A 33 4.52 3.83 -9.47
C PRO A 33 3.06 3.43 -9.64
N ALA A 34 2.20 3.94 -8.81
CA ALA A 34 0.75 3.58 -8.93
C ALA A 34 0.12 4.27 -10.14
N THR A 35 0.85 4.46 -11.20
CA THR A 35 0.26 5.12 -12.39
C THR A 35 -0.71 4.13 -13.05
N PRO A 36 -1.75 4.64 -13.69
CA PRO A 36 -2.76 3.79 -14.35
C PRO A 36 -2.16 2.49 -14.89
N GLU A 37 -1.13 2.60 -15.68
CA GLU A 37 -0.50 1.37 -16.24
C GLU A 37 -0.28 0.36 -15.12
N GLN A 38 0.35 0.77 -14.05
CA GLN A 38 0.61 -0.17 -12.91
C GLN A 38 -0.69 -0.52 -12.19
N LEU A 39 -1.43 0.47 -11.74
CA LEU A 39 -2.69 0.18 -10.99
C LEU A 39 -3.56 -0.81 -11.77
N ASN A 40 -3.17 -1.13 -12.97
CA ASN A 40 -3.97 -2.10 -13.79
C ASN A 40 -3.74 -3.52 -13.26
N ARG A 41 -2.55 -3.77 -12.77
CA ARG A 41 -2.24 -5.13 -12.24
C ARG A 41 -2.71 -5.25 -10.78
N GLY A 42 -2.42 -4.26 -9.98
CA GLY A 42 -2.86 -4.33 -8.54
C GLY A 42 -2.21 -3.20 -7.74
N VAL A 43 -2.33 -3.23 -6.44
CA VAL A 43 -1.73 -2.16 -5.60
C VAL A 43 -0.23 -2.06 -5.92
N SER A 44 0.17 -1.03 -6.62
CA SER A 44 1.60 -0.86 -6.99
C SER A 44 2.33 -0.01 -5.95
N PHE A 45 3.64 -0.04 -5.96
CA PHE A 45 4.40 0.79 -4.99
C PHE A 45 4.20 2.26 -5.35
N ALA A 46 3.71 3.04 -4.43
CA ALA A 46 3.47 4.49 -4.72
C ALA A 46 4.72 5.13 -5.32
N GLU A 47 5.82 4.43 -5.38
CA GLU A 47 7.06 5.04 -5.95
C GLU A 47 7.81 4.04 -6.82
N GLU A 48 8.41 4.49 -7.88
CA GLU A 48 9.15 3.59 -8.80
C GLU A 48 10.29 2.88 -8.08
N ASN A 49 11.27 3.60 -7.61
CA ASN A 49 12.45 2.95 -6.97
C ASN A 49 12.16 2.50 -5.54
N GLU A 50 10.98 2.06 -5.26
CA GLU A 50 10.67 1.62 -3.87
C GLU A 50 11.64 0.50 -3.53
N SER A 51 12.01 0.35 -2.28
CA SER A 51 12.98 -0.71 -1.91
C SER A 51 12.27 -1.88 -1.24
N LEU A 52 12.65 -3.06 -1.61
CA LEU A 52 12.04 -4.27 -0.99
C LEU A 52 12.31 -4.24 0.51
N ASP A 53 13.27 -3.45 0.91
CA ASP A 53 13.60 -3.34 2.36
C ASP A 53 13.71 -1.87 2.74
N ASP A 54 12.87 -1.05 2.18
CA ASP A 54 12.88 0.41 2.47
C ASP A 54 12.44 0.68 3.91
N GLN A 55 12.84 1.80 4.45
CA GLN A 55 12.39 2.16 5.82
C GLN A 55 10.89 2.41 5.79
N ASN A 56 10.38 2.59 4.61
CA ASN A 56 8.93 2.84 4.43
C ASN A 56 8.52 2.31 3.06
N ILE A 57 7.84 1.21 3.01
CA ILE A 57 7.41 0.66 1.70
C ILE A 57 6.00 1.15 1.42
N SER A 58 5.86 2.11 0.54
CA SER A 58 4.52 2.68 0.26
C SER A 58 3.81 1.91 -0.85
N ILE A 59 2.51 1.82 -0.77
CA ILE A 59 1.71 1.11 -1.80
C ILE A 59 0.40 1.86 -1.98
N ALA A 60 -0.20 1.82 -3.14
CA ALA A 60 -1.48 2.57 -3.34
C ALA A 60 -2.45 1.78 -4.21
N GLY A 61 -3.72 2.13 -4.14
CA GLY A 61 -4.73 1.41 -4.96
C GLY A 61 -6.09 2.15 -4.94
N HIS A 62 -6.82 2.02 -6.02
CA HIS A 62 -8.16 2.66 -6.14
C HIS A 62 -9.18 1.95 -5.24
N THR A 63 -10.33 2.53 -5.07
CA THR A 63 -11.38 1.90 -4.22
C THR A 63 -12.67 1.73 -5.07
N PHE A 64 -13.52 0.81 -4.71
CA PHE A 64 -14.78 0.63 -5.51
C PHE A 64 -15.94 0.26 -4.58
N ILE A 65 -16.98 1.03 -4.61
CA ILE A 65 -18.16 0.74 -3.75
C ILE A 65 -18.69 -0.64 -4.07
N ASP A 66 -18.71 -0.99 -5.32
CA ASP A 66 -19.28 -2.32 -5.74
C ASP A 66 -18.20 -3.41 -5.69
N ARG A 67 -17.17 -3.24 -4.92
CA ARG A 67 -16.11 -4.29 -4.85
C ARG A 67 -15.41 -4.24 -3.49
N PRO A 68 -15.76 -5.12 -2.57
CA PRO A 68 -15.15 -5.15 -1.22
C PRO A 68 -13.76 -5.80 -1.22
N ASN A 69 -13.55 -6.78 -2.05
CA ASN A 69 -12.21 -7.43 -2.08
C ASN A 69 -11.31 -6.73 -3.10
N TYR A 70 -11.72 -5.59 -3.58
CA TYR A 70 -10.88 -4.86 -4.57
C TYR A 70 -9.52 -4.54 -3.95
N GLN A 71 -8.92 -3.47 -4.35
CA GLN A 71 -7.58 -3.11 -3.79
C GLN A 71 -7.74 -2.75 -2.31
N PHE A 72 -8.35 -1.63 -2.01
CA PHE A 72 -8.50 -1.24 -0.58
C PHE A 72 -9.92 -0.71 -0.31
N THR A 73 -10.93 -1.34 -0.85
CA THR A 73 -12.33 -0.86 -0.60
C THR A 73 -12.73 -1.25 0.82
N ASN A 74 -12.36 -2.43 1.23
CA ASN A 74 -12.74 -2.88 2.60
C ASN A 74 -11.70 -2.47 3.65
N LEU A 75 -10.77 -1.62 3.31
CA LEU A 75 -9.75 -1.22 4.33
C LEU A 75 -10.39 -0.41 5.45
N LYS A 76 -11.21 0.56 5.11
CA LYS A 76 -11.86 1.40 6.16
C LYS A 76 -12.42 0.50 7.26
N ALA A 77 -12.52 -0.77 7.02
CA ALA A 77 -13.06 -1.68 8.07
C ALA A 77 -11.94 -2.03 9.04
N ALA A 78 -10.75 -2.18 8.55
CA ALA A 78 -9.61 -2.54 9.43
C ALA A 78 -9.10 -1.31 10.19
N LYS A 79 -8.55 -1.54 11.34
CA LYS A 79 -8.07 -0.37 12.15
C LYS A 79 -6.93 -0.77 13.06
N LYS A 80 -6.57 0.10 13.97
CA LYS A 80 -5.44 -0.15 14.91
C LYS A 80 -5.22 -1.63 15.20
N GLY A 81 -4.04 -1.93 15.65
CA GLY A 81 -3.71 -3.34 15.98
C GLY A 81 -4.05 -4.26 14.79
N SER A 82 -4.39 -3.68 13.67
CA SER A 82 -4.72 -4.53 12.48
C SER A 82 -3.45 -5.23 12.01
N MET A 83 -3.40 -6.53 12.09
CA MET A 83 -2.20 -7.26 11.65
C MET A 83 -2.05 -7.12 10.13
N VAL A 84 -0.94 -6.57 9.69
CA VAL A 84 -0.71 -6.39 8.22
C VAL A 84 0.42 -7.35 7.80
N TYR A 85 0.19 -8.15 6.78
CA TYR A 85 1.25 -9.13 6.35
C TYR A 85 1.89 -8.71 5.03
N PHE A 86 3.19 -8.78 4.97
CA PHE A 86 3.90 -8.41 3.72
C PHE A 86 4.67 -9.62 3.19
N LYS A 87 4.14 -10.29 2.19
CA LYS A 87 4.84 -11.49 1.65
C LYS A 87 5.68 -11.07 0.43
N VAL A 88 6.92 -11.45 0.41
CA VAL A 88 7.80 -11.10 -0.75
C VAL A 88 8.71 -12.29 -1.02
N GLY A 89 8.99 -12.62 -2.26
CA GLY A 89 9.86 -13.78 -2.54
C GLY A 89 9.45 -14.94 -1.65
N ASN A 90 10.38 -15.53 -0.95
CA ASN A 90 10.04 -16.66 -0.05
C ASN A 90 10.05 -16.13 1.39
N GLU A 91 10.00 -14.83 1.55
CA GLU A 91 10.05 -14.25 2.91
C GLU A 91 8.70 -13.59 3.28
N THR A 92 8.35 -13.68 4.53
CA THR A 92 7.07 -13.08 4.99
C THR A 92 7.32 -12.17 6.19
N ARG A 93 7.32 -10.88 5.95
CA ARG A 93 7.57 -9.92 7.07
C ARG A 93 6.24 -9.64 7.77
N LYS A 94 6.24 -8.75 8.73
CA LYS A 94 4.96 -8.47 9.44
C LYS A 94 4.89 -6.99 9.81
N TYR A 95 3.72 -6.44 9.85
CA TYR A 95 3.55 -5.02 10.24
C TYR A 95 2.27 -4.89 11.05
N LYS A 96 2.08 -3.79 11.71
CA LYS A 96 0.83 -3.60 12.51
C LYS A 96 0.44 -2.12 12.41
N MET A 97 -0.74 -1.82 11.90
CA MET A 97 -1.16 -0.40 11.74
C MET A 97 -0.95 0.39 13.03
N THR A 98 0.04 1.24 13.00
CA THR A 98 0.36 2.04 14.20
C THR A 98 -0.06 3.50 14.02
N SER A 99 -0.20 3.94 12.81
CA SER A 99 -0.59 5.37 12.61
C SER A 99 -1.37 5.56 11.30
N ILE A 100 -2.24 6.54 11.29
CA ILE A 100 -3.07 6.79 10.08
C ILE A 100 -3.50 8.25 10.04
N ARG A 101 -3.54 8.80 8.88
CA ARG A 101 -3.95 10.23 8.74
C ARG A 101 -4.49 10.46 7.33
N ASP A 102 -5.32 11.46 7.19
CA ASP A 102 -5.90 11.78 5.85
C ASP A 102 -5.39 13.16 5.44
N VAL A 103 -5.47 13.50 4.18
CA VAL A 103 -4.98 14.83 3.74
C VAL A 103 -5.63 15.23 2.42
N LYS A 104 -5.62 16.50 2.11
CA LYS A 104 -6.22 16.97 0.84
C LYS A 104 -5.63 16.16 -0.33
N PRO A 105 -6.09 16.39 -1.54
CA PRO A 105 -5.60 15.66 -2.74
C PRO A 105 -4.24 16.16 -3.24
N THR A 106 -3.34 16.55 -2.38
CA THR A 106 -2.04 17.06 -2.87
C THR A 106 -0.91 16.84 -1.86
N ASP A 107 -1.21 16.38 -0.68
CA ASP A 107 -0.15 16.15 0.34
C ASP A 107 0.66 14.90 -0.01
N VAL A 108 1.31 14.90 -1.14
CA VAL A 108 2.09 13.71 -1.55
C VAL A 108 2.96 13.21 -0.38
N GLY A 109 3.41 14.08 0.46
CA GLY A 109 4.27 13.65 1.62
C GLY A 109 3.69 12.39 2.27
N VAL A 110 2.50 11.99 1.94
CA VAL A 110 1.93 10.77 2.58
C VAL A 110 2.92 9.61 2.41
N LEU A 111 3.69 9.64 1.35
CA LEU A 111 4.65 8.52 1.14
C LEU A 111 5.43 8.32 2.45
N ASP A 112 5.31 9.28 3.33
CA ASP A 112 5.96 9.19 4.69
C ASP A 112 7.13 8.20 4.69
N GLU A 113 8.34 8.66 4.44
CA GLU A 113 9.48 7.71 4.43
C GLU A 113 10.70 8.31 5.14
N GLN A 114 10.66 8.36 6.46
CA GLN A 114 11.80 8.98 7.21
C GLN A 114 12.26 8.08 8.37
N LYS A 115 11.35 7.59 9.18
CA LYS A 115 11.78 6.72 10.33
C LYS A 115 12.40 5.45 9.78
N GLY A 116 13.56 5.10 10.24
CA GLY A 116 14.23 3.85 9.76
C GLY A 116 14.35 2.88 10.93
N LYS A 117 14.65 3.38 12.09
CA LYS A 117 14.75 2.47 13.27
C LYS A 117 13.59 1.49 13.17
N ASP A 118 12.40 2.00 13.22
CA ASP A 118 11.19 1.14 13.06
C ASP A 118 10.64 1.38 11.65
N LYS A 119 11.14 0.69 10.66
CA LYS A 119 10.65 0.88 9.26
C LYS A 119 9.11 0.86 9.28
N GLN A 120 8.48 0.91 8.13
CA GLN A 120 7.00 0.89 8.15
C GLN A 120 6.44 0.53 6.77
N LEU A 121 5.15 0.45 6.67
CA LEU A 121 4.51 0.14 5.36
C LEU A 121 3.44 1.21 5.11
N THR A 122 3.76 2.23 4.34
CA THR A 122 2.75 3.30 4.10
C THR A 122 1.64 2.76 3.20
N LEU A 123 0.45 2.70 3.73
CA LEU A 123 -0.69 2.23 2.91
C LEU A 123 -1.38 3.45 2.31
N ILE A 124 -1.83 3.36 1.09
CA ILE A 124 -2.54 4.52 0.48
C ILE A 124 -3.78 4.01 -0.23
N THR A 125 -4.91 4.48 0.17
CA THR A 125 -6.17 4.05 -0.49
C THR A 125 -7.07 5.26 -0.61
N CYS A 126 -7.29 5.70 -1.81
CA CYS A 126 -8.13 6.92 -1.98
C CYS A 126 -9.62 6.57 -1.85
N ASP A 127 -10.44 7.55 -1.56
CA ASP A 127 -11.90 7.31 -1.42
C ASP A 127 -12.65 8.64 -1.48
N ASP A 128 -13.82 8.72 -0.89
CA ASP A 128 -14.59 10.00 -0.94
C ASP A 128 -14.71 10.44 -2.39
N TYR A 129 -15.31 9.64 -3.21
CA TYR A 129 -15.43 9.99 -4.65
C TYR A 129 -16.38 11.17 -4.84
N ASN A 130 -15.97 12.10 -5.65
CA ASN A 130 -16.83 13.27 -5.93
C ASN A 130 -17.55 13.04 -7.26
N GLU A 131 -18.76 13.51 -7.35
CA GLU A 131 -19.52 13.32 -8.60
C GLU A 131 -19.70 14.69 -9.25
N LYS A 132 -19.54 15.71 -8.47
CA LYS A 132 -19.67 17.09 -9.03
C LYS A 132 -18.34 17.47 -9.66
N THR A 133 -17.27 17.29 -8.94
CA THR A 133 -15.93 17.63 -9.47
C THR A 133 -15.37 16.42 -10.22
N GLY A 134 -16.02 15.29 -10.12
CA GLY A 134 -15.56 14.07 -10.84
C GLY A 134 -14.12 13.70 -10.44
N VAL A 135 -13.78 13.86 -9.18
CA VAL A 135 -12.40 13.50 -8.75
C VAL A 135 -12.45 13.01 -7.31
N TRP A 136 -11.44 12.32 -6.86
CA TRP A 136 -11.44 11.85 -5.45
C TRP A 136 -10.94 12.99 -4.57
N GLU A 137 -11.74 13.43 -3.63
CA GLU A 137 -11.33 14.59 -2.78
C GLU A 137 -10.51 14.14 -1.57
N LYS A 138 -11.07 13.35 -0.71
CA LYS A 138 -10.32 12.93 0.52
C LYS A 138 -9.28 11.85 0.20
N ARG A 139 -8.22 11.83 0.97
CA ARG A 139 -7.15 10.81 0.75
C ARG A 139 -6.97 10.01 2.02
N LYS A 140 -6.98 8.71 1.93
CA LYS A 140 -6.81 7.86 3.13
C LYS A 140 -5.48 7.08 3.06
N ILE A 141 -4.61 7.28 4.01
CA ILE A 141 -3.32 6.52 3.97
C ILE A 141 -2.93 6.07 5.38
N PHE A 142 -2.84 4.79 5.58
CA PHE A 142 -2.49 4.25 6.92
C PHE A 142 -1.01 3.88 6.96
N VAL A 143 -0.33 4.16 8.04
CA VAL A 143 1.11 3.77 8.14
C VAL A 143 1.18 2.53 9.03
N ALA A 144 2.07 1.63 8.77
CA ALA A 144 2.14 0.39 9.61
C ALA A 144 3.57 0.20 10.08
N THR A 145 3.75 -0.16 11.33
CA THR A 145 5.13 -0.33 11.84
C THR A 145 5.61 -1.78 11.61
N GLU A 146 6.77 -1.89 11.05
CA GLU A 146 7.32 -3.25 10.80
C GLU A 146 7.25 -4.08 12.08
N VAL A 147 6.80 -5.30 11.97
CA VAL A 147 6.66 -6.15 13.18
C VAL A 147 7.37 -7.48 12.97
N LYS A 148 7.60 -8.19 14.03
CA LYS A 148 8.28 -9.51 13.96
C LYS A 148 7.71 -10.45 15.02
N LEU B 2 -0.32 12.77 -4.32
CA LEU B 2 -0.38 11.37 -3.81
C LEU B 2 -0.92 10.46 -4.94
N PRO B 3 -0.39 9.27 -5.08
CA PRO B 3 -0.85 8.32 -6.13
C PRO B 3 -2.26 7.79 -5.87
N ALA B 4 -2.63 6.70 -6.50
CA ALA B 4 -3.99 6.14 -6.28
C ALA B 4 -5.02 7.26 -6.41
N MET A 1 21.78 -14.10 4.99
CA MET A 1 21.37 -15.52 5.13
C MET A 1 20.01 -15.74 4.48
N GLN A 2 19.05 -14.91 4.80
CA GLN A 2 17.70 -15.06 4.20
C GLN A 2 17.80 -14.92 2.68
N ALA A 3 16.71 -15.05 1.98
CA ALA A 3 16.74 -14.92 0.50
C ALA A 3 17.17 -13.50 0.12
N LYS A 4 16.95 -13.12 -1.11
CA LYS A 4 17.34 -11.76 -1.54
C LYS A 4 16.38 -11.25 -2.62
N PRO A 5 15.31 -10.60 -2.22
CA PRO A 5 14.31 -10.06 -3.16
C PRO A 5 14.72 -8.70 -3.71
N GLN A 6 14.51 -8.48 -4.98
CA GLN A 6 14.89 -7.16 -5.57
C GLN A 6 14.10 -6.93 -6.85
N ILE A 7 13.23 -5.95 -6.84
CA ILE A 7 12.43 -5.66 -8.07
C ILE A 7 13.34 -5.77 -9.30
N PRO A 8 13.25 -6.84 -10.04
CA PRO A 8 14.10 -7.05 -11.24
C PRO A 8 13.49 -6.44 -12.50
N LYS A 9 13.86 -6.94 -13.65
CA LYS A 9 13.29 -6.40 -14.91
C LYS A 9 11.90 -6.98 -15.12
N ASP A 10 11.52 -7.92 -14.30
CA ASP A 10 10.17 -8.53 -14.44
C ASP A 10 9.13 -7.57 -13.86
N LYS A 11 9.23 -6.34 -14.27
CA LYS A 11 8.20 -5.37 -13.75
C LYS A 11 6.82 -6.02 -13.98
N SER A 12 6.84 -7.04 -14.78
CA SER A 12 5.57 -7.77 -15.06
C SER A 12 5.28 -8.77 -13.95
N LYS A 13 6.20 -8.98 -13.05
CA LYS A 13 5.95 -9.93 -11.93
C LYS A 13 5.56 -9.17 -10.67
N VAL A 14 4.69 -9.71 -9.87
CA VAL A 14 4.38 -9.05 -8.59
C VAL A 14 5.68 -9.14 -7.80
N ALA A 15 6.05 -8.14 -7.05
CA ALA A 15 7.31 -8.28 -6.29
C ALA A 15 6.98 -9.10 -5.05
N GLY A 16 5.72 -9.20 -4.78
CA GLY A 16 5.27 -9.97 -3.61
C GLY A 16 3.76 -9.84 -3.46
N TYR A 17 3.26 -10.04 -2.28
CA TYR A 17 1.80 -9.99 -2.08
C TYR A 17 1.46 -9.33 -0.74
N ILE A 18 0.22 -9.01 -0.55
CA ILE A 18 -0.17 -8.30 0.69
C ILE A 18 -1.55 -8.77 1.13
N GLU A 19 -1.74 -8.95 2.41
CA GLU A 19 -3.07 -9.40 2.91
C GLU A 19 -3.30 -8.82 4.31
N ILE A 20 -4.54 -8.80 4.74
CA ILE A 20 -4.84 -8.24 6.08
C ILE A 20 -6.02 -9.03 6.68
N PRO A 21 -5.74 -10.03 7.47
CA PRO A 21 -6.79 -10.90 8.08
C PRO A 21 -7.93 -10.10 8.73
N ASP A 22 -7.64 -9.11 9.51
CA ASP A 22 -8.72 -8.29 10.13
C ASP A 22 -9.51 -7.53 9.06
N ALA A 23 -8.96 -7.39 7.88
CA ALA A 23 -9.67 -6.68 6.78
C ALA A 23 -10.18 -7.71 5.77
N ASP A 24 -9.65 -8.89 5.82
CA ASP A 24 -10.12 -9.95 4.87
C ASP A 24 -9.67 -9.63 3.43
N ILE A 25 -8.42 -9.28 3.23
CA ILE A 25 -7.96 -8.93 1.87
C ILE A 25 -6.72 -9.75 1.49
N LYS A 26 -6.56 -10.03 0.22
CA LYS A 26 -5.38 -10.80 -0.27
C LYS A 26 -5.19 -10.48 -1.76
N GLU A 27 -4.18 -9.74 -2.07
CA GLU A 27 -3.95 -9.36 -3.50
C GLU A 27 -2.44 -9.28 -3.80
N PRO A 28 -2.09 -9.07 -5.04
CA PRO A 28 -0.67 -8.98 -5.48
C PRO A 28 -0.03 -7.61 -5.24
N VAL A 29 1.27 -7.55 -5.39
CA VAL A 29 2.02 -6.27 -5.19
C VAL A 29 2.91 -6.03 -6.42
N TYR A 30 2.54 -5.11 -7.29
CA TYR A 30 3.38 -4.87 -8.51
C TYR A 30 4.29 -3.65 -8.30
N PRO A 31 5.41 -3.61 -8.97
CA PRO A 31 6.37 -2.48 -8.86
C PRO A 31 5.73 -1.11 -9.03
N GLY A 32 6.22 -0.14 -8.30
CA GLY A 32 5.68 1.25 -8.42
C GLY A 32 5.89 1.76 -9.85
N PRO A 33 5.29 2.87 -10.20
CA PRO A 33 4.43 3.67 -9.30
C PRO A 33 2.95 3.33 -9.48
N ALA A 34 2.10 3.88 -8.65
CA ALA A 34 0.64 3.59 -8.77
C ALA A 34 0.07 4.27 -10.03
N THR A 35 0.86 4.46 -11.04
CA THR A 35 0.33 5.11 -12.27
C THR A 35 -0.55 4.10 -13.03
N PRO A 36 -1.51 4.59 -13.76
CA PRO A 36 -2.44 3.71 -14.54
C PRO A 36 -1.75 2.47 -15.09
N GLU A 37 -0.56 2.60 -15.60
CA GLU A 37 0.16 1.42 -16.13
C GLU A 37 0.19 0.34 -15.07
N GLN A 38 0.69 0.64 -13.90
CA GLN A 38 0.74 -0.39 -12.83
C GLN A 38 -0.66 -0.66 -12.29
N LEU A 39 -1.39 0.36 -11.92
CA LEU A 39 -2.75 0.16 -11.37
C LEU A 39 -3.53 -0.79 -12.28
N ASN A 40 -3.00 -1.11 -13.42
CA ASN A 40 -3.69 -2.04 -14.37
C ASN A 40 -3.62 -3.46 -13.82
N ARG A 41 -2.59 -3.75 -13.09
CA ARG A 41 -2.43 -5.13 -12.55
C ARG A 41 -2.90 -5.17 -11.09
N GLY A 42 -2.48 -4.23 -10.28
CA GLY A 42 -2.93 -4.24 -8.86
C GLY A 42 -2.26 -3.12 -8.07
N VAL A 43 -2.51 -3.07 -6.79
CA VAL A 43 -1.92 -2.01 -5.93
C VAL A 43 -0.40 -1.95 -6.15
N SER A 44 0.07 -0.88 -6.75
CA SER A 44 1.54 -0.75 -7.01
C SER A 44 2.22 0.02 -5.87
N PHE A 45 3.54 0.03 -5.86
CA PHE A 45 4.24 0.80 -4.81
C PHE A 45 4.05 2.29 -5.10
N ALA A 46 3.48 3.01 -4.19
CA ALA A 46 3.23 4.45 -4.42
C ALA A 46 4.44 5.11 -5.10
N GLU A 47 5.59 4.47 -5.10
CA GLU A 47 6.77 5.09 -5.76
C GLU A 47 7.52 4.04 -6.59
N GLU A 48 8.07 4.46 -7.70
CA GLU A 48 8.80 3.53 -8.59
C GLU A 48 9.98 2.86 -7.87
N ASN A 49 10.96 3.63 -7.45
CA ASN A 49 12.17 3.00 -6.84
C ASN A 49 11.93 2.57 -5.39
N GLU A 50 10.76 2.11 -5.06
CA GLU A 50 10.52 1.69 -3.65
C GLU A 50 11.53 0.59 -3.33
N SER A 51 11.95 0.50 -2.10
CA SER A 51 12.97 -0.55 -1.75
C SER A 51 12.31 -1.74 -1.07
N LEU A 52 12.84 -2.90 -1.30
CA LEU A 52 12.27 -4.12 -0.67
C LEU A 52 12.41 -3.98 0.84
N ASP A 53 13.35 -3.17 1.27
CA ASP A 53 13.56 -2.97 2.73
C ASP A 53 13.69 -1.47 3.02
N ASP A 54 12.85 -0.67 2.44
CA ASP A 54 12.92 0.81 2.68
C ASP A 54 12.48 1.15 4.11
N GLN A 55 12.92 2.27 4.61
CA GLN A 55 12.51 2.70 5.97
C GLN A 55 11.02 3.02 5.95
N ASN A 56 10.50 3.21 4.77
CA ASN A 56 9.06 3.49 4.60
C ASN A 56 8.64 2.96 3.24
N ILE A 57 7.96 1.85 3.19
CA ILE A 57 7.54 1.31 1.88
C ILE A 57 6.09 1.72 1.62
N SER A 58 5.89 2.61 0.70
CA SER A 58 4.51 3.08 0.41
C SER A 58 3.83 2.19 -0.62
N ILE A 59 2.53 2.12 -0.56
CA ILE A 59 1.76 1.28 -1.51
C ILE A 59 0.41 1.97 -1.77
N ALA A 60 0.10 2.29 -3.02
CA ALA A 60 -1.18 3.00 -3.29
C ALA A 60 -2.11 2.18 -4.19
N GLY A 61 -3.39 2.51 -4.16
CA GLY A 61 -4.39 1.78 -5.00
C GLY A 61 -5.75 2.49 -4.98
N HIS A 62 -6.47 2.39 -6.07
CA HIS A 62 -7.82 3.02 -6.18
C HIS A 62 -8.82 2.25 -5.30
N THR A 63 -10.00 2.79 -5.10
CA THR A 63 -11.03 2.09 -4.28
C THR A 63 -12.30 1.91 -5.14
N PHE A 64 -13.14 0.97 -4.81
CA PHE A 64 -14.38 0.76 -5.63
C PHE A 64 -15.54 0.36 -4.72
N ILE A 65 -16.59 1.12 -4.77
CA ILE A 65 -17.79 0.81 -3.94
C ILE A 65 -18.29 -0.58 -4.26
N ASP A 66 -18.29 -0.92 -5.52
CA ASP A 66 -18.83 -2.26 -5.93
C ASP A 66 -17.74 -3.34 -5.96
N ARG A 67 -16.71 -3.21 -5.19
CA ARG A 67 -15.65 -4.26 -5.20
C ARG A 67 -14.89 -4.26 -3.86
N PRO A 68 -15.21 -5.15 -2.96
CA PRO A 68 -14.53 -5.23 -1.64
C PRO A 68 -13.17 -5.91 -1.74
N ASN A 69 -12.98 -6.75 -2.72
CA ASN A 69 -11.67 -7.44 -2.87
C ASN A 69 -10.76 -6.62 -3.80
N TYR A 70 -11.20 -5.46 -4.19
CA TYR A 70 -10.37 -4.60 -5.09
C TYR A 70 -9.03 -4.29 -4.42
N GLN A 71 -8.46 -3.16 -4.73
CA GLN A 71 -7.17 -2.78 -4.13
C GLN A 71 -7.36 -2.51 -2.64
N PHE A 72 -8.02 -1.43 -2.31
CA PHE A 72 -8.24 -1.11 -0.87
C PHE A 72 -9.69 -0.65 -0.64
N THR A 73 -10.64 -1.40 -1.08
CA THR A 73 -12.06 -0.99 -0.87
C THR A 73 -12.50 -1.37 0.55
N ASN A 74 -12.10 -2.53 0.99
CA ASN A 74 -12.52 -2.98 2.37
C ASN A 74 -11.50 -2.57 3.43
N LEU A 75 -10.59 -1.69 3.13
CA LEU A 75 -9.59 -1.30 4.16
C LEU A 75 -10.28 -0.50 5.27
N LYS A 76 -11.29 0.25 4.92
CA LYS A 76 -12.03 1.06 5.93
C LYS A 76 -12.32 0.22 7.18
N ALA A 77 -12.39 -1.07 7.05
CA ALA A 77 -12.70 -1.92 8.23
C ALA A 77 -11.43 -2.17 9.06
N ALA A 78 -10.29 -2.19 8.44
CA ALA A 78 -9.04 -2.47 9.20
C ALA A 78 -8.54 -1.21 9.94
N LYS A 79 -7.98 -1.41 11.10
CA LYS A 79 -7.51 -0.22 11.87
C LYS A 79 -6.35 -0.61 12.80
N LYS A 80 -6.00 0.26 13.71
CA LYS A 80 -4.87 -0.02 14.64
C LYS A 80 -4.94 -1.46 15.15
N GLY A 81 -3.98 -1.81 15.95
CA GLY A 81 -3.94 -3.18 16.52
C GLY A 81 -4.22 -4.22 15.43
N SER A 82 -4.28 -3.83 14.18
CA SER A 82 -4.52 -4.83 13.11
C SER A 82 -3.19 -5.33 12.56
N MET A 83 -3.06 -6.60 12.37
CA MET A 83 -1.78 -7.14 11.83
C MET A 83 -1.81 -7.13 10.30
N VAL A 84 -0.76 -6.64 9.70
CA VAL A 84 -0.70 -6.59 8.21
C VAL A 84 0.45 -7.51 7.76
N TYR A 85 0.23 -8.30 6.73
CA TYR A 85 1.30 -9.24 6.27
C TYR A 85 1.81 -8.90 4.86
N PHE A 86 3.10 -8.96 4.67
CA PHE A 86 3.68 -8.65 3.35
C PHE A 86 4.48 -9.85 2.83
N LYS A 87 3.98 -10.53 1.85
CA LYS A 87 4.69 -11.73 1.31
C LYS A 87 5.53 -11.35 0.09
N VAL A 88 6.77 -11.75 0.06
CA VAL A 88 7.65 -11.45 -1.10
C VAL A 88 8.57 -12.64 -1.33
N GLY A 89 8.85 -13.01 -2.55
CA GLY A 89 9.74 -14.18 -2.79
C GLY A 89 9.38 -15.30 -1.83
N ASN A 90 10.35 -15.81 -1.12
CA ASN A 90 10.06 -16.91 -0.15
C ASN A 90 10.06 -16.30 1.25
N GLU A 91 9.99 -15.00 1.35
CA GLU A 91 10.00 -14.35 2.68
C GLU A 91 8.65 -13.72 3.02
N THR A 92 8.28 -13.78 4.26
CA THR A 92 6.98 -13.20 4.70
C THR A 92 7.22 -12.24 5.87
N ARG A 93 7.20 -10.96 5.60
CA ARG A 93 7.42 -9.99 6.70
C ARG A 93 6.07 -9.68 7.34
N LYS A 94 6.05 -8.80 8.30
CA LYS A 94 4.75 -8.49 8.96
C LYS A 94 4.76 -7.04 9.44
N TYR A 95 3.60 -6.46 9.51
CA TYR A 95 3.50 -5.05 9.99
C TYR A 95 2.21 -4.92 10.79
N LYS A 96 2.12 -3.95 11.65
CA LYS A 96 0.89 -3.77 12.46
C LYS A 96 0.48 -2.31 12.40
N MET A 97 -0.68 -2.02 11.87
CA MET A 97 -1.13 -0.60 11.76
C MET A 97 -0.89 0.19 13.05
N THR A 98 0.10 1.02 13.01
CA THR A 98 0.44 1.82 14.22
C THR A 98 0.00 3.26 14.06
N SER A 99 -0.11 3.73 12.85
CA SER A 99 -0.52 5.15 12.66
C SER A 99 -1.23 5.34 11.32
N ILE A 100 -2.05 6.37 11.24
CA ILE A 100 -2.80 6.61 9.97
C ILE A 100 -3.16 8.09 9.84
N ARG A 101 -3.19 8.58 8.63
CA ARG A 101 -3.53 10.01 8.39
C ARG A 101 -4.23 10.15 7.04
N ASP A 102 -4.80 11.30 6.79
CA ASP A 102 -5.52 11.53 5.50
C ASP A 102 -5.24 12.96 5.02
N VAL A 103 -5.49 13.24 3.77
CA VAL A 103 -5.22 14.63 3.28
C VAL A 103 -5.90 14.88 1.94
N LYS A 104 -5.91 16.12 1.53
CA LYS A 104 -6.52 16.48 0.21
C LYS A 104 -5.76 15.75 -0.91
N PRO A 105 -6.23 15.85 -2.13
CA PRO A 105 -5.59 15.17 -3.28
C PRO A 105 -4.39 15.96 -3.84
N THR A 106 -3.55 16.49 -2.99
CA THR A 106 -2.38 17.25 -3.50
C THR A 106 -1.20 17.19 -2.50
N ASP A 107 -1.43 16.71 -1.31
CA ASP A 107 -0.30 16.66 -0.32
C ASP A 107 0.59 15.45 -0.61
N VAL A 108 1.30 15.45 -1.70
CA VAL A 108 2.18 14.30 -2.03
C VAL A 108 3.01 13.93 -0.80
N GLY A 109 3.41 14.87 -0.01
CA GLY A 109 4.22 14.54 1.21
C GLY A 109 3.65 13.30 1.90
N VAL A 110 2.46 12.90 1.56
CA VAL A 110 1.88 11.70 2.23
C VAL A 110 2.87 10.53 2.10
N LEU A 111 3.66 10.53 1.06
CA LEU A 111 4.62 9.39 0.88
C LEU A 111 5.27 9.13 2.23
N ASP A 112 5.22 10.11 3.10
CA ASP A 112 5.78 9.96 4.48
C ASP A 112 6.92 8.93 4.52
N GLU A 113 8.14 9.35 4.34
CA GLU A 113 9.26 8.36 4.38
C GLU A 113 10.43 8.92 5.18
N GLN A 114 10.30 8.97 6.48
CA GLN A 114 11.40 9.54 7.33
C GLN A 114 11.73 8.59 8.49
N LYS A 115 10.74 8.12 9.20
CA LYS A 115 11.02 7.19 10.33
C LYS A 115 11.75 5.97 9.80
N GLY A 116 12.79 5.58 10.48
CA GLY A 116 13.56 4.40 10.04
C GLY A 116 13.76 3.49 11.24
N LYS A 117 14.08 4.05 12.37
CA LYS A 117 14.28 3.22 13.60
C LYS A 117 13.30 2.06 13.53
N ASP A 118 12.04 2.36 13.55
CA ASP A 118 11.01 1.31 13.42
C ASP A 118 10.44 1.39 12.00
N LYS A 119 11.06 0.75 11.05
CA LYS A 119 10.59 0.79 9.63
C LYS A 119 9.06 0.75 9.57
N GLN A 120 8.48 0.86 8.40
CA GLN A 120 7.00 0.83 8.34
C GLN A 120 6.51 0.51 6.92
N LEU A 121 5.22 0.38 6.79
CA LEU A 121 4.61 0.12 5.45
C LEU A 121 3.48 1.13 5.25
N THR A 122 3.74 2.19 4.55
CA THR A 122 2.68 3.21 4.37
C THR A 122 1.60 2.70 3.44
N LEU A 123 0.39 2.61 3.93
CA LEU A 123 -0.74 2.17 3.09
C LEU A 123 -1.33 3.42 2.44
N ILE A 124 -1.73 3.35 1.22
CA ILE A 124 -2.34 4.55 0.58
C ILE A 124 -3.56 4.10 -0.21
N THR A 125 -4.69 4.58 0.16
CA THR A 125 -5.93 4.17 -0.53
C THR A 125 -6.85 5.37 -0.56
N CYS A 126 -7.12 5.88 -1.71
CA CYS A 126 -8.00 7.09 -1.78
C CYS A 126 -9.47 6.69 -1.63
N ASP A 127 -10.31 7.65 -1.36
CA ASP A 127 -11.77 7.36 -1.19
C ASP A 127 -12.55 8.68 -1.23
N ASP A 128 -13.72 8.72 -0.62
CA ASP A 128 -14.52 9.97 -0.65
C ASP A 128 -14.64 10.44 -2.09
N TYR A 129 -15.23 9.63 -2.93
CA TYR A 129 -15.36 9.98 -4.37
C TYR A 129 -16.32 11.16 -4.56
N ASN A 130 -15.91 12.08 -5.37
CA ASN A 130 -16.78 13.25 -5.68
C ASN A 130 -17.43 13.01 -7.03
N GLU A 131 -18.62 13.46 -7.20
CA GLU A 131 -19.32 13.26 -8.49
C GLU A 131 -19.50 14.61 -9.16
N LYS A 132 -19.31 15.67 -8.42
CA LYS A 132 -19.44 17.03 -9.02
C LYS A 132 -18.12 17.39 -9.70
N THR A 133 -17.04 17.23 -8.98
CA THR A 133 -15.71 17.55 -9.57
C THR A 133 -15.16 16.31 -10.27
N GLY A 134 -15.77 15.17 -10.05
CA GLY A 134 -15.32 13.92 -10.72
C GLY A 134 -13.93 13.49 -10.20
N VAL A 135 -13.64 13.71 -8.96
CA VAL A 135 -12.30 13.29 -8.44
C VAL A 135 -12.42 12.90 -6.97
N TRP A 136 -11.39 12.29 -6.46
CA TRP A 136 -11.40 11.86 -5.03
C TRP A 136 -10.95 13.04 -4.16
N GLU A 137 -11.78 13.47 -3.24
CA GLU A 137 -11.40 14.64 -2.39
C GLU A 137 -10.56 14.19 -1.19
N LYS A 138 -11.11 13.36 -0.34
CA LYS A 138 -10.33 12.91 0.86
C LYS A 138 -9.42 11.74 0.49
N ARG A 139 -8.35 11.58 1.22
CA ARG A 139 -7.41 10.46 0.93
C ARG A 139 -7.19 9.66 2.21
N LYS A 140 -7.13 8.36 2.09
CA LYS A 140 -6.93 7.50 3.28
C LYS A 140 -5.59 6.78 3.20
N ILE A 141 -4.71 6.98 4.17
CA ILE A 141 -3.40 6.29 4.13
C ILE A 141 -3.02 5.78 5.54
N PHE A 142 -2.88 4.50 5.68
CA PHE A 142 -2.55 3.92 7.02
C PHE A 142 -1.06 3.58 7.10
N VAL A 143 -0.42 3.89 8.19
CA VAL A 143 1.01 3.54 8.35
C VAL A 143 1.10 2.31 9.25
N ALA A 144 1.98 1.40 8.95
CA ALA A 144 2.09 0.17 9.80
C ALA A 144 3.55 -0.04 10.16
N THR A 145 3.81 -0.40 11.39
CA THR A 145 5.22 -0.59 11.82
C THR A 145 5.68 -2.02 11.57
N GLU A 146 6.87 -2.13 11.07
CA GLU A 146 7.42 -3.48 10.78
C GLU A 146 7.51 -4.31 12.06
N VAL A 147 7.09 -5.53 11.99
CA VAL A 147 7.14 -6.43 13.19
C VAL A 147 7.99 -7.65 12.81
N LYS A 148 8.24 -7.82 11.55
CA LYS A 148 9.05 -8.98 11.09
C LYS A 148 10.25 -9.17 12.00
N LEU B 2 0.58 12.77 -4.55
CA LEU B 2 0.09 11.48 -3.97
C LEU B 2 -0.30 10.54 -5.11
N PRO B 3 0.46 9.49 -5.35
CA PRO B 3 0.14 8.53 -6.45
C PRO B 3 -1.34 8.13 -6.48
N ALA B 4 -1.70 7.24 -7.36
CA ALA B 4 -3.12 6.81 -7.44
C ALA B 4 -4.02 8.05 -7.48
N MET A 1 22.28 -14.46 5.18
CA MET A 1 21.95 -15.12 3.89
C MET A 1 20.43 -15.29 3.78
N GLN A 2 19.68 -14.45 4.44
CA GLN A 2 18.19 -14.57 4.37
C GLN A 2 17.73 -14.43 2.93
N ALA A 3 16.48 -14.09 2.73
CA ALA A 3 15.97 -13.94 1.35
C ALA A 3 16.68 -12.76 0.67
N LYS A 4 16.79 -12.79 -0.62
CA LYS A 4 17.48 -11.68 -1.33
C LYS A 4 16.71 -11.35 -2.61
N PRO A 5 15.57 -10.73 -2.45
CA PRO A 5 14.69 -10.33 -3.57
C PRO A 5 15.02 -8.93 -4.09
N GLN A 6 14.73 -8.66 -5.33
CA GLN A 6 15.03 -7.30 -5.88
C GLN A 6 14.06 -7.00 -7.02
N ILE A 7 13.30 -5.95 -6.90
CA ILE A 7 12.35 -5.60 -8.00
C ILE A 7 13.12 -5.71 -9.34
N PRO A 8 12.86 -6.73 -10.12
CA PRO A 8 13.59 -6.93 -11.42
C PRO A 8 13.10 -6.02 -12.54
N LYS A 9 13.42 -6.36 -13.76
CA LYS A 9 12.98 -5.52 -14.90
C LYS A 9 11.56 -5.93 -15.32
N ASP A 10 11.04 -6.99 -14.75
CA ASP A 10 9.67 -7.42 -15.12
C ASP A 10 8.65 -6.51 -14.42
N LYS A 11 8.71 -5.26 -14.78
CA LYS A 11 7.70 -4.32 -14.18
C LYS A 11 6.31 -5.01 -14.32
N SER A 12 6.31 -6.02 -15.13
CA SER A 12 5.05 -6.78 -15.35
C SER A 12 4.85 -7.90 -14.30
N LYS A 13 5.80 -8.11 -13.42
CA LYS A 13 5.63 -9.22 -12.41
C LYS A 13 5.14 -8.71 -11.05
N VAL A 14 4.28 -9.45 -10.42
CA VAL A 14 3.86 -9.07 -9.05
C VAL A 14 5.13 -9.24 -8.21
N ALA A 15 5.54 -8.26 -7.46
CA ALA A 15 6.80 -8.46 -6.68
C ALA A 15 6.47 -9.26 -5.44
N GLY A 16 5.21 -9.38 -5.14
CA GLY A 16 4.83 -10.18 -3.94
C GLY A 16 3.34 -10.03 -3.64
N TYR A 17 2.98 -10.24 -2.41
CA TYR A 17 1.55 -10.17 -2.05
C TYR A 17 1.36 -9.58 -0.65
N ILE A 18 0.15 -9.26 -0.32
CA ILE A 18 -0.11 -8.64 1.01
C ILE A 18 -1.51 -9.05 1.49
N GLU A 19 -1.71 -9.18 2.77
CA GLU A 19 -3.05 -9.56 3.28
C GLU A 19 -3.27 -8.95 4.67
N ILE A 20 -4.50 -8.92 5.12
CA ILE A 20 -4.80 -8.34 6.46
C ILE A 20 -5.95 -9.14 7.08
N PRO A 21 -5.66 -10.11 7.90
CA PRO A 21 -6.69 -10.97 8.54
C PRO A 21 -7.83 -10.17 9.20
N ASP A 22 -7.52 -9.16 9.96
CA ASP A 22 -8.59 -8.34 10.59
C ASP A 22 -9.40 -7.61 9.52
N ALA A 23 -8.86 -7.46 8.34
CA ALA A 23 -9.60 -6.78 7.24
C ALA A 23 -10.06 -7.85 6.25
N ASP A 24 -9.49 -9.01 6.30
CA ASP A 24 -9.89 -10.10 5.37
C ASP A 24 -9.52 -9.76 3.93
N ILE A 25 -8.29 -9.38 3.68
CA ILE A 25 -7.89 -9.01 2.28
C ILE A 25 -6.62 -9.78 1.88
N LYS A 26 -6.44 -10.00 0.61
CA LYS A 26 -5.22 -10.71 0.12
C LYS A 26 -5.02 -10.34 -1.36
N GLU A 27 -4.01 -9.56 -1.66
CA GLU A 27 -3.80 -9.12 -3.08
C GLU A 27 -2.31 -9.11 -3.43
N PRO A 28 -2.01 -9.03 -4.70
CA PRO A 28 -0.60 -9.02 -5.21
C PRO A 28 0.12 -7.69 -5.00
N VAL A 29 1.42 -7.70 -5.07
CA VAL A 29 2.22 -6.46 -4.89
C VAL A 29 3.04 -6.18 -6.15
N TYR A 30 2.59 -5.29 -7.01
CA TYR A 30 3.35 -5.00 -8.27
C TYR A 30 4.32 -3.84 -8.05
N PRO A 31 5.39 -3.78 -8.83
CA PRO A 31 6.41 -2.71 -8.72
C PRO A 31 5.85 -1.30 -8.95
N GLY A 32 6.36 -0.33 -8.23
CA GLY A 32 5.89 1.08 -8.38
C GLY A 32 6.15 1.54 -9.82
N PRO A 33 5.60 2.67 -10.20
CA PRO A 33 4.75 3.51 -9.32
C PRO A 33 3.26 3.18 -9.47
N ALA A 34 2.43 3.70 -8.61
CA ALA A 34 0.97 3.41 -8.72
C ALA A 34 0.37 4.14 -9.92
N THR A 35 1.12 4.33 -10.97
CA THR A 35 0.54 5.04 -12.14
C THR A 35 -0.42 4.08 -12.87
N PRO A 36 -1.43 4.60 -13.52
CA PRO A 36 -2.44 3.80 -14.24
C PRO A 36 -1.87 2.49 -14.81
N GLU A 37 -0.80 2.56 -15.54
CA GLU A 37 -0.21 1.32 -16.12
C GLU A 37 -0.06 0.26 -15.02
N GLN A 38 0.52 0.62 -13.90
CA GLN A 38 0.69 -0.36 -12.80
C GLN A 38 -0.65 -0.66 -12.12
N LEU A 39 -1.33 0.36 -11.66
CA LEU A 39 -2.63 0.14 -10.96
C LEU A 39 -3.51 -0.83 -11.76
N ASN A 40 -3.12 -1.15 -12.97
CA ASN A 40 -3.92 -2.09 -13.79
C ASN A 40 -3.74 -3.51 -13.27
N ARG A 41 -2.62 -3.75 -12.65
CA ARG A 41 -2.34 -5.11 -12.10
C ARG A 41 -2.84 -5.20 -10.66
N GLY A 42 -2.39 -4.32 -9.80
CA GLY A 42 -2.83 -4.37 -8.38
C GLY A 42 -2.17 -3.24 -7.59
N VAL A 43 -2.23 -3.31 -6.29
CA VAL A 43 -1.62 -2.25 -5.44
C VAL A 43 -0.11 -2.14 -5.75
N SER A 44 0.29 -1.12 -6.45
CA SER A 44 1.73 -0.97 -6.79
C SER A 44 2.46 -0.13 -5.73
N PHE A 45 3.78 -0.10 -5.77
CA PHE A 45 4.53 0.72 -4.79
C PHE A 45 4.34 2.20 -5.14
N ALA A 46 3.83 2.96 -4.23
CA ALA A 46 3.56 4.41 -4.51
C ALA A 46 4.70 5.04 -5.34
N GLU A 47 5.88 4.45 -5.36
CA GLU A 47 6.98 5.08 -6.15
C GLU A 47 7.79 4.01 -6.89
N GLU A 48 8.31 4.35 -8.02
CA GLU A 48 9.09 3.39 -8.85
C GLU A 48 10.27 2.81 -8.07
N ASN A 49 11.21 3.62 -7.66
CA ASN A 49 12.41 3.06 -6.98
C ASN A 49 12.15 2.63 -5.54
N GLU A 50 10.97 2.16 -5.23
CA GLU A 50 10.71 1.75 -3.83
C GLU A 50 11.68 0.63 -3.48
N SER A 51 12.11 0.56 -2.24
CA SER A 51 13.09 -0.49 -1.86
C SER A 51 12.40 -1.69 -1.22
N LEU A 52 12.91 -2.86 -1.50
CA LEU A 52 12.30 -4.07 -0.90
C LEU A 52 12.42 -3.97 0.61
N ASP A 53 13.34 -3.15 1.07
CA ASP A 53 13.53 -2.97 2.53
C ASP A 53 13.61 -1.48 2.85
N ASP A 54 12.74 -0.70 2.28
CA ASP A 54 12.74 0.78 2.52
C ASP A 54 12.33 1.10 3.96
N GLN A 55 12.70 2.26 4.44
CA GLN A 55 12.30 2.67 5.81
C GLN A 55 10.79 2.86 5.80
N ASN A 56 10.24 2.94 4.63
CA ASN A 56 8.77 3.08 4.47
C ASN A 56 8.38 2.43 3.15
N ILE A 57 7.74 1.30 3.17
CA ILE A 57 7.34 0.66 1.90
C ILE A 57 5.92 1.09 1.59
N SER A 58 5.77 2.02 0.68
CA SER A 58 4.44 2.55 0.35
C SER A 58 3.77 1.74 -0.76
N ILE A 59 2.46 1.69 -0.72
CA ILE A 59 1.69 0.95 -1.75
C ILE A 59 0.38 1.70 -1.95
N ALA A 60 -0.17 1.72 -3.14
CA ALA A 60 -1.43 2.48 -3.35
C ALA A 60 -2.36 1.76 -4.32
N GLY A 61 -3.64 2.07 -4.26
CA GLY A 61 -4.62 1.42 -5.17
C GLY A 61 -5.99 2.12 -5.06
N HIS A 62 -6.76 2.06 -6.10
CA HIS A 62 -8.11 2.68 -6.11
C HIS A 62 -9.07 1.89 -5.20
N THR A 63 -10.22 2.44 -4.90
CA THR A 63 -11.21 1.71 -4.05
C THR A 63 -12.47 1.47 -4.88
N PHE A 64 -13.28 0.52 -4.53
CA PHE A 64 -14.51 0.24 -5.32
C PHE A 64 -15.66 -0.12 -4.39
N ILE A 65 -16.73 0.61 -4.47
CA ILE A 65 -17.90 0.33 -3.61
C ILE A 65 -18.40 -1.07 -3.88
N ASP A 66 -18.43 -1.44 -5.13
CA ASP A 66 -18.98 -2.79 -5.50
C ASP A 66 -17.90 -3.87 -5.44
N ARG A 67 -16.85 -3.68 -4.71
CA ARG A 67 -15.81 -4.74 -4.65
C ARG A 67 -15.02 -4.62 -3.34
N PRO A 68 -15.36 -5.39 -2.33
CA PRO A 68 -14.64 -5.36 -1.03
C PRO A 68 -13.27 -6.04 -1.13
N ASN A 69 -13.12 -6.95 -2.06
CA ASN A 69 -11.82 -7.66 -2.21
C ASN A 69 -10.94 -6.91 -3.21
N TYR A 70 -11.37 -5.77 -3.66
CA TYR A 70 -10.57 -4.99 -4.65
C TYR A 70 -9.20 -4.65 -4.05
N GLN A 71 -8.63 -3.54 -4.43
CA GLN A 71 -7.30 -3.16 -3.90
C GLN A 71 -7.42 -2.85 -2.40
N PHE A 72 -8.03 -1.74 -2.05
CA PHE A 72 -8.16 -1.40 -0.61
C PHE A 72 -9.59 -0.94 -0.31
N THR A 73 -10.56 -1.68 -0.76
CA THR A 73 -11.98 -1.28 -0.49
C THR A 73 -12.38 -1.75 0.92
N ASN A 74 -11.96 -2.92 1.29
CA ASN A 74 -12.34 -3.48 2.64
C ASN A 74 -11.39 -2.95 3.74
N LEU A 75 -10.47 -2.10 3.40
CA LEU A 75 -9.53 -1.58 4.44
C LEU A 75 -10.30 -0.74 5.47
N LYS A 76 -11.15 0.15 5.03
CA LYS A 76 -11.90 1.01 5.98
C LYS A 76 -12.39 0.18 7.18
N ALA A 77 -12.43 -1.12 7.07
CA ALA A 77 -12.92 -1.94 8.22
C ALA A 77 -11.78 -2.19 9.21
N ALA A 78 -10.58 -2.34 8.72
CA ALA A 78 -9.43 -2.62 9.63
C ALA A 78 -8.90 -1.33 10.30
N LYS A 79 -8.27 -1.50 11.42
CA LYS A 79 -7.77 -0.30 12.15
C LYS A 79 -6.58 -0.65 13.04
N LYS A 80 -6.23 0.22 13.94
CA LYS A 80 -5.07 -0.02 14.84
C LYS A 80 -5.13 -1.45 15.40
N GLY A 81 -4.16 -1.80 16.19
CA GLY A 81 -4.11 -3.16 16.79
C GLY A 81 -4.39 -4.22 15.71
N SER A 82 -4.45 -3.84 14.46
CA SER A 82 -4.70 -4.85 13.38
C SER A 82 -3.36 -5.41 12.90
N MET A 83 -3.32 -6.67 12.62
CA MET A 83 -2.06 -7.29 12.14
C MET A 83 -2.03 -7.25 10.60
N VAL A 84 -0.97 -6.73 10.04
CA VAL A 84 -0.87 -6.65 8.54
C VAL A 84 0.28 -7.56 8.09
N TYR A 85 0.05 -8.36 7.07
CA TYR A 85 1.12 -9.29 6.59
C TYR A 85 1.70 -8.84 5.25
N PHE A 86 3.01 -8.88 5.13
CA PHE A 86 3.66 -8.43 3.87
C PHE A 86 4.38 -9.61 3.19
N LYS A 87 4.58 -9.48 1.90
CA LYS A 87 5.25 -10.59 1.18
C LYS A 87 6.01 -10.10 -0.05
N VAL A 88 7.25 -10.50 -0.18
CA VAL A 88 8.08 -10.14 -1.35
C VAL A 88 8.97 -11.34 -1.62
N GLY A 89 9.20 -11.71 -2.86
CA GLY A 89 10.06 -12.90 -3.12
C GLY A 89 9.50 -14.09 -2.34
N ASN A 90 10.34 -14.83 -1.67
CA ASN A 90 9.86 -15.99 -0.88
C ASN A 90 9.86 -15.61 0.60
N GLU A 91 9.80 -14.33 0.89
CA GLU A 91 9.82 -13.88 2.29
C GLU A 91 8.48 -13.25 2.69
N THR A 92 8.16 -13.31 3.95
CA THR A 92 6.88 -12.74 4.45
C THR A 92 7.10 -12.08 5.80
N ARG A 93 7.13 -10.78 5.83
CA ARG A 93 7.36 -10.06 7.11
C ARG A 93 6.03 -9.80 7.81
N LYS A 94 6.01 -8.89 8.74
CA LYS A 94 4.73 -8.62 9.47
C LYS A 94 4.67 -7.15 9.89
N TYR A 95 3.50 -6.59 9.90
CA TYR A 95 3.34 -5.17 10.32
C TYR A 95 2.06 -5.06 11.13
N LYS A 96 1.87 -3.96 11.82
CA LYS A 96 0.61 -3.79 12.61
C LYS A 96 0.18 -2.31 12.52
N MET A 97 -0.99 -2.04 12.02
CA MET A 97 -1.45 -0.63 11.88
C MET A 97 -1.21 0.16 13.16
N THR A 98 -0.23 1.02 13.11
CA THR A 98 0.10 1.82 14.31
C THR A 98 -0.39 3.26 14.17
N SER A 99 -0.55 3.72 12.97
CA SER A 99 -1.00 5.13 12.80
C SER A 99 -1.88 5.27 11.56
N ILE A 100 -2.79 6.20 11.59
CA ILE A 100 -3.72 6.40 10.44
C ILE A 100 -4.08 7.87 10.31
N ARG A 101 -4.10 8.38 9.11
CA ARG A 101 -4.42 9.83 8.92
C ARG A 101 -4.98 10.07 7.52
N ASP A 102 -5.05 11.33 7.14
CA ASP A 102 -5.57 11.70 5.80
C ASP A 102 -4.83 12.95 5.34
N VAL A 103 -4.71 13.15 4.06
CA VAL A 103 -3.99 14.36 3.56
C VAL A 103 -4.67 14.90 2.32
N LYS A 104 -4.66 16.19 2.13
CA LYS A 104 -5.30 16.78 0.93
C LYS A 104 -4.92 15.98 -0.31
N PRO A 105 -5.59 16.20 -1.41
CA PRO A 105 -5.31 15.48 -2.69
C PRO A 105 -4.07 15.99 -3.43
N THR A 106 -3.09 16.48 -2.70
CA THR A 106 -1.86 16.98 -3.38
C THR A 106 -0.64 16.85 -2.45
N ASP A 107 -0.85 16.36 -1.25
CA ASP A 107 0.29 16.22 -0.30
C ASP A 107 1.14 15.00 -0.68
N VAL A 108 1.77 15.00 -1.82
CA VAL A 108 2.58 13.83 -2.21
C VAL A 108 3.46 13.40 -1.04
N GLY A 109 3.88 14.33 -0.21
CA GLY A 109 4.73 13.95 0.96
C GLY A 109 4.11 12.74 1.67
N VAL A 110 2.91 12.37 1.30
CA VAL A 110 2.25 11.20 1.94
C VAL A 110 3.25 10.04 1.92
N LEU A 111 4.06 10.05 0.91
CA LEU A 111 5.05 8.95 0.74
C LEU A 111 5.70 8.71 2.11
N ASP A 112 5.61 9.69 2.98
CA ASP A 112 6.15 9.54 4.37
C ASP A 112 7.34 8.57 4.41
N GLU A 113 8.55 9.05 4.26
CA GLU A 113 9.73 8.13 4.29
C GLU A 113 10.80 8.67 5.23
N GLN A 114 10.53 8.70 6.51
CA GLN A 114 11.53 9.23 7.49
C GLN A 114 11.77 8.24 8.61
N LYS A 115 10.74 7.77 9.27
CA LYS A 115 10.94 6.80 10.37
C LYS A 115 11.65 5.58 9.82
N GLY A 116 12.77 5.22 10.39
CA GLY A 116 13.53 4.05 9.91
C GLY A 116 13.73 3.10 11.08
N LYS A 117 14.08 3.64 12.24
CA LYS A 117 14.27 2.77 13.42
C LYS A 117 13.21 1.68 13.37
N ASP A 118 11.98 2.09 13.43
CA ASP A 118 10.87 1.12 13.30
C ASP A 118 10.29 1.29 11.89
N LYS A 119 10.86 0.61 10.91
CA LYS A 119 10.39 0.73 9.50
C LYS A 119 8.85 0.77 9.45
N GLN A 120 8.28 0.88 8.29
CA GLN A 120 6.80 0.92 8.25
C GLN A 120 6.27 0.58 6.86
N LEU A 121 4.99 0.40 6.74
CA LEU A 121 4.38 0.11 5.41
C LEU A 121 3.30 1.16 5.16
N THR A 122 3.62 2.17 4.40
CA THR A 122 2.61 3.24 4.15
C THR A 122 1.50 2.70 3.26
N LEU A 123 0.31 2.60 3.80
CA LEU A 123 -0.84 2.14 2.99
C LEU A 123 -1.46 3.37 2.33
N ILE A 124 -1.92 3.25 1.13
CA ILE A 124 -2.55 4.42 0.46
C ILE A 124 -3.79 3.94 -0.27
N THR A 125 -4.91 4.39 0.14
CA THR A 125 -6.17 3.96 -0.51
C THR A 125 -7.07 5.16 -0.64
N CYS A 126 -7.32 5.58 -1.84
CA CYS A 126 -8.17 6.78 -2.03
C CYS A 126 -9.66 6.44 -1.87
N ASP A 127 -10.47 7.45 -1.61
CA ASP A 127 -11.93 7.21 -1.43
C ASP A 127 -12.65 8.56 -1.49
N ASP A 128 -13.82 8.66 -0.89
CA ASP A 128 -14.56 9.96 -0.92
C ASP A 128 -14.73 10.42 -2.37
N TYR A 129 -15.30 9.58 -3.20
CA TYR A 129 -15.47 9.96 -4.64
C TYR A 129 -16.48 11.09 -4.79
N ASN A 130 -16.11 12.07 -5.56
CA ASN A 130 -17.05 13.19 -5.82
C ASN A 130 -17.66 12.96 -7.20
N GLU A 131 -18.86 13.40 -7.38
CA GLU A 131 -19.53 13.19 -8.68
C GLU A 131 -19.69 14.54 -9.37
N LYS A 132 -19.44 15.59 -8.65
CA LYS A 132 -19.56 16.95 -9.26
C LYS A 132 -18.26 17.32 -9.96
N THR A 133 -17.15 17.18 -9.27
CA THR A 133 -15.83 17.54 -9.86
C THR A 133 -15.22 16.33 -10.58
N GLY A 134 -15.88 15.21 -10.57
CA GLY A 134 -15.35 14.00 -11.27
C GLY A 134 -13.95 13.66 -10.74
N VAL A 135 -13.70 13.85 -9.47
CA VAL A 135 -12.36 13.52 -8.91
C VAL A 135 -12.49 13.07 -7.47
N TRP A 136 -11.49 12.45 -6.92
CA TRP A 136 -11.55 12.01 -5.51
C TRP A 136 -11.14 13.20 -4.62
N GLU A 137 -11.99 13.62 -3.74
CA GLU A 137 -11.66 14.82 -2.91
C GLU A 137 -10.68 14.51 -1.78
N LYS A 138 -11.03 13.64 -0.86
CA LYS A 138 -10.12 13.36 0.28
C LYS A 138 -9.20 12.17 -0.01
N ARG A 139 -8.11 12.08 0.71
CA ARG A 139 -7.15 10.95 0.51
C ARG A 139 -6.98 10.20 1.83
N LYS A 140 -7.00 8.89 1.78
CA LYS A 140 -6.86 8.09 3.02
C LYS A 140 -5.59 7.23 2.96
N ILE A 141 -4.68 7.41 3.88
CA ILE A 141 -3.43 6.59 3.86
C ILE A 141 -3.06 6.12 5.29
N PHE A 142 -2.97 4.84 5.46
CA PHE A 142 -2.65 4.29 6.81
C PHE A 142 -1.18 3.85 6.87
N VAL A 143 -0.51 4.11 7.96
CA VAL A 143 0.90 3.65 8.10
C VAL A 143 0.90 2.42 9.00
N ALA A 144 1.79 1.50 8.77
CA ALA A 144 1.83 0.29 9.63
C ALA A 144 3.26 0.06 10.09
N THR A 145 3.46 -0.30 11.33
CA THR A 145 4.85 -0.48 11.83
C THR A 145 5.33 -1.91 11.59
N GLU A 146 6.48 -2.02 10.99
CA GLU A 146 7.05 -3.37 10.74
C GLU A 146 7.03 -4.14 12.06
N VAL A 147 6.60 -5.38 12.02
CA VAL A 147 6.51 -6.16 13.27
C VAL A 147 7.18 -7.52 13.11
N LYS A 148 7.45 -8.16 14.21
CA LYS A 148 8.10 -9.50 14.18
C LYS A 148 7.28 -10.48 15.02
N LEU B 2 0.53 12.24 -4.54
CA LEU B 2 -0.11 11.04 -3.91
C LEU B 2 -0.76 10.16 -4.99
N PRO B 3 -0.13 9.07 -5.37
CA PRO B 3 -0.67 8.16 -6.43
C PRO B 3 -2.08 7.66 -6.10
N ALA B 4 -2.54 6.66 -6.81
CA ALA B 4 -3.90 6.12 -6.55
C ALA B 4 -4.89 7.29 -6.49
N MET A 1 22.94 -18.98 3.03
CA MET A 1 22.78 -17.81 2.11
C MET A 1 21.28 -17.59 1.85
N GLN A 2 20.70 -16.64 2.54
CA GLN A 2 19.25 -16.36 2.35
C GLN A 2 18.97 -15.93 0.91
N ALA A 3 17.72 -15.83 0.54
CA ALA A 3 17.38 -15.44 -0.86
C ALA A 3 17.86 -14.01 -1.13
N LYS A 4 17.60 -13.50 -2.30
CA LYS A 4 18.07 -12.12 -2.62
C LYS A 4 17.10 -11.46 -3.62
N PRO A 5 15.95 -11.06 -3.15
CA PRO A 5 14.92 -10.39 -4.01
C PRO A 5 15.36 -8.98 -4.42
N GLN A 6 15.07 -8.60 -5.63
CA GLN A 6 15.47 -7.23 -6.09
C GLN A 6 14.56 -6.82 -7.25
N ILE A 7 13.79 -5.77 -7.10
CA ILE A 7 12.90 -5.34 -8.23
C ILE A 7 13.68 -5.42 -9.54
N PRO A 8 13.45 -6.42 -10.34
CA PRO A 8 14.17 -6.59 -11.63
C PRO A 8 13.45 -5.89 -12.79
N LYS A 9 13.65 -6.33 -14.00
CA LYS A 9 12.97 -5.70 -15.16
C LYS A 9 11.58 -6.32 -15.33
N ASP A 10 11.29 -7.31 -14.53
CA ASP A 10 9.95 -7.97 -14.63
C ASP A 10 8.90 -7.05 -13.99
N LYS A 11 8.94 -5.83 -14.41
CA LYS A 11 7.89 -4.89 -13.86
C LYS A 11 6.53 -5.60 -14.00
N SER A 12 6.56 -6.64 -14.80
CA SER A 12 5.31 -7.42 -15.01
C SER A 12 5.13 -8.49 -13.93
N LYS A 13 6.09 -8.64 -13.05
CA LYS A 13 5.95 -9.67 -11.98
C LYS A 13 5.50 -9.03 -10.67
N VAL A 14 4.63 -9.68 -9.94
CA VAL A 14 4.25 -9.16 -8.61
C VAL A 14 5.53 -9.25 -7.78
N ALA A 15 5.86 -8.25 -7.01
CA ALA A 15 7.11 -8.36 -6.23
C ALA A 15 6.82 -9.12 -4.94
N GLY A 16 5.57 -9.26 -4.62
CA GLY A 16 5.19 -9.98 -3.38
C GLY A 16 3.69 -9.85 -3.14
N TYR A 17 3.26 -10.03 -1.93
CA TYR A 17 1.79 -9.97 -1.68
C TYR A 17 1.49 -9.31 -0.34
N ILE A 18 0.24 -9.04 -0.11
CA ILE A 18 -0.16 -8.36 1.14
C ILE A 18 -1.53 -8.84 1.60
N GLU A 19 -1.76 -8.96 2.88
CA GLU A 19 -3.09 -9.42 3.37
C GLU A 19 -3.35 -8.83 4.76
N ILE A 20 -4.58 -8.78 5.17
CA ILE A 20 -4.91 -8.21 6.50
C ILE A 20 -6.12 -8.96 7.10
N PRO A 21 -5.89 -9.85 8.04
CA PRO A 21 -6.99 -10.64 8.67
C PRO A 21 -8.16 -9.79 9.18
N ASP A 22 -7.90 -8.70 9.84
CA ASP A 22 -9.00 -7.84 10.33
C ASP A 22 -9.76 -7.19 9.16
N ALA A 23 -9.13 -7.07 8.03
CA ALA A 23 -9.81 -6.46 6.85
C ALA A 23 -10.22 -7.57 5.87
N ASP A 24 -9.74 -8.77 6.09
CA ASP A 24 -10.10 -9.89 5.19
C ASP A 24 -9.68 -9.58 3.75
N ILE A 25 -8.45 -9.19 3.54
CA ILE A 25 -7.99 -8.85 2.16
C ILE A 25 -6.72 -9.64 1.81
N LYS A 26 -6.49 -9.91 0.56
CA LYS A 26 -5.29 -10.67 0.14
C LYS A 26 -5.04 -10.41 -1.36
N GLU A 27 -4.05 -9.61 -1.69
CA GLU A 27 -3.78 -9.31 -3.13
C GLU A 27 -2.26 -9.28 -3.37
N PRO A 28 -1.85 -9.05 -4.59
CA PRO A 28 -0.41 -9.02 -4.96
C PRO A 28 0.25 -7.65 -4.74
N VAL A 29 1.55 -7.61 -4.79
CA VAL A 29 2.29 -6.34 -4.63
C VAL A 29 3.18 -6.13 -5.86
N TYR A 30 2.81 -5.25 -6.74
CA TYR A 30 3.62 -5.03 -7.97
C TYR A 30 4.55 -3.81 -7.79
N PRO A 31 5.65 -3.77 -8.50
CA PRO A 31 6.63 -2.65 -8.43
C PRO A 31 6.01 -1.27 -8.72
N GLY A 32 6.49 -0.27 -8.04
CA GLY A 32 6.00 1.11 -8.27
C GLY A 32 6.26 1.51 -9.72
N PRO A 33 5.71 2.61 -10.16
CA PRO A 33 4.87 3.50 -9.33
C PRO A 33 3.39 3.16 -9.49
N ALA A 34 2.53 3.68 -8.65
CA ALA A 34 1.09 3.37 -8.78
C ALA A 34 0.49 4.07 -9.99
N THR A 35 1.24 4.27 -11.04
CA THR A 35 0.66 4.97 -12.22
C THR A 35 -0.30 4.01 -12.93
N PRO A 36 -1.32 4.54 -13.57
CA PRO A 36 -2.34 3.75 -14.29
C PRO A 36 -1.79 2.43 -14.84
N GLU A 37 -0.71 2.49 -15.56
CA GLU A 37 -0.13 1.24 -16.14
C GLU A 37 0.08 0.20 -15.02
N GLN A 38 0.67 0.61 -13.93
CA GLN A 38 0.92 -0.33 -12.81
C GLN A 38 -0.39 -0.68 -12.11
N LEU A 39 -1.18 0.30 -11.76
CA LEU A 39 -2.46 0.02 -11.04
C LEU A 39 -3.28 -1.00 -11.83
N ASN A 40 -2.86 -1.34 -13.01
CA ASN A 40 -3.59 -2.36 -13.81
C ASN A 40 -3.26 -3.74 -13.23
N ARG A 41 -2.04 -3.91 -12.81
CA ARG A 41 -1.59 -5.19 -12.23
C ARG A 41 -2.20 -5.34 -10.82
N GLY A 42 -2.04 -4.36 -9.97
CA GLY A 42 -2.61 -4.45 -8.59
C GLY A 42 -2.08 -3.29 -7.74
N VAL A 43 -2.10 -3.43 -6.44
CA VAL A 43 -1.59 -2.33 -5.56
C VAL A 43 -0.08 -2.18 -5.78
N SER A 44 0.32 -1.16 -6.49
CA SER A 44 1.78 -0.98 -6.77
C SER A 44 2.44 -0.08 -5.72
N PHE A 45 3.76 -0.04 -5.71
CA PHE A 45 4.45 0.85 -4.74
C PHE A 45 4.24 2.29 -5.19
N ALA A 46 4.10 3.19 -4.26
CA ALA A 46 3.86 4.61 -4.63
C ALA A 46 5.04 5.18 -5.44
N GLU A 47 6.17 4.52 -5.47
CA GLU A 47 7.33 5.09 -6.24
C GLU A 47 8.04 4.00 -7.03
N GLU A 48 8.51 4.33 -8.21
CA GLU A 48 9.22 3.36 -9.07
C GLU A 48 10.43 2.76 -8.34
N ASN A 49 11.37 3.57 -7.93
CA ASN A 49 12.60 3.01 -7.31
C ASN A 49 12.36 2.58 -5.85
N GLU A 50 11.20 2.09 -5.54
CA GLU A 50 10.96 1.68 -4.13
C GLU A 50 11.98 0.61 -3.77
N SER A 51 12.43 0.58 -2.56
CA SER A 51 13.47 -0.41 -2.17
C SER A 51 12.82 -1.63 -1.51
N LEU A 52 13.37 -2.78 -1.76
CA LEU A 52 12.83 -4.02 -1.15
C LEU A 52 12.94 -3.89 0.36
N ASP A 53 13.81 -3.03 0.81
CA ASP A 53 13.99 -2.83 2.26
C ASP A 53 13.98 -1.34 2.59
N ASP A 54 13.08 -0.60 2.02
CA ASP A 54 13.01 0.87 2.30
C ASP A 54 12.60 1.11 3.75
N GLN A 55 13.05 2.17 4.34
CA GLN A 55 12.66 2.46 5.76
C GLN A 55 11.17 2.82 5.79
N ASN A 56 10.59 3.05 4.65
CA ASN A 56 9.14 3.34 4.56
C ASN A 56 8.66 2.83 3.21
N ILE A 57 8.01 1.70 3.19
CA ILE A 57 7.54 1.15 1.91
C ILE A 57 6.06 1.51 1.73
N SER A 58 5.75 2.38 0.79
CA SER A 58 4.34 2.80 0.61
C SER A 58 3.69 2.04 -0.56
N ILE A 59 2.47 1.62 -0.37
CA ILE A 59 1.73 0.89 -1.44
C ILE A 59 0.45 1.67 -1.72
N ALA A 60 -0.08 1.61 -2.90
CA ALA A 60 -1.32 2.37 -3.19
C ALA A 60 -2.26 1.56 -4.08
N GLY A 61 -3.54 1.85 -4.01
CA GLY A 61 -4.52 1.11 -4.83
C GLY A 61 -5.88 1.83 -4.82
N HIS A 62 -6.62 1.67 -5.87
CA HIS A 62 -7.97 2.31 -5.98
C HIS A 62 -8.96 1.62 -5.03
N THR A 63 -10.08 2.24 -4.78
CA THR A 63 -11.12 1.62 -3.91
C THR A 63 -12.41 1.48 -4.73
N PHE A 64 -13.20 0.49 -4.48
CA PHE A 64 -14.46 0.31 -5.27
C PHE A 64 -15.67 0.66 -4.41
N ILE A 65 -16.60 1.35 -4.98
CA ILE A 65 -17.83 1.70 -4.22
C ILE A 65 -18.85 0.60 -4.43
N ASP A 66 -18.87 0.06 -5.61
CA ASP A 66 -19.83 -1.03 -5.94
C ASP A 66 -19.17 -2.42 -5.79
N ARG A 67 -18.07 -2.52 -5.10
CA ARG A 67 -17.39 -3.86 -4.97
C ARG A 67 -16.50 -3.88 -3.72
N PRO A 68 -16.90 -4.58 -2.68
CA PRO A 68 -16.08 -4.65 -1.43
C PRO A 68 -14.94 -5.67 -1.52
N ASN A 69 -15.01 -6.57 -2.47
CA ASN A 69 -13.92 -7.58 -2.62
C ASN A 69 -12.84 -7.06 -3.56
N TYR A 70 -12.62 -5.78 -3.59
CA TYR A 70 -11.58 -5.23 -4.52
C TYR A 70 -10.22 -5.18 -3.83
N GLN A 71 -9.36 -4.27 -4.24
CA GLN A 71 -8.00 -4.19 -3.64
C GLN A 71 -8.08 -3.76 -2.17
N PHE A 72 -8.37 -2.51 -1.91
CA PHE A 72 -8.45 -2.02 -0.50
C PHE A 72 -9.83 -1.46 -0.21
N THR A 73 -10.86 -1.94 -0.86
CA THR A 73 -12.22 -1.40 -0.59
C THR A 73 -12.70 -1.91 0.77
N ASN A 74 -12.27 -3.08 1.15
CA ASN A 74 -12.70 -3.63 2.48
C ASN A 74 -11.80 -3.10 3.59
N LEU A 75 -10.94 -2.17 3.27
CA LEU A 75 -10.01 -1.60 4.30
C LEU A 75 -10.81 -0.73 5.27
N LYS A 76 -11.61 0.16 4.78
CA LYS A 76 -12.39 1.04 5.70
C LYS A 76 -13.00 0.20 6.83
N ALA A 77 -13.03 -1.10 6.67
CA ALA A 77 -13.59 -1.99 7.73
C ALA A 77 -12.52 -2.26 8.79
N ALA A 78 -11.29 -2.39 8.38
CA ALA A 78 -10.20 -2.69 9.35
C ALA A 78 -9.73 -1.42 10.07
N LYS A 79 -9.11 -1.61 11.21
CA LYS A 79 -8.67 -0.41 11.99
C LYS A 79 -7.41 -0.72 12.79
N LYS A 80 -7.06 0.16 13.70
CA LYS A 80 -5.84 -0.02 14.52
C LYS A 80 -5.66 -1.47 14.95
N GLY A 81 -4.57 -1.72 15.61
CA GLY A 81 -4.27 -3.11 16.07
C GLY A 81 -4.50 -4.10 14.94
N SER A 82 -4.73 -3.62 13.74
CA SER A 82 -4.94 -4.55 12.59
C SER A 82 -3.58 -5.13 12.17
N MET A 83 -3.42 -6.42 12.29
CA MET A 83 -2.12 -7.04 11.89
C MET A 83 -1.98 -7.00 10.36
N VAL A 84 -0.80 -6.71 9.88
CA VAL A 84 -0.59 -6.64 8.40
C VAL A 84 0.58 -7.57 8.03
N TYR A 85 0.37 -8.45 7.07
CA TYR A 85 1.46 -9.40 6.65
C TYR A 85 2.03 -9.01 5.29
N PHE A 86 3.33 -9.02 5.16
CA PHE A 86 3.96 -8.64 3.85
C PHE A 86 4.77 -9.81 3.28
N LYS A 87 4.23 -10.52 2.32
CA LYS A 87 4.95 -11.68 1.73
C LYS A 87 5.68 -11.26 0.45
N VAL A 88 6.95 -11.58 0.34
CA VAL A 88 7.73 -11.25 -0.88
C VAL A 88 8.73 -12.38 -1.09
N GLY A 89 8.99 -12.78 -2.31
CA GLY A 89 9.96 -13.89 -2.51
C GLY A 89 9.61 -15.03 -1.56
N ASN A 90 10.59 -15.57 -0.90
CA ASN A 90 10.32 -16.68 0.06
C ASN A 90 10.36 -16.11 1.48
N GLU A 91 10.25 -14.82 1.60
CA GLU A 91 10.32 -14.17 2.93
C GLU A 91 8.96 -13.56 3.31
N THR A 92 8.64 -13.59 4.57
CA THR A 92 7.34 -13.02 5.03
C THR A 92 7.59 -12.09 6.21
N ARG A 93 7.53 -10.80 5.99
CA ARG A 93 7.77 -9.83 7.08
C ARG A 93 6.46 -9.61 7.83
N LYS A 94 6.40 -8.63 8.69
CA LYS A 94 5.14 -8.40 9.45
C LYS A 94 4.99 -6.92 9.79
N TYR A 95 3.78 -6.46 9.85
CA TYR A 95 3.54 -5.04 10.20
C TYR A 95 2.22 -4.95 10.98
N LYS A 96 2.10 -3.99 11.84
CA LYS A 96 0.84 -3.85 12.63
C LYS A 96 0.40 -2.38 12.58
N MET A 97 -0.74 -2.12 12.01
CA MET A 97 -1.21 -0.72 11.88
C MET A 97 -0.95 0.08 13.16
N THR A 98 -0.01 0.95 13.06
CA THR A 98 0.37 1.78 14.22
C THR A 98 -0.13 3.21 14.03
N SER A 99 -0.30 3.64 12.82
CA SER A 99 -0.78 5.04 12.61
C SER A 99 -1.51 5.19 11.28
N ILE A 100 -2.43 6.11 11.23
CA ILE A 100 -3.22 6.35 9.99
C ILE A 100 -3.74 7.79 9.95
N ARG A 101 -3.84 8.34 8.79
CA ARG A 101 -4.33 9.74 8.66
C ARG A 101 -5.02 9.95 7.32
N ASP A 102 -5.27 11.18 6.98
CA ASP A 102 -5.95 11.51 5.69
C ASP A 102 -5.37 12.82 5.14
N VAL A 103 -5.39 13.02 3.86
CA VAL A 103 -4.80 14.28 3.31
C VAL A 103 -5.47 14.66 1.97
N LYS A 104 -5.51 15.95 1.69
CA LYS A 104 -6.11 16.43 0.41
C LYS A 104 -5.54 15.65 -0.77
N PRO A 105 -6.10 15.83 -1.95
CA PRO A 105 -5.64 15.12 -3.17
C PRO A 105 -4.42 15.78 -3.81
N THR A 106 -3.58 16.40 -3.04
CA THR A 106 -2.37 17.05 -3.63
C THR A 106 -1.23 17.08 -2.59
N ASP A 107 -1.49 16.68 -1.38
CA ASP A 107 -0.42 16.67 -0.35
C ASP A 107 0.52 15.50 -0.60
N VAL A 108 1.19 15.49 -1.72
CA VAL A 108 2.10 14.36 -2.03
C VAL A 108 2.84 13.92 -0.76
N GLY A 109 3.10 14.85 0.12
CA GLY A 109 3.82 14.48 1.39
C GLY A 109 3.21 13.22 2.01
N VAL A 110 2.06 12.80 1.56
CA VAL A 110 1.46 11.56 2.13
C VAL A 110 2.51 10.45 2.07
N LEU A 111 3.29 10.46 1.02
CA LEU A 111 4.31 9.40 0.85
C LEU A 111 5.05 9.21 2.19
N ASP A 112 4.87 10.14 3.09
CA ASP A 112 5.49 10.06 4.45
C ASP A 112 6.68 9.08 4.48
N GLU A 113 7.65 9.24 3.63
CA GLU A 113 8.80 8.28 3.65
C GLU A 113 10.00 8.90 4.36
N GLN A 114 9.94 8.94 5.67
CA GLN A 114 11.07 9.53 6.46
C GLN A 114 11.30 8.68 7.70
N LYS A 115 10.27 8.21 8.33
CA LYS A 115 10.44 7.35 9.54
C LYS A 115 11.14 6.08 9.13
N GLY A 116 12.16 5.71 9.84
CA GLY A 116 12.90 4.47 9.50
C GLY A 116 13.21 3.73 10.79
N LYS A 117 13.55 4.45 11.82
CA LYS A 117 13.87 3.80 13.13
C LYS A 117 12.99 2.56 13.28
N ASP A 118 11.71 2.77 13.32
CA ASP A 118 10.76 1.63 13.42
C ASP A 118 10.15 1.42 12.04
N LYS A 119 10.88 0.84 11.12
CA LYS A 119 10.41 0.58 9.71
C LYS A 119 8.88 0.63 9.57
N GLN A 120 8.39 0.86 8.38
CA GLN A 120 6.91 0.89 8.25
C GLN A 120 6.43 0.58 6.83
N LEU A 121 5.19 0.19 6.73
CA LEU A 121 4.59 -0.12 5.41
C LEU A 121 3.37 0.79 5.24
N THR A 122 3.50 1.84 4.46
CA THR A 122 2.36 2.78 4.31
C THR A 122 1.35 2.22 3.31
N LEU A 123 0.11 2.09 3.73
CA LEU A 123 -0.95 1.59 2.81
C LEU A 123 -1.75 2.77 2.29
N ILE A 124 -1.64 3.09 1.03
CA ILE A 124 -2.43 4.24 0.51
C ILE A 124 -3.69 3.73 -0.19
N THR A 125 -4.83 4.13 0.28
CA THR A 125 -6.10 3.70 -0.38
C THR A 125 -6.98 4.93 -0.50
N CYS A 126 -7.16 5.40 -1.69
CA CYS A 126 -7.97 6.64 -1.85
C CYS A 126 -9.47 6.34 -1.80
N ASP A 127 -10.27 7.33 -1.46
CA ASP A 127 -11.74 7.13 -1.38
C ASP A 127 -12.42 8.51 -1.30
N ASP A 128 -13.65 8.58 -0.87
CA ASP A 128 -14.36 9.89 -0.77
C ASP A 128 -14.40 10.54 -2.16
N TYR A 129 -14.80 9.81 -3.15
CA TYR A 129 -14.86 10.37 -4.52
C TYR A 129 -15.94 11.44 -4.61
N ASN A 130 -15.60 12.54 -5.19
CA ASN A 130 -16.59 13.62 -5.36
C ASN A 130 -17.06 13.60 -6.81
N GLU A 131 -18.26 14.00 -7.04
CA GLU A 131 -18.79 14.00 -8.43
C GLU A 131 -18.99 15.44 -8.86
N LYS A 132 -18.75 16.36 -7.98
CA LYS A 132 -18.90 17.79 -8.32
C LYS A 132 -17.62 18.27 -8.99
N THR A 133 -16.51 18.18 -8.31
CA THR A 133 -15.22 18.62 -8.91
C THR A 133 -14.58 17.44 -9.65
N GLY A 134 -15.25 16.32 -9.71
CA GLY A 134 -14.70 15.13 -10.42
C GLY A 134 -13.34 14.75 -9.84
N VAL A 135 -13.18 14.87 -8.54
CA VAL A 135 -11.87 14.51 -7.93
C VAL A 135 -12.09 13.97 -6.52
N TRP A 136 -11.12 13.28 -6.01
CA TRP A 136 -11.23 12.71 -4.64
C TRP A 136 -10.85 13.79 -3.64
N GLU A 137 -11.74 14.12 -2.75
CA GLU A 137 -11.44 15.20 -1.76
C GLU A 137 -10.58 14.65 -0.61
N LYS A 138 -11.08 13.68 0.10
CA LYS A 138 -10.30 13.12 1.25
C LYS A 138 -9.51 11.89 0.81
N ARG A 139 -8.34 11.69 1.38
CA ARG A 139 -7.52 10.50 1.01
C ARG A 139 -7.32 9.65 2.27
N LYS A 140 -7.28 8.35 2.11
CA LYS A 140 -7.12 7.45 3.29
C LYS A 140 -5.81 6.67 3.19
N ILE A 141 -4.93 6.82 4.16
CA ILE A 141 -3.65 6.07 4.10
C ILE A 141 -3.24 5.58 5.50
N PHE A 142 -3.10 4.29 5.64
CA PHE A 142 -2.75 3.68 6.97
C PHE A 142 -1.26 3.39 7.04
N VAL A 143 -0.62 3.72 8.13
CA VAL A 143 0.83 3.40 8.28
C VAL A 143 0.93 2.22 9.25
N ALA A 144 1.87 1.34 9.05
CA ALA A 144 1.98 0.17 9.97
C ALA A 144 3.44 -0.03 10.37
N THR A 145 3.69 -0.40 11.60
CA THR A 145 5.09 -0.57 12.04
C THR A 145 5.58 -2.00 11.81
N GLU A 146 6.68 -2.08 11.16
CA GLU A 146 7.27 -3.42 10.90
C GLU A 146 7.41 -4.15 12.25
N VAL A 147 7.05 -5.40 12.32
CA VAL A 147 7.15 -6.15 13.61
C VAL A 147 8.06 -7.37 13.43
N LYS A 148 7.81 -8.14 12.41
CA LYS A 148 8.66 -9.34 12.15
C LYS A 148 8.73 -9.59 10.65
N LEU B 2 0.56 12.75 -4.52
CA LEU B 2 0.13 11.44 -3.97
C LEU B 2 -0.16 10.50 -5.15
N PRO B 3 0.04 9.21 -4.96
CA PRO B 3 -0.20 8.21 -6.04
C PRO B 3 -1.67 7.82 -6.20
N ALA B 4 -2.00 7.22 -7.30
CA ALA B 4 -3.42 6.80 -7.53
C ALA B 4 -4.34 7.98 -7.30
N MET A 1 22.75 -16.30 3.24
CA MET A 1 22.15 -15.27 4.14
C MET A 1 20.62 -15.33 4.03
N GLN A 2 19.93 -14.43 4.69
CA GLN A 2 18.44 -14.45 4.62
C GLN A 2 17.99 -14.26 3.17
N ALA A 3 16.71 -14.06 2.97
CA ALA A 3 16.19 -13.87 1.59
C ALA A 3 16.82 -12.62 0.98
N LYS A 4 16.92 -12.56 -0.31
CA LYS A 4 17.54 -11.37 -0.96
C LYS A 4 16.75 -11.00 -2.22
N PRO A 5 15.56 -10.53 -2.03
CA PRO A 5 14.65 -10.11 -3.13
C PRO A 5 15.00 -8.70 -3.63
N GLN A 6 14.79 -8.44 -4.90
CA GLN A 6 15.09 -7.07 -5.43
C GLN A 6 14.26 -6.82 -6.69
N ILE A 7 13.39 -5.83 -6.66
CA ILE A 7 12.55 -5.55 -7.87
C ILE A 7 13.44 -5.60 -9.12
N PRO A 8 13.34 -6.66 -9.91
CA PRO A 8 14.17 -6.81 -11.13
C PRO A 8 13.52 -6.16 -12.36
N LYS A 9 13.91 -6.58 -13.54
CA LYS A 9 13.32 -6.00 -14.77
C LYS A 9 11.94 -6.62 -14.99
N ASP A 10 11.59 -7.59 -14.19
CA ASP A 10 10.26 -8.24 -14.34
C ASP A 10 9.19 -7.33 -13.74
N LYS A 11 9.25 -6.08 -14.11
CA LYS A 11 8.19 -5.15 -13.57
C LYS A 11 6.83 -5.85 -13.80
N SER A 12 6.89 -6.85 -14.64
CA SER A 12 5.63 -7.60 -14.95
C SER A 12 5.37 -8.65 -13.86
N LYS A 13 6.29 -8.85 -12.97
CA LYS A 13 6.08 -9.85 -11.88
C LYS A 13 5.62 -9.14 -10.62
N VAL A 14 4.77 -9.76 -9.84
CA VAL A 14 4.40 -9.14 -8.56
C VAL A 14 5.68 -9.13 -7.74
N ALA A 15 5.96 -8.11 -7.00
CA ALA A 15 7.22 -8.14 -6.22
C ALA A 15 6.93 -8.97 -4.97
N GLY A 16 5.67 -9.12 -4.67
CA GLY A 16 5.28 -9.92 -3.49
C GLY A 16 3.77 -9.85 -3.30
N TYR A 17 3.32 -10.13 -2.11
CA TYR A 17 1.86 -10.15 -1.86
C TYR A 17 1.53 -9.54 -0.49
N ILE A 18 0.28 -9.26 -0.28
CA ILE A 18 -0.09 -8.63 1.02
C ILE A 18 -1.49 -9.08 1.43
N GLU A 19 -1.70 -9.27 2.71
CA GLU A 19 -3.05 -9.72 3.19
C GLU A 19 -3.30 -9.11 4.57
N ILE A 20 -4.52 -9.13 5.02
CA ILE A 20 -4.85 -8.57 6.35
C ILE A 20 -6.01 -9.38 6.94
N PRO A 21 -5.70 -10.39 7.72
CA PRO A 21 -6.73 -11.29 8.33
C PRO A 21 -7.91 -10.54 8.98
N ASP A 22 -7.64 -9.55 9.79
CA ASP A 22 -8.75 -8.78 10.43
C ASP A 22 -9.57 -8.02 9.37
N ALA A 23 -9.01 -7.83 8.21
CA ALA A 23 -9.75 -7.13 7.12
C ALA A 23 -10.20 -8.15 6.09
N ASP A 24 -9.60 -9.32 6.11
CA ASP A 24 -9.99 -10.39 5.15
C ASP A 24 -9.60 -9.99 3.73
N ILE A 25 -8.37 -9.61 3.52
CA ILE A 25 -7.93 -9.19 2.15
C ILE A 25 -6.66 -9.94 1.75
N LYS A 26 -6.45 -10.15 0.48
CA LYS A 26 -5.23 -10.88 0.00
C LYS A 26 -4.99 -10.51 -1.47
N GLU A 27 -3.97 -9.73 -1.73
CA GLU A 27 -3.71 -9.31 -3.15
C GLU A 27 -2.19 -9.26 -3.42
N PRO A 28 -1.81 -9.19 -4.68
CA PRO A 28 -0.37 -9.14 -5.11
C PRO A 28 0.28 -7.77 -4.91
N VAL A 29 1.59 -7.73 -5.00
CA VAL A 29 2.31 -6.44 -4.82
C VAL A 29 3.17 -6.16 -6.08
N TYR A 30 2.70 -5.31 -6.96
CA TYR A 30 3.49 -5.00 -8.20
C TYR A 30 4.44 -3.83 -7.93
N PRO A 31 5.32 -3.49 -8.87
CA PRO A 31 6.29 -2.40 -8.67
C PRO A 31 5.74 -1.00 -8.97
N GLY A 32 6.20 -0.03 -8.23
CA GLY A 32 5.75 1.36 -8.44
C GLY A 32 6.02 1.76 -9.89
N PRO A 33 5.41 2.83 -10.34
CA PRO A 33 4.51 3.66 -9.51
C PRO A 33 3.05 3.21 -9.62
N ALA A 34 2.21 3.71 -8.75
CA ALA A 34 0.78 3.32 -8.79
C ALA A 34 0.09 3.99 -9.97
N THR A 35 0.80 4.24 -11.04
CA THR A 35 0.16 4.90 -12.20
C THR A 35 -0.79 3.92 -12.88
N PRO A 36 -1.83 4.41 -13.50
CA PRO A 36 -2.85 3.57 -14.18
C PRO A 36 -2.23 2.31 -14.79
N GLU A 37 -1.17 2.45 -15.52
CA GLU A 37 -0.54 1.26 -16.15
C GLU A 37 -0.33 0.17 -15.09
N GLN A 38 0.28 0.50 -13.98
CA GLN A 38 0.49 -0.52 -12.92
C GLN A 38 -0.83 -0.86 -12.24
N LEU A 39 -1.57 0.14 -11.80
CA LEU A 39 -2.86 -0.14 -11.12
C LEU A 39 -3.68 -1.12 -11.95
N ASN A 40 -3.24 -1.42 -13.14
CA ASN A 40 -3.99 -2.37 -14.01
C ASN A 40 -3.81 -3.79 -13.47
N ARG A 41 -2.72 -4.04 -12.81
CA ARG A 41 -2.48 -5.40 -12.27
C ARG A 41 -2.90 -5.46 -10.79
N GLY A 42 -2.35 -4.63 -9.95
CA GLY A 42 -2.75 -4.68 -8.51
C GLY A 42 -2.17 -3.47 -7.77
N VAL A 43 -2.13 -3.55 -6.46
CA VAL A 43 -1.59 -2.43 -5.63
C VAL A 43 -0.10 -2.25 -5.93
N SER A 44 0.24 -1.23 -6.65
CA SER A 44 1.69 -1.01 -6.98
C SER A 44 2.35 -0.10 -5.94
N PHE A 45 3.66 -0.11 -5.88
CA PHE A 45 4.33 0.81 -4.90
C PHE A 45 4.02 2.25 -5.32
N ALA A 46 3.98 3.15 -4.38
CA ALA A 46 3.65 4.56 -4.73
C ALA A 46 4.78 5.22 -5.52
N GLU A 47 5.95 4.62 -5.58
CA GLU A 47 7.06 5.28 -6.34
C GLU A 47 7.81 4.25 -7.19
N GLU A 48 8.20 4.65 -8.36
CA GLU A 48 8.93 3.73 -9.28
C GLU A 48 10.12 3.08 -8.57
N ASN A 49 11.07 3.86 -8.11
CA ASN A 49 12.29 3.25 -7.50
C ASN A 49 12.03 2.74 -6.08
N GLU A 50 10.85 2.25 -5.80
CA GLU A 50 10.59 1.75 -4.43
C GLU A 50 11.65 0.71 -4.10
N SER A 51 12.06 0.61 -2.86
CA SER A 51 13.13 -0.35 -2.50
C SER A 51 12.55 -1.58 -1.81
N LEU A 52 13.13 -2.72 -2.09
CA LEU A 52 12.65 -3.98 -1.46
C LEU A 52 12.88 -3.89 0.06
N ASP A 53 13.71 -2.98 0.48
CA ASP A 53 13.99 -2.85 1.93
C ASP A 53 13.91 -1.38 2.37
N ASP A 54 13.01 -0.62 1.80
CA ASP A 54 12.88 0.82 2.16
C ASP A 54 12.40 0.98 3.62
N GLN A 55 12.74 2.09 4.22
CA GLN A 55 12.30 2.36 5.63
C GLN A 55 10.78 2.57 5.65
N ASN A 56 10.20 2.76 4.50
CA ASN A 56 8.74 2.96 4.39
C ASN A 56 8.31 2.42 3.04
N ILE A 57 7.66 1.31 3.00
CA ILE A 57 7.24 0.76 1.68
C ILE A 57 5.81 1.22 1.39
N SER A 58 5.67 2.18 0.50
CA SER A 58 4.33 2.71 0.18
C SER A 58 3.62 1.82 -0.84
N ILE A 59 2.31 1.84 -0.80
CA ILE A 59 1.51 1.02 -1.76
C ILE A 59 0.18 1.72 -2.00
N ALA A 60 -0.39 1.62 -3.16
CA ALA A 60 -1.70 2.31 -3.38
C ALA A 60 -2.61 1.50 -4.31
N GLY A 61 -3.89 1.81 -4.27
CA GLY A 61 -4.87 1.10 -5.13
C GLY A 61 -6.21 1.85 -5.09
N HIS A 62 -6.96 1.74 -6.17
CA HIS A 62 -8.29 2.42 -6.24
C HIS A 62 -9.29 1.72 -5.31
N THR A 63 -10.42 2.34 -5.08
CA THR A 63 -11.46 1.71 -4.20
C THR A 63 -12.76 1.56 -5.02
N PHE A 64 -13.62 0.68 -4.62
CA PHE A 64 -14.89 0.48 -5.40
C PHE A 64 -16.06 0.26 -4.45
N ILE A 65 -17.06 1.10 -4.54
CA ILE A 65 -18.24 0.96 -3.66
C ILE A 65 -18.89 -0.40 -3.87
N ASP A 66 -18.95 -0.85 -5.08
CA ASP A 66 -19.61 -2.16 -5.36
C ASP A 66 -18.64 -3.33 -5.28
N ARG A 67 -17.51 -3.17 -4.66
CA ARG A 67 -16.56 -4.32 -4.59
C ARG A 67 -15.69 -4.20 -3.32
N PRO A 68 -16.03 -4.91 -2.26
CA PRO A 68 -15.25 -4.87 -1.00
C PRO A 68 -13.95 -5.69 -1.08
N ASN A 69 -13.88 -6.59 -2.02
CA ASN A 69 -12.65 -7.42 -2.16
C ASN A 69 -11.67 -6.76 -3.13
N TYR A 70 -11.99 -5.60 -3.62
CA TYR A 70 -11.09 -4.90 -4.57
C TYR A 70 -9.72 -4.68 -3.92
N GLN A 71 -9.04 -3.63 -4.29
CA GLN A 71 -7.69 -3.37 -3.70
C GLN A 71 -7.82 -3.09 -2.21
N PHE A 72 -8.35 -1.95 -1.84
CA PHE A 72 -8.50 -1.63 -0.40
C PHE A 72 -9.89 -1.06 -0.12
N THR A 73 -10.90 -1.61 -0.75
CA THR A 73 -12.28 -1.09 -0.53
C THR A 73 -12.78 -1.56 0.84
N ASN A 74 -12.36 -2.73 1.26
CA ASN A 74 -12.83 -3.26 2.57
C ASN A 74 -11.86 -2.90 3.71
N LEU A 75 -10.97 -1.99 3.49
CA LEU A 75 -10.01 -1.61 4.59
C LEU A 75 -10.78 -0.89 5.71
N LYS A 76 -11.86 -0.26 5.38
CA LYS A 76 -12.67 0.49 6.40
C LYS A 76 -12.87 -0.36 7.66
N ALA A 77 -12.88 -1.66 7.53
CA ALA A 77 -13.10 -2.51 8.74
C ALA A 77 -11.78 -2.72 9.47
N ALA A 78 -10.69 -2.56 8.78
CA ALA A 78 -9.36 -2.78 9.44
C ALA A 78 -8.94 -1.56 10.25
N LYS A 79 -8.40 -1.81 11.42
CA LYS A 79 -8.01 -0.66 12.29
C LYS A 79 -6.84 -1.02 13.20
N LYS A 80 -6.54 -0.16 14.14
CA LYS A 80 -5.39 -0.37 15.06
C LYS A 80 -5.15 -1.85 15.37
N GLY A 81 -4.00 -2.13 15.90
CA GLY A 81 -3.66 -3.54 16.25
C GLY A 81 -3.95 -4.46 15.06
N SER A 82 -4.27 -3.92 13.92
CA SER A 82 -4.54 -4.79 12.73
C SER A 82 -3.24 -5.45 12.28
N MET A 83 -3.25 -6.75 12.10
CA MET A 83 -2.01 -7.44 11.65
C MET A 83 -1.90 -7.34 10.13
N VAL A 84 -0.81 -6.80 9.65
CA VAL A 84 -0.63 -6.67 8.16
C VAL A 84 0.51 -7.59 7.75
N TYR A 85 0.34 -8.38 6.73
CA TYR A 85 1.40 -9.33 6.29
C TYR A 85 2.04 -8.87 4.97
N PHE A 86 3.33 -8.90 4.91
CA PHE A 86 4.03 -8.47 3.66
C PHE A 86 4.86 -9.65 3.13
N LYS A 87 4.38 -10.32 2.12
CA LYS A 87 5.12 -11.49 1.57
C LYS A 87 5.90 -11.09 0.30
N VAL A 88 7.15 -11.42 0.24
CA VAL A 88 7.97 -11.11 -0.96
C VAL A 88 8.93 -12.27 -1.20
N GLY A 89 9.25 -12.59 -2.43
CA GLY A 89 10.18 -13.74 -2.68
C GLY A 89 9.82 -14.90 -1.75
N ASN A 90 10.75 -15.36 -0.98
CA ASN A 90 10.47 -16.49 -0.04
C ASN A 90 10.46 -15.95 1.39
N GLU A 91 10.36 -14.65 1.54
CA GLU A 91 10.37 -14.06 2.91
C GLU A 91 9.01 -13.44 3.27
N THR A 92 8.64 -13.56 4.50
CA THR A 92 7.34 -12.99 4.96
C THR A 92 7.57 -12.08 6.17
N ARG A 93 7.53 -10.80 5.96
CA ARG A 93 7.74 -9.88 7.09
C ARG A 93 6.38 -9.62 7.73
N LYS A 94 6.29 -8.72 8.68
CA LYS A 94 4.97 -8.47 9.31
C LYS A 94 4.89 -7.01 9.74
N TYR A 95 3.70 -6.48 9.76
CA TYR A 95 3.53 -5.08 10.20
C TYR A 95 2.23 -5.00 10.99
N LYS A 96 2.03 -3.95 11.72
CA LYS A 96 0.77 -3.80 12.50
C LYS A 96 0.33 -2.34 12.42
N MET A 97 -0.83 -2.05 11.87
CA MET A 97 -1.29 -0.64 11.74
C MET A 97 -1.05 0.15 13.02
N THR A 98 -0.11 1.04 12.97
CA THR A 98 0.21 1.84 14.18
C THR A 98 -0.27 3.28 14.03
N SER A 99 -0.37 3.77 12.82
CA SER A 99 -0.81 5.21 12.68
C SER A 99 -1.49 5.45 11.32
N ILE A 100 -2.36 6.43 11.28
CA ILE A 100 -3.08 6.75 10.02
C ILE A 100 -3.53 8.21 9.98
N ARG A 101 -3.55 8.76 8.81
CA ARG A 101 -3.96 10.18 8.65
C ARG A 101 -4.53 10.40 7.25
N ASP A 102 -5.32 11.43 7.10
CA ASP A 102 -5.91 11.74 5.77
C ASP A 102 -5.38 13.11 5.33
N VAL A 103 -5.36 13.39 4.04
CA VAL A 103 -4.81 14.70 3.58
C VAL A 103 -5.40 15.11 2.22
N LYS A 104 -5.44 16.39 1.95
CA LYS A 104 -5.98 16.89 0.65
C LYS A 104 -5.48 16.01 -0.50
N PRO A 105 -6.03 16.21 -1.67
CA PRO A 105 -5.64 15.42 -2.89
C PRO A 105 -4.33 15.93 -3.53
N THR A 106 -3.43 16.45 -2.75
CA THR A 106 -2.15 16.96 -3.34
C THR A 106 -1.02 16.85 -2.30
N ASP A 107 -1.32 16.36 -1.12
CA ASP A 107 -0.27 16.24 -0.07
C ASP A 107 0.65 15.05 -0.38
N VAL A 108 1.38 15.11 -1.46
CA VAL A 108 2.28 13.99 -1.84
C VAL A 108 2.95 13.43 -0.59
N GLY A 109 3.20 14.26 0.40
CA GLY A 109 3.86 13.76 1.65
C GLY A 109 3.29 12.39 2.05
N VAL A 110 2.21 11.99 1.45
CA VAL A 110 1.61 10.67 1.78
C VAL A 110 2.72 9.60 1.75
N LEU A 111 3.57 9.67 0.77
CA LEU A 111 4.64 8.65 0.64
C LEU A 111 5.30 8.47 2.01
N ASP A 112 5.06 9.39 2.92
CA ASP A 112 5.58 9.30 4.32
C ASP A 112 6.75 8.31 4.43
N GLU A 113 7.96 8.76 4.28
CA GLU A 113 9.11 7.81 4.37
C GLU A 113 10.29 8.47 5.09
N GLN A 114 10.24 8.56 6.39
CA GLN A 114 11.35 9.22 7.15
C GLN A 114 11.84 8.33 8.31
N LYS A 115 10.94 7.79 9.09
CA LYS A 115 11.38 6.91 10.23
C LYS A 115 12.15 5.73 9.68
N GLY A 116 13.23 5.38 10.31
CA GLY A 116 14.03 4.22 9.84
C GLY A 116 14.13 3.22 10.99
N LYS A 117 14.39 3.71 12.17
CA LYS A 117 14.46 2.79 13.33
C LYS A 117 13.35 1.76 13.17
N ASP A 118 12.12 2.21 13.21
CA ASP A 118 10.98 1.30 13.00
C ASP A 118 10.43 1.54 11.60
N LYS A 119 10.95 0.85 10.60
CA LYS A 119 10.45 1.04 9.21
C LYS A 119 8.92 1.01 9.21
N GLN A 120 8.29 1.03 8.08
CA GLN A 120 6.81 0.98 8.10
C GLN A 120 6.25 0.60 6.73
N LEU A 121 4.99 0.28 6.68
CA LEU A 121 4.35 -0.07 5.39
C LEU A 121 3.24 0.94 5.16
N THR A 122 3.50 1.96 4.38
CA THR A 122 2.46 2.99 4.14
C THR A 122 1.43 2.48 3.15
N LEU A 123 0.21 2.34 3.59
CA LEU A 123 -0.86 1.91 2.68
C LEU A 123 -1.54 3.15 2.11
N ILE A 124 -2.09 3.07 0.95
CA ILE A 124 -2.77 4.26 0.38
C ILE A 124 -4.03 3.80 -0.34
N THR A 125 -5.16 4.24 0.12
CA THR A 125 -6.43 3.85 -0.54
C THR A 125 -7.24 5.10 -0.77
N CYS A 126 -7.40 5.46 -2.00
CA CYS A 126 -8.15 6.72 -2.29
C CYS A 126 -9.66 6.49 -2.17
N ASP A 127 -10.40 7.53 -1.86
CA ASP A 127 -11.88 7.39 -1.71
C ASP A 127 -12.52 8.78 -1.69
N ASP A 128 -13.71 8.89 -1.17
CA ASP A 128 -14.39 10.22 -1.12
C ASP A 128 -14.47 10.80 -2.53
N TYR A 129 -14.99 10.05 -3.46
CA TYR A 129 -15.09 10.56 -4.85
C TYR A 129 -16.09 11.70 -4.95
N ASN A 130 -15.71 12.74 -5.63
CA ASN A 130 -16.62 13.89 -5.81
C ASN A 130 -17.21 13.81 -7.21
N GLU A 131 -18.43 14.22 -7.35
CA GLU A 131 -19.08 14.17 -8.68
C GLU A 131 -19.23 15.59 -9.20
N LYS A 132 -19.00 16.56 -8.34
CA LYS A 132 -19.11 17.97 -8.77
C LYS A 132 -17.76 18.41 -9.36
N THR A 133 -16.70 18.27 -8.62
CA THR A 133 -15.36 18.68 -9.13
C THR A 133 -14.70 17.50 -9.87
N GLY A 134 -15.36 16.39 -9.97
CA GLY A 134 -14.78 15.21 -10.70
C GLY A 134 -13.39 14.87 -10.17
N VAL A 135 -13.20 14.93 -8.88
CA VAL A 135 -11.86 14.58 -8.30
C VAL A 135 -12.05 14.00 -6.91
N TRP A 136 -11.06 13.29 -6.41
CA TRP A 136 -11.19 12.71 -5.05
C TRP A 136 -10.81 13.79 -4.04
N GLU A 137 -11.72 14.15 -3.19
CA GLU A 137 -11.43 15.23 -2.21
C GLU A 137 -10.52 14.74 -1.07
N LYS A 138 -10.95 13.77 -0.32
CA LYS A 138 -10.11 13.30 0.82
C LYS A 138 -9.20 12.15 0.39
N ARG A 139 -8.09 12.00 1.06
CA ARG A 139 -7.14 10.90 0.75
C ARG A 139 -7.02 10.03 2.00
N LYS A 140 -6.99 8.74 1.83
CA LYS A 140 -6.89 7.82 3.00
C LYS A 140 -5.59 7.02 2.94
N ILE A 141 -4.72 7.20 3.90
CA ILE A 141 -3.44 6.42 3.88
C ILE A 141 -3.06 6.01 5.31
N PHE A 142 -2.92 4.74 5.52
CA PHE A 142 -2.59 4.21 6.87
C PHE A 142 -1.13 3.75 6.92
N VAL A 143 -0.46 3.99 8.02
CA VAL A 143 0.96 3.55 8.16
C VAL A 143 0.99 2.31 9.05
N ALA A 144 1.94 1.44 8.85
CA ALA A 144 2.00 0.22 9.70
C ALA A 144 3.43 0.04 10.19
N THR A 145 3.60 -0.34 11.42
CA THR A 145 4.97 -0.50 11.98
C THR A 145 5.50 -1.91 11.73
N GLU A 146 6.65 -1.98 11.14
CA GLU A 146 7.24 -3.31 10.87
C GLU A 146 7.16 -4.15 12.13
N VAL A 147 6.74 -5.39 11.99
CA VAL A 147 6.59 -6.25 13.18
C VAL A 147 7.36 -7.55 12.97
N LYS A 148 7.58 -8.25 14.05
CA LYS A 148 8.32 -9.54 13.98
C LYS A 148 7.54 -10.61 14.75
N LEU B 2 0.64 12.48 -4.24
CA LEU B 2 0.04 11.19 -3.81
C LEU B 2 -0.23 10.33 -5.04
N PRO B 3 -0.11 9.03 -4.92
CA PRO B 3 -0.33 8.07 -6.05
C PRO B 3 -1.81 7.78 -6.31
N ALA B 4 -2.08 6.87 -7.21
CA ALA B 4 -3.48 6.50 -7.53
C ALA B 4 -4.38 7.73 -7.55
N MET A 1 23.59 -16.95 2.36
CA MET A 1 22.69 -17.87 1.62
C MET A 1 21.24 -17.40 1.75
N GLN A 2 21.02 -16.38 2.52
CA GLN A 2 19.63 -15.86 2.70
C GLN A 2 19.08 -15.39 1.35
N ALA A 3 17.77 -15.28 1.23
CA ALA A 3 17.18 -14.82 -0.06
C ALA A 3 17.61 -13.38 -0.31
N LYS A 4 17.35 -12.88 -1.49
CA LYS A 4 17.74 -11.48 -1.80
C LYS A 4 16.73 -10.86 -2.77
N PRO A 5 15.66 -10.31 -2.25
CA PRO A 5 14.61 -9.69 -3.09
C PRO A 5 15.06 -8.36 -3.71
N GLN A 6 14.87 -8.20 -4.99
CA GLN A 6 15.31 -6.94 -5.65
C GLN A 6 14.41 -6.65 -6.84
N ILE A 7 13.46 -5.75 -6.69
CA ILE A 7 12.55 -5.41 -7.83
C ILE A 7 13.38 -5.37 -9.12
N PRO A 8 13.32 -6.42 -9.92
CA PRO A 8 14.11 -6.50 -11.18
C PRO A 8 13.42 -5.80 -12.35
N LYS A 9 13.73 -6.21 -13.56
CA LYS A 9 13.10 -5.58 -14.75
C LYS A 9 11.74 -6.23 -15.01
N ASP A 10 11.41 -7.24 -14.26
CA ASP A 10 10.09 -7.91 -14.48
C ASP A 10 9.00 -7.01 -13.91
N LYS A 11 9.04 -5.78 -14.34
CA LYS A 11 7.97 -4.86 -13.85
C LYS A 11 6.62 -5.57 -14.05
N SER A 12 6.68 -6.58 -14.86
CA SER A 12 5.43 -7.35 -15.13
C SER A 12 5.20 -8.40 -14.03
N LYS A 13 6.14 -8.57 -13.15
CA LYS A 13 5.97 -9.57 -12.07
C LYS A 13 5.47 -8.91 -10.79
N VAL A 14 4.59 -9.55 -10.07
CA VAL A 14 4.19 -8.97 -8.77
C VAL A 14 5.46 -9.02 -7.94
N ALA A 15 5.78 -8.05 -7.17
CA ALA A 15 7.03 -8.17 -6.38
C ALA A 15 6.69 -9.02 -5.17
N GLY A 16 5.42 -9.18 -4.94
CA GLY A 16 4.97 -10.02 -3.81
C GLY A 16 3.48 -9.83 -3.57
N TYR A 17 3.05 -10.00 -2.37
CA TYR A 17 1.60 -9.88 -2.08
C TYR A 17 1.38 -9.22 -0.71
N ILE A 18 0.15 -8.94 -0.41
CA ILE A 18 -0.16 -8.24 0.86
C ILE A 18 -1.52 -8.70 1.37
N GLU A 19 -1.66 -8.86 2.66
CA GLU A 19 -2.97 -9.29 3.21
C GLU A 19 -3.15 -8.71 4.61
N ILE A 20 -4.35 -8.69 5.10
CA ILE A 20 -4.60 -8.14 6.46
C ILE A 20 -5.70 -8.96 7.15
N PRO A 21 -5.33 -9.87 8.01
CA PRO A 21 -6.31 -10.74 8.73
C PRO A 21 -7.48 -9.97 9.36
N ASP A 22 -7.21 -8.93 10.10
CA ASP A 22 -8.31 -8.12 10.70
C ASP A 22 -9.14 -7.41 9.62
N ALA A 23 -8.60 -7.27 8.44
CA ALA A 23 -9.36 -6.60 7.34
C ALA A 23 -9.85 -7.66 6.35
N ASP A 24 -9.27 -8.84 6.40
CA ASP A 24 -9.72 -9.95 5.50
C ASP A 24 -9.41 -9.61 4.03
N ILE A 25 -8.21 -9.22 3.72
CA ILE A 25 -7.88 -8.88 2.30
C ILE A 25 -6.59 -9.59 1.88
N LYS A 26 -6.42 -9.84 0.61
CA LYS A 26 -5.20 -10.55 0.10
C LYS A 26 -5.03 -10.21 -1.39
N GLU A 27 -4.03 -9.43 -1.73
CA GLU A 27 -3.84 -9.04 -3.16
C GLU A 27 -2.34 -9.02 -3.52
N PRO A 28 -2.05 -8.95 -4.81
CA PRO A 28 -0.65 -8.93 -5.33
C PRO A 28 0.04 -7.58 -5.12
N VAL A 29 1.36 -7.56 -5.20
CA VAL A 29 2.12 -6.29 -5.02
C VAL A 29 2.98 -6.02 -6.26
N TYR A 30 2.54 -5.17 -7.15
CA TYR A 30 3.35 -4.88 -8.37
C TYR A 30 4.30 -3.70 -8.10
N PRO A 31 5.40 -3.62 -8.81
CA PRO A 31 6.40 -2.53 -8.61
C PRO A 31 5.87 -1.12 -8.95
N GLY A 32 6.35 -0.15 -8.23
CA GLY A 32 5.93 1.27 -8.45
C GLY A 32 6.23 1.70 -9.89
N PRO A 33 5.69 2.83 -10.30
CA PRO A 33 4.82 3.69 -9.46
C PRO A 33 3.34 3.35 -9.65
N ALA A 34 2.48 3.86 -8.82
CA ALA A 34 1.03 3.56 -8.98
C ALA A 34 0.45 4.28 -10.19
N THR A 35 1.22 4.47 -11.23
CA THR A 35 0.67 5.18 -12.42
C THR A 35 -0.33 4.24 -13.11
N PRO A 36 -1.32 4.79 -13.76
CA PRO A 36 -2.37 3.99 -14.45
C PRO A 36 -1.85 2.65 -14.97
N GLU A 37 -0.82 2.67 -15.78
CA GLU A 37 -0.28 1.38 -16.31
C GLU A 37 -0.03 0.40 -15.16
N GLN A 38 0.59 0.86 -14.11
CA GLN A 38 0.87 -0.04 -12.96
C GLN A 38 -0.42 -0.38 -12.19
N LEU A 39 -1.32 0.56 -12.07
CA LEU A 39 -2.59 0.26 -11.33
C LEU A 39 -3.41 -0.76 -12.13
N ASN A 40 -2.97 -1.08 -13.31
CA ASN A 40 -3.71 -2.07 -14.17
C ASN A 40 -3.42 -3.49 -13.69
N ARG A 41 -2.27 -3.68 -13.09
CA ARG A 41 -1.89 -5.04 -12.62
C ARG A 41 -2.35 -5.24 -11.18
N GLY A 42 -2.15 -4.27 -10.33
CA GLY A 42 -2.59 -4.42 -8.92
C GLY A 42 -2.04 -3.26 -8.09
N VAL A 43 -2.18 -3.33 -6.79
CA VAL A 43 -1.68 -2.23 -5.91
C VAL A 43 -0.17 -2.05 -6.15
N SER A 44 0.21 -1.00 -6.82
CA SER A 44 1.65 -0.79 -7.10
C SER A 44 2.31 0.07 -6.01
N PHE A 45 3.62 0.07 -5.95
CA PHE A 45 4.32 0.91 -4.93
C PHE A 45 4.16 2.37 -5.36
N ALA A 46 3.97 3.24 -4.41
CA ALA A 46 3.78 4.69 -4.74
C ALA A 46 4.99 5.23 -5.49
N GLU A 47 6.10 4.55 -5.48
CA GLU A 47 7.30 5.08 -6.20
C GLU A 47 8.02 3.94 -6.92
N GLU A 48 8.55 4.24 -8.07
CA GLU A 48 9.26 3.21 -8.86
C GLU A 48 10.41 2.61 -8.06
N ASN A 49 11.31 3.41 -7.56
CA ASN A 49 12.49 2.85 -6.84
C ASN A 49 12.15 2.42 -5.43
N GLU A 50 10.95 1.91 -5.20
CA GLU A 50 10.61 1.47 -3.82
C GLU A 50 11.63 0.42 -3.40
N SER A 51 12.06 0.46 -2.17
CA SER A 51 13.09 -0.51 -1.72
C SER A 51 12.44 -1.75 -1.10
N LEU A 52 13.06 -2.88 -1.28
CA LEU A 52 12.50 -4.11 -0.68
C LEU A 52 12.52 -3.94 0.83
N ASP A 53 13.39 -3.09 1.31
CA ASP A 53 13.49 -2.84 2.76
C ASP A 53 13.55 -1.33 3.01
N ASP A 54 12.65 -0.58 2.43
CA ASP A 54 12.64 0.90 2.60
C ASP A 54 12.22 1.29 4.02
N GLN A 55 12.56 2.49 4.44
CA GLN A 55 12.14 2.96 5.79
C GLN A 55 10.62 3.04 5.79
N ASN A 56 10.06 3.07 4.62
CA ASN A 56 8.58 3.10 4.48
C ASN A 56 8.24 2.47 3.13
N ILE A 57 7.63 1.32 3.13
CA ILE A 57 7.27 0.69 1.84
C ILE A 57 5.84 1.10 1.47
N SER A 58 5.74 2.03 0.56
CA SER A 58 4.40 2.56 0.17
C SER A 58 3.69 1.65 -0.83
N ILE A 59 2.41 1.53 -0.66
CA ILE A 59 1.58 0.69 -1.58
C ILE A 59 0.30 1.46 -1.86
N ALA A 60 -0.20 1.43 -3.07
CA ALA A 60 -1.45 2.20 -3.33
C ALA A 60 -2.36 1.45 -4.29
N GLY A 61 -3.64 1.72 -4.23
CA GLY A 61 -4.59 1.04 -5.14
C GLY A 61 -5.95 1.76 -5.11
N HIS A 62 -6.69 1.66 -6.19
CA HIS A 62 -8.02 2.32 -6.26
C HIS A 62 -9.04 1.59 -5.37
N THR A 63 -9.91 2.32 -4.72
CA THR A 63 -10.95 1.68 -3.86
C THR A 63 -12.26 1.62 -4.66
N PHE A 64 -13.12 0.68 -4.37
CA PHE A 64 -14.40 0.58 -5.14
C PHE A 64 -15.60 0.82 -4.22
N ILE A 65 -16.56 1.51 -4.73
CA ILE A 65 -17.79 1.80 -3.94
C ILE A 65 -18.81 0.70 -4.18
N ASP A 66 -18.80 0.17 -5.37
CA ASP A 66 -19.78 -0.91 -5.72
C ASP A 66 -19.23 -2.31 -5.41
N ARG A 67 -18.06 -2.42 -4.82
CA ARG A 67 -17.52 -3.79 -4.54
C ARG A 67 -16.59 -3.74 -3.31
N PRO A 68 -16.89 -4.48 -2.26
CA PRO A 68 -16.04 -4.51 -1.03
C PRO A 68 -14.84 -5.44 -1.19
N ASN A 69 -14.89 -6.36 -2.12
CA ASN A 69 -13.76 -7.30 -2.31
C ASN A 69 -12.78 -6.74 -3.36
N TYR A 70 -13.01 -5.55 -3.83
CA TYR A 70 -12.10 -4.95 -4.83
C TYR A 70 -10.68 -4.88 -4.25
N GLN A 71 -9.92 -3.89 -4.63
CA GLN A 71 -8.52 -3.80 -4.10
C GLN A 71 -8.54 -3.56 -2.58
N PHE A 72 -8.53 -2.33 -2.14
CA PHE A 72 -8.57 -2.07 -0.67
C PHE A 72 -9.87 -1.37 -0.31
N THR A 73 -10.97 -1.89 -0.75
CA THR A 73 -12.28 -1.26 -0.43
C THR A 73 -12.68 -1.63 1.01
N ASN A 74 -12.21 -2.76 1.48
CA ASN A 74 -12.59 -3.19 2.87
C ASN A 74 -11.61 -2.68 3.92
N LEU A 75 -10.75 -1.75 3.59
CA LEU A 75 -9.78 -1.25 4.61
C LEU A 75 -10.54 -0.48 5.70
N LYS A 76 -11.63 0.14 5.35
CA LYS A 76 -12.43 0.92 6.34
C LYS A 76 -12.56 0.15 7.65
N ALA A 77 -12.56 -1.15 7.60
CA ALA A 77 -12.69 -1.94 8.86
C ALA A 77 -11.31 -2.11 9.51
N ALA A 78 -10.27 -1.97 8.75
CA ALA A 78 -8.91 -2.16 9.31
C ALA A 78 -8.41 -0.91 10.04
N LYS A 79 -7.80 -1.12 11.17
CA LYS A 79 -7.30 0.06 11.94
C LYS A 79 -6.17 -0.35 12.87
N LYS A 80 -5.84 0.51 13.79
CA LYS A 80 -4.75 0.21 14.75
C LYS A 80 -4.90 -1.20 15.30
N GLY A 81 -4.02 -1.57 16.18
CA GLY A 81 -4.08 -2.93 16.80
C GLY A 81 -4.35 -4.00 15.73
N SER A 82 -4.31 -3.65 14.47
CA SER A 82 -4.56 -4.67 13.41
C SER A 82 -3.22 -5.22 12.93
N MET A 83 -3.08 -6.51 12.91
CA MET A 83 -1.81 -7.12 12.45
C MET A 83 -1.80 -7.15 10.92
N VAL A 84 -0.78 -6.63 10.32
CA VAL A 84 -0.69 -6.62 8.83
C VAL A 84 0.45 -7.53 8.39
N TYR A 85 0.24 -8.37 7.40
CA TYR A 85 1.33 -9.29 6.94
C TYR A 85 1.82 -8.89 5.55
N PHE A 86 3.11 -8.89 5.37
CA PHE A 86 3.68 -8.48 4.05
C PHE A 86 4.35 -9.65 3.36
N LYS A 87 4.52 -9.53 2.08
CA LYS A 87 5.13 -10.65 1.31
C LYS A 87 5.94 -10.12 0.13
N VAL A 88 7.19 -10.50 0.06
CA VAL A 88 8.09 -10.07 -1.05
C VAL A 88 9.03 -11.24 -1.33
N GLY A 89 9.33 -11.57 -2.56
CA GLY A 89 10.24 -12.71 -2.82
C GLY A 89 9.63 -13.97 -2.18
N ASN A 90 10.45 -14.79 -1.61
CA ASN A 90 9.91 -16.01 -0.95
C ASN A 90 9.89 -15.76 0.55
N GLU A 91 9.81 -14.51 0.94
CA GLU A 91 9.80 -14.17 2.39
C GLU A 91 8.48 -13.50 2.77
N THR A 92 8.17 -13.53 4.04
CA THR A 92 6.91 -12.89 4.53
C THR A 92 7.20 -12.19 5.86
N ARG A 93 7.19 -10.89 5.85
CA ARG A 93 7.49 -10.12 7.09
C ARG A 93 6.20 -9.86 7.88
N LYS A 94 6.23 -8.91 8.76
CA LYS A 94 5.01 -8.61 9.57
C LYS A 94 4.94 -7.13 9.91
N TYR A 95 3.76 -6.63 10.03
CA TYR A 95 3.57 -5.19 10.37
C TYR A 95 2.30 -5.06 11.22
N LYS A 96 2.18 -4.01 11.98
CA LYS A 96 0.95 -3.83 12.82
C LYS A 96 0.50 -2.38 12.71
N MET A 97 -0.71 -2.14 12.27
CA MET A 97 -1.18 -0.73 12.12
C MET A 97 -0.89 0.09 13.38
N THR A 98 0.05 0.96 13.25
CA THR A 98 0.44 1.81 14.42
C THR A 98 -0.04 3.23 14.19
N SER A 99 -0.20 3.62 12.96
CA SER A 99 -0.63 5.02 12.71
C SER A 99 -1.44 5.10 11.42
N ILE A 100 -2.40 5.98 11.41
CA ILE A 100 -3.28 6.13 10.21
C ILE A 100 -3.79 7.56 10.13
N ARG A 101 -3.86 8.06 8.94
CA ARG A 101 -4.35 9.45 8.76
C ARG A 101 -4.94 9.65 7.36
N ASP A 102 -5.25 10.86 7.02
CA ASP A 102 -5.82 11.14 5.69
C ASP A 102 -5.32 12.52 5.24
N VAL A 103 -5.37 12.81 3.97
CA VAL A 103 -4.87 14.15 3.52
C VAL A 103 -5.54 14.58 2.22
N LYS A 104 -5.59 15.86 1.98
CA LYS A 104 -6.20 16.36 0.72
C LYS A 104 -5.55 15.58 -0.44
N PRO A 105 -5.93 15.83 -1.66
CA PRO A 105 -5.36 15.10 -2.83
C PRO A 105 -4.10 15.79 -3.35
N THR A 106 -3.20 16.16 -2.47
CA THR A 106 -1.96 16.84 -2.91
C THR A 106 -0.82 16.59 -1.90
N ASP A 107 -1.13 16.16 -0.71
CA ASP A 107 -0.07 15.93 0.32
C ASP A 107 0.74 14.68 -0.03
N VAL A 108 1.35 14.68 -1.17
CA VAL A 108 2.15 13.49 -1.60
C VAL A 108 2.93 12.95 -0.39
N GLY A 109 3.24 13.78 0.56
CA GLY A 109 4.01 13.31 1.76
C GLY A 109 3.42 12.00 2.33
N VAL A 110 2.32 11.51 1.82
CA VAL A 110 1.77 10.23 2.39
C VAL A 110 2.89 9.18 2.43
N LEU A 111 3.73 9.22 1.44
CA LEU A 111 4.82 8.20 1.36
C LEU A 111 5.58 8.19 2.67
N ASP A 112 5.25 9.12 3.54
CA ASP A 112 5.87 9.19 4.90
C ASP A 112 7.19 8.41 4.99
N GLU A 113 8.19 8.72 4.18
CA GLU A 113 9.47 7.94 4.28
C GLU A 113 10.45 8.66 5.19
N GLN A 114 10.10 8.83 6.44
CA GLN A 114 10.98 9.56 7.40
C GLN A 114 11.48 8.61 8.49
N LYS A 115 10.60 8.09 9.29
CA LYS A 115 11.01 7.17 10.39
C LYS A 115 11.71 5.95 9.81
N GLY A 116 12.89 5.65 10.28
CA GLY A 116 13.64 4.48 9.76
C GLY A 116 13.82 3.48 10.90
N LYS A 117 14.14 3.97 12.07
CA LYS A 117 14.32 3.03 13.23
C LYS A 117 13.23 1.97 13.15
N ASP A 118 12.01 2.39 13.20
CA ASP A 118 10.87 1.45 13.08
C ASP A 118 10.32 1.59 11.66
N LYS A 119 10.91 0.93 10.70
CA LYS A 119 10.43 1.04 9.29
C LYS A 119 8.90 0.96 9.27
N GLN A 120 8.30 1.01 8.12
CA GLN A 120 6.82 0.91 8.08
C GLN A 120 6.32 0.49 6.70
N LEU A 121 5.05 0.20 6.61
CA LEU A 121 4.45 -0.19 5.31
C LEU A 121 3.30 0.78 5.04
N THR A 122 3.57 1.85 4.34
CA THR A 122 2.50 2.84 4.07
C THR A 122 1.49 2.29 3.06
N LEU A 123 0.27 2.15 3.47
CA LEU A 123 -0.78 1.67 2.53
C LEU A 123 -1.51 2.89 1.99
N ILE A 124 -2.09 2.80 0.83
CA ILE A 124 -2.81 3.99 0.30
C ILE A 124 -4.02 3.56 -0.51
N THR A 125 -5.17 4.00 -0.10
CA THR A 125 -6.40 3.67 -0.85
C THR A 125 -7.21 4.94 -0.99
N CYS A 126 -7.40 5.36 -2.19
CA CYS A 126 -8.15 6.64 -2.39
C CYS A 126 -9.66 6.42 -2.23
N ASP A 127 -10.38 7.48 -1.92
CA ASP A 127 -11.85 7.36 -1.75
C ASP A 127 -12.48 8.76 -1.79
N ASP A 128 -13.65 8.92 -1.22
CA ASP A 128 -14.31 10.26 -1.24
C ASP A 128 -14.43 10.75 -2.69
N TYR A 129 -14.99 9.95 -3.56
CA TYR A 129 -15.13 10.37 -4.99
C TYR A 129 -16.13 11.51 -5.11
N ASN A 130 -15.78 12.51 -5.86
CA ASN A 130 -16.70 13.65 -6.06
C ASN A 130 -17.35 13.48 -7.43
N GLU A 131 -18.58 13.87 -7.54
CA GLU A 131 -19.30 13.74 -8.83
C GLU A 131 -19.50 15.13 -9.42
N LYS A 132 -19.29 16.14 -8.62
CA LYS A 132 -19.46 17.52 -9.13
C LYS A 132 -18.16 17.94 -9.84
N THR A 133 -17.06 17.83 -9.16
CA THR A 133 -15.77 18.23 -9.77
C THR A 133 -15.16 17.02 -10.51
N GLY A 134 -15.76 15.86 -10.40
CA GLY A 134 -15.27 14.64 -11.11
C GLY A 134 -13.89 14.21 -10.61
N VAL A 135 -13.60 14.36 -9.34
CA VAL A 135 -12.27 13.93 -8.84
C VAL A 135 -12.37 13.46 -7.39
N TRP A 136 -11.34 12.83 -6.90
CA TRP A 136 -11.35 12.34 -5.49
C TRP A 136 -10.90 13.48 -4.58
N GLU A 137 -11.73 13.86 -3.65
CA GLU A 137 -11.37 15.00 -2.74
C GLU A 137 -10.43 14.55 -1.64
N LYS A 138 -10.85 13.63 -0.80
CA LYS A 138 -9.96 13.18 0.31
C LYS A 138 -9.32 11.84 -0.04
N ARG A 139 -8.15 11.58 0.48
CA ARG A 139 -7.48 10.28 0.21
C ARG A 139 -7.23 9.58 1.55
N LYS A 140 -7.17 8.28 1.53
CA LYS A 140 -6.98 7.50 2.79
C LYS A 140 -5.63 6.77 2.79
N ILE A 141 -4.78 7.00 3.77
CA ILE A 141 -3.46 6.30 3.77
C ILE A 141 -3.13 5.79 5.18
N PHE A 142 -3.00 4.49 5.30
CA PHE A 142 -2.71 3.86 6.63
C PHE A 142 -1.22 3.51 6.74
N VAL A 143 -0.59 3.82 7.86
CA VAL A 143 0.86 3.45 8.03
C VAL A 143 0.95 2.23 8.94
N ALA A 144 1.85 1.31 8.66
CA ALA A 144 1.97 0.10 9.53
C ALA A 144 3.42 -0.01 9.99
N THR A 145 3.63 -0.32 11.25
CA THR A 145 5.03 -0.40 11.76
C THR A 145 5.60 -1.82 11.59
N GLU A 146 6.81 -1.89 11.11
CA GLU A 146 7.44 -3.22 10.93
C GLU A 146 7.57 -3.90 12.29
N VAL A 147 7.23 -5.16 12.38
CA VAL A 147 7.30 -5.88 13.68
C VAL A 147 8.19 -7.12 13.54
N LYS A 148 7.98 -7.86 12.48
CA LYS A 148 8.77 -9.11 12.24
C LYS A 148 10.14 -9.01 12.91
N LEU B 2 0.29 12.25 -4.14
CA LEU B 2 -0.22 10.96 -3.59
C LEU B 2 -0.69 10.08 -4.76
N PRO B 3 -0.42 8.80 -4.72
CA PRO B 3 -0.83 7.85 -5.80
C PRO B 3 -2.30 7.47 -5.75
N ALA B 4 -2.66 6.41 -6.42
CA ALA B 4 -4.07 5.94 -6.42
C ALA B 4 -5.03 7.14 -6.54
N MET A 1 23.43 -16.64 2.99
CA MET A 1 22.43 -15.55 2.91
C MET A 1 21.11 -16.12 2.36
N GLN A 2 19.99 -15.63 2.83
CA GLN A 2 18.68 -16.15 2.33
C GLN A 2 18.60 -15.90 0.82
N ALA A 3 17.41 -15.94 0.27
CA ALA A 3 17.26 -15.70 -1.19
C ALA A 3 17.67 -14.27 -1.51
N LYS A 4 17.37 -13.81 -2.70
CA LYS A 4 17.77 -12.43 -3.08
C LYS A 4 16.62 -11.77 -3.85
N PRO A 5 15.72 -11.11 -3.16
CA PRO A 5 14.57 -10.42 -3.79
C PRO A 5 14.97 -9.02 -4.20
N GLN A 6 14.67 -8.63 -5.40
CA GLN A 6 15.05 -7.25 -5.85
C GLN A 6 14.25 -6.86 -7.08
N ILE A 7 13.42 -5.87 -6.97
CA ILE A 7 12.61 -5.43 -8.14
C ILE A 7 13.49 -5.41 -9.40
N PRO A 8 13.38 -6.41 -10.26
CA PRO A 8 14.20 -6.51 -11.50
C PRO A 8 13.57 -5.80 -12.70
N LYS A 9 13.88 -6.23 -13.90
CA LYS A 9 13.29 -5.58 -15.11
C LYS A 9 11.90 -6.16 -15.33
N ASP A 10 11.53 -7.17 -14.58
CA ASP A 10 10.19 -7.76 -14.75
C ASP A 10 9.16 -6.82 -14.12
N LYS A 11 9.21 -5.59 -14.55
CA LYS A 11 8.19 -4.63 -13.99
C LYS A 11 6.82 -5.32 -14.16
N SER A 12 6.84 -6.34 -14.97
CA SER A 12 5.58 -7.10 -15.22
C SER A 12 5.38 -8.18 -14.15
N LYS A 13 6.32 -8.36 -13.26
CA LYS A 13 6.16 -9.43 -12.22
C LYS A 13 5.64 -8.86 -10.90
N VAL A 14 4.80 -9.59 -10.24
CA VAL A 14 4.33 -9.17 -8.91
C VAL A 14 5.57 -9.28 -8.01
N ALA A 15 5.86 -8.32 -7.18
CA ALA A 15 7.07 -8.48 -6.34
C ALA A 15 6.70 -9.36 -5.17
N GLY A 16 5.43 -9.52 -4.96
CA GLY A 16 4.98 -10.39 -3.85
C GLY A 16 3.50 -10.18 -3.57
N TYR A 17 3.09 -10.34 -2.35
CA TYR A 17 1.66 -10.18 -2.03
C TYR A 17 1.50 -9.56 -0.65
N ILE A 18 0.30 -9.28 -0.28
CA ILE A 18 0.04 -8.66 1.03
C ILE A 18 -1.32 -9.12 1.53
N GLU A 19 -1.49 -9.26 2.82
CA GLU A 19 -2.81 -9.72 3.31
C GLU A 19 -3.12 -9.14 4.69
N ILE A 20 -4.36 -9.12 5.05
CA ILE A 20 -4.78 -8.59 6.37
C ILE A 20 -5.98 -9.43 6.86
N PRO A 21 -5.88 -10.09 7.99
CA PRO A 21 -6.98 -10.95 8.50
C PRO A 21 -8.13 -10.17 9.12
N ASP A 22 -7.85 -9.12 9.84
CA ASP A 22 -8.95 -8.30 10.42
C ASP A 22 -9.76 -7.63 9.31
N ALA A 23 -9.17 -7.51 8.15
CA ALA A 23 -9.87 -6.89 6.99
C ALA A 23 -10.19 -8.00 6.00
N ASP A 24 -9.53 -9.13 6.12
CA ASP A 24 -9.80 -10.28 5.22
C ASP A 24 -9.36 -9.96 3.78
N ILE A 25 -8.13 -9.58 3.58
CA ILE A 25 -7.67 -9.24 2.20
C ILE A 25 -6.41 -10.03 1.83
N LYS A 26 -6.23 -10.30 0.57
CA LYS A 26 -5.02 -11.04 0.10
C LYS A 26 -4.84 -10.73 -1.39
N GLU A 27 -3.85 -9.94 -1.71
CA GLU A 27 -3.64 -9.58 -3.15
C GLU A 27 -2.15 -9.52 -3.49
N PRO A 28 -1.83 -9.32 -4.75
CA PRO A 28 -0.42 -9.27 -5.24
C PRO A 28 0.23 -7.89 -5.10
N VAL A 29 1.54 -7.86 -5.07
CA VAL A 29 2.29 -6.57 -4.93
C VAL A 29 3.10 -6.30 -6.22
N TYR A 30 2.63 -5.40 -7.08
CA TYR A 30 3.39 -5.11 -8.33
C TYR A 30 4.32 -3.90 -8.13
N PRO A 31 5.39 -3.83 -8.88
CA PRO A 31 6.38 -2.71 -8.78
C PRO A 31 5.77 -1.33 -9.04
N GLY A 32 6.26 -0.34 -8.35
CA GLY A 32 5.75 1.05 -8.53
C GLY A 32 5.95 1.48 -9.99
N PRO A 33 5.37 2.58 -10.37
CA PRO A 33 4.52 3.42 -9.49
C PRO A 33 3.04 3.05 -9.59
N ALA A 34 2.21 3.58 -8.74
CA ALA A 34 0.76 3.24 -8.81
C ALA A 34 0.11 3.90 -10.01
N THR A 35 0.83 4.08 -11.08
CA THR A 35 0.21 4.73 -12.27
C THR A 35 -0.73 3.73 -12.93
N PRO A 36 -1.77 4.20 -13.56
CA PRO A 36 -2.76 3.33 -14.23
C PRO A 36 -2.11 2.09 -14.85
N GLU A 37 -1.01 2.27 -15.53
CA GLU A 37 -0.31 1.11 -16.15
C GLU A 37 -0.14 0.01 -15.10
N GLN A 38 0.47 0.33 -13.98
CA GLN A 38 0.69 -0.70 -12.92
C GLN A 38 -0.63 -1.03 -12.21
N LEU A 39 -1.37 -0.02 -11.80
CA LEU A 39 -2.65 -0.30 -11.09
C LEU A 39 -3.49 -1.28 -11.92
N ASN A 40 -3.04 -1.61 -13.10
CA ASN A 40 -3.79 -2.56 -13.97
C ASN A 40 -3.65 -3.97 -13.41
N ARG A 41 -2.58 -4.20 -12.72
CA ARG A 41 -2.35 -5.56 -12.15
C ARG A 41 -2.76 -5.60 -10.68
N GLY A 42 -2.31 -4.66 -9.87
CA GLY A 42 -2.73 -4.70 -8.43
C GLY A 42 -2.10 -3.53 -7.65
N VAL A 43 -2.21 -3.58 -6.35
CA VAL A 43 -1.64 -2.50 -5.49
C VAL A 43 -0.14 -2.33 -5.80
N SER A 44 0.20 -1.28 -6.48
CA SER A 44 1.63 -1.06 -6.85
C SER A 44 2.35 -0.21 -5.81
N PHE A 45 3.67 -0.21 -5.85
CA PHE A 45 4.43 0.64 -4.90
C PHE A 45 4.17 2.08 -5.30
N ALA A 46 3.73 2.89 -4.38
CA ALA A 46 3.41 4.30 -4.70
C ALA A 46 4.56 4.98 -5.45
N GLU A 47 5.72 4.38 -5.52
CA GLU A 47 6.84 5.04 -6.25
C GLU A 47 7.63 4.01 -7.05
N GLU A 48 8.14 4.41 -8.19
CA GLU A 48 8.92 3.48 -9.04
C GLU A 48 10.12 2.96 -8.25
N ASN A 49 11.05 3.81 -7.86
CA ASN A 49 12.26 3.29 -7.17
C ASN A 49 12.01 2.92 -5.72
N GLU A 50 10.84 2.43 -5.38
CA GLU A 50 10.59 2.05 -3.96
C GLU A 50 11.59 0.96 -3.58
N SER A 51 12.02 0.92 -2.35
CA SER A 51 13.03 -0.10 -1.96
C SER A 51 12.36 -1.26 -1.22
N LEU A 52 12.64 -2.45 -1.67
CA LEU A 52 12.05 -3.65 -1.01
C LEU A 52 12.50 -3.66 0.46
N ASP A 53 13.41 -2.80 0.80
CA ASP A 53 13.90 -2.72 2.20
C ASP A 53 13.90 -1.25 2.63
N ASP A 54 13.01 -0.46 2.09
CA ASP A 54 12.95 0.99 2.44
C ASP A 54 12.56 1.17 3.90
N GLN A 55 13.02 2.21 4.52
CA GLN A 55 12.65 2.48 5.93
C GLN A 55 11.15 2.81 5.95
N ASN A 56 10.60 3.02 4.79
CA ASN A 56 9.14 3.31 4.65
C ASN A 56 8.70 2.76 3.31
N ILE A 57 8.03 1.64 3.29
CA ILE A 57 7.59 1.07 1.99
C ILE A 57 6.12 1.44 1.76
N SER A 58 5.87 2.28 0.79
CA SER A 58 4.47 2.72 0.52
C SER A 58 3.83 1.91 -0.60
N ILE A 59 2.57 1.59 -0.43
CA ILE A 59 1.81 0.83 -1.45
C ILE A 59 0.51 1.57 -1.70
N ALA A 60 -0.07 1.47 -2.87
CA ALA A 60 -1.35 2.21 -3.11
C ALA A 60 -2.30 1.39 -3.98
N GLY A 61 -3.58 1.68 -3.90
CA GLY A 61 -4.58 0.94 -4.70
C GLY A 61 -5.90 1.73 -4.76
N HIS A 62 -6.57 1.64 -5.89
CA HIS A 62 -7.87 2.36 -6.05
C HIS A 62 -8.96 1.69 -5.19
N THR A 63 -10.00 2.41 -4.88
CA THR A 63 -11.12 1.82 -4.07
C THR A 63 -12.35 1.68 -4.96
N PHE A 64 -13.15 0.67 -4.76
CA PHE A 64 -14.38 0.50 -5.58
C PHE A 64 -15.60 0.77 -4.72
N ILE A 65 -16.43 1.66 -5.16
CA ILE A 65 -17.66 1.99 -4.38
C ILE A 65 -18.67 0.86 -4.53
N ASP A 66 -18.72 0.29 -5.69
CA ASP A 66 -19.69 -0.81 -5.96
C ASP A 66 -19.05 -2.18 -5.71
N ARG A 67 -17.93 -2.24 -5.05
CA ARG A 67 -17.30 -3.59 -4.83
C ARG A 67 -16.42 -3.57 -3.57
N PRO A 68 -16.77 -4.35 -2.56
CA PRO A 68 -15.97 -4.42 -1.31
C PRO A 68 -14.80 -5.42 -1.43
N ASN A 69 -14.90 -6.37 -2.33
CA ASN A 69 -13.81 -7.37 -2.47
C ASN A 69 -12.78 -6.85 -3.49
N TYR A 70 -12.63 -5.57 -3.62
CA TYR A 70 -11.64 -5.03 -4.59
C TYR A 70 -10.27 -4.92 -3.91
N GLN A 71 -9.48 -3.96 -4.31
CA GLN A 71 -8.12 -3.82 -3.71
C GLN A 71 -8.21 -3.42 -2.24
N PHE A 72 -8.64 -2.20 -1.95
CA PHE A 72 -8.73 -1.78 -0.51
C PHE A 72 -10.10 -1.16 -0.22
N THR A 73 -11.14 -1.59 -0.87
CA THR A 73 -12.47 -1.00 -0.56
C THR A 73 -12.90 -1.48 0.83
N ASN A 74 -12.52 -2.68 1.17
CA ASN A 74 -12.90 -3.23 2.51
C ASN A 74 -11.83 -2.91 3.57
N LEU A 75 -10.94 -2.00 3.30
CA LEU A 75 -9.91 -1.69 4.32
C LEU A 75 -10.52 -0.83 5.42
N LYS A 76 -11.29 0.15 5.03
CA LYS A 76 -11.92 1.05 6.03
C LYS A 76 -12.55 0.24 7.17
N ALA A 77 -12.60 -1.06 7.04
CA ALA A 77 -13.19 -1.89 8.13
C ALA A 77 -12.12 -2.14 9.20
N ALA A 78 -10.92 -2.39 8.78
CA ALA A 78 -9.82 -2.66 9.75
C ALA A 78 -9.27 -1.37 10.36
N LYS A 79 -8.59 -1.51 11.45
CA LYS A 79 -8.06 -0.29 12.13
C LYS A 79 -6.80 -0.62 12.93
N LYS A 80 -6.44 0.27 13.81
CA LYS A 80 -5.23 0.07 14.64
C LYS A 80 -5.20 -1.36 15.20
N GLY A 81 -4.18 -1.65 15.95
CA GLY A 81 -4.07 -3.01 16.55
C GLY A 81 -4.36 -4.09 15.50
N SER A 82 -4.51 -3.72 14.24
CA SER A 82 -4.77 -4.76 13.20
C SER A 82 -3.45 -5.38 12.77
N MET A 83 -3.44 -6.64 12.47
CA MET A 83 -2.18 -7.29 12.04
C MET A 83 -2.05 -7.17 10.52
N VAL A 84 -0.89 -6.79 10.05
CA VAL A 84 -0.69 -6.66 8.57
C VAL A 84 0.46 -7.57 8.15
N TYR A 85 0.24 -8.43 7.18
CA TYR A 85 1.30 -9.37 6.73
C TYR A 85 1.89 -8.92 5.39
N PHE A 86 3.20 -8.94 5.30
CA PHE A 86 3.86 -8.50 4.04
C PHE A 86 4.54 -9.70 3.35
N LYS A 87 4.69 -9.61 2.06
CA LYS A 87 5.30 -10.77 1.34
C LYS A 87 6.10 -10.31 0.10
N VAL A 88 7.33 -10.72 0.04
CA VAL A 88 8.19 -10.38 -1.12
C VAL A 88 9.11 -11.58 -1.38
N GLY A 89 9.36 -11.95 -2.61
CA GLY A 89 10.23 -13.14 -2.84
C GLY A 89 9.63 -14.32 -2.06
N ASN A 90 10.45 -15.10 -1.42
CA ASN A 90 9.91 -16.24 -0.62
C ASN A 90 9.95 -15.83 0.85
N GLU A 91 9.87 -14.55 1.09
CA GLU A 91 9.92 -14.04 2.48
C GLU A 91 8.57 -13.43 2.89
N THR A 92 8.28 -13.47 4.17
CA THR A 92 6.99 -12.90 4.67
C THR A 92 7.24 -12.20 5.99
N ARG A 93 7.25 -10.90 5.99
CA ARG A 93 7.49 -10.14 7.24
C ARG A 93 6.17 -9.93 7.96
N LYS A 94 6.14 -9.03 8.92
CA LYS A 94 4.89 -8.78 9.66
C LYS A 94 4.83 -7.31 10.07
N TYR A 95 3.66 -6.74 10.06
CA TYR A 95 3.53 -5.31 10.45
C TYR A 95 2.25 -5.15 11.27
N LYS A 96 2.08 -4.02 11.88
CA LYS A 96 0.85 -3.79 12.68
C LYS A 96 0.41 -2.32 12.52
N MET A 97 -0.79 -2.08 12.04
CA MET A 97 -1.25 -0.67 11.84
C MET A 97 -0.94 0.19 13.07
N THR A 98 -0.01 1.07 12.92
CA THR A 98 0.39 1.93 14.07
C THR A 98 -0.18 3.34 13.93
N SER A 99 -0.36 3.80 12.73
CA SER A 99 -0.87 5.20 12.59
C SER A 99 -1.61 5.41 11.26
N ILE A 100 -2.47 6.40 11.23
CA ILE A 100 -3.26 6.66 9.98
C ILE A 100 -3.69 8.12 9.93
N ARG A 101 -3.75 8.67 8.75
CA ARG A 101 -4.17 10.08 8.60
C ARG A 101 -4.68 10.35 7.19
N ASP A 102 -5.45 11.41 7.05
CA ASP A 102 -5.98 11.77 5.71
C ASP A 102 -5.43 13.15 5.34
N VAL A 103 -5.51 13.53 4.09
CA VAL A 103 -4.97 14.85 3.68
C VAL A 103 -5.55 15.26 2.33
N LYS A 104 -5.58 16.54 2.04
CA LYS A 104 -6.14 17.01 0.73
C LYS A 104 -5.59 16.12 -0.40
N PRO A 105 -6.11 16.28 -1.61
CA PRO A 105 -5.68 15.49 -2.79
C PRO A 105 -4.39 16.03 -3.44
N THR A 106 -3.47 16.52 -2.67
CA THR A 106 -2.21 17.05 -3.27
C THR A 106 -1.05 16.94 -2.27
N ASP A 107 -1.32 16.52 -1.05
CA ASP A 107 -0.24 16.40 -0.03
C ASP A 107 0.64 15.18 -0.31
N VAL A 108 1.31 15.16 -1.44
CA VAL A 108 2.17 13.98 -1.79
C VAL A 108 2.89 13.48 -0.54
N GLY A 109 3.16 14.33 0.41
CA GLY A 109 3.85 13.88 1.66
C GLY A 109 3.24 12.56 2.13
N VAL A 110 2.11 12.20 1.60
CA VAL A 110 1.46 10.92 1.99
C VAL A 110 2.51 9.80 1.92
N LEU A 111 3.29 9.81 0.88
CA LEU A 111 4.32 8.74 0.71
C LEU A 111 5.13 8.62 2.00
N ASP A 112 4.93 9.54 2.90
CA ASP A 112 5.64 9.52 4.22
C ASP A 112 6.89 8.63 4.15
N GLU A 113 8.00 9.17 3.74
CA GLU A 113 9.24 8.34 3.64
C GLU A 113 10.34 8.94 4.51
N GLN A 114 10.10 9.01 5.79
CA GLN A 114 11.11 9.60 6.71
C GLN A 114 11.27 8.72 7.95
N LYS A 115 10.19 8.27 8.53
CA LYS A 115 10.29 7.39 9.72
C LYS A 115 11.00 6.13 9.32
N GLY A 116 12.01 5.74 10.04
CA GLY A 116 12.75 4.52 9.69
C GLY A 116 13.04 3.74 10.96
N LYS A 117 13.40 4.44 12.02
CA LYS A 117 13.72 3.74 13.31
C LYS A 117 12.87 2.47 13.40
N ASP A 118 11.59 2.63 13.49
CA ASP A 118 10.70 1.45 13.54
C ASP A 118 10.09 1.26 12.15
N LYS A 119 10.85 0.69 11.24
CA LYS A 119 10.40 0.46 9.83
C LYS A 119 8.87 0.48 9.69
N GLN A 120 8.38 0.72 8.50
CA GLN A 120 6.91 0.74 8.36
C GLN A 120 6.47 0.48 6.92
N LEU A 121 5.22 0.15 6.76
CA LEU A 121 4.66 -0.10 5.42
C LEU A 121 3.50 0.87 5.21
N THR A 122 3.66 1.87 4.38
CA THR A 122 2.56 2.85 4.20
C THR A 122 1.49 2.28 3.27
N LEU A 123 0.27 2.16 3.75
CA LEU A 123 -0.84 1.64 2.92
C LEU A 123 -1.67 2.81 2.39
N ILE A 124 -1.54 3.15 1.13
CA ILE A 124 -2.34 4.28 0.59
C ILE A 124 -3.61 3.76 -0.06
N THR A 125 -4.73 4.26 0.35
CA THR A 125 -6.01 3.83 -0.27
C THR A 125 -6.83 5.09 -0.51
N CYS A 126 -7.03 5.44 -1.74
CA CYS A 126 -7.80 6.69 -2.03
C CYS A 126 -9.31 6.45 -1.88
N ASP A 127 -10.06 7.49 -1.62
CA ASP A 127 -11.54 7.33 -1.45
C ASP A 127 -12.21 8.72 -1.48
N ASP A 128 -13.36 8.84 -0.85
CA ASP A 128 -14.07 10.15 -0.84
C ASP A 128 -14.23 10.67 -2.27
N TYR A 129 -14.76 9.87 -3.14
CA TYR A 129 -14.95 10.30 -4.56
C TYR A 129 -16.00 11.40 -4.67
N ASN A 130 -15.66 12.45 -5.32
CA ASN A 130 -16.65 13.54 -5.53
C ASN A 130 -17.17 13.40 -6.94
N GLU A 131 -18.38 13.82 -7.18
CA GLU A 131 -18.95 13.70 -8.53
C GLU A 131 -19.14 15.11 -9.09
N LYS A 132 -18.91 16.09 -8.27
CA LYS A 132 -19.05 17.50 -8.74
C LYS A 132 -17.76 17.92 -9.45
N THR A 133 -16.64 17.82 -8.78
CA THR A 133 -15.36 18.23 -9.41
C THR A 133 -14.77 17.03 -10.18
N GLY A 134 -15.41 15.89 -10.10
CA GLY A 134 -14.92 14.68 -10.83
C GLY A 134 -13.54 14.23 -10.35
N VAL A 135 -13.23 14.41 -9.09
CA VAL A 135 -11.90 13.96 -8.58
C VAL A 135 -12.03 13.52 -7.13
N TRP A 136 -11.01 12.87 -6.65
CA TRP A 136 -11.03 12.39 -5.24
C TRP A 136 -10.62 13.55 -4.33
N GLU A 137 -11.47 13.92 -3.43
CA GLU A 137 -11.15 15.07 -2.54
C GLU A 137 -10.29 14.62 -1.36
N LYS A 138 -10.78 13.74 -0.54
CA LYS A 138 -9.98 13.30 0.63
C LYS A 138 -9.05 12.15 0.25
N ARG A 139 -8.02 11.95 1.02
CA ARG A 139 -7.06 10.85 0.74
C ARG A 139 -6.92 10.00 2.00
N LYS A 140 -6.95 8.70 1.86
CA LYS A 140 -6.82 7.81 3.06
C LYS A 140 -5.53 6.99 2.98
N ILE A 141 -4.67 7.13 3.96
CA ILE A 141 -3.40 6.34 3.95
C ILE A 141 -3.06 5.89 5.37
N PHE A 142 -2.99 4.60 5.56
CA PHE A 142 -2.70 4.04 6.92
C PHE A 142 -1.26 3.53 6.96
N VAL A 143 -0.53 3.82 8.01
CA VAL A 143 0.87 3.32 8.10
C VAL A 143 0.93 2.16 9.08
N ALA A 144 1.88 1.28 8.94
CA ALA A 144 1.98 0.14 9.87
C ALA A 144 3.43 -0.06 10.27
N THR A 145 3.67 -0.42 11.51
CA THR A 145 5.07 -0.59 11.97
C THR A 145 5.57 -2.02 11.73
N GLU A 146 6.71 -2.11 11.11
CA GLU A 146 7.28 -3.45 10.87
C GLU A 146 7.25 -4.24 12.17
N VAL A 147 6.83 -5.48 12.11
CA VAL A 147 6.74 -6.28 13.36
C VAL A 147 7.50 -7.58 13.22
N LYS A 148 7.82 -8.17 14.32
CA LYS A 148 8.56 -9.46 14.33
C LYS A 148 7.98 -10.37 15.41
N LEU B 2 0.26 12.46 -4.07
CA LEU B 2 -0.22 11.16 -3.51
C LEU B 2 -0.75 10.29 -4.67
N PRO B 3 -0.13 9.18 -4.98
CA PRO B 3 -0.59 8.30 -6.09
C PRO B 3 -1.98 7.70 -5.81
N ALA B 4 -2.42 6.80 -6.64
CA ALA B 4 -3.76 6.18 -6.43
C ALA B 4 -4.82 7.28 -6.38
N MET A 1 22.81 -14.99 3.35
CA MET A 1 22.13 -16.31 3.56
C MET A 1 20.62 -16.10 3.53
N GLN A 2 20.14 -15.06 4.15
CA GLN A 2 18.68 -14.80 4.18
C GLN A 2 18.19 -14.62 2.73
N ALA A 3 16.94 -14.32 2.53
CA ALA A 3 16.43 -14.15 1.14
C ALA A 3 17.12 -12.94 0.50
N LYS A 4 17.21 -12.93 -0.80
CA LYS A 4 17.86 -11.78 -1.48
C LYS A 4 17.12 -11.44 -2.77
N PRO A 5 15.97 -10.83 -2.64
CA PRO A 5 15.14 -10.43 -3.80
C PRO A 5 15.44 -9.01 -4.27
N GLN A 6 15.12 -8.70 -5.50
CA GLN A 6 15.38 -7.33 -6.04
C GLN A 6 14.40 -7.06 -7.19
N ILE A 7 13.54 -6.07 -7.05
CA ILE A 7 12.59 -5.77 -8.15
C ILE A 7 13.35 -5.79 -9.48
N PRO A 8 13.19 -6.81 -10.30
CA PRO A 8 13.90 -6.90 -11.60
C PRO A 8 13.15 -6.19 -12.73
N LYS A 9 13.41 -6.55 -13.96
CA LYS A 9 12.72 -5.90 -15.10
C LYS A 9 11.36 -6.55 -15.32
N ASP A 10 11.06 -7.58 -14.57
CA ASP A 10 9.73 -8.24 -14.73
C ASP A 10 8.68 -7.33 -14.10
N LYS A 11 8.72 -6.11 -14.51
CA LYS A 11 7.70 -5.18 -13.95
C LYS A 11 6.31 -5.87 -14.11
N SER A 12 6.35 -6.91 -14.89
CA SER A 12 5.08 -7.70 -15.11
C SER A 12 4.91 -8.72 -13.98
N LYS A 13 5.89 -8.89 -13.14
CA LYS A 13 5.77 -9.88 -12.04
C LYS A 13 5.36 -9.20 -10.73
N VAL A 14 4.50 -9.81 -9.96
CA VAL A 14 4.16 -9.21 -8.65
C VAL A 14 5.47 -9.22 -7.89
N ALA A 15 5.80 -8.21 -7.16
CA ALA A 15 7.08 -8.28 -6.43
C ALA A 15 6.84 -9.09 -5.17
N GLY A 16 5.59 -9.22 -4.84
CA GLY A 16 5.24 -9.99 -3.62
C GLY A 16 3.72 -9.94 -3.42
N TYR A 17 3.29 -10.19 -2.22
CA TYR A 17 1.84 -10.24 -1.95
C TYR A 17 1.52 -9.65 -0.59
N ILE A 18 0.27 -9.37 -0.34
CA ILE A 18 -0.09 -8.75 0.95
C ILE A 18 -1.49 -9.17 1.38
N GLU A 19 -1.72 -9.32 2.66
CA GLU A 19 -3.07 -9.71 3.16
C GLU A 19 -3.30 -9.10 4.54
N ILE A 20 -4.52 -9.14 5.01
CA ILE A 20 -4.81 -8.59 6.36
C ILE A 20 -5.98 -9.37 6.96
N PRO A 21 -5.69 -10.34 7.82
CA PRO A 21 -6.74 -11.19 8.45
C PRO A 21 -7.90 -10.38 9.06
N ASP A 22 -7.61 -9.35 9.79
CA ASP A 22 -8.69 -8.52 10.40
C ASP A 22 -9.50 -7.80 9.32
N ALA A 23 -8.96 -7.64 8.14
CA ALA A 23 -9.70 -6.95 7.05
C ALA A 23 -10.19 -8.01 6.04
N ASP A 24 -9.60 -9.17 6.05
CA ASP A 24 -10.04 -10.24 5.10
C ASP A 24 -9.61 -9.89 3.67
N ILE A 25 -8.38 -9.51 3.48
CA ILE A 25 -7.93 -9.15 2.10
C ILE A 25 -6.66 -9.92 1.74
N LYS A 26 -6.45 -10.15 0.47
CA LYS A 26 -5.24 -10.90 0.02
C LYS A 26 -5.00 -10.57 -1.46
N GLU A 27 -3.99 -9.79 -1.74
CA GLU A 27 -3.74 -9.41 -3.16
C GLU A 27 -2.23 -9.32 -3.43
N PRO A 28 -1.87 -9.29 -4.68
CA PRO A 28 -0.44 -9.21 -5.13
C PRO A 28 0.20 -7.84 -4.90
N VAL A 29 1.50 -7.76 -5.09
CA VAL A 29 2.22 -6.46 -4.91
C VAL A 29 3.05 -6.17 -6.17
N TYR A 30 2.56 -5.35 -7.08
CA TYR A 30 3.35 -5.06 -8.32
C TYR A 30 4.31 -3.88 -8.10
N PRO A 31 5.39 -3.82 -8.83
CA PRO A 31 6.40 -2.73 -8.70
C PRO A 31 5.83 -1.33 -9.00
N GLY A 32 6.33 -0.36 -8.29
CA GLY A 32 5.88 1.06 -8.49
C GLY A 32 6.10 1.45 -9.95
N PRO A 33 5.51 2.55 -10.37
CA PRO A 33 4.65 3.41 -9.51
C PRO A 33 3.18 3.05 -9.63
N ALA A 34 2.36 3.56 -8.76
CA ALA A 34 0.90 3.24 -8.85
C ALA A 34 0.27 3.95 -10.04
N THR A 35 1.00 4.16 -11.11
CA THR A 35 0.38 4.84 -12.28
C THR A 35 -0.54 3.85 -12.99
N PRO A 36 -1.57 4.33 -13.63
CA PRO A 36 -2.55 3.48 -14.35
C PRO A 36 -1.95 2.18 -14.88
N GLU A 37 -0.90 2.25 -15.65
CA GLU A 37 -0.30 1.01 -16.20
C GLU A 37 -0.14 -0.02 -15.08
N GLN A 38 0.43 0.38 -13.97
CA GLN A 38 0.62 -0.57 -12.84
C GLN A 38 -0.73 -0.90 -12.18
N LEU A 39 -1.46 0.10 -11.80
CA LEU A 39 -2.77 -0.15 -11.11
C LEU A 39 -3.62 -1.13 -11.92
N ASN A 40 -3.20 -1.45 -13.11
CA ASN A 40 -3.97 -2.41 -13.94
C ASN A 40 -3.81 -3.81 -13.36
N ARG A 41 -2.70 -4.05 -12.72
CA ARG A 41 -2.46 -5.40 -12.13
C ARG A 41 -2.90 -5.44 -10.66
N GLY A 42 -2.33 -4.61 -9.81
CA GLY A 42 -2.73 -4.64 -8.37
C GLY A 42 -2.10 -3.47 -7.60
N VAL A 43 -2.14 -3.52 -6.30
CA VAL A 43 -1.56 -2.43 -5.46
C VAL A 43 -0.07 -2.27 -5.80
N SER A 44 0.26 -1.22 -6.49
CA SER A 44 1.70 -1.02 -6.86
C SER A 44 2.44 -0.14 -5.85
N PHE A 45 3.76 -0.21 -5.81
CA PHE A 45 4.52 0.65 -4.87
C PHE A 45 4.26 2.11 -5.26
N ALA A 46 3.91 2.93 -4.31
CA ALA A 46 3.62 4.35 -4.61
C ALA A 46 4.74 5.00 -5.42
N GLU A 47 5.92 4.42 -5.45
CA GLU A 47 7.02 5.07 -6.22
C GLU A 47 7.80 4.02 -7.02
N GLU A 48 8.27 4.43 -8.18
CA GLU A 48 9.05 3.50 -9.04
C GLU A 48 10.23 2.92 -8.26
N ASN A 49 11.16 3.74 -7.82
CA ASN A 49 12.37 3.19 -7.16
C ASN A 49 12.12 2.79 -5.69
N GLU A 50 10.95 2.31 -5.35
CA GLU A 50 10.71 1.91 -3.93
C GLU A 50 11.74 0.85 -3.56
N SER A 51 12.23 0.87 -2.34
CA SER A 51 13.27 -0.13 -1.95
C SER A 51 12.63 -1.33 -1.27
N LEU A 52 13.14 -2.49 -1.58
CA LEU A 52 12.60 -3.73 -0.95
C LEU A 52 12.86 -3.67 0.55
N ASP A 53 13.74 -2.80 0.96
CA ASP A 53 14.06 -2.68 2.41
C ASP A 53 14.05 -1.20 2.82
N ASP A 54 13.17 -0.42 2.27
CA ASP A 54 13.10 1.03 2.61
C ASP A 54 12.69 1.24 4.07
N GLN A 55 13.14 2.30 4.68
CA GLN A 55 12.73 2.56 6.09
C GLN A 55 11.24 2.90 6.08
N ASN A 56 10.72 3.16 4.92
CA ASN A 56 9.27 3.45 4.78
C ASN A 56 8.82 2.95 3.41
N ILE A 57 8.16 1.84 3.36
CA ILE A 57 7.72 1.29 2.05
C ILE A 57 6.25 1.69 1.79
N SER A 58 6.01 2.56 0.84
CA SER A 58 4.62 3.00 0.57
C SER A 58 4.00 2.21 -0.59
N ILE A 59 2.72 1.95 -0.50
CA ILE A 59 2.00 1.21 -1.57
C ILE A 59 0.63 1.87 -1.78
N ALA A 60 0.02 1.73 -2.93
CA ALA A 60 -1.29 2.39 -3.13
C ALA A 60 -2.24 1.52 -3.94
N GLY A 61 -3.52 1.82 -3.84
CA GLY A 61 -4.55 1.05 -4.57
C GLY A 61 -5.87 1.83 -4.58
N HIS A 62 -6.61 1.71 -5.65
CA HIS A 62 -7.91 2.42 -5.76
C HIS A 62 -8.94 1.75 -4.83
N THR A 63 -10.05 2.40 -4.60
CA THR A 63 -11.11 1.81 -3.73
C THR A 63 -12.41 1.77 -4.55
N PHE A 64 -13.24 0.81 -4.29
CA PHE A 64 -14.52 0.71 -5.07
C PHE A 64 -15.71 0.94 -4.15
N ILE A 65 -16.66 1.69 -4.62
CA ILE A 65 -17.87 1.98 -3.80
C ILE A 65 -18.92 0.90 -4.05
N ASP A 66 -18.93 0.38 -5.23
CA ASP A 66 -19.96 -0.64 -5.58
C ASP A 66 -19.53 -2.06 -5.16
N ARG A 67 -18.34 -2.25 -4.64
CA ARG A 67 -17.95 -3.64 -4.23
C ARG A 67 -16.83 -3.60 -3.16
N PRO A 68 -16.97 -4.33 -2.06
CA PRO A 68 -15.95 -4.36 -0.98
C PRO A 68 -14.81 -5.36 -1.26
N ASN A 69 -14.98 -6.22 -2.23
CA ASN A 69 -13.91 -7.22 -2.53
C ASN A 69 -12.92 -6.65 -3.55
N TYR A 70 -12.82 -5.36 -3.61
CA TYR A 70 -11.88 -4.75 -4.58
C TYR A 70 -10.47 -4.73 -3.98
N GLN A 71 -9.68 -3.76 -4.33
CA GLN A 71 -8.31 -3.69 -3.80
C GLN A 71 -8.33 -3.45 -2.29
N PHE A 72 -8.36 -2.21 -1.87
CA PHE A 72 -8.37 -1.91 -0.42
C PHE A 72 -9.73 -1.31 -0.01
N THR A 73 -10.79 -1.71 -0.67
CA THR A 73 -12.14 -1.17 -0.33
C THR A 73 -12.58 -1.75 1.03
N ASN A 74 -12.20 -2.96 1.31
CA ASN A 74 -12.62 -3.59 2.60
C ASN A 74 -11.62 -3.18 3.71
N LEU A 75 -10.72 -2.31 3.38
CA LEU A 75 -9.73 -1.85 4.38
C LEU A 75 -10.40 -0.94 5.39
N LYS A 76 -11.20 -0.02 4.94
CA LYS A 76 -11.88 0.90 5.88
C LYS A 76 -12.49 0.09 7.03
N ALA A 77 -12.53 -1.21 6.91
CA ALA A 77 -13.11 -2.04 8.01
C ALA A 77 -12.03 -2.29 9.07
N ALA A 78 -10.82 -2.53 8.62
CA ALA A 78 -9.70 -2.82 9.56
C ALA A 78 -9.16 -1.54 10.22
N LYS A 79 -8.50 -1.71 11.32
CA LYS A 79 -7.96 -0.51 12.04
C LYS A 79 -6.75 -0.88 12.88
N LYS A 80 -6.40 -0.03 13.80
CA LYS A 80 -5.21 -0.31 14.66
C LYS A 80 -5.20 -1.76 15.12
N GLY A 81 -4.22 -2.11 15.89
CA GLY A 81 -4.12 -3.52 16.39
C GLY A 81 -4.36 -4.51 15.23
N SER A 82 -4.44 -4.03 14.02
CA SER A 82 -4.65 -4.95 12.86
C SER A 82 -3.31 -5.58 12.46
N MET A 83 -3.32 -6.81 12.06
CA MET A 83 -2.06 -7.47 11.66
C MET A 83 -1.89 -7.39 10.14
N VAL A 84 -0.78 -6.88 9.67
CA VAL A 84 -0.56 -6.75 8.20
C VAL A 84 0.60 -7.69 7.77
N TYR A 85 0.38 -8.50 6.77
CA TYR A 85 1.44 -9.45 6.32
C TYR A 85 2.05 -9.01 4.98
N PHE A 86 3.35 -9.04 4.89
CA PHE A 86 4.03 -8.63 3.62
C PHE A 86 4.82 -9.80 3.07
N LYS A 87 4.29 -10.49 2.11
CA LYS A 87 5.00 -11.67 1.52
C LYS A 87 5.71 -11.28 0.23
N VAL A 88 6.99 -11.47 0.17
CA VAL A 88 7.73 -11.11 -1.08
C VAL A 88 8.83 -12.14 -1.31
N GLY A 89 8.83 -12.79 -2.44
CA GLY A 89 9.88 -13.81 -2.71
C GLY A 89 9.66 -14.98 -1.75
N ASN A 90 10.70 -15.44 -1.12
CA ASN A 90 10.54 -16.55 -0.16
C ASN A 90 10.55 -15.95 1.25
N GLU A 91 10.46 -14.65 1.35
CA GLU A 91 10.48 -13.99 2.68
C GLU A 91 9.09 -13.46 3.07
N THR A 92 8.77 -13.55 4.33
CA THR A 92 7.44 -13.05 4.80
C THR A 92 7.63 -12.18 6.03
N ARG A 93 7.59 -10.88 5.84
CA ARG A 93 7.76 -9.96 7.00
C ARG A 93 6.40 -9.75 7.64
N LYS A 94 6.30 -8.81 8.55
CA LYS A 94 4.99 -8.57 9.22
C LYS A 94 4.93 -7.11 9.69
N TYR A 95 3.75 -6.57 9.75
CA TYR A 95 3.59 -5.16 10.23
C TYR A 95 2.30 -5.09 11.05
N LYS A 96 2.09 -4.00 11.74
CA LYS A 96 0.84 -3.85 12.55
C LYS A 96 0.39 -2.39 12.48
N MET A 97 -0.79 -2.13 11.97
CA MET A 97 -1.29 -0.72 11.86
C MET A 97 -1.09 0.07 13.15
N THR A 98 -0.13 0.95 13.13
CA THR A 98 0.16 1.77 14.35
C THR A 98 -0.34 3.19 14.15
N SER A 99 -0.52 3.61 12.93
CA SER A 99 -0.99 5.02 12.72
C SER A 99 -1.86 5.13 11.47
N ILE A 100 -2.82 6.02 11.50
CA ILE A 100 -3.75 6.18 10.35
C ILE A 100 -4.21 7.65 10.26
N ARG A 101 -4.27 8.18 9.06
CA ARG A 101 -4.70 9.60 8.90
C ARG A 101 -5.25 9.84 7.48
N ASP A 102 -5.32 11.08 7.07
CA ASP A 102 -5.86 11.42 5.71
C ASP A 102 -5.16 12.69 5.21
N VAL A 103 -5.09 12.90 3.92
CA VAL A 103 -4.42 14.13 3.42
C VAL A 103 -5.06 14.59 2.10
N LYS A 104 -5.09 15.89 1.87
CA LYS A 104 -5.69 16.41 0.61
C LYS A 104 -5.24 15.57 -0.60
N PRO A 105 -5.86 15.77 -1.73
CA PRO A 105 -5.54 15.01 -2.97
C PRO A 105 -4.29 15.53 -3.67
N THR A 106 -3.42 16.17 -2.95
CA THR A 106 -2.19 16.71 -3.58
C THR A 106 -1.05 16.76 -2.55
N ASP A 107 -1.30 16.32 -1.34
CA ASP A 107 -0.23 16.34 -0.29
C ASP A 107 0.75 15.20 -0.52
N VAL A 108 1.50 15.23 -1.59
CA VAL A 108 2.46 14.12 -1.87
C VAL A 108 3.09 13.66 -0.55
N GLY A 109 3.28 14.54 0.39
CA GLY A 109 3.88 14.14 1.68
C GLY A 109 3.24 12.81 2.13
N VAL A 110 2.14 12.45 1.53
CA VAL A 110 1.48 11.16 1.89
C VAL A 110 2.53 10.06 1.83
N LEU A 111 3.32 10.09 0.81
CA LEU A 111 4.35 9.03 0.62
C LEU A 111 5.14 8.87 1.93
N ASP A 112 4.91 9.78 2.86
CA ASP A 112 5.57 9.73 4.21
C ASP A 112 6.81 8.82 4.20
N GLU A 113 7.93 9.31 3.74
CA GLU A 113 9.16 8.44 3.71
C GLU A 113 10.23 9.05 4.61
N GLN A 114 9.98 9.11 5.90
CA GLN A 114 10.98 9.72 6.82
C GLN A 114 11.16 8.83 8.05
N LYS A 115 10.10 8.36 8.64
CA LYS A 115 10.24 7.47 9.84
C LYS A 115 10.97 6.22 9.41
N GLY A 116 11.91 5.78 10.19
CA GLY A 116 12.67 4.56 9.86
C GLY A 116 12.93 3.79 11.14
N LYS A 117 13.25 4.50 12.20
CA LYS A 117 13.51 3.83 13.52
C LYS A 117 12.62 2.59 13.62
N ASP A 118 11.35 2.80 13.63
CA ASP A 118 10.41 1.65 13.67
C ASP A 118 9.87 1.46 12.26
N LYS A 119 10.69 0.95 11.37
CA LYS A 119 10.31 0.71 9.93
C LYS A 119 8.77 0.66 9.75
N GLN A 120 8.31 0.91 8.55
CA GLN A 120 6.83 0.90 8.38
C GLN A 120 6.42 0.62 6.95
N LEU A 121 5.16 0.39 6.75
CA LEU A 121 4.62 0.16 5.39
C LEU A 121 3.49 1.14 5.16
N THR A 122 3.74 2.24 4.50
CA THR A 122 2.65 3.22 4.30
C THR A 122 1.63 2.68 3.30
N LEU A 123 0.41 2.55 3.72
CA LEU A 123 -0.64 2.09 2.78
C LEU A 123 -1.32 3.32 2.19
N ILE A 124 -1.85 3.22 1.01
CA ILE A 124 -2.54 4.40 0.42
C ILE A 124 -3.76 3.94 -0.34
N THR A 125 -4.91 4.24 0.19
CA THR A 125 -6.18 3.84 -0.48
C THR A 125 -7.05 5.07 -0.56
N CYS A 126 -7.23 5.57 -1.75
CA CYS A 126 -8.04 6.82 -1.88
C CYS A 126 -9.54 6.51 -1.88
N ASP A 127 -10.34 7.49 -1.56
CA ASP A 127 -11.82 7.28 -1.52
C ASP A 127 -12.51 8.65 -1.51
N ASP A 128 -13.73 8.72 -1.05
CA ASP A 128 -14.45 10.03 -1.00
C ASP A 128 -14.48 10.64 -2.40
N TYR A 129 -14.89 9.88 -3.37
CA TYR A 129 -14.96 10.41 -4.75
C TYR A 129 -16.00 11.50 -4.84
N ASN A 130 -15.64 12.64 -5.36
CA ASN A 130 -16.63 13.73 -5.50
C ASN A 130 -17.15 13.70 -6.93
N GLU A 131 -18.36 14.13 -7.11
CA GLU A 131 -18.96 14.11 -8.46
C GLU A 131 -19.16 15.54 -8.92
N LYS A 132 -18.90 16.47 -8.05
CA LYS A 132 -19.04 17.90 -8.42
C LYS A 132 -17.77 18.37 -9.13
N THR A 133 -16.65 18.24 -8.47
CA THR A 133 -15.35 18.67 -9.10
C THR A 133 -14.74 17.49 -9.88
N GLY A 134 -15.40 16.37 -9.89
CA GLY A 134 -14.89 15.17 -10.64
C GLY A 134 -13.51 14.75 -10.11
N VAL A 135 -13.31 14.84 -8.83
CA VAL A 135 -11.98 14.44 -8.26
C VAL A 135 -12.15 13.88 -6.85
N TRP A 136 -11.16 13.20 -6.36
CA TRP A 136 -11.23 12.64 -4.98
C TRP A 136 -10.85 13.74 -3.98
N GLU A 137 -11.72 14.07 -3.08
CA GLU A 137 -11.41 15.16 -2.12
C GLU A 137 -10.63 14.61 -0.92
N LYS A 138 -11.19 13.65 -0.23
CA LYS A 138 -10.47 13.09 0.96
C LYS A 138 -9.63 11.89 0.55
N ARG A 139 -8.48 11.74 1.15
CA ARG A 139 -7.62 10.57 0.81
C ARG A 139 -7.35 9.77 2.08
N LYS A 140 -7.27 8.49 1.97
CA LYS A 140 -7.04 7.63 3.16
C LYS A 140 -5.69 6.91 3.04
N ILE A 141 -4.79 7.14 3.95
CA ILE A 141 -3.48 6.44 3.88
C ILE A 141 -3.10 5.96 5.29
N PHE A 142 -2.97 4.67 5.42
CA PHE A 142 -2.67 4.05 6.74
C PHE A 142 -1.21 3.64 6.84
N VAL A 143 -0.59 3.87 7.97
CA VAL A 143 0.82 3.46 8.16
C VAL A 143 0.87 2.24 9.08
N ALA A 144 1.76 1.34 8.82
CA ALA A 144 1.88 0.13 9.67
C ALA A 144 3.35 -0.04 10.04
N THR A 145 3.63 -0.37 11.27
CA THR A 145 5.05 -0.51 11.68
C THR A 145 5.56 -1.94 11.47
N GLU A 146 6.71 -2.02 10.87
CA GLU A 146 7.28 -3.37 10.65
C GLU A 146 7.24 -4.14 11.97
N VAL A 147 6.83 -5.38 11.93
CA VAL A 147 6.72 -6.17 13.20
C VAL A 147 7.42 -7.51 13.05
N LYS A 148 7.72 -8.12 14.15
CA LYS A 148 8.42 -9.45 14.14
C LYS A 148 7.89 -10.31 15.30
N LEU B 2 1.12 12.45 -4.31
CA LEU B 2 0.51 11.17 -3.85
C LEU B 2 0.31 10.26 -5.06
N PRO B 3 0.29 8.98 -4.86
CA PRO B 3 0.11 7.99 -5.96
C PRO B 3 -1.36 7.82 -6.35
N ALA B 4 -1.61 7.08 -7.41
CA ALA B 4 -3.02 6.85 -7.85
C ALA B 4 -3.87 8.10 -7.61
#